data_6TBJ
#
_entry.id   6TBJ
#
_cell.length_a   99.416
_cell.length_b   115.786
_cell.length_c   116.186
_cell.angle_alpha   89.930
_cell.angle_beta   90.080
_cell.angle_gamma   89.990
#
_symmetry.space_group_name_H-M   'P 1'
#
loop_
_entity.id
_entity.type
_entity.pdbx_description
1 polymer 'Beta-galactosidase, putative, bgl35A'
2 non-polymer 'SODIUM ION'
3 non-polymer 5-(dimethylamino)-~{N}-[6-[(2~{S},3~{R},4~{S},5~{R})-3-(hydroxymethyl)-4,5-bis(oxidanyl)piperidin-2-yl]hexyl]naphthalene-1-sulfonamide
4 water water
#
_entity_poly.entity_id   1
_entity_poly.type   'polypeptide(L)'
_entity_poly.pdbx_seq_one_letter_code
;MGSSHHHHHHAAPLPELLSNNGKHALMVDGAPYIILGSQTNNSSNYPDALKDVWPSMEKMGANTLSIPVAWEQIEPVEGQ
FDFSFVDVLLKEARQRKVRLVLLWFATWKNNAPHYAPAWVKLDNARFPRVVKEDGDTLNSLSPLGQNTLAADKKAFVELM
KYLAKRDKDHTVIMVQVQNEVGTYGAVRDYSPMAQAVFNAAVPDDLIQKLQLKPGTWSQVFGRDADEFFHAYQIARYCDE
VTVAGKAIKNLPMYVNVALRNPFNPGLPGQYSSGGGTDNVLHIWKAAAPNIDLIAPDIYFRDYKTVSKVLELYTRPDNAL
FVAEIGNDQPFARYLFPTLGKGGIGFSPFGMDDTDYTNYPLGAKVYNDETIEQFAQVYRLVNPMMREWARLSYQGQVWGV
AEPLDSTTETQKIWNAEATPEEKEQHKKDRASALTQQLDLGLWDAEVTYGRPMFWVTPPEGNTPAAGGALIAQLDDNEYL
VTAYKARVEFKPSQELAGKKFMIERVEEGRFEKGKWVMERVWNGDQTDWGLNFTDRPHLLRVKMASYSVQ
;
_entity_poly.pdbx_strand_id   A,B,C,D,E,F,G,H
#
# COMPACT_ATOMS: atom_id res chain seq x y z
N ALA A 12 55.51 40.35 -17.54
CA ALA A 12 54.73 41.32 -16.71
C ALA A 12 55.60 41.79 -15.54
N PRO A 13 55.78 43.12 -15.35
CA PRO A 13 56.68 43.60 -14.30
C PRO A 13 56.13 43.22 -12.94
N LEU A 14 57.01 42.87 -12.01
CA LEU A 14 56.57 42.54 -10.62
C LEU A 14 55.87 43.76 -10.02
N PRO A 15 54.78 43.57 -9.23
CA PRO A 15 54.31 44.66 -8.40
C PRO A 15 55.48 45.12 -7.52
N GLU A 16 55.44 46.41 -7.17
CA GLU A 16 56.44 46.96 -6.24
C GLU A 16 55.97 48.24 -5.59
N LEU A 17 56.32 48.37 -4.32
CA LEU A 17 56.01 49.59 -3.55
C LEU A 17 57.17 50.55 -3.75
N LEU A 18 56.87 51.65 -4.42
CA LEU A 18 57.83 52.75 -4.61
C LEU A 18 57.67 53.82 -3.53
N SER A 19 58.78 54.36 -3.07
CA SER A 19 58.83 55.43 -2.06
C SER A 19 59.87 56.44 -2.55
N ASN A 20 59.44 57.67 -2.86
CA ASN A 20 60.40 58.73 -3.28
C ASN A 20 59.91 60.07 -2.71
N ASN A 21 60.80 60.87 -2.10
CA ASN A 21 60.56 62.28 -1.67
C ASN A 21 59.26 62.34 -0.85
N GLY A 22 59.17 61.49 0.18
CA GLY A 22 58.05 61.39 1.13
C GLY A 22 56.75 60.89 0.51
N LYS A 23 56.73 60.44 -0.75
CA LYS A 23 55.48 59.93 -1.39
C LYS A 23 55.62 58.45 -1.69
N HIS A 24 54.51 57.77 -1.95
CA HIS A 24 54.52 56.32 -2.23
C HIS A 24 53.57 55.91 -3.34
N ALA A 25 53.89 54.79 -3.96
CA ALA A 25 53.00 54.22 -4.99
C ALA A 25 53.06 52.69 -4.99
N LEU A 26 51.92 52.05 -5.08
CA LEU A 26 51.89 50.59 -5.39
C LEU A 26 51.87 50.45 -6.92
N MET A 27 53.02 50.07 -7.48
CA MET A 27 53.15 49.78 -8.92
C MET A 27 52.52 48.41 -9.19
N VAL A 28 51.56 48.37 -10.10
CA VAL A 28 50.91 47.15 -10.64
C VAL A 28 50.94 47.29 -12.14
N ASP A 29 51.54 46.30 -12.82
CA ASP A 29 51.66 46.31 -14.29
C ASP A 29 52.40 47.56 -14.78
N GLY A 30 53.37 48.07 -13.99
CA GLY A 30 54.30 49.14 -14.34
C GLY A 30 53.73 50.55 -14.24
N ALA A 31 52.71 50.73 -13.39
CA ALA A 31 52.05 52.04 -13.15
C ALA A 31 51.35 52.03 -11.79
N PRO A 32 51.26 53.19 -11.09
CA PRO A 32 50.55 53.26 -9.82
C PRO A 32 49.14 52.67 -9.90
N TYR A 33 48.74 52.08 -8.79
CA TYR A 33 47.47 51.35 -8.64
C TYR A 33 46.84 51.68 -7.30
N ILE A 34 45.52 51.81 -7.25
CA ILE A 34 44.83 51.99 -5.94
C ILE A 34 44.08 50.71 -5.65
N ILE A 35 44.23 50.12 -4.47
CA ILE A 35 43.40 48.98 -4.08
C ILE A 35 42.06 49.54 -3.63
N LEU A 36 41.04 49.29 -4.40
CA LEU A 36 39.62 49.53 -3.97
C LEU A 36 39.11 48.16 -3.56
N GLY A 37 39.33 47.81 -2.29
CA GLY A 37 39.38 46.38 -1.91
C GLY A 37 38.12 45.91 -1.23
N SER A 38 38.09 44.63 -0.99
CA SER A 38 37.11 44.00 -0.12
C SER A 38 37.81 42.80 0.51
N GLN A 39 37.54 42.56 1.79
CA GLN A 39 38.15 41.39 2.46
C GLN A 39 37.02 40.47 2.85
N THR A 40 37.20 39.19 2.62
CA THR A 40 36.23 38.17 3.06
C THR A 40 36.20 38.05 4.59
N ASN A 41 35.12 37.40 5.10
CA ASN A 41 35.15 36.85 6.48
C ASN A 41 36.27 35.81 6.60
N ASN A 42 36.68 35.52 7.84
CA ASN A 42 37.80 34.64 8.16
C ASN A 42 37.65 33.17 7.73
N SER A 43 36.43 32.71 7.45
CA SER A 43 36.20 31.28 7.12
C SER A 43 35.79 31.10 5.67
N SER A 44 36.12 32.03 4.79
CA SER A 44 35.73 31.94 3.35
C SER A 44 36.89 31.45 2.48
N ASN A 45 37.97 30.95 3.06
CA ASN A 45 39.21 30.58 2.36
C ASN A 45 39.09 29.11 1.88
N TYR A 46 37.98 28.75 1.26
CA TYR A 46 37.73 27.40 0.71
C TYR A 46 37.01 27.49 -0.63
N PRO A 47 37.28 26.56 -1.58
CA PRO A 47 36.65 26.56 -2.91
C PRO A 47 35.14 26.72 -2.80
N ASP A 48 34.47 26.03 -1.89
CA ASP A 48 32.99 26.02 -1.83
C ASP A 48 32.47 27.41 -1.35
N ALA A 49 33.27 28.22 -0.65
CA ALA A 49 32.74 29.45 -0.04
C ALA A 49 32.78 30.56 -1.10
N LEU A 50 33.65 30.41 -2.12
CA LEU A 50 33.93 31.53 -3.06
C LEU A 50 32.62 31.98 -3.73
N LYS A 51 31.62 31.12 -3.90
CA LYS A 51 30.32 31.49 -4.52
C LYS A 51 29.59 32.58 -3.72
N ASP A 52 29.89 32.66 -2.42
CA ASP A 52 29.31 33.62 -1.45
C ASP A 52 30.21 34.85 -1.36
N VAL A 53 31.33 34.89 -2.11
CA VAL A 53 32.27 36.03 -2.08
C VAL A 53 32.08 36.86 -3.35
N TRP A 54 32.09 36.21 -4.51
CA TRP A 54 32.20 36.99 -5.77
C TRP A 54 31.02 37.97 -5.96
N PRO A 55 29.76 37.59 -5.68
CA PRO A 55 28.60 38.44 -5.91
C PRO A 55 28.80 39.76 -5.16
N SER A 56 29.17 39.72 -3.88
CA SER A 56 29.44 40.97 -3.11
C SER A 56 30.52 41.79 -3.78
N MET A 57 31.56 41.11 -4.25
CA MET A 57 32.69 41.88 -4.80
C MET A 57 32.21 42.61 -6.07
N GLU A 58 31.40 41.95 -6.93
CA GLU A 58 30.85 42.57 -8.15
C GLU A 58 29.93 43.75 -7.75
N LYS A 59 29.08 43.57 -6.73
CA LYS A 59 28.11 44.63 -6.37
C LYS A 59 28.92 45.82 -5.81
N MET A 60 30.00 45.54 -5.09
CA MET A 60 30.88 46.58 -4.53
C MET A 60 31.66 47.32 -5.63
N GLY A 61 31.98 46.66 -6.77
CA GLY A 61 32.90 47.30 -7.71
C GLY A 61 34.33 47.31 -7.23
N ALA A 62 34.70 46.39 -6.34
CA ALA A 62 36.09 46.29 -5.85
C ALA A 62 37.00 45.79 -6.99
N ASN A 63 38.28 46.16 -6.96
CA ASN A 63 39.26 45.75 -8.00
C ASN A 63 40.21 44.70 -7.44
N THR A 64 40.17 44.47 -6.14
CA THR A 64 41.14 43.62 -5.43
C THR A 64 40.49 42.91 -4.26
N LEU A 65 40.71 41.61 -4.15
CA LEU A 65 40.12 40.82 -3.05
C LEU A 65 41.23 40.41 -2.11
N SER A 66 41.01 40.65 -0.80
CA SER A 66 41.89 40.13 0.26
C SER A 66 41.25 38.89 0.86
N ILE A 67 41.98 37.80 0.98
CA ILE A 67 41.39 36.52 1.40
C ILE A 67 42.49 35.68 2.06
N PRO A 68 42.20 34.99 3.20
CA PRO A 68 43.22 34.19 3.91
C PRO A 68 43.73 33.06 3.01
N VAL A 69 45.01 32.74 3.23
CA VAL A 69 45.62 31.44 2.88
C VAL A 69 46.26 30.93 4.16
N ALA A 70 45.66 29.91 4.72
CA ALA A 70 46.02 29.43 6.06
C ALA A 70 47.12 28.37 6.00
N TRP A 71 48.06 28.44 6.91
CA TRP A 71 49.09 27.39 7.05
C TRP A 71 48.42 26.03 7.23
N GLU A 72 47.32 25.94 8.02
CA GLU A 72 46.68 24.64 8.30
C GLU A 72 46.21 24.00 6.99
N GLN A 73 45.83 24.82 6.01
CA GLN A 73 45.23 24.27 4.79
C GLN A 73 46.32 23.93 3.77
N ILE A 74 47.46 24.64 3.74
CA ILE A 74 48.50 24.29 2.71
C ILE A 74 49.43 23.19 3.25
N GLU A 75 49.53 23.01 4.57
CA GLU A 75 50.45 21.99 5.15
C GLU A 75 49.71 21.27 6.26
N PRO A 76 48.61 20.57 5.98
CA PRO A 76 47.82 19.92 7.02
C PRO A 76 48.61 18.84 7.75
N VAL A 77 49.56 18.22 7.05
CA VAL A 77 50.49 17.19 7.54
C VAL A 77 51.89 17.63 7.16
N GLU A 78 52.83 17.56 8.10
CA GLU A 78 54.15 18.20 7.90
C GLU A 78 54.76 17.66 6.62
N GLY A 79 55.14 18.56 5.71
CA GLY A 79 55.80 18.25 4.41
C GLY A 79 54.82 17.83 3.32
N GLN A 80 53.50 17.79 3.57
CA GLN A 80 52.51 17.35 2.56
C GLN A 80 51.72 18.60 2.15
N PHE A 81 52.17 19.27 1.11
CA PHE A 81 51.57 20.57 0.74
C PHE A 81 50.30 20.35 -0.08
N ASP A 82 49.35 21.27 0.09
CA ASP A 82 48.04 21.27 -0.60
C ASP A 82 47.78 22.71 -1.03
N PHE A 83 47.94 23.01 -2.32
CA PHE A 83 47.60 24.34 -2.83
C PHE A 83 46.26 24.31 -3.60
N SER A 84 45.39 23.33 -3.37
CA SER A 84 44.16 23.14 -4.18
C SER A 84 43.29 24.41 -4.07
N PHE A 85 43.23 25.04 -2.90
CA PHE A 85 42.43 26.27 -2.76
C PHE A 85 43.04 27.43 -3.56
N VAL A 86 44.36 27.57 -3.52
CA VAL A 86 45.03 28.70 -4.24
C VAL A 86 44.76 28.48 -5.75
N ASP A 87 44.68 27.22 -6.19
CA ASP A 87 44.49 26.97 -7.65
C ASP A 87 43.13 27.53 -8.08
N VAL A 88 42.09 27.13 -7.38
CA VAL A 88 40.67 27.54 -7.64
C VAL A 88 40.59 29.07 -7.50
N LEU A 89 41.17 29.61 -6.46
CA LEU A 89 41.10 31.08 -6.24
C LEU A 89 41.74 31.81 -7.42
N LEU A 90 42.94 31.42 -7.85
CA LEU A 90 43.63 32.14 -8.93
C LEU A 90 42.72 32.11 -10.15
N LYS A 91 42.20 30.93 -10.48
CA LYS A 91 41.40 30.73 -11.71
C LYS A 91 40.21 31.66 -11.62
N GLU A 92 39.51 31.65 -10.48
CA GLU A 92 38.22 32.35 -10.38
C GLU A 92 38.45 33.86 -10.43
N ALA A 93 39.54 34.32 -9.80
CA ALA A 93 39.91 35.76 -9.75
C ALA A 93 40.18 36.24 -11.18
N ARG A 94 40.90 35.43 -11.95
CA ARG A 94 41.27 35.85 -13.33
C ARG A 94 40.01 35.86 -14.20
N GLN A 95 39.11 34.90 -14.05
CA GLN A 95 37.85 34.90 -14.85
C GLN A 95 37.16 36.28 -14.68
N ARG A 96 37.18 36.88 -13.46
CA ARG A 96 36.45 38.12 -13.08
C ARG A 96 37.34 39.36 -13.20
N LYS A 97 38.59 39.14 -13.60
CA LYS A 97 39.57 40.21 -13.96
C LYS A 97 39.86 41.10 -12.75
N VAL A 98 40.00 40.48 -11.56
CA VAL A 98 40.30 41.22 -10.31
C VAL A 98 41.66 40.74 -9.79
N ARG A 99 42.29 41.49 -8.92
CA ARG A 99 43.60 41.06 -8.36
C ARG A 99 43.39 40.54 -6.93
N LEU A 100 44.45 39.99 -6.35
CA LEU A 100 44.38 39.39 -4.99
C LEU A 100 45.45 39.94 -4.09
N VAL A 101 45.08 40.02 -2.83
CA VAL A 101 46.03 40.16 -1.69
C VAL A 101 45.81 38.93 -0.83
N LEU A 102 46.82 38.07 -0.71
CA LEU A 102 46.68 36.84 0.09
C LEU A 102 47.14 37.19 1.49
N LEU A 103 46.40 36.66 2.47
CA LEU A 103 46.65 36.91 3.90
C LEU A 103 47.21 35.62 4.50
N TRP A 104 48.52 35.59 4.74
CA TRP A 104 49.20 34.42 5.35
C TRP A 104 48.78 34.33 6.82
N PHE A 105 47.88 33.40 7.14
CA PHE A 105 47.41 33.15 8.52
C PHE A 105 48.23 31.97 9.05
N ALA A 106 49.17 32.21 9.96
CA ALA A 106 50.23 31.26 10.29
C ALA A 106 50.55 31.34 11.78
N THR A 107 51.74 31.79 12.13
CA THR A 107 52.19 31.82 13.55
C THR A 107 51.21 32.67 14.37
N TRP A 108 50.80 33.85 13.87
CA TRP A 108 49.80 34.73 14.54
C TRP A 108 48.62 35.00 13.59
N LYS A 109 47.43 34.85 14.14
CA LYS A 109 46.16 35.37 13.61
C LYS A 109 45.40 35.91 14.81
N ASN A 110 45.33 37.23 14.93
CA ASN A 110 44.78 37.93 16.12
C ASN A 110 45.46 37.41 17.39
N ASN A 111 46.78 37.34 17.38
CA ASN A 111 47.66 36.98 18.52
C ASN A 111 47.76 35.47 18.66
N ALA A 112 46.90 34.63 18.03
CA ALA A 112 46.88 33.19 18.33
C ALA A 112 47.32 32.29 17.18
N PRO A 113 47.63 31.02 17.46
CA PRO A 113 48.04 30.03 16.43
C PRO A 113 46.89 29.19 15.83
N HIS A 114 45.64 29.67 15.93
CA HIS A 114 44.47 28.85 15.52
C HIS A 114 44.60 28.41 14.06
N TYR A 115 45.29 29.15 13.22
CA TYR A 115 45.35 28.79 11.77
C TYR A 115 46.63 28.04 11.48
N ALA A 116 47.44 27.75 12.49
CA ALA A 116 48.58 26.84 12.26
C ALA A 116 48.07 25.41 12.20
N PRO A 117 48.81 24.50 11.57
CA PRO A 117 48.37 23.12 11.45
C PRO A 117 48.28 22.52 12.85
N ALA A 118 47.45 21.48 13.00
CA ALA A 118 47.31 20.75 14.29
C ALA A 118 48.68 20.31 14.80
N TRP A 119 49.56 19.85 13.90
CA TRP A 119 50.93 19.31 14.27
C TRP A 119 51.82 20.46 14.80
N VAL A 120 51.43 21.71 14.56
CA VAL A 120 52.12 22.91 15.12
C VAL A 120 51.40 23.31 16.41
N LYS A 121 50.12 23.72 16.35
CA LYS A 121 49.43 24.37 17.50
C LYS A 121 49.20 23.41 18.68
N LEU A 122 49.29 22.11 18.51
CA LEU A 122 49.12 21.13 19.62
C LEU A 122 50.48 20.64 20.15
N ASP A 123 51.61 21.02 19.54
CA ASP A 123 52.94 20.59 20.03
C ASP A 123 53.67 21.77 20.66
N ASN A 124 53.30 22.13 21.89
CA ASN A 124 53.89 23.27 22.63
C ASN A 124 55.42 23.11 22.87
N ALA A 125 55.95 21.93 23.13
CA ALA A 125 57.41 21.72 23.38
C ALA A 125 58.17 22.10 22.12
N ARG A 126 57.69 21.73 20.95
CA ARG A 126 58.42 22.01 19.70
C ARG A 126 58.23 23.50 19.36
N PHE A 127 57.02 24.03 19.61
CA PHE A 127 56.51 25.34 19.15
C PHE A 127 55.88 26.09 20.31
N PRO A 128 56.75 26.73 21.11
CA PRO A 128 56.35 27.17 22.45
C PRO A 128 55.60 28.50 22.50
N ARG A 129 54.66 28.52 23.44
CA ARG A 129 53.78 29.66 23.79
C ARG A 129 54.40 30.64 24.75
N VAL A 130 53.89 31.86 24.68
CA VAL A 130 54.17 32.95 25.64
C VAL A 130 53.86 32.43 27.04
N VAL A 131 54.82 32.57 27.94
CA VAL A 131 54.63 32.29 29.38
C VAL A 131 54.53 33.66 30.08
N LYS A 132 53.49 33.86 30.90
CA LYS A 132 53.33 35.08 31.72
C LYS A 132 54.34 35.10 32.88
N GLU A 133 54.43 36.24 33.54
CA GLU A 133 55.32 36.47 34.70
C GLU A 133 54.92 35.52 35.85
N ASP A 134 53.62 35.21 35.99
CA ASP A 134 53.10 34.27 37.03
C ASP A 134 53.36 32.80 36.60
N GLY A 135 53.96 32.55 35.43
CA GLY A 135 54.27 31.16 35.02
C GLY A 135 53.13 30.51 34.26
N ASP A 136 51.94 31.15 34.16
CA ASP A 136 50.81 30.58 33.39
C ASP A 136 51.10 30.80 31.89
N THR A 137 50.42 30.08 31.03
CA THR A 137 50.70 30.07 29.57
C THR A 137 49.53 30.68 28.82
N LEU A 138 49.85 31.54 27.86
CA LEU A 138 48.85 32.21 26.97
C LEU A 138 48.85 31.50 25.64
N ASN A 139 47.72 31.52 24.91
CA ASN A 139 47.64 30.81 23.60
C ASN A 139 48.12 31.81 22.56
N SER A 140 49.42 32.08 22.59
CA SER A 140 50.10 33.02 21.68
C SER A 140 51.51 32.50 21.52
N LEU A 141 51.93 32.20 20.29
CA LEU A 141 53.28 31.57 20.09
C LEU A 141 54.41 32.60 20.32
N SER A 142 55.43 32.20 21.05
CA SER A 142 56.56 33.10 21.33
C SER A 142 57.37 33.38 20.08
N PRO A 143 57.73 34.65 19.80
CA PRO A 143 58.61 34.97 18.69
C PRO A 143 60.04 34.42 18.85
N LEU A 144 60.39 33.84 20.00
CA LEU A 144 61.78 33.31 20.16
C LEU A 144 61.78 31.78 19.93
N GLY A 145 60.64 31.17 19.52
CA GLY A 145 60.59 29.74 19.16
C GLY A 145 61.29 29.59 17.81
N GLN A 146 62.54 29.09 17.79
CA GLN A 146 63.27 28.93 16.52
C GLN A 146 62.64 27.87 15.61
N ASN A 147 62.10 26.78 16.17
CA ASN A 147 61.42 25.74 15.36
C ASN A 147 60.21 26.36 14.67
N THR A 148 59.47 27.18 15.39
CA THR A 148 58.23 27.78 14.84
C THR A 148 58.60 28.70 13.67
N LEU A 149 59.60 29.54 13.87
CA LEU A 149 60.14 30.40 12.79
C LEU A 149 60.55 29.54 11.59
N ALA A 150 61.37 28.50 11.77
CA ALA A 150 61.81 27.64 10.63
C ALA A 150 60.61 27.03 9.91
N ALA A 151 59.60 26.56 10.65
CA ALA A 151 58.44 25.84 10.08
C ALA A 151 57.52 26.80 9.32
N ASP A 152 57.29 27.96 9.92
CA ASP A 152 56.50 29.05 9.28
C ASP A 152 57.18 29.40 7.96
N LYS A 153 58.44 29.82 8.00
CA LYS A 153 59.23 30.18 6.80
C LYS A 153 59.14 29.07 5.75
N LYS A 154 59.33 27.82 6.15
CA LYS A 154 59.34 26.69 5.20
C LYS A 154 58.03 26.68 4.40
N ALA A 155 56.89 26.74 5.08
CA ALA A 155 55.57 26.70 4.43
C ALA A 155 55.33 27.96 3.62
N PHE A 156 55.69 29.12 4.15
CA PHE A 156 55.55 30.40 3.43
C PHE A 156 56.36 30.35 2.13
N VAL A 157 57.62 29.90 2.19
CA VAL A 157 58.48 29.71 0.98
C VAL A 157 57.72 28.83 -0.02
N GLU A 158 57.12 27.71 0.41
CA GLU A 158 56.40 26.82 -0.56
C GLU A 158 55.23 27.58 -1.20
N LEU A 159 54.53 28.45 -0.46
CA LEU A 159 53.43 29.23 -1.07
C LEU A 159 53.99 30.18 -2.11
N MET A 160 55.09 30.86 -1.79
CA MET A 160 55.71 31.80 -2.73
C MET A 160 56.22 31.01 -3.95
N LYS A 161 56.75 29.78 -3.77
CA LYS A 161 57.13 28.90 -4.90
C LYS A 161 55.93 28.64 -5.78
N TYR A 162 54.77 28.38 -5.18
CA TYR A 162 53.53 28.13 -5.94
C TYR A 162 53.21 29.36 -6.80
N LEU A 163 53.24 30.55 -6.21
CA LEU A 163 52.98 31.82 -6.96
C LEU A 163 54.04 32.00 -8.05
N ALA A 164 55.34 31.77 -7.75
CA ALA A 164 56.46 31.89 -8.71
C ALA A 164 56.14 31.11 -9.99
N LYS A 165 55.64 29.90 -9.85
CA LYS A 165 55.46 28.92 -10.96
C LYS A 165 54.09 29.07 -11.62
N ARG A 166 53.08 29.43 -10.83
CA ARG A 166 51.67 29.37 -11.31
C ARG A 166 51.03 30.78 -11.37
N ASP A 167 51.74 31.87 -11.05
CA ASP A 167 51.13 33.24 -11.11
C ASP A 167 52.05 34.23 -11.85
N LYS A 168 52.43 33.86 -13.08
CA LYS A 168 53.38 34.60 -13.94
C LYS A 168 52.87 36.01 -14.27
N ASP A 169 51.56 36.24 -14.29
CA ASP A 169 51.00 37.57 -14.63
C ASP A 169 50.63 38.32 -13.34
N HIS A 170 51.01 37.82 -12.17
CA HIS A 170 50.87 38.54 -10.87
C HIS A 170 49.40 38.89 -10.59
N THR A 171 48.49 37.93 -10.72
CA THR A 171 47.10 38.08 -10.23
C THR A 171 47.18 38.47 -8.73
N VAL A 172 48.07 37.87 -7.95
CA VAL A 172 48.32 38.24 -6.54
C VAL A 172 49.33 39.38 -6.60
N ILE A 173 48.97 40.52 -6.04
CA ILE A 173 49.83 41.74 -6.13
C ILE A 173 50.58 42.00 -4.81
N MET A 174 50.15 41.40 -3.73
CA MET A 174 50.74 41.71 -2.39
C MET A 174 50.38 40.57 -1.45
N VAL A 175 51.20 40.36 -0.43
CA VAL A 175 50.97 39.27 0.54
C VAL A 175 51.06 39.89 1.94
N GLN A 176 50.09 39.61 2.77
CA GLN A 176 50.14 40.01 4.20
C GLN A 176 50.81 38.87 4.96
N VAL A 177 51.87 39.16 5.66
CA VAL A 177 52.64 38.16 6.42
C VAL A 177 52.12 38.18 7.87
N GLN A 178 51.42 37.13 8.28
CA GLN A 178 50.70 36.99 9.58
C GLN A 178 49.43 37.86 9.56
N ASN A 179 48.66 37.82 10.62
CA ASN A 179 47.41 38.62 10.68
C ASN A 179 47.33 39.17 12.10
N GLU A 180 47.59 40.44 12.34
CA GLU A 180 47.47 41.03 13.70
C GLU A 180 48.34 40.25 14.72
N VAL A 181 49.64 40.33 14.56
CA VAL A 181 50.64 39.74 15.48
C VAL A 181 50.49 40.40 16.86
N GLY A 182 51.09 39.73 17.81
CA GLY A 182 51.16 40.27 19.18
C GLY A 182 50.60 39.27 20.18
N THR A 183 50.40 39.74 21.41
CA THR A 183 49.89 38.95 22.53
C THR A 183 48.89 39.77 23.32
N TYR A 184 47.74 39.20 23.61
CA TYR A 184 46.78 39.77 24.57
C TYR A 184 47.03 39.04 25.89
N GLY A 185 46.99 39.76 27.02
CA GLY A 185 47.06 39.09 28.33
C GLY A 185 48.43 39.16 28.95
N ALA A 186 49.43 39.68 28.25
CA ALA A 186 50.82 39.81 28.73
C ALA A 186 51.57 40.75 27.79
N VAL A 187 52.70 41.33 28.26
CA VAL A 187 53.44 42.34 27.46
C VAL A 187 54.45 41.62 26.55
N ARG A 188 55.00 40.50 27.01
CA ARG A 188 55.98 39.73 26.24
C ARG A 188 56.06 38.29 26.75
N ASP A 189 56.99 37.53 26.18
CA ASP A 189 57.32 36.17 26.67
C ASP A 189 58.25 36.31 27.89
N TYR A 190 57.90 35.63 28.98
CA TYR A 190 58.71 35.54 30.23
C TYR A 190 59.19 34.10 30.48
N SER A 191 59.19 33.26 29.43
CA SER A 191 59.77 31.90 29.45
C SER A 191 61.25 32.01 29.80
N PRO A 192 61.86 30.98 30.42
CA PRO A 192 63.30 30.94 30.67
C PRO A 192 64.08 31.28 29.39
N MET A 193 63.66 30.66 28.27
CA MET A 193 64.22 30.94 26.93
C MET A 193 64.22 32.44 26.64
N ALA A 194 63.11 33.14 26.89
CA ALA A 194 62.98 34.58 26.53
C ALA A 194 63.76 35.45 27.52
N GLN A 195 63.83 34.98 28.76
CA GLN A 195 64.46 35.68 29.91
C GLN A 195 65.97 35.79 29.65
N ALA A 196 66.58 34.75 29.10
CA ALA A 196 68.03 34.65 28.77
C ALA A 196 68.38 35.63 27.64
N VAL A 197 67.43 35.85 26.73
CA VAL A 197 67.62 36.81 25.61
C VAL A 197 67.36 38.23 26.14
N PHE A 198 66.37 38.43 27.01
CA PHE A 198 65.99 39.75 27.59
C PHE A 198 67.09 40.28 28.54
N ASN A 199 67.71 39.38 29.32
CA ASN A 199 68.69 39.71 30.38
C ASN A 199 70.05 40.00 29.71
N ALA A 200 70.11 39.99 28.38
CA ALA A 200 71.35 40.15 27.60
C ALA A 200 71.35 41.52 26.89
N ALA A 201 72.44 41.82 26.18
CA ALA A 201 72.61 43.07 25.41
C ALA A 201 71.53 43.18 24.34
N VAL A 202 70.92 44.36 24.18
CA VAL A 202 70.22 44.83 22.95
C VAL A 202 71.15 44.62 21.77
N PRO A 203 70.65 44.01 20.68
CA PRO A 203 71.39 43.87 19.41
C PRO A 203 72.00 45.22 18.98
N ASP A 204 73.31 45.27 18.69
CA ASP A 204 74.03 46.49 18.26
C ASP A 204 73.28 47.15 17.09
N ASP A 205 72.72 46.36 16.16
CA ASP A 205 71.99 46.87 14.96
C ASP A 205 70.82 47.75 15.39
N LEU A 206 70.03 47.33 16.39
CA LEU A 206 68.92 48.18 16.92
C LEU A 206 69.50 49.39 17.67
N ILE A 207 70.59 49.19 18.41
CA ILE A 207 71.29 50.28 19.17
C ILE A 207 71.67 51.39 18.20
N GLN A 208 72.33 51.03 17.09
CA GLN A 208 72.87 51.96 16.07
C GLN A 208 71.74 52.62 15.28
N LYS A 209 70.84 51.83 14.71
CA LYS A 209 69.73 52.36 13.87
C LYS A 209 68.89 53.33 14.71
N LEU A 210 68.69 53.06 16.01
CA LEU A 210 68.07 53.99 16.99
C LEU A 210 69.21 54.78 17.63
N GLN A 211 68.96 55.99 18.12
CA GLN A 211 70.04 56.93 18.55
C GLN A 211 70.28 56.77 20.05
N LEU A 212 70.54 55.53 20.51
CA LEU A 212 70.67 55.13 21.93
C LEU A 212 72.09 54.60 22.23
N LYS A 213 72.30 54.16 23.48
CA LYS A 213 73.61 53.74 24.07
C LYS A 213 73.56 52.24 24.38
N PRO A 214 74.70 51.51 24.23
CA PRO A 214 74.73 50.06 24.34
C PRO A 214 74.32 49.64 25.76
N GLY A 215 73.70 48.47 25.89
CA GLY A 215 73.42 47.86 27.19
C GLY A 215 72.40 46.75 27.07
N THR A 216 71.81 46.31 28.18
CA THR A 216 70.75 45.27 28.22
C THR A 216 69.42 45.93 27.85
N TRP A 217 68.40 45.10 27.64
CA TRP A 217 67.04 45.60 27.31
C TRP A 217 66.51 46.56 28.36
N SER A 218 66.59 46.23 29.65
CA SER A 218 66.06 47.09 30.75
C SER A 218 66.88 48.39 30.87
N GLN A 219 68.22 48.32 30.73
CA GLN A 219 69.15 49.49 30.81
C GLN A 219 68.72 50.53 29.76
N VAL A 220 68.61 50.07 28.51
CA VAL A 220 68.45 50.89 27.28
C VAL A 220 67.04 51.49 27.19
N PHE A 221 66.00 50.72 27.56
CA PHE A 221 64.57 51.09 27.29
C PHE A 221 63.83 51.37 28.60
N GLY A 222 64.39 51.00 29.75
CA GLY A 222 63.68 51.20 31.03
C GLY A 222 62.26 50.68 30.96
N ARG A 223 61.27 51.54 31.22
CA ARG A 223 59.83 51.17 31.41
C ARG A 223 59.27 50.53 30.13
N ASP A 224 59.89 50.79 28.99
CA ASP A 224 59.39 50.27 27.68
C ASP A 224 60.08 48.95 27.31
N ALA A 225 60.98 48.43 28.15
CA ALA A 225 61.84 47.28 27.79
C ALA A 225 60.96 46.06 27.41
N ASP A 226 59.90 45.75 28.16
CA ASP A 226 59.13 44.49 27.95
C ASP A 226 58.44 44.59 26.58
N GLU A 227 57.77 45.71 26.32
CA GLU A 227 56.89 45.84 25.13
C GLU A 227 57.77 45.97 23.87
N PHE A 228 58.87 46.73 23.97
CA PHE A 228 59.85 46.96 22.88
C PHE A 228 60.51 45.62 22.55
N PHE A 229 60.80 44.83 23.57
CA PHE A 229 61.42 43.52 23.36
C PHE A 229 60.45 42.67 22.50
N HIS A 230 59.18 42.63 22.85
CA HIS A 230 58.16 41.80 22.17
C HIS A 230 58.01 42.30 20.73
N ALA A 231 57.91 43.58 20.55
CA ALA A 231 57.89 44.21 19.20
C ALA A 231 59.13 43.84 18.41
N TYR A 232 60.33 44.01 18.97
CA TYR A 232 61.56 43.65 18.22
C TYR A 232 61.54 42.18 17.82
N GLN A 233 61.23 41.27 18.74
CA GLN A 233 61.39 39.84 18.44
C GLN A 233 60.33 39.46 17.42
N ILE A 234 59.12 39.98 17.55
CA ILE A 234 58.06 39.71 16.54
C ILE A 234 58.48 40.32 15.19
N ALA A 235 58.95 41.57 15.18
CA ALA A 235 59.35 42.26 13.94
C ALA A 235 60.47 41.44 13.27
N ARG A 236 61.41 40.92 14.03
CA ARG A 236 62.52 40.09 13.47
C ARG A 236 61.97 38.78 12.87
N TYR A 237 61.05 38.10 13.59
CA TYR A 237 60.38 36.87 13.09
C TYR A 237 59.73 37.19 11.73
N CYS A 238 58.93 38.26 11.66
CA CYS A 238 58.14 38.61 10.45
C CYS A 238 59.11 39.08 9.36
N ASP A 239 60.20 39.77 9.66
CA ASP A 239 61.20 40.11 8.63
C ASP A 239 61.83 38.82 8.04
N GLU A 240 62.18 37.81 8.84
CA GLU A 240 62.86 36.59 8.33
C GLU A 240 61.89 35.85 7.41
N VAL A 241 60.64 35.75 7.84
CA VAL A 241 59.59 35.12 6.99
C VAL A 241 59.52 35.91 5.68
N THR A 242 59.44 37.22 5.75
CA THR A 242 59.33 38.09 4.56
C THR A 242 60.55 37.94 3.66
N VAL A 243 61.76 38.01 4.23
CA VAL A 243 62.98 37.83 3.39
C VAL A 243 62.95 36.51 2.64
N ALA A 244 62.63 35.42 3.36
CA ALA A 244 62.57 34.06 2.83
C ALA A 244 61.65 34.04 1.62
N GLY A 245 60.44 34.61 1.77
CA GLY A 245 59.43 34.54 0.70
C GLY A 245 59.85 35.41 -0.47
N LYS A 246 60.35 36.62 -0.20
CA LYS A 246 60.78 37.55 -1.27
C LYS A 246 61.89 36.92 -2.13
N ALA A 247 62.71 36.07 -1.51
CA ALA A 247 63.81 35.36 -2.22
C ALA A 247 63.29 34.51 -3.41
N ILE A 248 62.09 33.93 -3.26
CA ILE A 248 61.36 33.08 -4.25
C ILE A 248 60.66 33.98 -5.26
N LYS A 249 59.77 34.83 -4.74
CA LYS A 249 59.08 35.85 -5.55
C LYS A 249 58.99 37.17 -4.79
N ASN A 250 59.61 38.22 -5.33
CA ASN A 250 59.78 39.56 -4.67
C ASN A 250 58.52 40.41 -4.78
N LEU A 251 57.40 39.90 -4.24
CA LEU A 251 56.11 40.67 -4.19
C LEU A 251 56.16 41.63 -3.02
N PRO A 252 55.41 42.75 -3.03
CA PRO A 252 55.26 43.62 -1.86
C PRO A 252 54.58 42.84 -0.74
N MET A 253 55.01 43.08 0.50
CA MET A 253 54.53 42.27 1.65
C MET A 253 54.39 43.21 2.81
N TYR A 254 53.36 43.03 3.61
CA TYR A 254 53.04 44.01 4.68
C TYR A 254 52.49 43.28 5.91
N VAL A 255 52.47 44.01 7.01
CA VAL A 255 51.85 43.50 8.24
C VAL A 255 50.68 44.42 8.57
N ASN A 256 49.66 43.86 9.18
CA ASN A 256 48.42 44.60 9.58
C ASN A 256 48.34 44.66 11.09
N VAL A 257 47.94 45.80 11.62
CA VAL A 257 48.00 46.07 13.07
C VAL A 257 46.65 46.11 13.76
N ALA A 258 46.53 45.33 14.81
CA ALA A 258 45.49 45.48 15.86
C ALA A 258 45.79 46.76 16.62
N LEU A 259 45.08 47.81 16.24
CA LEU A 259 45.43 49.16 16.68
C LEU A 259 45.19 49.22 18.18
N ARG A 260 46.02 50.01 18.85
CA ARG A 260 45.69 50.57 20.18
C ARG A 260 45.02 51.92 19.94
N ASN A 261 44.13 52.36 20.80
CA ASN A 261 43.52 53.69 20.68
C ASN A 261 44.65 54.73 20.75
N PRO A 262 44.79 55.61 19.74
CA PRO A 262 45.89 56.57 19.74
C PRO A 262 45.86 57.65 20.83
N PHE A 263 44.64 57.99 21.27
CA PHE A 263 44.36 59.07 22.26
C PHE A 263 44.32 58.56 23.72
N ASN A 264 44.10 57.28 23.96
CA ASN A 264 44.07 56.68 25.32
C ASN A 264 44.24 55.17 25.15
N PRO A 265 45.47 54.69 24.91
CA PRO A 265 45.67 53.28 24.59
C PRO A 265 45.45 52.22 25.67
N GLY A 266 45.61 52.62 26.92
CA GLY A 266 45.73 51.66 28.02
C GLY A 266 47.06 50.93 27.90
N LEU A 267 47.15 49.71 28.45
CA LEU A 267 48.47 49.07 28.63
C LEU A 267 48.71 47.97 27.59
N PRO A 268 49.98 47.73 27.16
CA PRO A 268 50.27 46.60 26.29
C PRO A 268 49.80 45.31 26.98
N GLY A 269 49.05 44.50 26.24
CA GLY A 269 48.35 43.31 26.76
C GLY A 269 46.84 43.52 26.84
N GLN A 270 46.36 44.75 27.08
CA GLN A 270 44.92 45.11 26.93
C GLN A 270 44.68 45.26 25.44
N TYR A 271 45.61 45.97 24.80
CA TYR A 271 45.78 45.94 23.33
C TYR A 271 46.79 44.83 23.00
N SER A 272 46.84 44.40 21.74
CA SER A 272 47.79 43.35 21.28
C SER A 272 49.24 43.84 21.36
N SER A 273 49.97 43.50 22.44
CA SER A 273 51.40 43.91 22.63
C SER A 273 52.30 43.31 21.56
N GLY A 274 53.17 44.15 21.00
CA GLY A 274 54.25 43.66 20.13
C GLY A 274 53.89 43.84 18.67
N GLY A 275 52.63 44.12 18.36
CA GLY A 275 52.22 44.53 17.00
C GLY A 275 52.79 45.89 16.63
N GLY A 276 52.50 46.34 15.40
CA GLY A 276 52.94 47.63 14.86
C GLY A 276 52.16 48.81 15.43
N THR A 277 52.01 48.90 16.73
CA THR A 277 51.23 49.97 17.38
C THR A 277 52.02 51.27 17.22
N ASP A 278 51.35 52.40 17.43
CA ASP A 278 51.93 53.72 17.04
C ASP A 278 53.26 53.91 17.79
N ASN A 279 53.35 53.39 19.02
CA ASN A 279 54.46 53.67 19.95
C ASN A 279 55.68 52.81 19.60
N VAL A 280 55.52 51.77 18.74
CA VAL A 280 56.66 50.88 18.34
C VAL A 280 56.88 50.86 16.82
N LEU A 281 56.38 51.86 16.09
CA LEU A 281 56.66 51.94 14.63
C LEU A 281 58.17 52.14 14.43
N HIS A 282 58.85 52.87 15.31
CA HIS A 282 60.32 53.00 15.28
C HIS A 282 61.06 51.68 15.49
N ILE A 283 60.60 50.79 16.38
CA ILE A 283 61.28 49.47 16.54
C ILE A 283 61.03 48.63 15.28
N TRP A 284 59.77 48.63 14.81
CA TRP A 284 59.32 47.82 13.65
C TRP A 284 60.09 48.23 12.40
N LYS A 285 60.27 49.53 12.19
CA LYS A 285 60.94 50.02 10.98
C LYS A 285 62.43 49.68 11.11
N ALA A 286 63.01 49.80 12.30
CA ALA A 286 64.45 49.48 12.53
C ALA A 286 64.67 47.95 12.40
N ALA A 287 63.77 47.15 12.97
CA ALA A 287 63.96 45.69 13.13
C ALA A 287 63.49 44.91 11.91
N ALA A 288 62.65 45.50 11.05
CA ALA A 288 62.09 44.75 9.91
C ALA A 288 62.20 45.58 8.63
N PRO A 289 63.41 45.89 8.16
CA PRO A 289 63.54 46.72 6.96
C PRO A 289 63.01 46.09 5.67
N ASN A 290 62.66 44.82 5.67
CA ASN A 290 62.30 44.12 4.41
C ASN A 290 60.78 44.15 4.26
N ILE A 291 60.05 44.54 5.30
CA ILE A 291 58.56 44.58 5.27
C ILE A 291 58.23 45.91 4.61
N ASP A 292 57.42 45.89 3.56
CA ASP A 292 57.22 47.11 2.75
C ASP A 292 56.46 48.18 3.54
N LEU A 293 55.36 47.84 4.20
CA LEU A 293 54.63 48.85 4.99
C LEU A 293 53.90 48.19 6.17
N ILE A 294 53.46 49.02 7.14
CA ILE A 294 52.66 48.56 8.31
C ILE A 294 51.26 49.18 8.20
N ALA A 295 50.21 48.37 8.11
CA ALA A 295 48.87 48.84 7.74
C ALA A 295 47.94 48.87 8.95
N PRO A 296 47.19 49.97 9.18
CA PRO A 296 46.21 50.03 10.27
C PRO A 296 44.92 49.25 9.97
N ASP A 297 44.35 48.53 10.96
CA ASP A 297 43.04 47.84 10.86
C ASP A 297 42.04 48.68 11.65
N ILE A 298 41.15 49.42 10.99
CA ILE A 298 40.43 50.55 11.60
C ILE A 298 39.00 50.15 11.93
N TYR A 299 38.65 50.17 13.21
CA TYR A 299 37.27 49.85 13.65
C TYR A 299 36.77 50.93 14.61
N PHE A 300 37.57 51.97 14.87
CA PHE A 300 37.13 53.15 15.66
C PHE A 300 36.01 53.82 14.86
N ARG A 301 34.92 54.24 15.50
CA ARG A 301 33.81 54.83 14.71
C ARG A 301 33.96 56.35 14.60
N ASP A 302 34.50 56.97 15.65
CA ASP A 302 34.53 58.45 15.72
C ASP A 302 35.59 59.02 14.78
N TYR A 303 35.18 59.98 13.97
CA TYR A 303 36.04 60.72 12.99
C TYR A 303 37.39 61.15 13.58
N LYS A 304 37.41 61.79 14.75
CA LYS A 304 38.70 62.31 15.26
C LYS A 304 39.71 61.15 15.46
N THR A 305 39.25 60.00 15.97
CA THR A 305 40.17 58.87 16.23
C THR A 305 40.64 58.26 14.91
N VAL A 306 39.71 58.03 13.99
CA VAL A 306 40.09 57.49 12.67
C VAL A 306 41.08 58.46 12.06
N SER A 307 40.79 59.78 12.01
CA SER A 307 41.69 60.79 11.41
C SER A 307 43.09 60.67 12.06
N LYS A 308 43.17 60.53 13.40
CA LYS A 308 44.49 60.40 14.11
C LYS A 308 45.24 59.16 13.62
N VAL A 309 44.54 58.05 13.43
CA VAL A 309 45.20 56.82 12.94
C VAL A 309 45.76 57.03 11.54
N LEU A 310 44.99 57.66 10.65
CA LEU A 310 45.50 57.92 9.28
C LEU A 310 46.77 58.81 9.34
N GLU A 311 46.78 59.80 10.23
CA GLU A 311 47.92 60.73 10.43
C GLU A 311 49.11 59.90 10.90
N LEU A 312 48.91 58.99 11.85
CA LEU A 312 50.05 58.31 12.51
C LEU A 312 50.69 57.32 11.54
N TYR A 313 49.92 56.69 10.65
CA TYR A 313 50.39 55.58 9.76
C TYR A 313 50.84 56.09 8.40
N THR A 314 50.59 57.35 8.07
CA THR A 314 51.13 57.95 6.83
C THR A 314 52.43 58.68 7.21
N ARG A 315 53.57 58.16 6.81
CA ARG A 315 54.94 58.67 7.10
C ARG A 315 55.79 58.61 5.84
N PRO A 316 56.88 59.41 5.79
CA PRO A 316 57.82 59.26 4.69
C PRO A 316 58.28 57.80 4.52
N ASP A 317 58.49 57.11 5.63
CA ASP A 317 58.93 55.69 5.66
C ASP A 317 57.76 54.69 5.63
N ASN A 318 56.51 55.14 5.42
CA ASN A 318 55.39 54.18 5.56
C ASN A 318 54.20 54.58 4.66
N ALA A 319 54.02 53.92 3.52
CA ALA A 319 52.79 54.03 2.72
C ALA A 319 51.54 53.70 3.56
N LEU A 320 50.48 54.43 3.31
CA LEU A 320 49.21 54.21 3.99
C LEU A 320 48.42 53.23 3.16
N PHE A 321 48.00 52.15 3.84
CA PHE A 321 47.15 51.11 3.27
C PHE A 321 46.16 50.73 4.35
N VAL A 322 44.91 51.08 4.16
CA VAL A 322 43.90 50.74 5.19
C VAL A 322 43.55 49.28 4.89
N ALA A 323 44.35 48.36 5.47
CA ALA A 323 44.27 46.92 5.16
C ALA A 323 42.96 46.34 5.65
N GLU A 324 42.35 46.95 6.66
CA GLU A 324 41.02 46.56 7.14
C GLU A 324 40.28 47.78 7.63
N ILE A 325 38.99 47.86 7.36
CA ILE A 325 38.13 48.88 8.01
C ILE A 325 36.77 48.29 8.25
N GLY A 326 36.01 48.76 9.24
CA GLY A 326 34.69 48.18 9.49
C GLY A 326 33.77 48.33 8.30
N ASN A 327 32.78 47.47 8.18
CA ASN A 327 31.95 47.53 6.94
C ASN A 327 30.60 48.15 7.25
N ASP A 328 30.48 48.84 8.41
CA ASP A 328 29.23 49.59 8.67
C ASP A 328 29.24 50.90 7.89
N GLN A 329 28.08 51.53 7.76
CA GLN A 329 27.88 52.71 6.92
C GLN A 329 28.84 53.86 7.21
N PRO A 330 29.14 54.24 8.49
CA PRO A 330 29.98 55.38 8.78
C PRO A 330 31.40 55.31 8.23
N PHE A 331 31.86 54.10 7.92
CA PHE A 331 33.27 53.88 7.55
C PHE A 331 33.50 54.18 6.07
N ALA A 332 32.46 54.14 5.23
CA ALA A 332 32.66 54.28 3.76
C ALA A 332 33.37 55.61 3.46
N ARG A 333 32.97 56.67 4.20
CA ARG A 333 33.45 58.04 3.89
C ARG A 333 34.97 58.17 4.12
N TYR A 334 35.59 57.27 4.90
CA TYR A 334 37.02 57.41 5.23
C TYR A 334 37.87 57.06 3.98
N LEU A 335 37.26 56.53 2.93
CA LEU A 335 37.99 56.38 1.63
C LEU A 335 38.59 57.72 1.21
N PHE A 336 37.84 58.82 1.39
CA PHE A 336 38.28 60.12 0.88
C PHE A 336 39.56 60.63 1.56
N PRO A 337 39.66 60.77 2.92
CA PRO A 337 40.92 61.12 3.57
C PRO A 337 42.02 60.07 3.38
N THR A 338 41.66 58.81 3.23
CA THR A 338 42.72 57.78 2.99
C THR A 338 43.40 58.11 1.65
N LEU A 339 42.61 58.32 0.57
CA LEU A 339 43.24 58.64 -0.73
C LEU A 339 43.89 60.01 -0.69
N GLY A 340 43.26 60.97 0.02
CA GLY A 340 43.82 62.33 0.18
C GLY A 340 45.24 62.35 0.73
N LYS A 341 45.58 61.37 1.60
CA LYS A 341 46.89 61.27 2.28
C LYS A 341 47.89 60.53 1.40
N GLY A 342 47.47 60.12 0.21
CA GLY A 342 48.35 59.40 -0.71
C GLY A 342 48.19 57.90 -0.51
N GLY A 343 47.14 57.50 0.20
CA GLY A 343 46.84 56.09 0.45
C GLY A 343 46.91 55.23 -0.79
N ILE A 344 47.44 54.00 -0.69
CA ILE A 344 47.50 53.07 -1.85
C ILE A 344 46.27 52.16 -1.87
N GLY A 345 45.46 52.13 -0.82
CA GLY A 345 44.35 51.15 -0.78
C GLY A 345 43.50 51.20 0.46
N PHE A 346 42.37 50.55 0.41
CA PHE A 346 41.30 50.68 1.39
C PHE A 346 40.47 49.42 1.23
N SER A 347 40.29 48.66 2.28
CA SER A 347 39.65 47.32 2.17
C SER A 347 38.70 47.06 3.32
N PRO A 348 37.40 47.39 3.16
CA PRO A 348 36.35 46.99 4.09
C PRO A 348 36.34 45.49 4.40
N PHE A 349 36.21 45.15 5.67
CA PHE A 349 36.31 43.75 6.15
C PHE A 349 34.94 43.08 6.23
N GLY A 350 34.81 41.83 5.72
CA GLY A 350 33.64 40.97 5.95
C GLY A 350 32.64 41.09 4.83
N MET A 351 33.12 41.40 3.62
CA MET A 351 32.24 41.67 2.44
C MET A 351 31.92 40.35 1.75
N ASP A 352 31.27 39.45 2.46
CA ASP A 352 30.77 38.19 1.86
C ASP A 352 29.46 37.73 2.49
N ASP A 353 28.79 36.81 1.79
CA ASP A 353 27.43 36.34 2.19
C ASP A 353 27.52 34.98 2.88
N THR A 354 28.56 34.80 3.71
CA THR A 354 28.78 33.53 4.43
C THR A 354 28.05 33.50 5.77
N ASP A 355 27.00 34.29 5.95
CA ASP A 355 26.13 34.25 7.15
C ASP A 355 26.95 34.58 8.40
N TYR A 356 27.62 35.71 8.40
CA TYR A 356 28.38 36.19 9.56
C TYR A 356 28.49 37.71 9.49
N THR A 357 28.39 38.34 10.66
CA THR A 357 28.60 39.80 10.83
CA THR A 357 28.65 39.79 10.81
C THR A 357 29.47 40.03 12.09
N ASN A 358 30.45 40.90 11.98
CA ASN A 358 31.30 41.17 13.15
C ASN A 358 30.72 42.36 13.94
N TYR A 359 29.46 42.73 13.69
CA TYR A 359 28.73 43.65 14.61
C TYR A 359 29.03 43.25 16.05
N PRO A 360 29.40 44.15 17.02
CA PRO A 360 29.41 45.62 16.91
C PRO A 360 30.52 46.33 16.14
N LEU A 361 31.50 45.58 15.64
CA LEU A 361 32.56 46.22 14.80
C LEU A 361 32.03 46.67 13.45
N GLY A 362 31.31 45.81 12.75
CA GLY A 362 30.78 46.07 11.42
C GLY A 362 29.27 46.25 11.43
N ALA A 363 28.64 46.10 10.27
CA ALA A 363 27.21 46.30 10.03
C ALA A 363 26.43 45.28 10.86
N LYS A 364 25.26 45.67 11.38
CA LYS A 364 24.39 44.74 12.12
C LYS A 364 23.80 43.71 11.14
N VAL A 365 23.42 44.16 9.95
CA VAL A 365 22.83 43.27 8.90
C VAL A 365 23.71 43.41 7.67
N TYR A 366 24.13 42.28 7.10
CA TYR A 366 24.83 42.25 5.79
C TYR A 366 23.78 42.06 4.69
N ASN A 367 23.58 43.07 3.85
CA ASN A 367 22.67 42.95 2.71
C ASN A 367 23.09 43.93 1.61
N ASP A 368 22.26 44.04 0.59
CA ASP A 368 22.69 44.82 -0.60
C ASP A 368 22.93 46.29 -0.18
N GLU A 369 22.10 46.84 0.74
CA GLU A 369 22.31 48.19 1.29
C GLU A 369 23.73 48.33 1.91
N THR A 370 24.16 47.36 2.71
CA THR A 370 25.50 47.40 3.36
C THR A 370 26.56 47.60 2.28
N ILE A 371 26.46 46.80 1.23
CA ILE A 371 27.50 46.83 0.18
C ILE A 371 27.38 48.20 -0.56
N GLU A 372 26.16 48.60 -0.91
CA GLU A 372 25.86 49.87 -1.66
C GLU A 372 26.58 51.04 -1.01
N GLN A 373 26.70 51.10 0.33
CA GLN A 373 27.35 52.29 0.97
C GLN A 373 28.78 52.41 0.39
N PHE A 374 29.48 51.29 0.17
CA PHE A 374 30.85 51.31 -0.34
C PHE A 374 30.82 51.41 -1.87
N ALA A 375 29.90 50.73 -2.54
CA ALA A 375 29.83 50.78 -4.01
C ALA A 375 29.75 52.24 -4.42
N GLN A 376 28.94 53.05 -3.72
CA GLN A 376 28.70 54.45 -4.13
C GLN A 376 30.02 55.23 -4.06
N VAL A 377 30.84 55.05 -3.04
CA VAL A 377 32.13 55.83 -3.03
C VAL A 377 33.09 55.24 -4.04
N TYR A 378 33.14 53.92 -4.20
CA TYR A 378 34.13 53.34 -5.16
C TYR A 378 33.80 53.79 -6.59
N ARG A 379 32.55 54.09 -6.88
CA ARG A 379 32.10 54.58 -8.22
C ARG A 379 32.70 55.94 -8.58
N LEU A 380 33.16 56.67 -7.57
CA LEU A 380 33.80 57.97 -7.82
C LEU A 380 35.24 57.80 -8.27
N VAL A 381 35.86 56.70 -7.86
CA VAL A 381 37.33 56.53 -8.01
C VAL A 381 37.60 55.56 -9.16
N ASN A 382 36.79 54.52 -9.29
CA ASN A 382 36.99 53.48 -10.35
C ASN A 382 37.22 54.12 -11.73
N PRO A 383 36.40 55.09 -12.17
CA PRO A 383 36.56 55.61 -13.51
C PRO A 383 37.89 56.34 -13.78
N MET A 384 38.60 56.73 -12.73
CA MET A 384 39.87 57.49 -12.80
C MET A 384 40.95 56.77 -11.98
N MET A 385 40.85 55.46 -11.73
CA MET A 385 41.75 54.84 -10.74
C MET A 385 43.22 55.03 -11.14
N ARG A 386 43.60 54.74 -12.39
CA ARG A 386 45.04 54.89 -12.77
C ARG A 386 45.48 56.36 -12.78
N GLU A 387 44.62 57.29 -13.23
CA GLU A 387 45.00 58.71 -13.27
C GLU A 387 45.18 59.20 -11.83
N TRP A 388 44.21 58.91 -10.95
CA TRP A 388 44.31 59.34 -9.55
C TRP A 388 45.59 58.78 -8.93
N ALA A 389 45.85 57.50 -9.13
CA ALA A 389 47.02 56.84 -8.51
C ALA A 389 48.29 57.57 -8.95
N ARG A 390 48.38 57.93 -10.22
CA ARG A 390 49.58 58.65 -10.72
C ARG A 390 49.67 60.06 -10.09
N LEU A 391 48.56 60.80 -10.04
CA LEU A 391 48.56 62.16 -9.47
C LEU A 391 48.96 62.08 -8.00
N SER A 392 48.53 61.03 -7.30
CA SER A 392 48.78 60.97 -5.84
C SER A 392 50.28 60.76 -5.60
N TYR A 393 50.91 59.95 -6.44
CA TYR A 393 52.36 59.67 -6.33
C TYR A 393 53.23 60.86 -6.76
N GLN A 394 52.89 61.44 -7.89
CA GLN A 394 53.76 62.36 -8.67
C GLN A 394 53.42 63.81 -8.37
N GLY A 395 52.24 64.05 -7.85
CA GLY A 395 51.77 65.42 -7.66
C GLY A 395 51.06 65.64 -6.34
N GLN A 396 50.02 66.47 -6.39
CA GLN A 396 49.40 67.06 -5.20
C GLN A 396 47.96 66.59 -5.14
N VAL A 397 47.57 65.92 -4.06
CA VAL A 397 46.16 65.49 -3.83
C VAL A 397 45.69 65.88 -2.44
N TRP A 398 44.39 65.90 -2.29
CA TRP A 398 43.67 66.23 -1.05
C TRP A 398 42.44 65.37 -0.97
N GLY A 399 42.04 65.13 0.28
CA GLY A 399 40.78 64.40 0.48
C GLY A 399 40.26 64.61 1.86
N VAL A 400 38.94 64.74 1.96
CA VAL A 400 38.25 64.98 3.26
C VAL A 400 37.01 64.12 3.39
N ALA A 401 36.66 63.87 4.64
CA ALA A 401 35.37 63.27 5.01
C ALA A 401 34.57 64.22 5.92
N GLU A 402 33.26 64.03 5.90
CA GLU A 402 32.34 64.76 6.82
C GLU A 402 32.81 64.55 8.28
N PRO A 403 33.23 65.65 8.96
CA PRO A 403 33.91 65.60 10.27
C PRO A 403 33.08 65.61 11.55
N LEU A 404 31.76 65.52 11.42
CA LEU A 404 30.89 65.20 12.57
C LEU A 404 30.28 63.83 12.29
N ASP A 405 30.30 62.99 13.32
CA ASP A 405 29.65 61.67 13.32
C ASP A 405 28.13 61.92 13.43
N SER A 406 27.29 60.96 13.02
CA SER A 406 25.82 61.01 13.16
C SER A 406 25.48 61.34 14.62
N THR A 407 24.48 62.18 14.87
CA THR A 407 24.01 62.54 16.23
C THR A 407 23.46 61.29 16.96
N THR A 408 23.68 61.22 18.26
CA THR A 408 23.06 60.23 19.19
C THR A 408 21.75 60.85 19.72
N LYS A 423 20.70 76.32 21.49
CA LYS A 423 20.01 75.76 20.30
C LYS A 423 20.45 76.52 19.03
N GLU A 424 20.04 77.79 18.91
CA GLU A 424 20.49 78.73 17.83
C GLU A 424 22.01 78.64 17.67
N GLN A 425 22.74 78.68 18.80
CA GLN A 425 24.24 78.61 18.86
C GLN A 425 24.74 77.25 18.36
N HIS A 426 24.14 76.15 18.83
CA HIS A 426 24.54 74.76 18.51
C HIS A 426 24.53 74.59 16.99
N LYS A 427 23.56 75.20 16.29
CA LYS A 427 23.42 75.12 14.81
C LYS A 427 24.59 75.85 14.14
N LYS A 428 24.97 77.03 14.67
CA LYS A 428 26.16 77.80 14.20
C LYS A 428 27.42 76.94 14.44
N ASP A 429 27.47 76.26 15.59
CA ASP A 429 28.66 75.48 16.04
C ASP A 429 28.84 74.29 15.07
N ARG A 430 27.74 73.59 14.76
CA ARG A 430 27.73 72.44 13.82
C ARG A 430 28.05 72.96 12.40
N ALA A 431 27.51 74.12 11.98
CA ALA A 431 27.70 74.67 10.61
C ALA A 431 29.21 74.85 10.42
N SER A 432 29.85 75.48 11.42
CA SER A 432 31.29 75.79 11.43
C SER A 432 32.09 74.49 11.35
N ALA A 433 31.71 73.50 12.17
CA ALA A 433 32.43 72.22 12.25
C ALA A 433 32.34 71.49 10.91
N LEU A 434 31.24 71.70 10.20
CA LEU A 434 30.91 71.02 8.90
C LEU A 434 31.41 71.85 7.73
N THR A 435 32.38 72.74 7.97
CA THR A 435 33.02 73.57 6.95
C THR A 435 34.52 73.33 7.02
N GLN A 436 35.10 72.79 5.94
CA GLN A 436 36.52 72.39 5.86
C GLN A 436 37.23 73.27 4.83
N GLN A 437 38.46 73.71 5.15
CA GLN A 437 39.27 74.51 4.22
C GLN A 437 40.45 73.70 3.72
N LEU A 438 40.76 73.79 2.43
CA LEU A 438 41.94 73.12 1.82
C LEU A 438 42.72 74.17 1.06
N ASP A 439 44.02 74.26 1.32
CA ASP A 439 44.93 75.19 0.64
C ASP A 439 45.49 74.48 -0.60
N LEU A 440 45.04 74.83 -1.81
CA LEU A 440 45.50 74.18 -3.06
C LEU A 440 46.53 75.03 -3.80
N GLY A 441 47.19 75.93 -3.10
CA GLY A 441 48.23 76.77 -3.74
C GLY A 441 47.71 78.16 -4.02
N LEU A 442 47.39 78.46 -5.28
CA LEU A 442 46.85 79.80 -5.65
C LEU A 442 45.37 79.85 -5.28
N TRP A 443 44.77 78.69 -5.09
CA TRP A 443 43.32 78.58 -4.83
C TRP A 443 43.13 77.80 -3.52
N ASP A 444 42.05 78.12 -2.82
CA ASP A 444 41.52 77.35 -1.66
C ASP A 444 40.22 76.65 -2.08
N ALA A 445 39.92 75.51 -1.48
CA ALA A 445 38.57 74.90 -1.52
C ALA A 445 37.93 74.89 -0.13
N GLU A 446 36.66 75.23 -0.08
CA GLU A 446 35.81 75.11 1.11
C GLU A 446 34.80 73.97 0.89
N VAL A 447 34.86 72.98 1.77
CA VAL A 447 33.95 71.82 1.64
C VAL A 447 32.94 71.84 2.76
N THR A 448 31.67 71.76 2.40
CA THR A 448 30.58 71.83 3.39
C THR A 448 29.64 70.66 3.15
N TYR A 449 28.89 70.26 4.19
CA TYR A 449 28.09 69.02 4.10
C TYR A 449 26.63 69.20 4.50
N GLY A 450 25.71 68.76 3.66
CA GLY A 450 24.29 68.69 4.07
C GLY A 450 23.65 70.05 3.90
N ARG A 451 23.48 70.45 2.68
CA ARG A 451 22.76 71.70 2.37
C ARG A 451 22.22 71.60 0.95
N PRO A 452 21.26 72.46 0.55
CA PRO A 452 20.71 72.48 -0.80
C PRO A 452 21.76 72.75 -1.88
N MET A 453 21.36 72.55 -3.14
CA MET A 453 22.23 72.74 -4.31
C MET A 453 22.10 74.16 -4.82
N PHE A 454 21.31 74.96 -4.11
CA PHE A 454 20.99 76.36 -4.50
C PHE A 454 20.97 77.22 -3.24
N TRP A 455 21.50 78.42 -3.37
CA TRP A 455 21.56 79.45 -2.30
C TRP A 455 22.60 79.05 -1.24
N VAL A 456 22.62 79.79 -0.13
CA VAL A 456 23.70 79.68 0.88
C VAL A 456 23.18 79.38 2.30
N THR A 457 22.08 78.65 2.48
CA THR A 457 21.63 78.19 3.82
C THR A 457 22.77 77.37 4.43
N PRO A 458 23.17 77.59 5.72
CA PRO A 458 24.33 76.89 6.29
C PRO A 458 24.21 75.38 6.34
N PRO A 459 25.34 74.64 6.27
CA PRO A 459 25.34 73.17 6.35
C PRO A 459 24.72 72.64 7.64
N GLU A 460 23.89 71.60 7.55
CA GLU A 460 23.30 70.91 8.70
C GLU A 460 23.82 69.46 8.75
N GLY A 461 24.71 69.07 7.81
CA GLY A 461 25.27 67.71 7.74
C GLY A 461 24.31 66.70 7.11
N ASN A 462 24.85 65.58 6.62
CA ASN A 462 24.07 64.42 6.11
C ASN A 462 23.61 63.58 7.28
N THR A 463 22.46 62.92 7.12
CA THR A 463 21.89 61.97 8.10
C THR A 463 21.74 60.63 7.40
N PRO A 464 22.59 59.60 7.63
CA PRO A 464 23.77 59.66 8.50
C PRO A 464 24.94 60.48 7.90
N ALA A 465 25.99 60.70 8.68
CA ALA A 465 27.23 61.35 8.18
C ALA A 465 27.78 60.48 7.05
N ALA A 466 28.16 61.04 5.91
CA ALA A 466 28.51 60.22 4.73
C ALA A 466 29.32 60.98 3.68
N GLY A 467 29.45 62.30 3.77
CA GLY A 467 30.03 63.02 2.65
C GLY A 467 31.54 62.99 2.61
N GLY A 468 32.11 63.49 1.52
CA GLY A 468 33.55 63.69 1.40
C GLY A 468 33.91 64.20 0.02
N ALA A 469 35.16 64.50 -0.18
CA ALA A 469 35.61 65.09 -1.45
C ALA A 469 37.04 64.66 -1.72
N LEU A 470 37.34 64.58 -3.01
CA LEU A 470 38.73 64.41 -3.47
C LEU A 470 39.10 65.55 -4.41
N ILE A 471 40.29 66.07 -4.26
CA ILE A 471 40.84 67.05 -5.22
C ILE A 471 42.25 66.65 -5.62
N ALA A 472 42.54 66.66 -6.92
CA ALA A 472 43.94 66.57 -7.41
C ALA A 472 44.32 67.81 -8.18
N GLN A 473 45.56 68.27 -8.04
CA GLN A 473 46.03 69.47 -8.81
C GLN A 473 46.60 69.04 -10.19
N LEU A 474 46.05 69.59 -11.27
CA LEU A 474 46.48 69.31 -12.67
C LEU A 474 47.44 70.40 -13.10
N ASP A 475 47.31 71.59 -12.54
CA ASP A 475 48.16 72.75 -12.93
C ASP A 475 47.91 73.85 -11.90
N ASP A 476 48.62 74.97 -12.02
CA ASP A 476 48.57 76.05 -11.01
C ASP A 476 47.09 76.42 -10.83
N ASN A 477 46.32 76.48 -11.91
CA ASN A 477 44.93 76.98 -11.89
C ASN A 477 43.89 75.89 -12.20
N GLU A 478 44.26 74.59 -12.20
CA GLU A 478 43.33 73.56 -12.66
C GLU A 478 43.38 72.33 -11.76
N TYR A 479 42.19 71.82 -11.39
CA TYR A 479 42.00 70.73 -10.40
C TYR A 479 40.99 69.73 -10.93
N LEU A 480 41.25 68.48 -10.61
CA LEU A 480 40.32 67.33 -10.77
C LEU A 480 39.54 67.22 -9.47
N VAL A 481 38.24 67.18 -9.56
CA VAL A 481 37.36 67.21 -8.36
C VAL A 481 36.25 66.17 -8.49
N THR A 482 36.04 65.39 -7.44
CA THR A 482 34.83 64.55 -7.35
C THR A 482 34.45 64.51 -5.87
N ALA A 483 33.17 64.53 -5.59
CA ALA A 483 32.78 64.57 -4.18
C ALA A 483 31.43 63.88 -4.03
N TYR A 484 30.99 63.79 -2.77
CA TYR A 484 29.84 62.92 -2.41
C TYR A 484 29.05 63.62 -1.30
N LYS A 485 27.78 63.91 -1.55
CA LYS A 485 26.89 64.50 -0.52
C LYS A 485 27.58 65.71 0.11
N ALA A 486 28.09 66.60 -0.72
CA ALA A 486 28.89 67.76 -0.26
C ALA A 486 28.84 68.89 -1.27
N ARG A 487 29.27 70.06 -0.87
CA ARG A 487 29.45 71.22 -1.73
C ARG A 487 30.92 71.56 -1.67
N VAL A 488 31.54 71.77 -2.81
CA VAL A 488 32.94 72.27 -2.88
C VAL A 488 32.99 73.65 -3.51
N GLU A 489 33.57 74.63 -2.82
CA GLU A 489 33.66 75.99 -3.40
C GLU A 489 35.11 76.49 -3.45
N PHE A 490 35.51 77.01 -4.61
CA PHE A 490 36.86 77.53 -4.88
C PHE A 490 36.89 79.04 -4.63
N LYS A 491 38.04 79.53 -4.18
CA LYS A 491 38.30 80.96 -3.87
C LYS A 491 39.79 81.18 -3.98
N PRO A 492 40.24 82.42 -4.14
CA PRO A 492 41.67 82.70 -4.09
C PRO A 492 42.28 82.34 -2.75
N SER A 493 43.53 81.89 -2.75
CA SER A 493 44.28 81.49 -1.54
C SER A 493 44.95 82.72 -0.90
N GLN A 494 45.30 83.71 -1.70
CA GLN A 494 46.05 84.94 -1.27
C GLN A 494 45.18 86.15 -1.67
N GLU A 495 45.23 87.28 -0.95
CA GLU A 495 44.48 88.49 -1.41
C GLU A 495 45.01 88.84 -2.81
N LEU A 496 44.15 89.23 -3.75
CA LEU A 496 44.61 89.60 -5.12
C LEU A 496 44.97 91.08 -5.09
N ALA A 497 45.95 91.52 -5.87
CA ALA A 497 46.28 92.96 -5.88
C ALA A 497 45.19 93.67 -6.69
N GLY A 498 44.01 93.86 -6.10
CA GLY A 498 42.88 94.54 -6.76
C GLY A 498 42.25 93.82 -7.96
N LYS A 499 42.73 92.65 -8.38
CA LYS A 499 42.05 91.79 -9.41
C LYS A 499 40.74 91.17 -8.86
N LYS A 500 39.92 90.60 -9.74
CA LYS A 500 38.78 89.77 -9.33
C LYS A 500 39.09 88.32 -9.71
N PHE A 501 38.24 87.38 -9.32
CA PHE A 501 38.41 85.97 -9.71
C PHE A 501 37.05 85.38 -10.11
N MET A 502 37.11 84.33 -10.92
CA MET A 502 35.91 83.52 -11.26
CA MET A 502 35.91 83.53 -11.25
C MET A 502 36.33 82.08 -11.56
N ILE A 503 35.34 81.23 -11.67
CA ILE A 503 35.50 79.94 -12.38
C ILE A 503 35.64 80.26 -13.86
N GLU A 504 36.72 79.80 -14.44
CA GLU A 504 36.94 79.93 -15.90
C GLU A 504 36.09 78.87 -16.61
N ARG A 505 36.17 77.61 -16.18
CA ARG A 505 35.45 76.51 -16.85
C ARG A 505 35.39 75.35 -15.90
N VAL A 506 34.23 74.73 -15.79
CA VAL A 506 34.09 73.40 -15.16
C VAL A 506 33.60 72.40 -16.23
N GLU A 507 34.34 71.30 -16.39
CA GLU A 507 33.94 70.25 -17.35
C GLU A 507 33.69 68.98 -16.58
N GLU A 508 32.60 68.31 -16.91
CA GLU A 508 32.36 66.95 -16.40
C GLU A 508 32.75 65.99 -17.50
N GLY A 509 33.46 64.95 -17.15
CA GLY A 509 33.89 63.98 -18.15
C GLY A 509 34.49 62.73 -17.57
N ARG A 510 35.32 62.11 -18.37
CA ARG A 510 35.92 60.82 -18.03
C ARG A 510 37.26 60.67 -18.76
N PHE A 511 38.06 59.76 -18.23
CA PHE A 511 39.33 59.36 -18.90
C PHE A 511 39.07 58.17 -19.79
N GLU A 512 39.47 58.26 -21.06
CA GLU A 512 39.42 57.12 -22.01
C GLU A 512 40.80 56.97 -22.67
N LYS A 513 41.40 55.79 -22.46
CA LYS A 513 42.79 55.48 -22.89
C LYS A 513 43.72 56.56 -22.32
N GLY A 514 43.53 56.99 -21.07
CA GLY A 514 44.37 58.05 -20.45
C GLY A 514 44.12 59.44 -21.05
N LYS A 515 43.18 59.61 -21.98
CA LYS A 515 42.80 60.95 -22.52
C LYS A 515 41.50 61.41 -21.83
N TRP A 516 41.43 62.70 -21.47
CA TRP A 516 40.19 63.34 -20.96
C TRP A 516 39.17 63.50 -22.10
N VAL A 517 37.92 63.05 -21.86
CA VAL A 517 36.77 63.21 -22.80
C VAL A 517 35.74 64.08 -22.07
N MET A 518 35.36 65.20 -22.68
N MET A 518 35.36 65.22 -22.67
CA MET A 518 34.39 66.12 -22.02
CA MET A 518 34.38 66.13 -22.03
C MET A 518 32.99 65.61 -22.34
C MET A 518 32.98 65.61 -22.34
N GLU A 519 32.10 65.57 -21.34
CA GLU A 519 30.70 65.15 -21.51
C GLU A 519 29.81 66.41 -21.56
N ARG A 520 30.04 67.34 -20.63
CA ARG A 520 29.22 68.57 -20.57
C ARG A 520 29.97 69.64 -19.77
N VAL A 521 29.54 70.88 -19.90
CA VAL A 521 30.03 72.00 -19.07
C VAL A 521 29.06 72.29 -17.95
N TRP A 522 29.57 72.27 -16.72
CA TRP A 522 28.83 72.81 -15.56
C TRP A 522 28.89 74.34 -15.63
N ASN A 523 27.75 74.98 -15.53
CA ASN A 523 27.73 76.46 -15.53
C ASN A 523 26.42 76.91 -14.88
N GLY A 524 26.17 78.22 -14.85
CA GLY A 524 24.89 78.73 -14.32
C GLY A 524 24.60 78.20 -12.92
N ASP A 525 23.41 77.67 -12.72
CA ASP A 525 22.99 77.16 -11.40
C ASP A 525 24.04 76.20 -10.85
N GLN A 526 24.65 75.42 -11.75
CA GLN A 526 25.53 74.31 -11.30
C GLN A 526 26.88 74.80 -10.75
N THR A 527 27.25 76.07 -10.94
CA THR A 527 28.53 76.63 -10.42
C THR A 527 28.32 77.97 -9.70
N ASP A 528 27.07 78.48 -9.58
CA ASP A 528 26.80 79.70 -8.78
C ASP A 528 26.95 79.45 -7.30
N TRP A 529 26.68 78.26 -6.83
CA TRP A 529 26.50 78.01 -5.38
C TRP A 529 27.48 76.89 -4.99
N GLY A 530 28.73 77.05 -5.39
CA GLY A 530 29.72 75.95 -5.29
C GLY A 530 29.45 74.83 -6.27
N LEU A 531 30.16 73.73 -6.07
CA LEU A 531 29.94 72.50 -6.86
C LEU A 531 29.24 71.46 -6.00
N ASN A 532 27.96 71.17 -6.28
CA ASN A 532 27.10 70.38 -5.40
C ASN A 532 26.98 68.95 -5.90
N PHE A 533 27.32 68.01 -5.03
CA PHE A 533 27.35 66.54 -5.34
C PHE A 533 26.33 65.83 -4.45
N THR A 534 25.65 64.85 -5.00
CA THR A 534 24.68 64.00 -4.26
C THR A 534 25.37 62.66 -4.03
N ASP A 535 24.65 61.60 -4.33
CA ASP A 535 25.17 60.22 -4.26
C ASP A 535 25.71 59.75 -5.62
N ARG A 536 25.49 60.49 -6.72
CA ARG A 536 25.90 60.03 -8.08
C ARG A 536 27.31 60.50 -8.40
N PRO A 537 28.07 59.71 -9.20
CA PRO A 537 29.43 60.04 -9.58
C PRO A 537 29.55 61.09 -10.68
N HIS A 538 30.33 62.14 -10.41
CA HIS A 538 30.65 63.20 -11.39
C HIS A 538 32.10 63.59 -11.19
N LEU A 539 32.88 63.41 -12.23
CA LEU A 539 34.29 63.79 -12.24
C LEU A 539 34.49 65.08 -13.02
N LEU A 540 34.98 66.11 -12.32
CA LEU A 540 35.04 67.48 -12.88
C LEU A 540 36.50 67.86 -13.07
N ARG A 541 36.74 68.66 -14.12
CA ARG A 541 37.98 69.45 -14.29
C ARG A 541 37.57 70.91 -14.13
N VAL A 542 38.14 71.55 -13.10
CA VAL A 542 37.80 72.91 -12.66
C VAL A 542 39.02 73.77 -13.00
N LYS A 543 38.79 74.80 -13.81
CA LYS A 543 39.80 75.79 -14.22
C LYS A 543 39.37 77.12 -13.58
N MET A 544 40.22 77.70 -12.70
CA MET A 544 40.01 79.03 -12.04
C MET A 544 40.86 80.09 -12.72
N ALA A 545 40.40 81.33 -12.60
CA ALA A 545 41.09 82.48 -13.21
C ALA A 545 40.93 83.71 -12.32
N SER A 546 42.01 84.46 -12.13
CA SER A 546 41.94 85.84 -11.60
C SER A 546 42.07 86.78 -12.82
N TYR A 547 41.37 87.91 -12.79
CA TYR A 547 41.33 88.81 -13.96
C TYR A 547 41.40 90.26 -13.50
N SER A 548 42.07 91.08 -14.34
CA SER A 548 42.23 92.53 -14.06
C SER A 548 40.92 93.24 -14.33
N VAL A 549 40.63 94.26 -13.54
CA VAL A 549 39.48 95.16 -13.82
C VAL A 549 39.98 96.61 -13.80
N GLN A 550 41.28 96.85 -14.07
CA GLN A 550 41.85 98.24 -13.99
C GLN A 550 41.20 99.17 -15.03
N ALA B 12 7.08 75.88 -45.07
CA ALA B 12 6.18 76.12 -43.90
C ALA B 12 6.30 77.57 -43.41
N PRO B 13 5.18 78.22 -43.04
CA PRO B 13 5.18 79.62 -42.65
C PRO B 13 5.96 79.80 -41.35
N LEU B 14 6.72 80.90 -41.27
CA LEU B 14 7.51 81.21 -40.07
C LEU B 14 6.56 81.30 -38.88
N PRO B 15 7.02 80.84 -37.70
CA PRO B 15 6.31 81.15 -36.46
C PRO B 15 6.28 82.67 -36.30
N GLU B 16 5.23 83.22 -35.71
CA GLU B 16 5.14 84.68 -35.53
C GLU B 16 4.13 85.03 -34.43
N LEU B 17 4.43 86.07 -33.66
CA LEU B 17 3.53 86.51 -32.58
C LEU B 17 2.61 87.56 -33.17
N LEU B 18 1.29 87.30 -33.13
CA LEU B 18 0.23 88.26 -33.53
C LEU B 18 -0.38 88.91 -32.29
N SER B 19 -0.70 90.21 -32.42
CA SER B 19 -1.34 91.03 -31.37
C SER B 19 -2.44 91.87 -32.00
N ASN B 20 -3.68 91.60 -31.62
CA ASN B 20 -4.89 92.30 -32.15
C ASN B 20 -6.06 92.25 -31.14
N ASN B 21 -6.94 93.26 -31.11
CA ASN B 21 -8.14 93.20 -30.23
C ASN B 21 -7.71 93.10 -28.75
N GLY B 22 -6.52 93.64 -28.39
CA GLY B 22 -5.91 93.51 -27.06
C GLY B 22 -5.53 92.06 -26.66
N LYS B 23 -5.56 91.10 -27.60
CA LYS B 23 -5.23 89.66 -27.44
C LYS B 23 -4.03 89.29 -28.32
N HIS B 24 -3.51 88.08 -28.14
CA HIS B 24 -2.23 87.65 -28.78
C HIS B 24 -2.27 86.17 -29.15
N ALA B 25 -1.54 85.79 -30.17
CA ALA B 25 -1.38 84.38 -30.58
C ALA B 25 0.07 84.21 -31.01
N LEU B 26 0.65 83.09 -30.60
CA LEU B 26 1.91 82.54 -31.16
C LEU B 26 1.51 81.62 -32.29
N MET B 27 1.70 82.05 -33.52
CA MET B 27 1.36 81.26 -34.71
C MET B 27 2.52 80.29 -34.95
N VAL B 28 2.21 79.01 -35.07
CA VAL B 28 3.16 77.93 -35.42
C VAL B 28 2.51 77.08 -36.51
N ASP B 29 3.16 77.04 -37.67
CA ASP B 29 2.67 76.31 -38.86
C ASP B 29 1.32 76.90 -39.25
N GLY B 30 1.16 78.23 -39.08
CA GLY B 30 0.04 79.03 -39.62
C GLY B 30 -1.21 79.06 -38.78
N ALA B 31 -1.14 78.67 -37.50
CA ALA B 31 -2.29 78.66 -36.57
C ALA B 31 -1.84 78.90 -35.11
N PRO B 32 -2.72 79.47 -34.24
CA PRO B 32 -2.38 79.68 -32.84
C PRO B 32 -1.80 78.39 -32.22
N TYR B 33 -0.80 78.50 -31.35
CA TYR B 33 -0.19 77.33 -30.67
C TYR B 33 0.05 77.68 -29.21
N ILE B 34 -0.01 76.65 -28.34
CA ILE B 34 0.27 76.84 -26.89
C ILE B 34 1.56 76.09 -26.60
N ILE B 35 2.57 76.75 -26.02
CA ILE B 35 3.76 76.05 -25.45
C ILE B 35 3.35 75.37 -24.15
N LEU B 36 3.22 74.06 -24.19
CA LEU B 36 3.09 73.28 -22.96
C LEU B 36 4.52 72.80 -22.76
N GLY B 37 5.30 73.58 -22.04
CA GLY B 37 6.74 73.54 -22.15
C GLY B 37 7.42 72.78 -21.02
N SER B 38 8.72 72.69 -21.17
N SER B 38 8.72 72.69 -21.17
CA SER B 38 9.65 72.17 -20.15
CA SER B 38 9.65 72.17 -20.16
C SER B 38 11.01 72.79 -20.43
C SER B 38 11.01 72.80 -20.43
N GLN B 39 11.70 73.24 -19.39
CA GLN B 39 13.06 73.75 -19.57
C GLN B 39 14.04 72.83 -18.86
N THR B 40 15.20 72.59 -19.46
CA THR B 40 16.24 71.80 -18.81
C THR B 40 16.90 72.58 -17.69
N ASN B 41 17.75 71.91 -16.94
CA ASN B 41 18.66 72.60 -15.99
C ASN B 41 19.73 73.33 -16.82
N ASN B 42 20.48 74.22 -16.16
CA ASN B 42 21.44 75.13 -16.82
C ASN B 42 22.63 74.43 -17.50
N SER B 43 22.94 73.19 -17.16
CA SER B 43 24.15 72.46 -17.64
C SER B 43 23.78 71.25 -18.53
N SER B 44 22.62 71.27 -19.19
CA SER B 44 22.10 70.15 -20.02
C SER B 44 22.30 70.45 -21.52
N ASN B 45 23.00 71.52 -21.89
CA ASN B 45 23.08 71.99 -23.29
C ASN B 45 24.23 71.28 -24.00
N TYR B 46 24.37 69.96 -23.80
CA TYR B 46 25.44 69.19 -24.46
C TYR B 46 24.86 67.89 -24.99
N PRO B 47 25.38 67.34 -26.11
CA PRO B 47 24.87 66.08 -26.68
C PRO B 47 24.73 64.96 -25.66
N ASP B 48 25.69 64.83 -24.78
CA ASP B 48 25.73 63.72 -23.78
C ASP B 48 24.61 63.89 -22.74
N ALA B 49 24.18 65.13 -22.44
CA ALA B 49 23.12 65.36 -21.42
C ALA B 49 21.72 65.08 -21.96
N LEU B 50 21.50 65.07 -23.27
CA LEU B 50 20.13 64.95 -23.84
C LEU B 50 19.47 63.64 -23.40
N LYS B 51 20.22 62.55 -23.21
CA LYS B 51 19.58 61.27 -22.76
C LYS B 51 18.85 61.48 -21.42
N ASP B 52 19.26 62.48 -20.65
CA ASP B 52 18.75 62.76 -19.27
C ASP B 52 17.62 63.77 -19.39
N VAL B 53 17.35 64.26 -20.60
CA VAL B 53 16.30 65.28 -20.85
C VAL B 53 15.04 64.62 -21.46
N TRP B 54 15.20 63.89 -22.58
CA TRP B 54 14.03 63.37 -23.32
C TRP B 54 13.08 62.52 -22.47
N PRO B 55 13.55 61.60 -21.58
CA PRO B 55 12.60 60.75 -20.82
C PRO B 55 11.61 61.62 -20.04
N SER B 56 12.11 62.69 -19.43
CA SER B 56 11.28 63.63 -18.65
C SER B 56 10.26 64.34 -19.54
N MET B 57 10.69 64.78 -20.71
CA MET B 57 9.77 65.48 -21.65
C MET B 57 8.64 64.51 -22.04
N GLU B 58 8.93 63.22 -22.27
CA GLU B 58 7.91 62.24 -22.64
C GLU B 58 6.97 62.01 -21.48
N LYS B 59 7.48 61.91 -20.25
CA LYS B 59 6.61 61.66 -19.06
C LYS B 59 5.69 62.88 -18.87
N MET B 60 6.21 64.07 -19.15
CA MET B 60 5.47 65.33 -18.91
C MET B 60 4.36 65.50 -19.93
N GLY B 61 4.61 65.03 -21.16
CA GLY B 61 3.69 65.31 -22.25
C GLY B 61 3.88 66.73 -22.77
N ALA B 62 5.09 67.26 -22.62
CA ALA B 62 5.36 68.61 -23.10
C ALA B 62 5.41 68.59 -24.62
N ASN B 63 5.08 69.73 -25.25
CA ASN B 63 5.13 69.81 -26.71
C ASN B 63 6.34 70.64 -27.13
N THR B 64 7.01 71.29 -26.19
CA THR B 64 8.10 72.25 -26.50
C THR B 64 9.19 72.19 -25.44
N LEU B 65 10.45 72.08 -25.85
CA LEU B 65 11.59 72.04 -24.90
C LEU B 65 12.30 73.38 -25.01
N SER B 66 12.57 74.03 -23.86
CA SER B 66 13.44 75.22 -23.73
C SER B 66 14.81 74.71 -23.29
N ILE B 67 15.86 75.10 -23.98
CA ILE B 67 17.24 74.61 -23.62
C ILE B 67 18.27 75.67 -23.98
N PRO B 68 19.37 75.86 -23.19
CA PRO B 68 20.34 76.91 -23.46
C PRO B 68 21.14 76.54 -24.74
N VAL B 69 21.53 77.56 -25.49
CA VAL B 69 22.64 77.46 -26.46
C VAL B 69 23.57 78.57 -26.02
N ALA B 70 24.77 78.24 -25.60
CA ALA B 70 25.68 79.18 -24.94
C ALA B 70 26.65 79.78 -25.93
N TRP B 71 26.93 81.08 -25.79
CA TRP B 71 27.97 81.75 -26.59
C TRP B 71 29.27 80.97 -26.44
N GLU B 72 29.61 80.53 -25.23
CA GLU B 72 30.93 79.87 -24.99
C GLU B 72 31.01 78.56 -25.80
N GLN B 73 29.90 77.90 -26.07
CA GLN B 73 29.97 76.60 -26.77
C GLN B 73 30.00 76.83 -28.28
N ILE B 74 29.33 77.86 -28.77
CA ILE B 74 29.25 78.06 -30.25
C ILE B 74 30.48 78.85 -30.70
N GLU B 75 31.13 79.64 -29.84
CA GLU B 75 32.34 80.40 -30.31
C GLU B 75 33.45 80.31 -29.29
N PRO B 76 34.00 79.10 -29.04
CA PRO B 76 34.90 78.91 -27.91
C PRO B 76 36.22 79.69 -28.06
N VAL B 77 36.62 79.86 -29.32
CA VAL B 77 37.76 80.71 -29.77
C VAL B 77 37.19 81.72 -30.78
N GLU B 78 37.63 82.97 -30.73
CA GLU B 78 36.97 84.03 -31.53
C GLU B 78 37.02 83.68 -33.03
N GLY B 79 35.87 83.72 -33.72
CA GLY B 79 35.65 83.42 -35.15
C GLY B 79 35.70 81.94 -35.51
N GLN B 80 35.84 81.02 -34.54
CA GLN B 80 35.82 79.56 -34.84
C GLN B 80 34.51 78.99 -34.30
N PHE B 81 33.48 78.85 -35.15
CA PHE B 81 32.12 78.48 -34.70
C PHE B 81 31.97 76.95 -34.68
N ASP B 82 31.17 76.50 -33.74
CA ASP B 82 30.89 75.07 -33.46
C ASP B 82 29.40 74.93 -33.16
N PHE B 83 28.62 74.40 -34.12
CA PHE B 83 27.16 74.16 -33.98
C PHE B 83 26.88 72.66 -33.78
N SER B 84 27.86 71.89 -33.35
CA SER B 84 27.72 70.41 -33.21
C SER B 84 26.56 70.10 -32.26
N PHE B 85 26.45 70.88 -31.18
CA PHE B 85 25.35 70.66 -30.23
C PHE B 85 23.98 70.91 -30.90
N VAL B 86 23.87 72.00 -31.65
CA VAL B 86 22.58 72.38 -32.29
C VAL B 86 22.16 71.31 -33.29
N ASP B 87 23.15 70.80 -34.00
CA ASP B 87 22.87 69.71 -34.98
C ASP B 87 22.16 68.55 -34.29
N VAL B 88 22.71 68.07 -33.18
CA VAL B 88 22.20 66.87 -32.46
C VAL B 88 20.83 67.24 -31.89
N LEU B 89 20.73 68.44 -31.29
CA LEU B 89 19.50 68.82 -30.57
C LEU B 89 18.36 68.83 -31.62
N LEU B 90 18.57 69.51 -32.75
CA LEU B 90 17.53 69.56 -33.81
C LEU B 90 17.10 68.14 -34.20
N LYS B 91 18.04 67.29 -34.50
CA LYS B 91 17.74 65.92 -34.98
C LYS B 91 16.94 65.21 -33.90
N GLU B 92 17.40 65.25 -32.65
CA GLU B 92 16.73 64.48 -31.59
C GLU B 92 15.34 65.05 -31.31
N ALA B 93 15.18 66.38 -31.32
CA ALA B 93 13.86 67.00 -31.12
C ALA B 93 12.87 66.51 -32.18
N ARG B 94 13.31 66.49 -33.42
CA ARG B 94 12.47 66.11 -34.55
C ARG B 94 12.08 64.64 -34.44
N GLN B 95 12.99 63.79 -33.99
CA GLN B 95 12.69 62.35 -33.73
C GLN B 95 11.54 62.21 -32.74
N ARG B 96 11.47 63.09 -31.75
CA ARG B 96 10.45 62.97 -30.67
C ARG B 96 9.23 63.84 -30.92
N LYS B 97 9.14 64.45 -32.09
CA LYS B 97 8.02 65.30 -32.57
C LYS B 97 7.76 66.37 -31.49
N VAL B 98 8.84 67.05 -31.04
CA VAL B 98 8.70 68.24 -30.15
C VAL B 98 9.34 69.45 -30.80
N ARG B 99 8.88 70.64 -30.39
CA ARG B 99 9.43 71.91 -30.87
C ARG B 99 10.42 72.46 -29.82
N LEU B 100 11.17 73.49 -30.18
CA LEU B 100 12.29 73.98 -29.35
C LEU B 100 12.19 75.49 -29.20
N VAL B 101 12.54 75.93 -27.98
CA VAL B 101 12.83 77.36 -27.70
C VAL B 101 14.30 77.42 -27.28
N LEU B 102 15.15 78.09 -28.05
CA LEU B 102 16.60 78.18 -27.78
C LEU B 102 16.85 79.38 -26.88
N LEU B 103 17.61 79.23 -25.82
CA LEU B 103 17.88 80.29 -24.82
C LEU B 103 19.31 80.73 -25.11
N TRP B 104 19.46 81.95 -25.66
CA TRP B 104 20.81 82.48 -25.95
C TRP B 104 21.42 82.97 -24.63
N PHE B 105 22.39 82.19 -24.13
CA PHE B 105 23.13 82.53 -22.89
C PHE B 105 24.42 83.22 -23.30
N ALA B 106 24.47 84.55 -23.17
CA ALA B 106 25.53 85.34 -23.84
C ALA B 106 26.00 86.43 -22.89
N THR B 107 25.83 87.67 -23.28
CA THR B 107 26.27 88.82 -22.45
C THR B 107 25.78 88.68 -21.01
N TRP B 108 24.49 88.39 -20.80
CA TRP B 108 23.91 88.18 -19.45
C TRP B 108 23.33 86.79 -19.36
N LYS B 109 23.63 86.12 -18.25
CA LYS B 109 22.90 84.95 -17.76
C LYS B 109 22.80 85.21 -16.25
N ASN B 110 21.60 85.50 -15.76
CA ASN B 110 21.39 85.82 -14.35
C ASN B 110 22.35 86.97 -13.98
N ASN B 111 22.37 88.03 -14.82
CA ASN B 111 23.15 89.28 -14.59
C ASN B 111 24.63 89.12 -14.98
N ALA B 112 25.16 87.89 -15.22
CA ALA B 112 26.62 87.66 -15.34
C ALA B 112 27.08 87.12 -16.70
N PRO B 113 28.39 87.28 -17.02
CA PRO B 113 29.00 86.81 -18.27
C PRO B 113 29.56 85.39 -18.27
N HIS B 114 29.07 84.56 -17.37
CA HIS B 114 29.59 83.19 -17.12
C HIS B 114 29.52 82.33 -18.39
N TYR B 115 28.54 82.53 -19.26
CA TYR B 115 28.37 81.70 -20.47
C TYR B 115 28.96 82.37 -21.69
N ALA B 116 29.56 83.54 -21.51
CA ALA B 116 30.36 84.16 -22.56
C ALA B 116 31.66 83.37 -22.69
N PRO B 117 32.30 83.31 -23.87
CA PRO B 117 33.57 82.60 -24.05
C PRO B 117 34.67 83.19 -23.11
N ALA B 118 35.75 82.46 -22.81
CA ALA B 118 36.85 82.91 -21.95
C ALA B 118 37.44 84.22 -22.52
N TRP B 119 37.63 84.26 -23.84
CA TRP B 119 38.23 85.44 -24.52
C TRP B 119 37.33 86.67 -24.35
N VAL B 120 36.08 86.51 -23.92
CA VAL B 120 35.17 87.64 -23.57
C VAL B 120 35.24 87.89 -22.05
N LYS B 121 34.83 86.92 -21.23
CA LYS B 121 34.59 87.20 -19.78
C LYS B 121 35.90 87.46 -19.04
N LEU B 122 37.04 87.09 -19.61
CA LEU B 122 38.34 87.32 -18.95
C LEU B 122 39.04 88.56 -19.50
N ASP B 123 38.45 89.29 -20.45
CA ASP B 123 39.03 90.54 -20.99
C ASP B 123 38.14 91.75 -20.66
N ASN B 124 38.31 92.29 -19.46
CA ASN B 124 37.55 93.46 -18.95
C ASN B 124 37.86 94.72 -19.80
N ALA B 125 39.09 94.88 -20.28
CA ALA B 125 39.48 96.11 -20.99
C ALA B 125 38.67 96.19 -22.29
N ARG B 126 38.55 95.08 -22.99
CA ARG B 126 37.79 94.97 -24.25
C ARG B 126 36.28 94.91 -23.98
N PHE B 127 35.84 94.18 -22.96
CA PHE B 127 34.42 93.92 -22.62
C PHE B 127 34.16 94.33 -21.17
N PRO B 128 33.84 95.62 -20.91
CA PRO B 128 33.87 96.18 -19.57
C PRO B 128 32.67 95.83 -18.66
N ARG B 129 32.98 95.60 -17.38
CA ARG B 129 31.98 95.43 -16.31
C ARG B 129 31.36 96.74 -15.81
N VAL B 130 30.15 96.60 -15.27
CA VAL B 130 29.54 97.64 -14.42
C VAL B 130 30.53 98.03 -13.33
N VAL B 131 30.69 99.35 -13.16
CA VAL B 131 31.41 99.97 -12.01
C VAL B 131 30.41 100.57 -11.03
N LYS B 132 30.59 100.32 -9.75
CA LYS B 132 29.67 100.80 -8.69
C LYS B 132 29.98 102.30 -8.43
N GLU B 133 29.15 103.02 -7.69
CA GLU B 133 29.41 104.45 -7.35
C GLU B 133 30.74 104.59 -6.60
N ASP B 134 31.11 103.59 -5.78
CA ASP B 134 32.30 103.52 -4.89
C ASP B 134 33.57 103.05 -5.64
N GLY B 135 33.47 102.79 -6.95
CA GLY B 135 34.62 102.50 -7.82
C GLY B 135 34.94 101.00 -7.89
N ASP B 136 34.32 100.16 -7.05
CA ASP B 136 34.47 98.67 -7.10
C ASP B 136 33.70 98.15 -8.32
N THR B 137 34.12 96.99 -8.84
CA THR B 137 33.59 96.43 -10.10
C THR B 137 32.73 95.22 -9.79
N LEU B 138 31.60 95.13 -10.46
CA LEU B 138 30.69 93.95 -10.31
C LEU B 138 30.86 93.03 -11.52
N ASN B 139 30.67 91.72 -11.34
CA ASN B 139 30.72 90.76 -12.47
C ASN B 139 29.43 90.82 -13.27
N SER B 140 29.17 91.94 -13.92
CA SER B 140 27.97 92.11 -14.78
C SER B 140 28.40 93.00 -15.92
N LEU B 141 28.27 92.58 -17.18
CA LEU B 141 28.85 93.38 -18.28
C LEU B 141 28.00 94.63 -18.50
N SER B 142 28.68 95.75 -18.68
CA SER B 142 27.96 97.03 -18.88
C SER B 142 27.28 97.01 -20.24
N PRO B 143 26.02 97.48 -20.37
CA PRO B 143 25.35 97.57 -21.66
C PRO B 143 25.93 98.67 -22.56
N LEU B 144 26.81 99.52 -22.04
CA LEU B 144 27.42 100.59 -22.84
C LEU B 144 28.73 100.10 -23.44
N GLY B 145 29.17 98.87 -23.19
CA GLY B 145 30.36 98.35 -23.88
C GLY B 145 30.09 98.03 -25.33
N GLN B 146 30.55 98.85 -26.25
CA GLN B 146 30.24 98.66 -27.69
C GLN B 146 30.93 97.43 -28.23
N ASN B 147 32.10 97.05 -27.70
CA ASN B 147 32.78 95.85 -28.25
C ASN B 147 31.98 94.62 -27.86
N THR B 148 31.40 94.61 -26.66
CA THR B 148 30.58 93.47 -26.20
C THR B 148 29.35 93.32 -27.11
N LEU B 149 28.67 94.44 -27.41
CA LEU B 149 27.44 94.38 -28.21
C LEU B 149 27.81 93.82 -29.58
N ALA B 150 28.87 94.29 -30.21
CA ALA B 150 29.26 93.85 -31.55
C ALA B 150 29.55 92.34 -31.58
N ALA B 151 30.19 91.85 -30.54
CA ALA B 151 30.64 90.45 -30.53
C ALA B 151 29.47 89.51 -30.23
N ASP B 152 28.60 89.90 -29.29
CA ASP B 152 27.38 89.14 -28.96
C ASP B 152 26.60 89.04 -30.28
N LYS B 153 26.31 90.17 -30.88
CA LYS B 153 25.59 90.29 -32.18
C LYS B 153 26.21 89.36 -33.23
N LYS B 154 27.52 89.43 -33.43
CA LYS B 154 28.16 88.60 -34.48
C LYS B 154 27.88 87.11 -34.23
N ALA B 155 27.99 86.64 -32.98
CA ALA B 155 27.81 85.20 -32.68
C ALA B 155 26.32 84.90 -32.80
N PHE B 156 25.45 85.78 -32.33
CA PHE B 156 24.00 85.53 -32.43
C PHE B 156 23.62 85.40 -33.92
N VAL B 157 24.16 86.25 -34.77
CA VAL B 157 23.88 86.16 -36.22
C VAL B 157 24.33 84.78 -36.77
N GLU B 158 25.48 84.24 -36.31
CA GLU B 158 25.93 82.93 -36.82
C GLU B 158 24.95 81.85 -36.42
N LEU B 159 24.47 81.91 -35.17
CA LEU B 159 23.47 80.91 -34.72
C LEU B 159 22.23 81.00 -35.61
N MET B 160 21.73 82.21 -35.90
CA MET B 160 20.48 82.38 -36.71
C MET B 160 20.76 81.92 -38.16
N LYS B 161 21.97 82.11 -38.64
CA LYS B 161 22.41 81.61 -39.98
C LYS B 161 22.33 80.08 -39.98
N TYR B 162 22.80 79.44 -38.92
CA TYR B 162 22.70 77.97 -38.78
C TYR B 162 21.24 77.52 -38.88
N LEU B 163 20.31 78.19 -38.18
CA LEU B 163 18.87 77.82 -38.21
C LEU B 163 18.27 78.11 -39.60
N ALA B 164 18.66 79.23 -40.24
CA ALA B 164 18.25 79.55 -41.63
C ALA B 164 18.63 78.39 -42.56
N LYS B 165 19.83 77.85 -42.41
CA LYS B 165 20.37 76.82 -43.34
C LYS B 165 19.87 75.43 -42.95
N ARG B 166 19.67 75.13 -41.66
CA ARG B 166 19.45 73.74 -41.23
C ARG B 166 18.11 73.50 -40.55
N ASP B 167 17.20 74.50 -40.53
CA ASP B 167 15.93 74.31 -39.76
C ASP B 167 14.75 74.87 -40.54
N LYS B 168 14.56 74.41 -41.78
CA LYS B 168 13.58 74.98 -42.72
C LYS B 168 12.14 74.71 -42.34
N ASP B 169 11.87 73.71 -41.49
CA ASP B 169 10.50 73.39 -40.99
C ASP B 169 10.33 74.04 -39.62
N HIS B 170 11.29 74.84 -39.19
CA HIS B 170 11.18 75.65 -37.94
C HIS B 170 10.93 74.77 -36.71
N THR B 171 11.77 73.76 -36.49
CA THR B 171 11.76 72.99 -35.24
C THR B 171 11.90 73.98 -34.08
N VAL B 172 12.80 74.95 -34.22
CA VAL B 172 12.93 76.07 -33.26
C VAL B 172 11.84 77.08 -33.61
N ILE B 173 10.91 77.34 -32.67
CA ILE B 173 9.78 78.26 -32.89
C ILE B 173 10.03 79.67 -32.31
N MET B 174 11.01 79.81 -31.44
CA MET B 174 11.21 81.10 -30.75
C MET B 174 12.60 81.07 -30.12
N VAL B 175 13.19 82.25 -29.87
CA VAL B 175 14.55 82.37 -29.28
C VAL B 175 14.46 83.37 -28.14
N GLN B 176 15.04 83.01 -27.00
CA GLN B 176 15.15 83.95 -25.87
C GLN B 176 16.50 84.64 -26.03
N VAL B 177 16.54 85.96 -26.05
CA VAL B 177 17.76 86.76 -26.25
C VAL B 177 18.28 87.13 -24.85
N GLN B 178 19.34 86.47 -24.45
CA GLN B 178 19.97 86.59 -23.13
C GLN B 178 19.16 85.79 -22.14
N ASN B 179 19.59 85.82 -20.88
CA ASN B 179 18.84 85.11 -19.83
C ASN B 179 18.87 85.99 -18.57
N GLU B 180 17.71 86.54 -18.16
CA GLU B 180 17.63 87.34 -16.89
C GLU B 180 18.74 88.42 -16.88
N VAL B 181 18.58 89.38 -17.78
CA VAL B 181 19.53 90.53 -17.86
C VAL B 181 19.40 91.39 -16.60
N GLY B 182 20.41 92.24 -16.43
CA GLY B 182 20.38 93.23 -15.34
C GLY B 182 21.64 93.12 -14.49
N THR B 183 21.63 93.77 -13.34
CA THR B 183 22.76 93.82 -12.37
C THR B 183 22.22 93.65 -10.96
N TYR B 184 22.82 92.72 -10.24
CA TYR B 184 22.69 92.70 -8.78
C TYR B 184 23.82 93.49 -8.14
N GLY B 185 23.48 94.20 -7.09
CA GLY B 185 24.46 94.93 -6.25
C GLY B 185 24.80 96.35 -6.65
N ALA B 186 24.21 96.87 -7.72
CA ALA B 186 24.25 98.28 -8.13
C ALA B 186 23.02 98.53 -9.00
N VAL B 187 22.60 99.78 -9.12
CA VAL B 187 21.41 100.17 -9.91
C VAL B 187 21.79 100.30 -11.39
N ARG B 188 23.03 100.73 -11.69
CA ARG B 188 23.47 100.93 -13.09
C ARG B 188 24.99 100.91 -13.14
N ASP B 189 25.55 101.04 -14.35
CA ASP B 189 27.00 101.32 -14.51
C ASP B 189 27.27 102.79 -14.15
N TYR B 190 28.25 103.04 -13.29
CA TYR B 190 28.67 104.41 -12.87
C TYR B 190 30.08 104.72 -13.37
N SER B 191 30.62 103.87 -14.26
CA SER B 191 31.94 104.13 -14.89
C SER B 191 31.93 105.52 -15.52
N PRO B 192 33.13 106.10 -15.78
CA PRO B 192 33.19 107.30 -16.61
C PRO B 192 32.42 107.17 -17.93
N MET B 193 32.62 106.05 -18.62
CA MET B 193 31.95 105.79 -19.92
C MET B 193 30.43 105.91 -19.74
N ALA B 194 29.87 105.28 -18.71
CA ALA B 194 28.41 105.33 -18.49
C ALA B 194 27.98 106.73 -18.04
N GLN B 195 28.82 107.39 -17.25
CA GLN B 195 28.46 108.68 -16.63
C GLN B 195 28.28 109.69 -17.76
N ALA B 196 29.14 109.63 -18.78
CA ALA B 196 29.12 110.55 -19.94
C ALA B 196 27.78 110.47 -20.69
N VAL B 197 27.23 109.27 -20.80
CA VAL B 197 25.90 109.06 -21.44
C VAL B 197 24.80 109.53 -20.49
N PHE B 198 24.89 109.19 -19.18
CA PHE B 198 23.87 109.58 -18.18
C PHE B 198 23.79 111.11 -18.05
N ASN B 199 24.93 111.79 -18.18
CA ASN B 199 25.05 113.27 -17.99
C ASN B 199 24.44 113.99 -19.19
N ALA B 200 24.29 113.30 -20.33
CA ALA B 200 23.82 113.86 -21.61
C ALA B 200 22.31 113.72 -21.70
N ALA B 201 21.70 114.32 -22.73
CA ALA B 201 20.24 114.36 -22.93
C ALA B 201 19.72 112.95 -23.07
N VAL B 202 18.50 112.71 -22.60
CA VAL B 202 17.72 111.49 -22.91
C VAL B 202 17.44 111.51 -24.41
N PRO B 203 17.71 110.39 -25.15
CA PRO B 203 17.42 110.32 -26.59
C PRO B 203 15.99 110.76 -26.92
N ASP B 204 15.83 111.59 -27.95
CA ASP B 204 14.53 112.11 -28.44
C ASP B 204 13.52 110.97 -28.52
N ASP B 205 13.90 109.82 -29.03
CA ASP B 205 12.95 108.69 -29.30
C ASP B 205 12.26 108.28 -27.99
N LEU B 206 13.00 108.12 -26.90
CA LEU B 206 12.39 107.83 -25.58
C LEU B 206 11.49 108.99 -25.13
N ILE B 207 11.94 110.23 -25.21
CA ILE B 207 11.15 111.42 -24.76
C ILE B 207 9.84 111.42 -25.56
N GLN B 208 9.90 111.21 -26.89
CA GLN B 208 8.69 111.18 -27.77
C GLN B 208 7.77 110.01 -27.41
N LYS B 209 8.34 108.88 -27.07
CA LYS B 209 7.50 107.70 -26.76
C LYS B 209 6.86 107.82 -25.37
N LEU B 210 7.54 108.40 -24.37
CA LEU B 210 7.01 108.49 -22.98
C LEU B 210 6.23 109.81 -22.82
N GLN B 211 6.20 110.64 -23.86
CA GLN B 211 5.42 111.92 -23.87
C GLN B 211 5.90 112.80 -22.71
N LEU B 212 7.22 112.99 -22.59
CA LEU B 212 7.86 113.76 -21.49
C LEU B 212 8.58 114.99 -22.08
N LYS B 213 9.14 115.84 -21.23
CA LYS B 213 9.85 117.07 -21.67
C LYS B 213 11.32 116.71 -21.85
N PRO B 214 12.06 117.41 -22.76
CA PRO B 214 13.46 117.10 -23.00
C PRO B 214 14.32 117.40 -21.76
N GLY B 215 15.45 116.73 -21.63
CA GLY B 215 16.46 117.02 -20.58
C GLY B 215 17.44 115.88 -20.42
N THR B 216 18.34 115.93 -19.45
CA THR B 216 19.29 114.83 -19.17
C THR B 216 18.53 113.80 -18.33
N TRP B 217 19.10 112.62 -18.16
CA TRP B 217 18.46 111.53 -17.41
C TRP B 217 18.02 112.01 -16.03
N SER B 218 18.87 112.77 -15.34
CA SER B 218 18.57 113.23 -13.96
C SER B 218 17.41 114.23 -14.02
N GLN B 219 17.41 115.10 -15.02
CA GLN B 219 16.35 116.15 -15.11
C GLN B 219 15.01 115.46 -15.38
N VAL B 220 14.94 114.47 -16.26
CA VAL B 220 13.58 114.02 -16.67
C VAL B 220 13.09 112.92 -15.73
N PHE B 221 13.97 112.08 -15.14
CA PHE B 221 13.50 110.92 -14.36
C PHE B 221 13.71 111.04 -12.86
N GLY B 222 14.47 112.05 -12.41
CA GLY B 222 14.69 112.30 -10.97
C GLY B 222 15.14 111.06 -10.26
N ARG B 223 14.39 110.62 -9.25
CA ARG B 223 14.83 109.52 -8.35
C ARG B 223 14.92 108.19 -9.15
N ASP B 224 14.25 108.07 -10.30
CA ASP B 224 14.27 106.81 -11.09
C ASP B 224 15.35 106.85 -12.18
N ALA B 225 16.12 107.93 -12.30
CA ALA B 225 17.05 108.10 -13.43
C ALA B 225 18.06 106.93 -13.49
N ASP B 226 18.64 106.53 -12.37
CA ASP B 226 19.68 105.46 -12.35
C ASP B 226 19.08 104.16 -12.93
N GLU B 227 17.95 103.73 -12.41
CA GLU B 227 17.30 102.46 -12.77
C GLU B 227 16.75 102.54 -14.20
N PHE B 228 16.13 103.65 -14.56
CA PHE B 228 15.56 103.78 -15.92
C PHE B 228 16.70 103.78 -16.92
N PHE B 229 17.78 104.45 -16.56
CA PHE B 229 18.99 104.51 -17.42
C PHE B 229 19.50 103.09 -17.70
N HIS B 230 19.58 102.26 -16.66
CA HIS B 230 20.13 100.89 -16.85
C HIS B 230 19.15 100.12 -17.74
N ALA B 231 17.87 100.15 -17.41
CA ALA B 231 16.83 99.45 -18.20
C ALA B 231 16.96 99.86 -19.66
N TYR B 232 16.98 101.18 -19.90
CA TYR B 232 16.99 101.65 -21.30
C TYR B 232 18.22 101.13 -22.03
N GLN B 233 19.39 101.16 -21.40
CA GLN B 233 20.64 100.78 -22.11
C GLN B 233 20.63 99.28 -22.34
N ILE B 234 20.15 98.49 -21.37
CA ILE B 234 20.05 97.03 -21.61
C ILE B 234 19.01 96.75 -22.69
N ALA B 235 17.89 97.40 -22.68
CA ALA B 235 16.86 97.10 -23.69
C ALA B 235 17.43 97.42 -25.06
N ARG B 236 18.16 98.53 -25.18
CA ARG B 236 18.71 98.91 -26.51
C ARG B 236 19.65 97.82 -26.97
N TYR B 237 20.48 97.34 -26.07
CA TYR B 237 21.49 96.28 -26.36
C TYR B 237 20.72 95.04 -26.83
N CYS B 238 19.70 94.64 -26.08
CA CYS B 238 18.94 93.43 -26.46
C CYS B 238 18.20 93.66 -27.77
N ASP B 239 17.67 94.84 -28.01
CA ASP B 239 16.94 95.10 -29.27
C ASP B 239 17.90 95.01 -30.47
N GLU B 240 19.13 95.45 -30.32
CA GLU B 240 20.05 95.49 -31.47
C GLU B 240 20.43 94.04 -31.79
N VAL B 241 20.68 93.22 -30.78
CA VAL B 241 20.93 91.77 -30.97
C VAL B 241 19.76 91.14 -31.70
N THR B 242 18.56 91.44 -31.23
CA THR B 242 17.34 90.84 -31.76
C THR B 242 17.20 91.22 -33.25
N VAL B 243 17.37 92.50 -33.59
CA VAL B 243 17.21 92.95 -34.99
C VAL B 243 18.19 92.21 -35.89
N ALA B 244 19.42 92.09 -35.45
CA ALA B 244 20.49 91.49 -36.27
C ALA B 244 20.11 90.02 -36.49
N GLY B 245 19.69 89.29 -35.46
CA GLY B 245 19.37 87.87 -35.67
C GLY B 245 18.12 87.78 -36.55
N LYS B 246 17.12 88.64 -36.32
CA LYS B 246 15.84 88.59 -37.07
C LYS B 246 16.10 88.82 -38.57
N ALA B 247 17.08 89.63 -38.90
CA ALA B 247 17.39 89.92 -40.31
C ALA B 247 17.86 88.65 -41.03
N ILE B 248 18.44 87.68 -40.31
CA ILE B 248 18.81 86.33 -40.85
C ILE B 248 17.56 85.47 -40.95
N LYS B 249 16.87 85.29 -39.84
CA LYS B 249 15.63 84.50 -39.81
C LYS B 249 14.67 85.14 -38.82
N ASN B 250 13.51 85.60 -39.30
CA ASN B 250 12.62 86.44 -38.47
C ASN B 250 11.78 85.56 -37.53
N LEU B 251 12.38 84.79 -36.60
CA LEU B 251 11.59 84.09 -35.55
C LEU B 251 11.16 85.05 -34.46
N PRO B 252 10.08 84.74 -33.74
CA PRO B 252 9.71 85.44 -32.53
C PRO B 252 10.85 85.35 -31.53
N MET B 253 11.16 86.46 -30.86
CA MET B 253 12.23 86.47 -29.83
C MET B 253 11.73 87.22 -28.60
N TYR B 254 12.25 86.87 -27.43
CA TYR B 254 11.75 87.50 -26.20
C TYR B 254 12.85 87.56 -25.16
N VAL B 255 12.55 88.28 -24.08
CA VAL B 255 13.44 88.34 -22.89
C VAL B 255 12.68 87.79 -21.69
N ASN B 256 13.41 87.20 -20.74
CA ASN B 256 12.82 86.59 -19.53
C ASN B 256 13.26 87.41 -18.29
N VAL B 257 12.36 87.67 -17.38
CA VAL B 257 12.64 88.66 -16.30
C VAL B 257 12.91 87.98 -14.96
N ALA B 258 14.01 88.35 -14.32
CA ALA B 258 14.29 88.03 -12.92
C ALA B 258 13.40 88.94 -12.10
N LEU B 259 12.22 88.45 -11.70
CA LEU B 259 11.11 89.31 -11.20
C LEU B 259 11.47 89.97 -9.87
N ARG B 260 11.02 91.20 -9.71
CA ARG B 260 11.00 91.80 -8.35
C ARG B 260 9.61 91.46 -7.77
N ASN B 261 9.49 91.36 -6.43
CA ASN B 261 8.18 91.10 -5.79
C ASN B 261 7.25 92.25 -6.15
N PRO B 262 6.06 92.07 -6.73
CA PRO B 262 5.26 93.20 -7.20
C PRO B 262 4.61 94.02 -6.07
N PHE B 263 4.58 93.44 -4.89
CA PHE B 263 3.95 94.05 -3.68
C PHE B 263 5.00 94.74 -2.78
N ASN B 264 6.20 94.20 -2.69
CA ASN B 264 7.25 94.66 -1.76
C ASN B 264 8.59 94.36 -2.43
N PRO B 265 8.94 95.06 -3.53
CA PRO B 265 10.13 94.74 -4.33
C PRO B 265 11.47 94.91 -3.65
N GLY B 266 11.61 95.82 -2.70
CA GLY B 266 12.95 96.19 -2.28
C GLY B 266 13.58 97.11 -3.31
N LEU B 267 14.89 97.24 -3.29
CA LEU B 267 15.58 98.31 -4.08
C LEU B 267 16.21 97.68 -5.31
N PRO B 268 16.37 98.41 -6.45
CA PRO B 268 17.07 97.87 -7.61
C PRO B 268 18.55 97.59 -7.21
N GLY B 269 19.07 96.44 -7.57
CA GLY B 269 20.38 95.99 -7.07
C GLY B 269 20.16 94.89 -6.09
N GLN B 270 19.06 94.99 -5.33
CA GLN B 270 18.63 93.86 -4.48
C GLN B 270 17.94 92.88 -5.42
N TYR B 271 16.97 93.37 -6.16
CA TYR B 271 16.50 92.66 -7.38
C TYR B 271 17.41 93.03 -8.53
N SER B 272 17.29 92.31 -9.63
CA SER B 272 18.17 92.49 -10.82
C SER B 272 17.81 93.81 -11.51
N SER B 273 18.53 94.89 -11.22
CA SER B 273 18.23 96.20 -11.83
C SER B 273 18.36 96.18 -13.36
N GLY B 274 17.40 96.76 -14.08
CA GLY B 274 17.54 97.03 -15.52
C GLY B 274 16.87 95.97 -16.37
N GLY B 275 16.58 94.84 -15.78
CA GLY B 275 15.68 93.88 -16.41
C GLY B 275 14.26 94.39 -16.54
N GLY B 276 13.40 93.68 -17.24
CA GLY B 276 12.01 94.08 -17.50
C GLY B 276 11.11 93.94 -16.28
N THR B 277 11.52 94.50 -15.16
CA THR B 277 10.62 94.50 -13.98
C THR B 277 9.39 95.40 -14.20
N ASP B 278 8.39 95.22 -13.34
CA ASP B 278 7.04 95.80 -13.60
C ASP B 278 7.12 97.31 -13.74
N ASN B 279 8.05 97.94 -13.04
CA ASN B 279 8.14 99.41 -12.98
C ASN B 279 8.92 99.98 -14.17
N VAL B 280 9.48 99.12 -15.04
CA VAL B 280 10.23 99.62 -16.23
C VAL B 280 9.67 99.00 -17.52
N LEU B 281 8.49 98.42 -17.46
CA LEU B 281 7.92 97.80 -18.69
C LEU B 281 7.79 98.91 -19.74
N HIS B 282 7.39 100.13 -19.34
CA HIS B 282 7.21 101.25 -20.30
C HIS B 282 8.55 101.61 -20.95
N ILE B 283 9.62 101.55 -20.20
CA ILE B 283 10.97 101.84 -20.75
C ILE B 283 11.29 100.74 -21.76
N TRP B 284 11.21 99.49 -21.34
CA TRP B 284 11.52 98.38 -22.27
C TRP B 284 10.65 98.46 -23.55
N LYS B 285 9.34 98.67 -23.42
CA LYS B 285 8.48 98.70 -24.66
C LYS B 285 8.87 99.85 -25.59
N ALA B 286 9.25 100.96 -25.05
CA ALA B 286 9.70 102.14 -25.82
C ALA B 286 11.04 101.81 -26.46
N ALA B 287 11.97 101.29 -25.68
CA ALA B 287 13.40 101.17 -26.05
C ALA B 287 13.62 99.95 -26.96
N ALA B 288 12.77 98.91 -26.90
CA ALA B 288 13.04 97.64 -27.61
C ALA B 288 11.84 97.19 -28.44
N PRO B 289 11.46 97.94 -29.50
CA PRO B 289 10.25 97.64 -30.26
C PRO B 289 10.29 96.32 -31.06
N ASN B 290 11.49 95.70 -31.21
CA ASN B 290 11.73 94.51 -32.06
C ASN B 290 11.63 93.27 -31.19
N ILE B 291 11.67 93.43 -29.86
CA ILE B 291 11.54 92.28 -28.94
C ILE B 291 10.03 91.96 -28.83
N ASP B 292 9.63 90.70 -29.08
CA ASP B 292 8.18 90.44 -29.25
C ASP B 292 7.44 90.48 -27.90
N LEU B 293 8.01 89.92 -26.82
CA LEU B 293 7.34 89.97 -25.50
C LEU B 293 8.36 89.92 -24.38
N ILE B 294 7.92 90.34 -23.20
CA ILE B 294 8.67 90.30 -21.92
C ILE B 294 8.03 89.25 -21.01
N ALA B 295 8.79 88.19 -20.71
CA ALA B 295 8.24 87.00 -20.02
C ALA B 295 8.68 86.95 -18.56
N PRO B 296 7.74 86.72 -17.60
CA PRO B 296 8.04 86.57 -16.16
C PRO B 296 8.58 85.17 -15.86
N ASP B 297 9.59 85.10 -15.02
CA ASP B 297 10.17 83.84 -14.47
C ASP B 297 9.58 83.74 -13.07
N ILE B 298 8.61 82.85 -12.85
CA ILE B 298 7.79 82.85 -11.60
C ILE B 298 8.25 81.78 -10.60
N TYR B 299 8.79 82.20 -9.45
CA TYR B 299 9.13 81.28 -8.34
C TYR B 299 8.44 81.72 -7.05
N PHE B 300 7.54 82.72 -7.07
CA PHE B 300 6.70 83.01 -5.89
C PHE B 300 5.75 81.82 -5.79
N ARG B 301 5.53 81.23 -4.63
CA ARG B 301 4.67 80.02 -4.53
C ARG B 301 3.22 80.44 -4.23
N ASP B 302 3.06 81.58 -3.55
CA ASP B 302 1.75 82.00 -3.00
C ASP B 302 0.87 82.59 -4.09
N TYR B 303 -0.37 82.17 -4.06
CA TYR B 303 -1.35 82.47 -5.11
C TYR B 303 -1.50 83.98 -5.31
N LYS B 304 -1.58 84.77 -4.25
CA LYS B 304 -1.82 86.22 -4.51
C LYS B 304 -0.67 86.84 -5.32
N THR B 305 0.56 86.54 -4.95
CA THR B 305 1.74 87.16 -5.60
C THR B 305 1.86 86.65 -7.05
N VAL B 306 1.65 85.37 -7.24
CA VAL B 306 1.67 84.79 -8.63
C VAL B 306 0.58 85.49 -9.43
N SER B 307 -0.63 85.59 -8.88
CA SER B 307 -1.76 86.19 -9.59
C SER B 307 -1.40 87.62 -10.02
N LYS B 308 -0.76 88.38 -9.13
CA LYS B 308 -0.40 89.79 -9.41
C LYS B 308 0.62 89.83 -10.54
N VAL B 309 1.54 88.85 -10.55
CA VAL B 309 2.55 88.81 -11.63
C VAL B 309 1.83 88.53 -12.95
N LEU B 310 0.92 87.57 -12.96
CA LEU B 310 0.23 87.27 -14.26
C LEU B 310 -0.53 88.52 -14.72
N GLU B 311 -1.16 89.27 -13.80
CA GLU B 311 -1.93 90.50 -14.12
C GLU B 311 -0.95 91.54 -14.70
N LEU B 312 0.21 91.73 -14.07
CA LEU B 312 1.12 92.83 -14.51
C LEU B 312 1.72 92.52 -15.89
N TYR B 313 2.09 91.27 -16.19
CA TYR B 313 2.70 90.90 -17.49
C TYR B 313 1.70 90.65 -18.62
N THR B 314 0.38 90.52 -18.35
CA THR B 314 -0.59 90.31 -19.44
C THR B 314 -1.11 91.70 -19.84
N ARG B 315 -0.71 92.26 -20.98
CA ARG B 315 -1.09 93.61 -21.40
C ARG B 315 -1.51 93.58 -22.86
N PRO B 316 -2.31 94.57 -23.34
CA PRO B 316 -2.57 94.70 -24.75
C PRO B 316 -1.28 94.73 -25.57
N ASP B 317 -0.18 95.28 -25.00
CA ASP B 317 1.11 95.34 -25.72
C ASP B 317 2.04 94.21 -25.28
N ASN B 318 1.59 93.24 -24.49
CA ASN B 318 2.53 92.19 -24.03
C ASN B 318 1.83 90.85 -23.88
N ALA B 319 2.07 89.92 -24.82
CA ALA B 319 1.56 88.54 -24.71
C ALA B 319 2.14 87.93 -23.46
N LEU B 320 1.37 87.06 -22.82
CA LEU B 320 1.84 86.40 -21.59
C LEU B 320 2.50 85.08 -21.97
N PHE B 321 3.76 84.95 -21.59
CA PHE B 321 4.45 83.66 -21.67
C PHE B 321 5.13 83.45 -20.33
N VAL B 322 4.74 82.39 -19.62
CA VAL B 322 5.47 82.03 -18.37
C VAL B 322 6.72 81.25 -18.77
N ALA B 323 7.81 81.95 -19.02
CA ALA B 323 9.04 81.37 -19.65
C ALA B 323 9.74 80.43 -18.66
N GLU B 324 9.54 80.69 -17.36
CA GLU B 324 10.01 79.84 -16.25
C GLU B 324 9.00 79.85 -15.12
N ILE B 325 8.81 78.72 -14.50
CA ILE B 325 8.05 78.64 -13.24
C ILE B 325 8.60 77.46 -12.47
N GLY B 326 8.60 77.57 -11.16
CA GLY B 326 9.17 76.51 -10.33
C GLY B 326 8.55 75.16 -10.64
N ASN B 327 9.29 74.12 -10.30
CA ASN B 327 8.84 72.76 -10.70
C ASN B 327 8.31 72.02 -9.48
N ASP B 328 8.08 72.71 -8.37
CA ASP B 328 7.46 72.07 -7.20
C ASP B 328 5.96 71.99 -7.43
N GLN B 329 5.28 71.11 -6.69
CA GLN B 329 3.87 70.80 -6.91
C GLN B 329 3.00 72.04 -6.93
N PRO B 330 3.15 73.04 -6.02
CA PRO B 330 2.21 74.14 -5.97
C PRO B 330 2.08 74.93 -7.28
N PHE B 331 3.06 74.83 -8.15
CA PHE B 331 3.14 75.66 -9.36
C PHE B 331 2.38 75.06 -10.56
N ALA B 332 2.01 73.79 -10.50
CA ALA B 332 1.35 73.17 -11.67
C ALA B 332 0.02 73.89 -11.90
N ARG B 333 -0.78 74.19 -10.86
CA ARG B 333 -2.15 74.76 -11.05
C ARG B 333 -2.09 76.13 -11.73
N TYR B 334 -0.92 76.79 -11.75
CA TYR B 334 -0.92 78.14 -12.34
C TYR B 334 -1.05 78.07 -13.86
N LEU B 335 -1.03 76.86 -14.42
CA LEU B 335 -1.26 76.71 -15.88
C LEU B 335 -2.62 77.28 -16.19
N PHE B 336 -3.59 77.09 -15.31
CA PHE B 336 -4.99 77.42 -15.62
C PHE B 336 -5.15 78.93 -15.76
N PRO B 337 -4.77 79.77 -14.78
CA PRO B 337 -4.90 81.22 -14.93
C PRO B 337 -4.00 81.70 -16.07
N THR B 338 -2.85 81.06 -16.26
CA THR B 338 -1.96 81.51 -17.37
C THR B 338 -2.73 81.42 -18.69
N LEU B 339 -3.37 80.29 -18.93
CA LEU B 339 -4.11 80.09 -20.20
C LEU B 339 -5.36 80.95 -20.17
N GLY B 340 -5.93 81.15 -18.99
CA GLY B 340 -7.19 81.90 -18.89
C GLY B 340 -6.95 83.36 -19.27
N LYS B 341 -5.74 83.90 -19.03
CA LYS B 341 -5.37 85.29 -19.40
C LYS B 341 -5.13 85.39 -20.92
N GLY B 342 -5.21 84.30 -21.68
CA GLY B 342 -4.80 84.26 -23.08
C GLY B 342 -3.32 83.94 -23.20
N GLY B 343 -2.67 83.44 -22.15
CA GLY B 343 -1.26 83.06 -22.23
C GLY B 343 -0.95 82.17 -23.43
N ILE B 344 0.27 82.32 -23.97
CA ILE B 344 0.74 81.54 -25.17
C ILE B 344 1.54 80.32 -24.70
N GLY B 345 1.91 80.25 -23.42
CA GLY B 345 2.72 79.15 -22.97
C GLY B 345 3.15 79.22 -21.53
N PHE B 346 3.70 78.11 -21.07
CA PHE B 346 4.00 77.82 -19.67
C PHE B 346 5.14 76.82 -19.66
N SER B 347 6.24 77.06 -18.96
CA SER B 347 7.45 76.23 -19.06
C SER B 347 8.07 76.01 -17.66
N PRO B 348 7.70 74.95 -16.89
CA PRO B 348 8.35 74.62 -15.61
C PRO B 348 9.86 74.43 -15.83
N PHE B 349 10.67 74.89 -14.88
CA PHE B 349 12.16 74.91 -14.96
C PHE B 349 12.77 73.67 -14.27
N GLY B 350 13.82 73.12 -14.87
CA GLY B 350 14.61 72.01 -14.33
C GLY B 350 13.96 70.64 -14.49
N MET B 351 13.35 70.41 -15.63
CA MET B 351 12.68 69.14 -15.91
C MET B 351 13.70 68.19 -16.59
N ASP B 352 14.70 67.76 -15.85
CA ASP B 352 15.64 66.75 -16.40
C ASP B 352 16.29 65.98 -15.24
N ASP B 353 16.94 64.90 -15.59
CA ASP B 353 17.51 63.97 -14.60
C ASP B 353 19.04 64.07 -14.58
N THR B 354 19.58 65.29 -14.68
CA THR B 354 21.04 65.58 -14.63
C THR B 354 21.51 65.78 -13.18
N ASP B 355 20.76 65.32 -12.20
CA ASP B 355 21.24 65.25 -10.78
C ASP B 355 21.38 66.66 -10.22
N TYR B 356 20.37 67.47 -10.40
CA TYR B 356 20.32 68.83 -9.84
C TYR B 356 18.89 69.24 -9.52
N THR B 357 18.71 69.86 -8.35
CA THR B 357 17.45 70.52 -7.96
C THR B 357 17.75 71.93 -7.46
N ASN B 358 16.98 72.90 -7.93
CA ASN B 358 17.11 74.29 -7.48
C ASN B 358 16.27 74.57 -6.22
N TYR B 359 15.85 73.53 -5.51
CA TYR B 359 15.18 73.67 -4.19
C TYR B 359 16.06 74.58 -3.33
N PRO B 360 15.52 75.60 -2.62
CA PRO B 360 14.11 75.77 -2.25
C PRO B 360 13.18 76.41 -3.29
N LEU B 361 13.71 76.74 -4.46
CA LEU B 361 12.88 77.30 -5.57
C LEU B 361 11.96 76.25 -6.16
N GLY B 362 12.50 75.09 -6.46
CA GLY B 362 11.76 74.00 -7.11
C GLY B 362 11.53 72.85 -6.16
N ALA B 363 11.30 71.65 -6.70
CA ALA B 363 11.02 70.42 -5.93
C ALA B 363 12.24 69.93 -5.14
N LYS B 364 12.02 69.48 -3.91
CA LYS B 364 13.09 68.95 -3.03
C LYS B 364 13.70 67.74 -3.73
N VAL B 365 12.87 66.91 -4.32
CA VAL B 365 13.36 65.66 -4.97
C VAL B 365 12.84 65.64 -6.41
N TYR B 366 13.70 65.42 -7.39
CA TYR B 366 13.22 65.24 -8.78
C TYR B 366 12.99 63.76 -9.05
N ASN B 367 11.74 63.40 -9.30
CA ASN B 367 11.35 61.99 -9.57
C ASN B 367 10.06 61.99 -10.40
N ASP B 368 9.57 60.81 -10.73
CA ASP B 368 8.39 60.67 -11.57
C ASP B 368 7.20 61.44 -10.95
N GLU B 369 7.09 61.48 -9.61
CA GLU B 369 5.95 62.15 -8.93
C GLU B 369 6.03 63.64 -9.26
N THR B 370 7.24 64.21 -9.25
CA THR B 370 7.50 65.64 -9.59
C THR B 370 6.94 65.91 -10.98
N ILE B 371 7.31 65.07 -11.92
CA ILE B 371 6.88 65.24 -13.32
C ILE B 371 5.36 65.10 -13.46
N GLU B 372 4.83 64.14 -12.70
CA GLU B 372 3.41 63.77 -12.83
C GLU B 372 2.51 64.95 -12.45
N GLN B 373 2.97 65.84 -11.55
CA GLN B 373 2.01 66.91 -11.17
C GLN B 373 1.76 67.79 -12.41
N PHE B 374 2.77 67.98 -13.24
CA PHE B 374 2.57 68.79 -14.45
C PHE B 374 1.95 67.94 -15.56
N ALA B 375 2.37 66.67 -15.67
CA ALA B 375 1.72 65.82 -16.69
C ALA B 375 0.20 65.80 -16.53
N GLN B 376 -0.32 65.76 -15.31
CA GLN B 376 -1.79 65.68 -15.10
C GLN B 376 -2.55 66.91 -15.61
N VAL B 377 -1.91 68.08 -15.56
CA VAL B 377 -2.62 69.30 -16.01
C VAL B 377 -2.37 69.42 -17.51
N TYR B 378 -1.18 69.03 -18.00
CA TYR B 378 -0.96 69.11 -19.47
C TYR B 378 -1.94 68.19 -20.20
N ARG B 379 -2.36 67.07 -19.58
CA ARG B 379 -3.31 66.12 -20.25
C ARG B 379 -4.68 66.74 -20.43
N LEU B 380 -4.97 67.87 -19.78
CA LEU B 380 -6.29 68.53 -19.94
C LEU B 380 -6.25 69.35 -21.23
N VAL B 381 -5.06 69.88 -21.58
CA VAL B 381 -4.89 70.89 -22.65
C VAL B 381 -4.42 70.22 -23.96
N ASN B 382 -3.44 69.32 -23.89
CA ASN B 382 -2.93 68.66 -25.12
C ASN B 382 -4.07 68.20 -26.06
N PRO B 383 -5.13 67.50 -25.60
CA PRO B 383 -6.14 66.97 -26.53
C PRO B 383 -6.87 68.05 -27.35
N MET B 384 -6.85 69.29 -26.84
CA MET B 384 -7.56 70.42 -27.48
C MET B 384 -6.58 71.57 -27.76
N MET B 385 -5.28 71.30 -27.88
CA MET B 385 -4.29 72.42 -27.87
C MET B 385 -4.60 73.44 -28.97
N ARG B 386 -4.80 73.01 -30.22
CA ARG B 386 -5.02 73.96 -31.33
C ARG B 386 -6.37 74.67 -31.21
N GLU B 387 -7.41 73.95 -30.78
CA GLU B 387 -8.77 74.52 -30.61
C GLU B 387 -8.70 75.58 -29.50
N TRP B 388 -8.03 75.23 -28.40
CA TRP B 388 -7.91 76.16 -27.27
C TRP B 388 -7.16 77.41 -27.72
N ALA B 389 -5.99 77.20 -28.39
CA ALA B 389 -5.21 78.33 -28.88
C ALA B 389 -6.07 79.29 -29.68
N ARG B 390 -6.91 78.77 -30.59
CA ARG B 390 -7.75 79.60 -31.48
C ARG B 390 -8.78 80.38 -30.64
N LEU B 391 -9.41 79.71 -29.69
CA LEU B 391 -10.49 80.36 -28.91
C LEU B 391 -9.92 81.46 -28.01
N SER B 392 -8.72 81.23 -27.51
CA SER B 392 -7.94 82.19 -26.69
C SER B 392 -7.69 83.44 -27.53
N TYR B 393 -7.23 83.24 -28.75
CA TYR B 393 -6.82 84.34 -29.65
C TYR B 393 -8.07 85.13 -30.09
N GLN B 394 -9.03 84.39 -30.65
CA GLN B 394 -10.17 84.94 -31.44
C GLN B 394 -11.41 85.12 -30.56
N GLY B 395 -11.50 84.44 -29.42
CA GLY B 395 -12.78 84.45 -28.72
C GLY B 395 -12.62 84.77 -27.26
N GLN B 396 -13.38 84.08 -26.42
CA GLN B 396 -13.41 84.35 -24.98
C GLN B 396 -13.03 83.09 -24.21
N VAL B 397 -11.98 83.20 -23.39
CA VAL B 397 -11.57 82.12 -22.46
C VAL B 397 -11.46 82.69 -21.05
N TRP B 398 -11.52 81.77 -20.10
CA TRP B 398 -11.37 82.04 -18.66
C TRP B 398 -10.55 80.90 -18.05
N GLY B 399 -9.86 81.19 -16.97
CA GLY B 399 -9.14 80.13 -16.25
C GLY B 399 -8.84 80.54 -14.83
N VAL B 400 -8.98 79.58 -13.92
CA VAL B 400 -8.76 79.81 -12.49
C VAL B 400 -7.94 78.68 -11.90
N ALA B 401 -7.25 79.01 -10.84
CA ALA B 401 -6.59 78.07 -9.95
C ALA B 401 -7.12 78.21 -8.53
N GLU B 402 -6.99 77.13 -7.78
CA GLU B 402 -7.39 77.08 -6.34
C GLU B 402 -6.71 78.24 -5.63
N PRO B 403 -7.49 79.22 -5.07
CA PRO B 403 -7.01 80.50 -4.57
C PRO B 403 -6.43 80.48 -3.15
N LEU B 404 -6.56 79.37 -2.44
CA LEU B 404 -5.86 79.21 -1.12
C LEU B 404 -4.66 78.30 -1.30
N ASP B 405 -3.51 78.67 -0.75
CA ASP B 405 -2.31 77.81 -0.72
C ASP B 405 -2.52 76.69 0.29
N SER B 406 -1.70 75.63 0.26
CA SER B 406 -1.80 74.53 1.25
C SER B 406 -1.63 75.07 2.69
N THR B 407 -2.41 74.52 3.61
CA THR B 407 -2.29 74.79 5.06
C THR B 407 -0.85 74.50 5.46
N LYS B 423 -13.58 77.97 14.80
CA LYS B 423 -13.56 76.63 14.13
C LYS B 423 -14.62 76.58 13.02
N GLU B 424 -15.91 76.58 13.40
CA GLU B 424 -17.05 76.76 12.46
C GLU B 424 -16.79 77.96 11.54
N GLN B 425 -16.40 79.13 12.08
CA GLN B 425 -16.28 80.41 11.32
C GLN B 425 -15.17 80.29 10.28
N HIS B 426 -14.04 79.66 10.65
CA HIS B 426 -12.86 79.49 9.77
C HIS B 426 -13.24 78.60 8.58
N LYS B 427 -13.98 77.50 8.81
CA LYS B 427 -14.50 76.63 7.71
C LYS B 427 -15.32 77.49 6.75
N LYS B 428 -16.24 78.31 7.28
CA LYS B 428 -17.16 79.18 6.48
C LYS B 428 -16.32 80.15 5.64
N ASP B 429 -15.27 80.74 6.22
CA ASP B 429 -14.38 81.71 5.55
C ASP B 429 -13.53 81.02 4.46
N ARG B 430 -12.99 79.84 4.75
CA ARG B 430 -12.26 79.04 3.72
C ARG B 430 -13.22 78.69 2.58
N ALA B 431 -14.40 78.14 2.89
CA ALA B 431 -15.35 77.70 1.85
C ALA B 431 -15.69 78.91 0.97
N SER B 432 -15.88 80.09 1.55
CA SER B 432 -16.18 81.29 0.73
C SER B 432 -15.00 81.63 -0.18
N ALA B 433 -13.77 81.56 0.33
CA ALA B 433 -12.54 81.89 -0.41
C ALA B 433 -12.29 80.83 -1.49
N LEU B 434 -12.70 79.57 -1.25
CA LEU B 434 -12.56 78.49 -2.26
C LEU B 434 -13.76 78.45 -3.22
N THR B 435 -14.46 79.56 -3.40
CA THR B 435 -15.58 79.69 -4.34
C THR B 435 -15.28 80.88 -5.26
N GLN B 436 -15.16 80.65 -6.56
CA GLN B 436 -14.81 81.70 -7.56
C GLN B 436 -15.96 81.91 -8.53
N GLN B 437 -16.23 83.18 -8.84
CA GLN B 437 -17.32 83.54 -9.78
C GLN B 437 -16.68 83.91 -11.10
N LEU B 438 -17.26 83.45 -12.20
CA LEU B 438 -16.84 83.81 -13.58
C LEU B 438 -18.09 84.27 -14.31
N ASP B 439 -18.03 85.42 -14.92
CA ASP B 439 -19.13 86.04 -15.68
C ASP B 439 -18.90 85.63 -17.13
N LEU B 440 -19.71 84.68 -17.64
CA LEU B 440 -19.52 84.15 -19.02
C LEU B 440 -20.48 84.77 -20.05
N GLY B 441 -21.06 85.93 -19.75
CA GLY B 441 -22.06 86.55 -20.63
C GLY B 441 -23.47 86.35 -20.09
N LEU B 442 -24.24 85.49 -20.74
CA LEU B 442 -25.62 85.16 -20.32
C LEU B 442 -25.59 84.20 -19.14
N TRP B 443 -24.44 83.55 -18.94
CA TRP B 443 -24.30 82.51 -17.90
C TRP B 443 -23.07 82.82 -17.03
N ASP B 444 -23.08 82.42 -15.79
CA ASP B 444 -21.95 82.52 -14.84
C ASP B 444 -21.58 81.08 -14.51
N ALA B 445 -20.32 80.89 -14.18
CA ALA B 445 -19.79 79.63 -13.61
C ALA B 445 -19.36 79.94 -12.17
N GLU B 446 -19.65 79.03 -11.25
CA GLU B 446 -19.06 79.10 -9.89
C GLU B 446 -18.08 77.93 -9.79
N VAL B 447 -16.80 78.18 -9.56
CA VAL B 447 -15.78 77.09 -9.39
C VAL B 447 -15.48 76.90 -7.89
N THR B 448 -15.55 75.67 -7.40
CA THR B 448 -15.30 75.35 -5.98
C THR B 448 -14.31 74.21 -5.87
N TYR B 449 -13.67 74.06 -4.74
CA TYR B 449 -12.53 73.14 -4.64
C TYR B 449 -12.64 72.30 -3.38
N GLY B 450 -12.48 71.01 -3.56
CA GLY B 450 -12.29 70.05 -2.47
C GLY B 450 -13.62 69.77 -1.82
N ARG B 451 -14.47 69.05 -2.53
CA ARG B 451 -15.79 68.62 -2.07
C ARG B 451 -16.15 67.34 -2.76
N PRO B 452 -17.12 66.58 -2.25
CA PRO B 452 -17.57 65.36 -2.94
C PRO B 452 -18.22 65.64 -4.30
N MET B 453 -18.46 64.55 -5.03
CA MET B 453 -19.03 64.66 -6.40
C MET B 453 -20.56 64.60 -6.34
N PHE B 454 -21.11 64.55 -5.14
CA PHE B 454 -22.55 64.38 -4.85
C PHE B 454 -22.88 65.30 -3.67
N TRP B 455 -24.09 65.87 -3.73
CA TRP B 455 -24.66 66.75 -2.67
C TRP B 455 -23.84 68.06 -2.59
N VAL B 456 -23.99 68.82 -1.52
CA VAL B 456 -23.59 70.25 -1.56
C VAL B 456 -22.85 70.64 -0.30
N THR B 457 -22.16 69.70 0.32
CA THR B 457 -21.28 70.03 1.47
C THR B 457 -20.35 71.12 0.99
N PRO B 458 -20.12 72.20 1.77
CA PRO B 458 -19.21 73.26 1.34
C PRO B 458 -17.78 72.81 1.02
N PRO B 459 -17.08 73.51 0.12
CA PRO B 459 -15.70 73.18 -0.22
C PRO B 459 -14.70 73.40 0.92
N GLU B 460 -13.78 72.45 1.06
CA GLU B 460 -12.73 72.55 2.10
C GLU B 460 -11.33 72.61 1.48
N GLY B 461 -11.20 72.59 0.14
CA GLY B 461 -9.90 72.68 -0.52
C GLY B 461 -9.32 71.31 -0.77
N ASN B 462 -8.32 71.26 -1.65
CA ASN B 462 -7.50 70.04 -1.92
C ASN B 462 -6.27 70.12 -1.03
N THR B 463 -5.74 68.98 -0.63
CA THR B 463 -4.51 68.87 0.15
C THR B 463 -3.53 68.05 -0.68
N PRO B 464 -2.46 68.61 -1.28
CA PRO B 464 -2.10 70.03 -1.29
C PRO B 464 -3.02 70.85 -2.23
N ALA B 465 -3.02 72.19 -2.19
CA ALA B 465 -3.83 73.01 -3.14
C ALA B 465 -3.42 72.61 -4.56
N ALA B 466 -4.37 72.39 -5.46
CA ALA B 466 -3.97 71.84 -6.78
C ALA B 466 -5.02 72.08 -7.85
N GLY B 467 -6.23 72.50 -7.50
CA GLY B 467 -7.35 72.53 -8.45
C GLY B 467 -7.30 73.66 -9.45
N GLY B 468 -8.09 73.56 -10.50
CA GLY B 468 -8.18 74.63 -11.51
C GLY B 468 -9.22 74.31 -12.54
N ALA B 469 -9.57 75.27 -13.35
CA ALA B 469 -10.59 75.10 -14.39
C ALA B 469 -10.30 75.97 -15.59
N LEU B 470 -10.59 75.47 -16.80
CA LEU B 470 -10.57 76.22 -18.07
C LEU B 470 -11.98 76.24 -18.67
N ILE B 471 -12.39 77.40 -19.18
CA ILE B 471 -13.67 77.56 -19.91
C ILE B 471 -13.44 78.41 -21.15
N ALA B 472 -13.93 77.95 -22.29
CA ALA B 472 -13.97 78.76 -23.53
C ALA B 472 -15.43 78.87 -23.98
N GLN B 473 -15.85 80.04 -24.42
CA GLN B 473 -17.23 80.23 -24.92
C GLN B 473 -17.28 79.87 -26.41
N LEU B 474 -18.16 78.96 -26.77
CA LEU B 474 -18.31 78.47 -28.19
C LEU B 474 -19.41 79.28 -28.86
N ASP B 475 -20.45 79.60 -28.08
CA ASP B 475 -21.65 80.38 -28.54
C ASP B 475 -22.34 81.02 -27.32
N ASP B 476 -23.43 81.74 -27.51
CA ASP B 476 -24.11 82.50 -26.44
C ASP B 476 -24.44 81.58 -25.27
N ASN B 477 -24.78 80.32 -25.51
CA ASN B 477 -25.25 79.39 -24.45
C ASN B 477 -24.39 78.14 -24.42
N GLU B 478 -23.18 78.18 -24.97
CA GLU B 478 -22.40 76.93 -25.10
C GLU B 478 -20.94 77.18 -24.78
N TYR B 479 -20.39 76.32 -23.93
CA TYR B 479 -19.02 76.48 -23.41
C TYR B 479 -18.28 75.15 -23.49
N LEU B 480 -16.99 75.26 -23.75
CA LEU B 480 -16.03 74.15 -23.61
C LEU B 480 -15.49 74.27 -22.19
N VAL B 481 -15.46 73.18 -21.44
CA VAL B 481 -15.07 73.16 -20.01
C VAL B 481 -14.16 71.98 -19.79
N THR B 482 -13.08 72.22 -19.10
CA THR B 482 -12.31 71.11 -18.51
C THR B 482 -11.75 71.60 -17.17
N ALA B 483 -11.62 70.72 -16.22
CA ALA B 483 -11.20 71.14 -14.87
C ALA B 483 -10.57 69.98 -14.11
N TYR B 484 -10.00 70.32 -12.96
CA TYR B 484 -9.04 69.49 -12.22
C TYR B 484 -9.22 69.66 -10.73
N LYS B 485 -9.68 68.59 -10.09
CA LYS B 485 -9.88 68.58 -8.63
C LYS B 485 -10.74 69.79 -8.29
N ALA B 486 -11.91 69.88 -8.90
CA ALA B 486 -12.82 71.03 -8.78
C ALA B 486 -14.23 70.63 -9.19
N ARG B 487 -15.18 71.46 -8.78
CA ARG B 487 -16.56 71.46 -9.25
C ARG B 487 -16.82 72.73 -10.02
N VAL B 488 -17.46 72.63 -11.15
CA VAL B 488 -17.87 73.82 -11.94
C VAL B 488 -19.40 73.82 -12.06
N GLU B 489 -20.07 74.86 -11.59
CA GLU B 489 -21.56 74.93 -11.67
C GLU B 489 -22.01 76.12 -12.51
N PHE B 490 -22.99 75.91 -13.38
CA PHE B 490 -23.45 76.99 -14.28
C PHE B 490 -24.76 77.57 -13.74
N LYS B 491 -24.95 78.88 -13.90
CA LYS B 491 -26.17 79.58 -13.45
C LYS B 491 -26.42 80.79 -14.35
N PRO B 492 -27.66 81.33 -14.43
CA PRO B 492 -27.91 82.53 -15.22
C PRO B 492 -27.11 83.69 -14.61
N SER B 493 -26.55 84.54 -15.47
CA SER B 493 -25.64 85.67 -15.10
C SER B 493 -26.51 86.83 -14.62
N GLN B 494 -27.80 86.80 -14.95
CA GLN B 494 -28.74 87.91 -14.63
C GLN B 494 -30.16 87.38 -14.51
N GLU B 495 -31.02 88.16 -13.87
CA GLU B 495 -32.39 87.76 -13.49
C GLU B 495 -33.12 87.28 -14.75
N LEU B 496 -33.79 86.13 -14.67
CA LEU B 496 -34.67 85.63 -15.75
C LEU B 496 -36.06 86.21 -15.51
N ALA B 497 -36.71 86.68 -16.57
CA ALA B 497 -38.01 87.41 -16.51
C ALA B 497 -39.12 86.39 -16.28
N GLY B 498 -39.11 85.75 -15.10
CA GLY B 498 -40.07 84.67 -14.76
C GLY B 498 -39.78 83.38 -15.50
N LYS B 499 -38.65 83.27 -16.21
CA LYS B 499 -38.26 82.01 -16.88
C LYS B 499 -37.49 81.12 -15.92
N LYS B 500 -37.42 79.84 -16.26
CA LYS B 500 -36.58 78.86 -15.52
CA LYS B 500 -36.58 78.85 -15.53
C LYS B 500 -35.35 78.54 -16.37
N PHE B 501 -34.40 77.78 -15.83
CA PHE B 501 -33.15 77.49 -16.59
C PHE B 501 -32.73 76.07 -16.28
N MET B 502 -32.00 75.46 -17.20
CA MET B 502 -31.41 74.11 -16.97
C MET B 502 -30.19 73.92 -17.87
N ILE B 503 -29.38 72.91 -17.56
CA ILE B 503 -28.40 72.38 -18.52
C ILE B 503 -29.20 71.75 -19.63
N GLU B 504 -29.00 72.15 -20.87
CA GLU B 504 -29.72 71.49 -21.98
C GLU B 504 -29.00 70.16 -22.28
N ARG B 505 -27.69 70.20 -22.35
CA ARG B 505 -26.88 69.01 -22.66
C ARG B 505 -25.42 69.20 -22.31
N VAL B 506 -24.83 68.21 -21.68
CA VAL B 506 -23.37 68.11 -21.47
C VAL B 506 -22.82 66.91 -22.24
N GLU B 507 -21.85 67.12 -23.12
CA GLU B 507 -21.23 66.00 -23.86
C GLU B 507 -19.77 65.92 -23.49
N GLU B 508 -19.29 64.74 -23.20
CA GLU B 508 -17.83 64.55 -23.10
C GLU B 508 -17.31 64.08 -24.45
N GLY B 509 -16.17 64.57 -24.89
CA GLY B 509 -15.71 64.20 -26.23
C GLY B 509 -14.34 64.71 -26.51
N ARG B 510 -13.98 64.73 -27.78
CA ARG B 510 -12.64 65.13 -28.23
C ARG B 510 -12.73 65.73 -29.61
N PHE B 511 -11.74 66.54 -29.93
CA PHE B 511 -11.53 67.06 -31.31
C PHE B 511 -10.68 66.06 -32.10
N GLU B 512 -11.19 65.65 -33.28
CA GLU B 512 -10.48 64.82 -34.28
C GLU B 512 -10.47 65.55 -35.61
N LYS B 513 -9.34 66.15 -36.01
CA LYS B 513 -9.19 66.98 -37.24
C LYS B 513 -10.05 68.24 -37.10
N GLY B 514 -10.10 68.81 -35.89
CA GLY B 514 -10.86 70.04 -35.61
C GLY B 514 -12.35 69.80 -35.51
N LYS B 515 -12.83 68.55 -35.69
CA LYS B 515 -14.26 68.16 -35.60
C LYS B 515 -14.51 67.57 -34.21
N TRP B 516 -15.63 67.91 -33.59
CA TRP B 516 -15.99 67.40 -32.26
C TRP B 516 -16.57 66.01 -32.38
N VAL B 517 -16.03 65.05 -31.63
CA VAL B 517 -16.52 63.65 -31.57
C VAL B 517 -17.09 63.41 -30.17
N MET B 518 -18.38 63.14 -30.05
CA MET B 518 -19.03 62.88 -28.76
C MET B 518 -18.69 61.47 -28.30
N GLU B 519 -18.24 61.31 -27.06
CA GLU B 519 -17.97 60.00 -26.44
C GLU B 519 -19.16 59.55 -25.59
N ARG B 520 -19.69 60.48 -24.80
CA ARG B 520 -20.87 60.17 -23.96
C ARG B 520 -21.54 61.46 -23.52
N VAL B 521 -22.76 61.39 -23.05
CA VAL B 521 -23.50 62.51 -22.46
C VAL B 521 -23.42 62.41 -20.94
N TRP B 522 -22.95 63.47 -20.26
CA TRP B 522 -23.03 63.60 -18.81
C TRP B 522 -24.44 64.00 -18.49
N ASN B 523 -25.04 63.31 -17.54
CA ASN B 523 -26.44 63.56 -17.15
C ASN B 523 -26.67 62.97 -15.74
N GLY B 524 -27.82 63.28 -15.14
CA GLY B 524 -28.21 62.73 -13.84
C GLY B 524 -27.22 63.06 -12.74
N ASP B 525 -26.73 62.10 -11.98
CA ASP B 525 -25.75 62.37 -10.89
C ASP B 525 -24.60 63.24 -11.39
N GLN B 526 -24.16 63.07 -12.63
CA GLN B 526 -22.94 63.74 -13.14
C GLN B 526 -23.23 65.20 -13.43
N THR B 527 -24.49 65.63 -13.49
CA THR B 527 -24.75 67.08 -13.70
C THR B 527 -25.70 67.67 -12.65
N ASP B 528 -26.22 66.88 -11.70
CA ASP B 528 -27.08 67.37 -10.62
C ASP B 528 -26.36 68.29 -9.63
N TRP B 529 -25.08 68.05 -9.38
CA TRP B 529 -24.28 68.69 -8.32
C TRP B 529 -23.12 69.43 -8.97
N GLY B 530 -23.39 70.23 -10.00
CA GLY B 530 -22.34 70.79 -10.86
C GLY B 530 -21.54 69.75 -11.62
N LEU B 531 -20.41 70.14 -12.24
CA LEU B 531 -19.54 69.26 -13.06
C LEU B 531 -18.27 69.01 -12.27
N ASN B 532 -18.12 67.78 -11.81
CA ASN B 532 -17.10 67.43 -10.80
C ASN B 532 -15.95 66.67 -11.48
N PHE B 533 -14.76 67.23 -11.36
CA PHE B 533 -13.52 66.70 -11.96
C PHE B 533 -12.58 66.21 -10.89
N THR B 534 -11.81 65.15 -11.20
CA THR B 534 -10.80 64.63 -10.27
C THR B 534 -9.43 64.96 -10.87
N ASP B 535 -8.55 63.99 -10.95
CA ASP B 535 -7.22 64.13 -11.55
C ASP B 535 -7.25 63.72 -13.01
N ARG B 536 -8.35 63.15 -13.51
CA ARG B 536 -8.35 62.55 -14.88
C ARG B 536 -8.91 63.54 -15.88
N PRO B 537 -8.42 63.54 -17.16
CA PRO B 537 -8.91 64.46 -18.17
C PRO B 537 -10.32 64.14 -18.67
N HIS B 538 -11.15 65.16 -18.81
CA HIS B 538 -12.49 65.12 -19.42
C HIS B 538 -12.75 66.50 -20.01
N LEU B 539 -13.05 66.52 -21.31
CA LEU B 539 -13.33 67.77 -22.02
C LEU B 539 -14.82 67.76 -22.33
N LEU B 540 -15.54 68.74 -21.81
CA LEU B 540 -17.01 68.81 -21.91
C LEU B 540 -17.42 69.98 -22.80
N ARG B 541 -18.48 69.76 -23.56
CA ARG B 541 -19.23 70.86 -24.19
C ARG B 541 -20.53 70.98 -23.42
N VAL B 542 -20.76 72.14 -22.89
CA VAL B 542 -21.91 72.45 -21.98
C VAL B 542 -22.84 73.40 -22.71
N LYS B 543 -24.08 72.99 -22.89
CA LYS B 543 -25.14 73.81 -23.52
C LYS B 543 -26.17 74.12 -22.44
N MET B 544 -26.37 75.39 -22.14
CA MET B 544 -27.36 75.88 -21.16
C MET B 544 -28.61 76.35 -21.91
N ALA B 545 -29.77 76.37 -21.23
CA ALA B 545 -31.00 76.99 -21.77
C ALA B 545 -31.83 77.59 -20.66
N SER B 546 -32.42 78.74 -20.99
CA SER B 546 -33.55 79.26 -20.20
C SER B 546 -34.82 78.84 -20.91
N TYR B 547 -35.90 78.64 -20.17
CA TYR B 547 -37.18 78.16 -20.77
C TYR B 547 -38.35 78.77 -20.03
N SER B 548 -39.42 78.96 -20.78
CA SER B 548 -40.72 79.51 -20.28
C SER B 548 -41.51 78.42 -19.54
N VAL B 549 -42.24 78.82 -18.47
CA VAL B 549 -43.21 77.95 -17.74
C VAL B 549 -44.53 78.75 -17.63
N GLN B 550 -44.74 79.72 -18.53
CA GLN B 550 -45.84 80.72 -18.45
C GLN B 550 -47.18 80.08 -18.84
N ALA C 12 10.88 -4.60 0.84
CA ALA C 12 11.48 -3.80 1.90
C ALA C 12 11.10 -4.35 3.27
N PRO C 13 12.00 -4.31 4.29
CA PRO C 13 11.59 -4.73 5.63
C PRO C 13 10.46 -3.85 6.17
N LEU C 14 9.59 -4.40 7.01
CA LEU C 14 8.51 -3.57 7.61
C LEU C 14 9.12 -2.49 8.49
N PRO C 15 8.45 -1.32 8.58
CA PRO C 15 8.78 -0.39 9.65
C PRO C 15 8.61 -1.06 11.01
N GLU C 16 9.45 -0.74 11.98
CA GLU C 16 9.36 -1.32 13.34
C GLU C 16 9.94 -0.32 14.33
N LEU C 17 9.38 -0.29 15.53
CA LEU C 17 9.93 0.51 16.63
C LEU C 17 10.83 -0.43 17.45
N LEU C 18 12.12 -0.13 17.49
CA LEU C 18 13.11 -0.90 18.27
C LEU C 18 13.31 -0.16 19.61
N SER C 19 13.44 -0.91 20.71
CA SER C 19 13.78 -0.35 22.04
C SER C 19 14.90 -1.19 22.66
N ASN C 20 16.01 -0.55 23.04
CA ASN C 20 17.19 -1.26 23.54
C ASN C 20 17.99 -0.30 24.41
N ASN C 21 18.27 -0.70 25.66
CA ASN C 21 19.14 0.03 26.60
C ASN C 21 18.56 1.41 26.88
N GLY C 22 17.24 1.48 27.01
CA GLY C 22 16.51 2.71 27.36
C GLY C 22 16.34 3.62 26.18
N LYS C 23 16.88 3.28 24.99
CA LYS C 23 16.80 4.15 23.77
C LYS C 23 15.84 3.51 22.77
N HIS C 24 15.41 4.30 21.79
CA HIS C 24 14.40 3.88 20.81
C HIS C 24 14.80 4.31 19.40
N ALA C 25 14.34 3.55 18.40
CA ALA C 25 14.44 4.00 17.01
C ALA C 25 13.21 3.55 16.24
N LEU C 26 12.64 4.40 15.43
CA LEU C 26 11.69 3.96 14.36
C LEU C 26 12.51 3.51 13.15
N MET C 27 12.52 2.20 12.88
CA MET C 27 13.24 1.66 11.69
C MET C 27 12.29 1.82 10.52
N VAL C 28 12.77 2.42 9.44
CA VAL C 28 12.04 2.60 8.15
C VAL C 28 13.02 2.20 7.06
N ASP C 29 12.62 1.20 6.26
CA ASP C 29 13.49 0.62 5.22
C ASP C 29 14.81 0.12 5.84
N GLY C 30 14.74 -0.48 7.03
CA GLY C 30 15.86 -1.19 7.68
C GLY C 30 16.90 -0.26 8.30
N ALA C 31 16.55 1.01 8.58
CA ALA C 31 17.42 1.93 9.33
C ALA C 31 16.62 2.98 10.10
N PRO C 32 17.20 3.56 11.18
CA PRO C 32 16.45 4.55 11.95
C PRO C 32 15.98 5.71 11.07
N TYR C 33 14.82 6.26 11.41
CA TYR C 33 14.19 7.36 10.64
C TYR C 33 13.68 8.40 11.62
N ILE C 34 13.65 9.65 11.19
CA ILE C 34 13.00 10.73 12.02
C ILE C 34 11.78 11.22 11.25
N ILE C 35 10.61 11.24 11.85
CA ILE C 35 9.41 11.88 11.26
C ILE C 35 9.54 13.39 11.40
N LEU C 36 9.84 14.08 10.32
CA LEU C 36 9.79 15.54 10.26
C LEU C 36 8.41 15.81 9.68
N GLY C 37 7.38 15.80 10.50
CA GLY C 37 6.04 15.61 9.97
C GLY C 37 5.15 16.83 9.81
N SER C 38 3.99 16.60 9.24
CA SER C 38 2.92 17.60 9.11
C SER C 38 1.60 16.87 9.33
N GLN C 39 0.63 17.38 10.08
CA GLN C 39 -0.69 16.73 10.14
C GLN C 39 -1.70 17.69 9.53
N THR C 40 -2.63 17.17 8.77
CA THR C 40 -3.72 17.96 8.19
C THR C 40 -4.72 18.42 9.25
N ASN C 41 -5.57 19.38 8.90
CA ASN C 41 -6.82 19.63 9.65
C ASN C 41 -7.73 18.41 9.54
N ASN C 42 -8.72 18.36 10.39
CA ASN C 42 -9.58 17.19 10.67
C ASN C 42 -10.49 16.85 9.51
N SER C 43 -10.72 17.77 8.58
CA SER C 43 -11.64 17.55 7.45
C SER C 43 -10.92 17.53 6.10
N SER C 44 -9.65 17.11 6.09
CA SER C 44 -8.82 17.08 4.86
C SER C 44 -8.71 15.64 4.30
N ASN C 45 -9.44 14.70 4.86
CA ASN C 45 -9.30 13.24 4.61
C ASN C 45 -10.15 12.86 3.38
N TYR C 46 -10.11 13.64 2.29
CA TYR C 46 -10.86 13.33 1.06
C TYR C 46 -10.01 13.65 -0.17
N PRO C 47 -10.24 12.94 -1.32
CA PRO C 47 -9.44 13.18 -2.54
C PRO C 47 -9.36 14.67 -2.92
N ASP C 48 -10.48 15.38 -2.81
CA ASP C 48 -10.60 16.78 -3.30
C ASP C 48 -9.85 17.76 -2.37
N ALA C 49 -9.57 17.37 -1.15
CA ALA C 49 -8.88 18.27 -0.19
C ALA C 49 -7.36 18.21 -0.35
N LEU C 50 -6.84 17.11 -0.91
CA LEU C 50 -5.38 16.86 -0.95
C LEU C 50 -4.62 17.97 -1.68
N LYS C 51 -5.20 18.58 -2.70
CA LYS C 51 -4.48 19.69 -3.39
C LYS C 51 -4.22 20.88 -2.45
N ASP C 52 -4.93 20.96 -1.33
CA ASP C 52 -4.83 22.02 -0.29
C ASP C 52 -3.93 21.50 0.83
N VAL C 53 -3.32 20.32 0.67
CA VAL C 53 -2.41 19.72 1.69
C VAL C 53 -0.97 19.67 1.16
N TRP C 54 -0.78 19.17 -0.07
CA TRP C 54 0.60 18.95 -0.58
C TRP C 54 1.47 20.23 -0.63
N PRO C 55 0.97 21.40 -1.07
CA PRO C 55 1.79 22.60 -1.20
C PRO C 55 2.40 22.98 0.16
N SER C 56 1.60 22.91 1.23
CA SER C 56 2.06 23.19 2.60
C SER C 56 3.17 22.20 2.94
N MET C 57 2.94 20.92 2.64
CA MET C 57 3.96 19.91 2.96
C MET C 57 5.28 20.21 2.25
N GLU C 58 5.20 20.54 0.95
CA GLU C 58 6.44 20.83 0.15
C GLU C 58 7.13 22.08 0.78
N LYS C 59 6.36 23.13 1.08
CA LYS C 59 6.92 24.39 1.66
C LYS C 59 7.57 24.06 3.01
N MET C 60 6.94 23.19 3.79
CA MET C 60 7.45 22.84 5.15
C MET C 60 8.70 21.95 5.03
N GLY C 61 8.88 21.19 3.94
CA GLY C 61 10.03 20.24 3.86
C GLY C 61 9.80 19.00 4.74
N ALA C 62 8.54 18.69 5.08
CA ALA C 62 8.18 17.50 5.87
C ALA C 62 8.46 16.23 5.07
N ASN C 63 8.85 15.19 5.76
CA ASN C 63 9.10 13.87 5.10
C ASN C 63 7.93 12.92 5.32
N THR C 64 6.93 13.23 6.16
CA THR C 64 5.85 12.33 6.56
C THR C 64 4.59 13.16 6.77
N LEU C 65 3.47 12.68 6.26
CA LEU C 65 2.14 13.34 6.43
C LEU C 65 1.31 12.47 7.34
N SER C 66 0.75 13.05 8.41
CA SER C 66 -0.25 12.36 9.23
C SER C 66 -1.62 12.84 8.72
N ILE C 67 -2.54 11.94 8.52
CA ILE C 67 -3.84 12.30 7.87
C ILE C 67 -4.92 11.30 8.31
N PRO C 68 -6.15 11.74 8.68
CA PRO C 68 -7.18 10.82 9.13
C PRO C 68 -7.59 9.82 8.05
N VAL C 69 -7.95 8.61 8.48
CA VAL C 69 -8.80 7.67 7.71
C VAL C 69 -9.94 7.37 8.67
N ALA C 70 -11.11 7.83 8.34
CA ALA C 70 -12.29 7.71 9.20
C ALA C 70 -13.05 6.42 9.00
N TRP C 71 -13.53 5.85 10.08
CA TRP C 71 -14.43 4.69 10.02
C TRP C 71 -15.67 5.03 9.19
N GLU C 72 -16.22 6.23 9.30
CA GLU C 72 -17.43 6.64 8.55
C GLU C 72 -17.15 6.61 7.06
N GLN C 73 -15.91 6.83 6.62
CA GLN C 73 -15.69 6.89 5.16
C GLN C 73 -15.36 5.50 4.62
N ILE C 74 -14.70 4.62 5.37
CA ILE C 74 -14.37 3.27 4.82
C ILE C 74 -15.56 2.35 5.04
N GLU C 75 -16.44 2.56 6.00
CA GLU C 75 -17.57 1.63 6.18
C GLU C 75 -18.89 2.41 6.34
N PRO C 76 -19.31 3.21 5.32
CA PRO C 76 -20.43 4.14 5.46
C PRO C 76 -21.76 3.43 5.67
N VAL C 77 -21.85 2.21 5.13
CA VAL C 77 -22.94 1.22 5.34
C VAL C 77 -22.32 -0.07 5.89
N GLU C 78 -22.97 -0.75 6.84
CA GLU C 78 -22.29 -1.90 7.48
C GLU C 78 -21.96 -2.96 6.43
N GLY C 79 -20.71 -3.42 6.40
CA GLY C 79 -20.25 -4.46 5.47
C GLY C 79 -19.86 -3.91 4.11
N GLN C 80 -20.09 -2.62 3.86
CA GLN C 80 -19.92 -2.03 2.50
C GLN C 80 -18.69 -1.12 2.57
N PHE C 81 -17.53 -1.72 2.33
CA PHE C 81 -16.22 -1.05 2.46
C PHE C 81 -15.83 -0.21 1.24
N ASP C 82 -15.15 0.91 1.50
CA ASP C 82 -14.74 1.90 0.48
C ASP C 82 -13.36 2.46 0.80
N PHE C 83 -12.36 2.07 0.03
CA PHE C 83 -10.96 2.47 0.22
C PHE C 83 -10.53 3.50 -0.84
N SER C 84 -11.49 4.10 -1.52
CA SER C 84 -11.23 5.06 -2.62
C SER C 84 -10.30 6.18 -2.15
N PHE C 85 -10.49 6.64 -0.90
CA PHE C 85 -9.63 7.76 -0.43
C PHE C 85 -8.17 7.25 -0.23
N VAL C 86 -8.06 6.07 0.39
CA VAL C 86 -6.73 5.50 0.71
C VAL C 86 -5.95 5.29 -0.61
N ASP C 87 -6.65 4.79 -1.65
CA ASP C 87 -6.03 4.57 -2.98
C ASP C 87 -5.39 5.87 -3.46
N VAL C 88 -6.18 6.94 -3.51
CA VAL C 88 -5.72 8.29 -4.02
C VAL C 88 -4.55 8.75 -3.14
N LEU C 89 -4.73 8.66 -1.83
CA LEU C 89 -3.69 9.11 -0.88
C LEU C 89 -2.35 8.41 -1.15
N LEU C 90 -2.38 7.07 -1.25
CA LEU C 90 -1.12 6.29 -1.44
C LEU C 90 -0.40 6.80 -2.70
N LYS C 91 -1.12 6.88 -3.84
CA LYS C 91 -0.49 7.20 -5.14
C LYS C 91 0.04 8.63 -5.08
N GLU C 92 -0.71 9.56 -4.48
CA GLU C 92 -0.21 10.97 -4.47
C GLU C 92 1.02 11.09 -3.54
N ALA C 93 1.04 10.40 -2.39
CA ALA C 93 2.21 10.43 -1.49
C ALA C 93 3.42 9.85 -2.20
N ARG C 94 3.22 8.73 -2.88
CA ARG C 94 4.34 8.09 -3.60
C ARG C 94 4.89 9.03 -4.69
N GLN C 95 4.02 9.75 -5.36
CA GLN C 95 4.48 10.66 -6.43
C GLN C 95 5.41 11.71 -5.81
N ARG C 96 5.14 12.15 -4.60
CA ARG C 96 5.95 13.22 -3.97
C ARG C 96 7.00 12.63 -3.04
N LYS C 97 7.15 11.31 -3.01
CA LYS C 97 8.29 10.65 -2.33
C LYS C 97 8.18 11.01 -0.86
N VAL C 98 6.97 10.92 -0.31
CA VAL C 98 6.83 11.10 1.17
C VAL C 98 6.17 9.88 1.80
N ARG C 99 6.31 9.72 3.09
CA ARG C 99 5.62 8.62 3.79
C ARG C 99 4.40 9.12 4.54
N LEU C 100 3.58 8.20 5.02
CA LEU C 100 2.28 8.48 5.67
C LEU C 100 2.26 7.88 7.06
N VAL C 101 1.50 8.54 7.93
CA VAL C 101 1.03 7.94 9.16
C VAL C 101 -0.49 8.12 9.10
N LEU C 102 -1.23 7.02 9.14
CA LEU C 102 -2.70 7.14 9.06
C LEU C 102 -3.25 7.27 10.46
N LEU C 103 -4.31 8.05 10.59
CA LEU C 103 -4.99 8.23 11.88
C LEU C 103 -6.41 7.65 11.84
N TRP C 104 -6.58 6.51 12.54
CA TRP C 104 -7.82 5.72 12.56
C TRP C 104 -8.80 6.46 13.48
N PHE C 105 -9.68 7.25 12.88
CA PHE C 105 -10.71 8.02 13.59
C PHE C 105 -11.92 7.10 13.69
N ALA C 106 -12.17 6.57 14.86
CA ALA C 106 -13.16 5.48 14.97
C ALA C 106 -14.01 5.60 16.26
N THR C 107 -13.86 4.66 17.18
CA THR C 107 -14.65 4.67 18.44
C THR C 107 -14.50 6.04 19.13
N TRP C 108 -13.25 6.49 19.37
CA TRP C 108 -12.97 7.86 19.90
C TRP C 108 -12.25 8.72 18.88
N LYS C 109 -12.73 9.94 18.74
CA LYS C 109 -11.98 11.08 18.20
C LYS C 109 -12.23 12.25 19.17
N ASN C 110 -11.22 12.62 19.97
CA ASN C 110 -11.37 13.69 21.00
C ASN C 110 -12.56 13.31 21.89
N ASN C 111 -12.54 12.08 22.38
CA ASN C 111 -13.54 11.51 23.34
C ASN C 111 -14.87 11.10 22.69
N ALA C 112 -15.15 11.49 21.46
CA ALA C 112 -16.51 11.32 20.89
C ALA C 112 -16.54 10.42 19.67
N PRO C 113 -17.74 9.89 19.32
CA PRO C 113 -17.93 8.98 18.18
C PRO C 113 -18.32 9.64 16.85
N HIS C 114 -17.97 10.90 16.65
CA HIS C 114 -18.40 11.70 15.47
C HIS C 114 -17.90 11.05 14.18
N TYR C 115 -16.74 10.39 14.19
CA TYR C 115 -16.16 9.80 12.97
C TYR C 115 -16.59 8.34 12.82
N ALA C 116 -17.36 7.81 13.72
CA ALA C 116 -17.89 6.45 13.47
C ALA C 116 -19.06 6.59 12.49
N PRO C 117 -19.41 5.53 11.73
CA PRO C 117 -20.53 5.61 10.79
C PRO C 117 -21.87 5.95 11.45
N ALA C 118 -22.83 6.40 10.67
CA ALA C 118 -24.17 6.75 11.19
C ALA C 118 -24.77 5.51 11.86
N TRP C 119 -24.61 4.33 11.29
CA TRP C 119 -25.20 3.08 11.85
C TRP C 119 -24.56 2.71 13.19
N VAL C 120 -23.40 3.27 13.53
CA VAL C 120 -22.78 3.10 14.87
C VAL C 120 -23.26 4.25 15.75
N LYS C 121 -22.95 5.51 15.37
CA LYS C 121 -23.08 6.63 16.36
C LYS C 121 -24.53 6.91 16.67
N LEU C 122 -25.47 6.48 15.82
CA LEU C 122 -26.92 6.73 16.12
C LEU C 122 -27.64 5.54 16.73
N ASP C 123 -26.94 4.46 17.10
CA ASP C 123 -27.56 3.25 17.71
C ASP C 123 -27.00 3.01 19.12
N ASN C 124 -27.46 3.78 20.12
CA ASN C 124 -26.94 3.67 21.50
C ASN C 124 -27.21 2.28 22.11
N ALA C 125 -28.32 1.66 21.79
CA ALA C 125 -28.62 0.31 22.36
C ALA C 125 -27.50 -0.64 21.98
N ARG C 126 -27.05 -0.58 20.73
CA ARG C 126 -26.05 -1.57 20.29
C ARG C 126 -24.64 -1.12 20.68
N PHE C 127 -24.38 0.17 20.55
CA PHE C 127 -23.04 0.74 20.80
C PHE C 127 -23.16 1.77 21.92
N PRO C 128 -23.19 1.35 23.21
CA PRO C 128 -23.62 2.25 24.29
C PRO C 128 -22.58 3.31 24.73
N ARG C 129 -23.11 4.44 25.16
CA ARG C 129 -22.34 5.58 25.67
C ARG C 129 -22.09 5.43 27.19
N VAL C 130 -20.99 6.03 27.61
CA VAL C 130 -20.75 6.33 29.04
C VAL C 130 -22.02 6.90 29.70
N VAL C 131 -22.39 6.35 30.85
CA VAL C 131 -23.46 6.85 31.76
C VAL C 131 -22.77 7.45 32.99
N LYS C 132 -23.10 8.71 33.33
CA LYS C 132 -22.57 9.46 34.49
C LYS C 132 -23.13 8.87 35.78
N GLU C 133 -22.52 9.23 36.92
CA GLU C 133 -23.01 8.76 38.24
C GLU C 133 -24.50 9.14 38.40
N ASP C 134 -24.95 10.30 37.91
CA ASP C 134 -26.35 10.79 38.09
C ASP C 134 -27.31 10.11 37.10
N GLY C 135 -26.83 9.26 36.19
CA GLY C 135 -27.69 8.57 35.21
C GLY C 135 -27.79 9.31 33.88
N ASP C 136 -27.25 10.52 33.76
CA ASP C 136 -27.22 11.26 32.47
C ASP C 136 -26.19 10.58 31.55
N THR C 137 -26.33 10.79 30.24
CA THR C 137 -25.49 10.10 29.24
C THR C 137 -24.57 11.11 28.58
N LEU C 138 -23.30 10.76 28.38
CA LEU C 138 -22.32 11.61 27.67
C LEU C 138 -22.06 11.03 26.27
N ASN C 139 -21.72 11.88 25.31
CA ASN C 139 -21.47 11.44 23.93
C ASN C 139 -20.03 10.93 23.87
N SER C 140 -19.80 9.80 24.51
CA SER C 140 -18.48 9.15 24.62
C SER C 140 -18.75 7.66 24.66
N LEU C 141 -18.34 6.87 23.66
CA LEU C 141 -18.66 5.42 23.69
C LEU C 141 -17.94 4.72 24.84
N SER C 142 -18.66 3.84 25.52
CA SER C 142 -18.09 3.08 26.66
C SER C 142 -17.07 2.06 26.16
N PRO C 143 -15.86 1.93 26.77
CA PRO C 143 -14.88 0.90 26.41
C PRO C 143 -15.31 -0.54 26.70
N LEU C 144 -16.42 -0.67 27.42
CA LEU C 144 -17.00 -1.98 27.80
C LEU C 144 -18.10 -2.38 26.81
N GLY C 145 -18.42 -1.58 25.78
CA GLY C 145 -19.34 -2.08 24.73
C GLY C 145 -18.65 -3.12 23.87
N GLN C 146 -19.04 -4.39 24.01
CA GLN C 146 -18.49 -5.55 23.26
C GLN C 146 -18.80 -5.43 21.76
N ASN C 147 -19.99 -4.95 21.39
CA ASN C 147 -20.36 -4.84 19.96
C ASN C 147 -19.50 -3.76 19.33
N THR C 148 -19.25 -2.69 20.05
CA THR C 148 -18.50 -1.55 19.50
C THR C 148 -17.10 -2.07 19.19
N LEU C 149 -16.53 -2.81 20.12
CA LEU C 149 -15.11 -3.23 19.97
C LEU C 149 -15.08 -4.11 18.72
N ALA C 150 -15.99 -5.09 18.66
CA ALA C 150 -16.08 -6.02 17.53
C ALA C 150 -16.21 -5.27 16.20
N ALA C 151 -17.04 -4.25 16.14
CA ALA C 151 -17.31 -3.49 14.89
C ALA C 151 -16.05 -2.69 14.56
N ASP C 152 -15.47 -1.94 15.53
CA ASP C 152 -14.25 -1.14 15.23
C ASP C 152 -13.17 -2.08 14.71
N LYS C 153 -12.84 -3.07 15.52
CA LYS C 153 -11.89 -4.16 15.16
C LYS C 153 -12.10 -4.60 13.70
N LYS C 154 -13.34 -4.94 13.33
CA LYS C 154 -13.66 -5.50 11.98
C LYS C 154 -13.32 -4.48 10.90
N ALA C 155 -13.70 -3.23 11.09
CA ALA C 155 -13.38 -2.19 10.08
C ALA C 155 -11.85 -1.96 10.05
N PHE C 156 -11.16 -1.91 11.20
CA PHE C 156 -9.70 -1.69 11.28
C PHE C 156 -8.99 -2.79 10.52
N VAL C 157 -9.46 -4.04 10.67
CA VAL C 157 -8.80 -5.19 10.00
C VAL C 157 -8.94 -5.02 8.50
N GLU C 158 -10.07 -4.47 8.03
CA GLU C 158 -10.25 -4.26 6.57
C GLU C 158 -9.27 -3.21 6.07
N LEU C 159 -9.12 -2.10 6.81
CA LEU C 159 -8.10 -1.08 6.45
C LEU C 159 -6.73 -1.74 6.39
N MET C 160 -6.34 -2.56 7.38
CA MET C 160 -4.98 -3.16 7.43
C MET C 160 -4.83 -4.18 6.28
N LYS C 161 -5.92 -4.82 5.89
CA LYS C 161 -5.96 -5.75 4.74
C LYS C 161 -5.68 -4.93 3.47
N TYR C 162 -6.20 -3.71 3.36
CA TYR C 162 -5.96 -2.89 2.15
C TYR C 162 -4.47 -2.61 2.07
N LEU C 163 -3.85 -2.23 3.18
CA LEU C 163 -2.43 -1.88 3.17
C LEU C 163 -1.57 -3.11 2.88
N ALA C 164 -1.96 -4.28 3.40
CA ALA C 164 -1.18 -5.49 3.11
C ALA C 164 -1.25 -5.82 1.60
N LYS C 165 -2.38 -5.56 0.96
CA LYS C 165 -2.61 -5.92 -0.47
C LYS C 165 -2.07 -4.83 -1.39
N ARG C 166 -2.05 -3.57 -0.96
CA ARG C 166 -1.81 -2.46 -1.93
C ARG C 166 -0.69 -1.54 -1.44
N ASP C 167 0.05 -1.89 -0.38
CA ASP C 167 1.14 -1.00 0.07
C ASP C 167 2.42 -1.78 0.43
N LYS C 168 2.93 -2.58 -0.51
CA LYS C 168 4.01 -3.55 -0.25
C LYS C 168 5.33 -2.87 0.10
N ASP C 169 5.50 -1.59 -0.29
CA ASP C 169 6.76 -0.83 -0.04
C ASP C 169 6.56 0.02 1.22
N HIS C 170 5.43 -0.13 1.94
CA HIS C 170 5.20 0.57 3.25
C HIS C 170 5.29 2.10 3.07
N THR C 171 4.60 2.63 2.08
CA THR C 171 4.37 4.10 2.04
C THR C 171 3.86 4.53 3.42
N VAL C 172 2.89 3.80 3.95
CA VAL C 172 2.38 4.04 5.33
C VAL C 172 3.31 3.36 6.30
N ILE C 173 3.87 4.13 7.23
CA ILE C 173 4.99 3.63 8.11
C ILE C 173 4.44 3.35 9.51
N MET C 174 3.27 3.86 9.84
CA MET C 174 2.76 3.76 11.22
C MET C 174 1.27 4.19 11.20
N VAL C 175 0.54 3.70 12.17
CA VAL C 175 -0.92 3.95 12.26
C VAL C 175 -1.28 4.38 13.70
N GLN C 176 -2.11 5.41 13.80
CA GLN C 176 -2.55 5.91 15.13
C GLN C 176 -3.90 5.22 15.34
N VAL C 177 -4.02 4.50 16.45
CA VAL C 177 -5.27 3.75 16.74
C VAL C 177 -6.14 4.67 17.62
N GLN C 178 -7.20 5.20 17.05
CA GLN C 178 -8.18 6.12 17.66
C GLN C 178 -7.53 7.50 17.69
N ASN C 179 -8.21 8.49 18.24
CA ASN C 179 -7.61 9.85 18.32
C ASN C 179 -8.07 10.46 19.62
N GLU C 180 -7.16 10.64 20.54
CA GLU C 180 -7.45 11.30 21.85
C GLU C 180 -8.64 10.62 22.49
N VAL C 181 -8.36 9.37 22.88
CA VAL C 181 -9.37 8.55 23.57
C VAL C 181 -9.69 9.22 24.92
N GLY C 182 -10.80 8.80 25.49
CA GLY C 182 -11.14 9.27 26.86
C GLY C 182 -12.57 9.78 27.01
N THR C 183 -12.88 10.43 28.14
CA THR C 183 -14.19 11.04 28.39
C THR C 183 -14.04 12.40 29.06
N TYR C 184 -14.73 13.36 28.48
CA TYR C 184 -14.98 14.70 29.10
C TYR C 184 -16.31 14.62 29.82
N GLY C 185 -16.41 15.16 31.04
CA GLY C 185 -17.70 15.29 31.75
C GLY C 185 -17.93 14.20 32.79
N ALA C 186 -16.98 13.30 32.98
CA ALA C 186 -17.11 12.10 33.82
C ALA C 186 -15.78 11.35 33.89
N VAL C 187 -15.56 10.60 34.97
CA VAL C 187 -14.24 9.95 35.18
C VAL C 187 -14.22 8.57 34.48
N ARG C 188 -15.38 7.94 34.34
CA ARG C 188 -15.52 6.57 33.80
C ARG C 188 -16.98 6.31 33.42
N ASP C 189 -17.25 5.15 32.82
CA ASP C 189 -18.64 4.70 32.65
C ASP C 189 -19.15 4.23 34.03
N TYR C 190 -20.35 4.65 34.40
CA TYR C 190 -21.04 4.19 35.64
C TYR C 190 -22.33 3.48 35.29
N SER C 191 -22.48 3.01 34.06
CA SER C 191 -23.66 2.18 33.68
C SER C 191 -23.71 0.89 34.49
N PRO C 192 -24.88 0.22 34.58
CA PRO C 192 -24.97 -1.12 35.14
C PRO C 192 -23.87 -2.07 34.68
N MET C 193 -23.72 -2.14 33.37
CA MET C 193 -22.68 -2.99 32.74
C MET C 193 -21.31 -2.67 33.37
N ALA C 194 -20.90 -1.39 33.40
CA ALA C 194 -19.53 -1.03 33.80
C ALA C 194 -19.41 -1.23 35.31
N GLN C 195 -20.47 -0.93 36.07
CA GLN C 195 -20.41 -1.05 37.56
C GLN C 195 -20.07 -2.49 37.96
N ALA C 196 -20.67 -3.49 37.30
CA ALA C 196 -20.40 -4.95 37.56
C ALA C 196 -18.93 -5.34 37.30
N VAL C 197 -18.22 -4.71 36.36
CA VAL C 197 -16.79 -5.05 36.17
C VAL C 197 -15.98 -4.28 37.23
N PHE C 198 -16.42 -3.08 37.56
CA PHE C 198 -15.76 -2.21 38.54
C PHE C 198 -15.84 -2.85 39.92
N ASN C 199 -17.01 -3.46 40.21
CA ASN C 199 -17.29 -4.05 41.54
C ASN C 199 -16.48 -5.34 41.69
N ALA C 200 -16.06 -5.94 40.57
CA ALA C 200 -15.36 -7.26 40.52
C ALA C 200 -13.82 -7.11 40.64
N ALA C 201 -13.13 -8.26 40.70
CA ALA C 201 -11.67 -8.37 40.94
C ALA C 201 -10.93 -7.61 39.86
N VAL C 202 -9.84 -6.95 40.19
CA VAL C 202 -8.95 -6.38 39.14
C VAL C 202 -8.39 -7.60 38.41
N PRO C 203 -8.48 -7.67 37.07
CA PRO C 203 -7.95 -8.78 36.29
C PRO C 203 -6.51 -9.12 36.74
N ASP C 204 -6.20 -10.43 36.81
CA ASP C 204 -4.92 -10.99 37.30
C ASP C 204 -3.71 -10.42 36.53
N ASP C 205 -3.81 -10.31 35.20
CA ASP C 205 -2.70 -9.83 34.33
C ASP C 205 -2.21 -8.47 34.85
N LEU C 206 -3.12 -7.52 35.13
CA LEU C 206 -2.78 -6.15 35.54
C LEU C 206 -2.17 -6.20 36.94
N ILE C 207 -2.80 -6.95 37.85
CA ILE C 207 -2.29 -7.10 39.24
C ILE C 207 -0.85 -7.66 39.20
N GLN C 208 -0.59 -8.66 38.35
CA GLN C 208 0.72 -9.39 38.36
C GLN C 208 1.76 -8.47 37.69
N LYS C 209 1.37 -7.68 36.69
CA LYS C 209 2.32 -6.72 36.06
C LYS C 209 2.66 -5.56 36.99
N LEU C 210 1.67 -4.96 37.67
CA LEU C 210 1.94 -3.83 38.60
C LEU C 210 2.48 -4.35 39.94
N GLN C 211 2.45 -5.67 40.18
CA GLN C 211 3.02 -6.34 41.38
C GLN C 211 2.31 -5.81 42.64
N LEU C 212 0.97 -5.76 42.58
CA LEU C 212 0.08 -5.29 43.66
C LEU C 212 -0.56 -6.50 44.36
N LYS C 213 -1.15 -6.28 45.54
CA LYS C 213 -1.94 -7.31 46.25
C LYS C 213 -3.30 -7.44 45.55
N PRO C 214 -3.80 -8.64 45.17
CA PRO C 214 -5.07 -8.79 44.45
C PRO C 214 -6.28 -8.20 45.18
N GLY C 215 -7.37 -7.93 44.47
CA GLY C 215 -8.57 -7.36 45.07
C GLY C 215 -9.45 -6.69 44.05
N THR C 216 -10.56 -6.07 44.48
CA THR C 216 -11.47 -5.33 43.56
C THR C 216 -10.85 -3.98 43.21
N TRP C 217 -11.41 -3.28 42.22
CA TRP C 217 -10.87 -1.98 41.76
C TRP C 217 -10.73 -0.99 42.92
N SER C 218 -11.76 -0.90 43.77
CA SER C 218 -11.82 0.04 44.89
C SER C 218 -10.76 -0.34 45.95
N GLN C 219 -10.59 -1.63 46.21
CA GLN C 219 -9.65 -2.09 47.29
C GLN C 219 -8.22 -1.81 46.84
N VAL C 220 -7.92 -2.07 45.58
CA VAL C 220 -6.51 -1.97 45.16
C VAL C 220 -6.11 -0.55 44.77
N PHE C 221 -6.99 0.28 44.20
CA PHE C 221 -6.51 1.61 43.70
C PHE C 221 -7.09 2.76 44.55
N GLY C 222 -8.00 2.44 45.46
CA GLY C 222 -8.59 3.48 46.34
C GLY C 222 -9.16 4.65 45.57
N ARG C 223 -8.78 5.89 45.92
CA ARG C 223 -9.27 7.17 45.35
C ARG C 223 -9.00 7.18 43.83
N ASP C 224 -7.97 6.48 43.33
CA ASP C 224 -7.66 6.45 41.87
C ASP C 224 -8.44 5.36 41.11
N ALA C 225 -9.33 4.62 41.74
CA ALA C 225 -10.02 3.45 41.12
C ALA C 225 -10.86 3.86 39.89
N ASP C 226 -11.63 4.94 39.98
CA ASP C 226 -12.55 5.36 38.89
C ASP C 226 -11.66 5.65 37.66
N GLU C 227 -10.66 6.52 37.83
CA GLU C 227 -9.81 6.98 36.69
C GLU C 227 -8.97 5.82 36.11
N PHE C 228 -8.43 5.01 36.98
CA PHE C 228 -7.55 3.87 36.56
C PHE C 228 -8.39 2.82 35.82
N PHE C 229 -9.62 2.60 36.28
CA PHE C 229 -10.59 1.69 35.65
C PHE C 229 -10.88 2.13 34.23
N HIS C 230 -11.23 3.40 34.03
CA HIS C 230 -11.49 3.91 32.67
C HIS C 230 -10.22 3.73 31.81
N ALA C 231 -9.07 4.16 32.29
CA ALA C 231 -7.80 4.00 31.54
C ALA C 231 -7.56 2.53 31.15
N TYR C 232 -7.72 1.63 32.11
CA TYR C 232 -7.48 0.20 31.85
C TYR C 232 -8.46 -0.27 30.77
N GLN C 233 -9.75 0.06 30.89
CA GLN C 233 -10.76 -0.47 29.92
C GLN C 233 -10.50 0.08 28.53
N ILE C 234 -10.10 1.34 28.42
CA ILE C 234 -9.82 1.91 27.08
C ILE C 234 -8.53 1.30 26.55
N ALA C 235 -7.51 1.15 27.38
CA ALA C 235 -6.21 0.59 26.96
C ALA C 235 -6.48 -0.82 26.38
N ARG C 236 -7.25 -1.64 27.09
CA ARG C 236 -7.61 -3.01 26.62
C ARG C 236 -8.32 -2.96 25.27
N TYR C 237 -9.26 -2.03 25.14
CA TYR C 237 -10.04 -1.89 23.89
C TYR C 237 -9.05 -1.59 22.79
N CYS C 238 -8.25 -0.56 22.95
CA CYS C 238 -7.27 -0.15 21.91
C CYS C 238 -6.24 -1.26 21.64
N ASP C 239 -5.83 -1.97 22.66
CA ASP C 239 -4.83 -3.05 22.48
C ASP C 239 -5.43 -4.13 21.59
N GLU C 240 -6.69 -4.48 21.83
CA GLU C 240 -7.39 -5.54 21.06
C GLU C 240 -7.53 -5.10 19.60
N VAL C 241 -7.89 -3.84 19.35
CA VAL C 241 -7.94 -3.32 17.94
C VAL C 241 -6.53 -3.45 17.35
N THR C 242 -5.53 -2.97 18.04
CA THR C 242 -4.11 -3.00 17.60
C THR C 242 -3.68 -4.44 17.25
N VAL C 243 -3.97 -5.42 18.11
CA VAL C 243 -3.50 -6.83 17.85
C VAL C 243 -4.15 -7.38 16.57
N ALA C 244 -5.43 -7.15 16.41
CA ALA C 244 -6.22 -7.59 15.23
C ALA C 244 -5.64 -6.95 13.96
N GLY C 245 -5.36 -5.64 13.96
CA GLY C 245 -4.73 -4.99 12.80
C GLY C 245 -3.32 -5.53 12.51
N LYS C 246 -2.50 -5.69 13.52
CA LYS C 246 -1.10 -6.15 13.35
C LYS C 246 -1.02 -7.60 12.85
N ALA C 247 -2.05 -8.40 13.14
CA ALA C 247 -2.07 -9.79 12.63
C ALA C 247 -2.25 -9.79 11.12
N ILE C 248 -2.74 -8.67 10.56
CA ILE C 248 -2.91 -8.54 9.09
C ILE C 248 -1.59 -7.95 8.58
N LYS C 249 -1.15 -6.83 9.14
CA LYS C 249 0.10 -6.16 8.72
C LYS C 249 0.74 -5.56 9.97
N ASN C 250 1.90 -6.09 10.36
CA ASN C 250 2.60 -5.75 11.62
C ASN C 250 3.27 -4.37 11.59
N LEU C 251 2.54 -3.30 11.28
CA LEU C 251 3.09 -1.93 11.32
C LEU C 251 3.18 -1.44 12.77
N PRO C 252 4.12 -0.53 13.10
CA PRO C 252 4.10 0.21 14.37
C PRO C 252 2.76 0.95 14.54
N MET C 253 2.19 0.94 15.74
CA MET C 253 0.90 1.56 16.04
C MET C 253 0.99 2.26 17.39
N TYR C 254 0.36 3.40 17.47
CA TYR C 254 0.46 4.20 18.68
C TYR C 254 -0.90 4.86 19.01
N VAL C 255 -0.93 5.43 20.19
CA VAL C 255 -2.08 6.24 20.63
C VAL C 255 -1.57 7.66 20.97
N ASN C 256 -2.40 8.65 20.76
CA ASN C 256 -2.04 10.08 20.98
C ASN C 256 -2.91 10.61 22.15
N VAL C 257 -2.30 11.37 23.05
CA VAL C 257 -2.98 11.75 24.31
C VAL C 257 -3.43 13.22 24.32
N ALA C 258 -4.70 13.46 24.70
CA ALA C 258 -5.20 14.78 25.11
C ALA C 258 -4.65 15.02 26.51
N LEU C 259 -3.57 15.77 26.57
CA LEU C 259 -2.76 15.89 27.80
C LEU C 259 -3.51 16.63 28.91
N ARG C 260 -3.30 16.19 30.16
CA ARG C 260 -3.60 17.05 31.34
C ARG C 260 -2.37 17.94 31.60
N ASN C 261 -2.55 19.08 32.27
CA ASN C 261 -1.42 19.97 32.65
C ASN C 261 -0.66 19.25 33.74
N PRO C 262 0.62 18.91 33.55
CA PRO C 262 1.35 18.06 34.49
C PRO C 262 1.50 18.75 35.84
N PHE C 263 1.53 20.08 35.83
CA PHE C 263 1.78 20.85 37.06
C PHE C 263 0.48 21.32 37.74
N ASN C 264 -0.66 21.18 37.08
CA ASN C 264 -1.95 21.71 37.60
C ASN C 264 -3.03 21.05 36.76
N PRO C 265 -3.19 19.71 36.89
CA PRO C 265 -4.08 18.96 35.98
C PRO C 265 -5.57 19.25 36.11
N GLY C 266 -6.01 19.66 37.28
CA GLY C 266 -7.45 19.66 37.59
C GLY C 266 -7.95 18.25 37.76
N LEU C 267 -9.22 18.02 37.49
CA LEU C 267 -9.85 16.72 37.81
C LEU C 267 -10.12 15.87 36.56
N PRO C 268 -9.96 14.53 36.61
CA PRO C 268 -10.29 13.65 35.48
C PRO C 268 -11.73 13.91 35.09
N GLY C 269 -11.98 14.22 33.83
CA GLY C 269 -13.32 14.62 33.40
C GLY C 269 -13.32 16.07 32.98
N GLN C 270 -12.49 16.86 33.65
CA GLN C 270 -12.19 18.23 33.23
C GLN C 270 -11.22 18.07 32.06
N TYR C 271 -10.16 17.28 32.31
CA TYR C 271 -9.27 16.74 31.25
C TYR C 271 -9.84 15.40 30.79
N SER C 272 -9.39 14.90 29.65
CA SER C 272 -10.03 13.70 29.03
C SER C 272 -9.64 12.46 29.83
N SER C 273 -10.54 11.98 30.68
CA SER C 273 -10.26 10.87 31.62
C SER C 273 -10.06 9.55 30.86
N GLY C 274 -9.00 8.80 31.17
CA GLY C 274 -8.84 7.42 30.67
C GLY C 274 -7.86 7.36 29.52
N GLY C 275 -7.53 8.50 28.94
CA GLY C 275 -6.41 8.64 27.99
C GLY C 275 -5.07 8.34 28.66
N GLY C 276 -3.97 8.31 27.92
CA GLY C 276 -2.63 8.01 28.47
C GLY C 276 -2.01 9.24 29.16
N THR C 277 -2.76 9.88 30.07
CA THR C 277 -2.26 11.01 30.87
C THR C 277 -1.14 10.53 31.82
N ASP C 278 -0.28 11.47 32.27
CA ASP C 278 1.01 11.11 32.90
C ASP C 278 0.76 10.24 34.13
N ASN C 279 -0.38 10.41 34.81
CA ASN C 279 -0.69 9.64 36.05
C ASN C 279 -1.09 8.19 35.72
N VAL C 280 -1.46 7.87 34.45
CA VAL C 280 -1.96 6.49 34.13
C VAL C 280 -1.06 5.83 33.08
N LEU C 281 0.14 6.31 32.87
CA LEU C 281 1.05 5.67 31.90
C LEU C 281 1.36 4.25 32.34
N HIS C 282 1.46 4.03 33.64
CA HIS C 282 1.72 2.67 34.16
C HIS C 282 0.56 1.70 33.87
N ILE C 283 -0.70 2.17 33.92
CA ILE C 283 -1.90 1.35 33.61
C ILE C 283 -1.88 1.03 32.11
N TRP C 284 -1.65 2.04 31.29
CA TRP C 284 -1.58 1.87 29.81
C TRP C 284 -0.50 0.84 29.42
N LYS C 285 0.72 0.93 29.97
CA LYS C 285 1.84 0.04 29.62
C LYS C 285 1.53 -1.40 30.01
N ALA C 286 0.90 -1.59 31.16
CA ALA C 286 0.60 -2.94 31.65
C ALA C 286 -0.56 -3.52 30.83
N ALA C 287 -1.56 -2.68 30.51
CA ALA C 287 -2.83 -3.07 29.85
C ALA C 287 -2.63 -3.26 28.33
N ALA C 288 -1.76 -2.50 27.69
CA ALA C 288 -1.69 -2.48 26.20
C ALA C 288 -0.26 -2.79 25.75
N PRO C 289 0.24 -4.02 25.95
CA PRO C 289 1.60 -4.40 25.56
C PRO C 289 1.84 -4.35 24.05
N ASN C 290 0.77 -4.38 23.26
CA ASN C 290 0.96 -4.40 21.78
C ASN C 290 0.93 -3.00 21.15
N ILE C 291 0.69 -1.95 21.94
CA ILE C 291 0.71 -0.55 21.43
C ILE C 291 2.16 -0.07 21.58
N ASP C 292 2.79 0.36 20.49
CA ASP C 292 4.26 0.54 20.49
C ASP C 292 4.63 1.74 21.35
N LEU C 293 3.82 2.79 21.32
CA LEU C 293 4.14 4.00 22.13
C LEU C 293 2.88 4.81 22.43
N ILE C 294 2.95 5.67 23.44
CA ILE C 294 1.94 6.67 23.85
C ILE C 294 2.53 8.06 23.59
N ALA C 295 1.90 8.81 22.70
CA ALA C 295 2.45 10.08 22.18
C ALA C 295 1.70 11.30 22.73
N PRO C 296 2.41 12.33 23.24
CA PRO C 296 1.82 13.57 23.70
C PRO C 296 1.34 14.48 22.56
N ASP C 297 0.20 15.14 22.76
CA ASP C 297 -0.33 16.15 21.84
C ASP C 297 -0.12 17.49 22.54
N ILE C 298 0.85 18.25 22.08
CA ILE C 298 1.31 19.41 22.89
C ILE C 298 0.76 20.74 22.37
N TYR C 299 -0.01 21.45 23.20
CA TYR C 299 -0.52 22.80 22.84
C TYR C 299 -0.25 23.78 23.98
N PHE C 300 0.45 23.36 25.00
CA PHE C 300 0.85 24.30 26.07
C PHE C 300 1.84 25.31 25.49
N ARG C 301 1.77 26.59 25.86
CA ARG C 301 2.72 27.48 25.17
C ARG C 301 4.00 27.60 25.96
N ASP C 302 3.89 27.54 27.30
CA ASP C 302 5.03 27.93 28.16
C ASP C 302 6.09 26.83 28.16
N TYR C 303 7.35 27.23 28.04
CA TYR C 303 8.53 26.34 27.97
C TYR C 303 8.53 25.31 29.09
N LYS C 304 8.32 25.77 30.32
CA LYS C 304 8.45 24.88 31.49
C LYS C 304 7.45 23.73 31.35
N THR C 305 6.22 23.98 30.88
CA THR C 305 5.16 22.93 30.78
C THR C 305 5.48 22.00 29.62
N VAL C 306 5.81 22.60 28.48
CA VAL C 306 6.19 21.74 27.32
C VAL C 306 7.38 20.84 27.76
N SER C 307 8.41 21.40 28.39
CA SER C 307 9.61 20.63 28.80
C SER C 307 9.18 19.46 29.69
N LYS C 308 8.31 19.75 30.66
CA LYS C 308 7.88 18.72 31.62
C LYS C 308 7.12 17.63 30.84
N VAL C 309 6.30 18.02 29.88
CA VAL C 309 5.62 16.98 29.07
C VAL C 309 6.69 16.13 28.39
N LEU C 310 7.63 16.75 27.73
CA LEU C 310 8.65 15.94 26.97
C LEU C 310 9.35 15.01 27.96
N GLU C 311 9.57 15.48 29.21
CA GLU C 311 10.33 14.67 30.20
C GLU C 311 9.50 13.43 30.56
N LEU C 312 8.22 13.62 30.82
CA LEU C 312 7.35 12.55 31.37
C LEU C 312 7.09 11.50 30.28
N TYR C 313 7.08 11.91 29.01
CA TYR C 313 6.70 10.94 27.95
C TYR C 313 7.94 10.23 27.37
N THR C 314 9.17 10.63 27.72
CA THR C 314 10.41 9.96 27.27
C THR C 314 10.79 9.02 28.41
N ARG C 315 10.63 7.73 28.19
CA ARG C 315 10.87 6.67 29.21
C ARG C 315 11.60 5.48 28.58
N PRO C 316 12.32 4.66 29.39
CA PRO C 316 12.93 3.44 28.86
C PRO C 316 11.92 2.56 28.11
N ASP C 317 10.66 2.62 28.56
CA ASP C 317 9.51 1.85 28.00
C ASP C 317 8.64 2.68 27.04
N ASN C 318 9.08 3.84 26.60
CA ASN C 318 8.18 4.69 25.77
C ASN C 318 9.04 5.61 24.92
N ALA C 319 9.11 5.31 23.63
CA ALA C 319 9.76 6.22 22.67
C ALA C 319 9.02 7.55 22.62
N LEU C 320 9.73 8.64 22.43
CA LEU C 320 9.06 9.95 22.31
C LEU C 320 8.67 10.22 20.86
N PHE C 321 7.42 10.52 20.66
CA PHE C 321 6.89 10.97 19.35
C PHE C 321 5.93 12.11 19.66
N VAL C 322 6.25 13.32 19.24
CA VAL C 322 5.33 14.47 19.34
C VAL C 322 4.30 14.38 18.21
N ALA C 323 3.26 13.59 18.46
CA ALA C 323 2.23 13.23 17.44
C ALA C 323 1.48 14.46 16.94
N GLU C 324 1.32 15.45 17.82
CA GLU C 324 0.70 16.75 17.52
C GLU C 324 1.44 17.80 18.33
N ILE C 325 1.58 18.95 17.69
CA ILE C 325 1.98 20.14 18.43
C ILE C 325 1.32 21.34 17.77
N GLY C 326 1.09 22.44 18.48
CA GLY C 326 0.47 23.61 17.84
C GLY C 326 1.32 24.15 16.69
N ASN C 327 0.66 24.87 15.76
CA ASN C 327 1.39 25.33 14.55
C ASN C 327 1.73 26.81 14.68
N ASP C 328 1.57 27.36 15.87
CA ASP C 328 1.95 28.75 16.10
C ASP C 328 3.48 28.84 16.21
N GLN C 329 4.04 30.02 15.97
CA GLN C 329 5.48 30.25 15.96
C GLN C 329 6.20 29.68 17.18
N PRO C 330 5.74 29.87 18.45
CA PRO C 330 6.54 29.44 19.60
C PRO C 330 6.83 27.92 19.63
N PHE C 331 6.10 27.15 18.84
CA PHE C 331 6.15 25.68 19.01
C PHE C 331 7.31 25.11 18.20
N ALA C 332 7.82 25.84 17.19
CA ALA C 332 8.82 25.27 16.25
C ALA C 332 10.08 24.90 17.01
N ARG C 333 10.49 25.71 17.99
CA ARG C 333 11.79 25.46 18.66
C ARG C 333 11.77 24.15 19.47
N TYR C 334 10.59 23.57 19.72
CA TYR C 334 10.51 22.33 20.48
C TYR C 334 10.98 21.11 19.68
N LEU C 335 11.21 21.23 18.37
CA LEU C 335 11.83 20.12 17.62
C LEU C 335 13.17 19.81 18.30
N PHE C 336 13.92 20.82 18.76
CA PHE C 336 15.31 20.59 19.25
C PHE C 336 15.29 19.70 20.51
N PRO C 337 14.59 20.04 21.61
CA PRO C 337 14.54 19.15 22.77
C PRO C 337 13.95 17.78 22.44
N THR C 338 12.96 17.77 21.52
CA THR C 338 12.29 16.50 21.16
C THR C 338 13.36 15.56 20.58
N LEU C 339 14.18 16.04 19.66
CA LEU C 339 15.20 15.18 19.02
C LEU C 339 16.32 14.90 20.03
N GLY C 340 16.69 15.87 20.85
CA GLY C 340 17.74 15.67 21.85
C GLY C 340 17.40 14.62 22.92
N LYS C 341 16.11 14.39 23.16
CA LYS C 341 15.65 13.32 24.06
C LYS C 341 15.68 11.98 23.33
N GLY C 342 16.13 11.94 22.08
CA GLY C 342 16.05 10.72 21.27
C GLY C 342 14.68 10.51 20.67
N GLY C 343 13.88 11.54 20.56
CA GLY C 343 12.54 11.43 19.95
C GLY C 343 12.64 10.93 18.51
N ILE C 344 11.62 10.20 18.07
CA ILE C 344 11.56 9.60 16.71
C ILE C 344 10.81 10.53 15.74
N GLY C 345 10.18 11.61 16.23
CA GLY C 345 9.34 12.39 15.32
C GLY C 345 8.59 13.57 15.98
N PHE C 346 8.04 14.44 15.15
CA PHE C 346 7.55 15.77 15.53
C PHE C 346 6.59 16.15 14.42
N SER C 347 5.34 16.48 14.74
CA SER C 347 4.33 16.71 13.71
C SER C 347 3.40 17.87 14.03
N PRO C 348 3.73 19.13 13.61
CA PRO C 348 2.81 20.27 13.75
C PRO C 348 1.42 19.94 13.19
N PHE C 349 0.38 20.42 13.88
CA PHE C 349 -1.04 20.21 13.56
C PHE C 349 -1.65 21.34 12.73
N GLY C 350 -2.45 20.96 11.73
CA GLY C 350 -3.19 21.94 10.94
C GLY C 350 -2.39 22.59 9.81
N MET C 351 -1.47 21.85 9.22
CA MET C 351 -0.60 22.35 8.14
C MET C 351 -1.28 22.07 6.80
N ASP C 352 -2.41 22.74 6.55
CA ASP C 352 -3.05 22.74 5.23
C ASP C 352 -3.84 24.03 5.00
N ASP C 353 -4.24 24.25 3.75
CA ASP C 353 -4.85 25.54 3.35
C ASP C 353 -6.34 25.30 3.11
N THR C 354 -6.99 24.55 4.02
CA THR C 354 -8.43 24.21 3.94
C THR C 354 -9.29 25.23 4.67
N ASP C 355 -8.80 26.45 4.83
CA ASP C 355 -9.58 27.57 5.40
C ASP C 355 -9.97 27.26 6.83
N TYR C 356 -9.02 26.94 7.68
CA TYR C 356 -9.38 26.69 9.11
C TYR C 356 -8.16 26.83 9.98
N THR C 357 -8.29 27.52 11.12
N THR C 357 -8.31 27.51 11.11
CA THR C 357 -7.21 27.62 12.13
CA THR C 357 -7.21 27.56 12.12
C THR C 357 -7.79 27.26 13.48
C THR C 357 -7.80 27.25 13.48
N ASN C 358 -7.04 26.48 14.28
CA ASN C 358 -7.50 26.06 15.61
C ASN C 358 -7.02 27.11 16.64
N TYR C 359 -6.57 28.30 16.19
CA TYR C 359 -6.34 29.48 17.09
C TYR C 359 -7.53 29.56 18.05
N PRO C 360 -7.37 29.66 19.37
CA PRO C 360 -6.13 30.07 20.01
C PRO C 360 -5.08 28.99 20.30
N LEU C 361 -5.35 27.73 19.92
CA LEU C 361 -4.37 26.64 20.13
C LEU C 361 -3.20 26.85 19.17
N GLY C 362 -3.50 27.20 17.94
CA GLY C 362 -2.42 27.42 16.96
C GLY C 362 -2.43 28.80 16.38
N ALA C 363 -1.87 28.93 15.17
CA ALA C 363 -1.54 30.19 14.48
C ALA C 363 -2.81 30.95 14.20
N LYS C 364 -2.82 32.23 14.51
CA LYS C 364 -4.02 33.07 14.21
C LYS C 364 -4.27 33.08 12.70
N VAL C 365 -3.21 33.25 11.92
CA VAL C 365 -3.34 33.33 10.44
C VAL C 365 -2.50 32.18 9.89
N TYR C 366 -3.07 31.38 9.01
CA TYR C 366 -2.30 30.32 8.30
C TYR C 366 -1.79 30.91 6.99
N ASN C 367 -0.48 31.10 6.86
CA ASN C 367 0.10 31.62 5.61
C ASN C 367 1.54 31.09 5.43
N ASP C 368 2.24 31.56 4.41
CA ASP C 368 3.58 31.01 4.10
C ASP C 368 4.49 31.27 5.32
N GLU C 369 4.37 32.41 5.99
CA GLU C 369 5.19 32.74 7.21
C GLU C 369 4.92 31.70 8.29
N THR C 370 3.68 31.29 8.53
CA THR C 370 3.36 30.22 9.53
C THR C 370 4.21 28.97 9.21
N ILE C 371 4.20 28.57 7.94
CA ILE C 371 4.87 27.31 7.50
C ILE C 371 6.39 27.49 7.69
N GLU C 372 6.87 28.65 7.21
CA GLU C 372 8.32 29.01 7.26
C GLU C 372 8.94 28.75 8.66
N GLN C 373 8.20 29.02 9.76
CA GLN C 373 8.81 28.85 11.11
C GLN C 373 9.22 27.38 11.29
N PHE C 374 8.40 26.46 10.79
CA PHE C 374 8.76 25.01 10.81
C PHE C 374 9.78 24.64 9.72
N ALA C 375 9.64 25.22 8.54
CA ALA C 375 10.56 24.89 7.43
C ALA C 375 12.02 25.22 7.84
N GLN C 376 12.23 26.33 8.53
CA GLN C 376 13.58 26.74 8.92
C GLN C 376 14.17 25.71 9.88
N VAL C 377 13.40 25.15 10.83
CA VAL C 377 14.09 24.20 11.75
C VAL C 377 14.23 22.82 11.06
N TYR C 378 13.27 22.47 10.18
CA TYR C 378 13.39 21.18 9.46
C TYR C 378 14.64 21.20 8.56
N ARG C 379 14.99 22.37 8.01
CA ARG C 379 16.21 22.47 7.15
C ARG C 379 17.50 22.13 7.88
N LEU C 380 17.52 22.26 9.20
CA LEU C 380 18.69 21.83 9.99
C LEU C 380 18.84 20.31 10.04
N VAL C 381 17.71 19.59 9.99
CA VAL C 381 17.69 18.12 10.29
C VAL C 381 17.65 17.31 8.96
N ASN C 382 16.86 17.74 8.00
CA ASN C 382 16.67 17.06 6.71
C ASN C 382 18.00 16.61 6.10
N PRO C 383 19.01 17.47 6.00
CA PRO C 383 20.29 17.13 5.38
C PRO C 383 21.10 16.01 6.06
N MET C 384 20.76 15.70 7.30
CA MET C 384 21.47 14.66 8.08
C MET C 384 20.44 13.71 8.70
N MET C 385 19.26 13.54 8.11
CA MET C 385 18.17 12.87 8.87
C MET C 385 18.56 11.42 9.23
N ARG C 386 19.09 10.67 8.29
CA ARG C 386 19.43 9.24 8.59
C ARG C 386 20.63 9.15 9.52
N GLU C 387 21.60 10.08 9.40
CA GLU C 387 22.80 10.09 10.29
C GLU C 387 22.39 10.46 11.72
N TRP C 388 21.53 11.46 11.86
CA TRP C 388 20.99 11.84 13.19
C TRP C 388 20.20 10.68 13.76
N ALA C 389 19.32 10.07 12.96
CA ALA C 389 18.49 8.97 13.51
C ALA C 389 19.41 7.87 14.06
N ARG C 390 20.49 7.52 13.33
CA ARG C 390 21.37 6.39 13.81
C ARG C 390 22.09 6.83 15.08
N LEU C 391 22.57 8.08 15.10
CA LEU C 391 23.34 8.61 16.26
C LEU C 391 22.47 8.66 17.49
N SER C 392 21.20 9.04 17.33
CA SER C 392 20.24 9.16 18.46
C SER C 392 19.98 7.75 19.06
N TYR C 393 19.73 6.74 18.24
CA TYR C 393 19.49 5.36 18.73
C TYR C 393 20.72 4.70 19.40
N GLN C 394 21.91 4.77 18.76
CA GLN C 394 23.10 3.95 19.16
C GLN C 394 23.94 4.71 20.17
N GLY C 395 24.03 6.02 19.98
CA GLY C 395 25.00 6.87 20.70
C GLY C 395 24.31 7.90 21.54
N GLN C 396 24.98 9.05 21.65
CA GLN C 396 24.65 10.09 22.63
C GLN C 396 24.21 11.33 21.86
N VAL C 397 23.03 11.90 22.15
CA VAL C 397 22.58 13.16 21.55
C VAL C 397 22.07 14.08 22.67
N TRP C 398 21.99 15.35 22.33
CA TRP C 398 21.49 16.43 23.18
C TRP C 398 20.74 17.46 22.36
N GLY C 399 19.74 18.12 22.96
CA GLY C 399 18.93 19.13 22.27
C GLY C 399 18.31 20.08 23.25
N VAL C 400 18.38 21.38 22.91
CA VAL C 400 17.79 22.42 23.79
C VAL C 400 17.04 23.47 22.95
N ALA C 401 16.06 24.09 23.57
CA ALA C 401 15.34 25.22 22.98
C ALA C 401 15.53 26.43 23.90
N GLU C 402 15.31 27.60 23.32
CA GLU C 402 15.33 28.87 24.10
C GLU C 402 14.37 28.75 25.28
N PRO C 403 14.85 28.88 26.56
CA PRO C 403 14.06 28.55 27.75
C PRO C 403 13.24 29.70 28.35
N LEU C 404 13.28 30.87 27.72
CA LEU C 404 12.35 31.99 28.05
C LEU C 404 11.33 32.19 26.91
N ASP C 405 10.05 32.28 27.25
CA ASP C 405 8.98 32.60 26.27
C ASP C 405 9.10 34.07 25.92
N SER C 406 8.56 34.49 24.79
CA SER C 406 8.58 35.92 24.38
C SER C 406 7.95 36.73 25.51
N THR C 407 8.44 37.94 25.69
CA THR C 407 7.87 38.91 26.65
C THR C 407 6.53 39.42 26.16
N THR C 408 5.51 39.41 27.03
N GLU C 422 16.31 47.74 39.15
CA GLU C 422 15.35 46.74 38.64
C GLU C 422 15.82 46.29 37.25
N LYS C 423 15.74 47.21 36.28
CA LYS C 423 16.06 46.98 34.84
C LYS C 423 17.37 46.20 34.68
N GLU C 424 18.47 46.74 35.23
CA GLU C 424 19.82 46.12 35.17
C GLU C 424 19.75 44.72 35.79
N GLN C 425 19.09 44.59 36.95
CA GLN C 425 18.93 43.29 37.67
C GLN C 425 18.16 42.31 36.79
N HIS C 426 17.13 42.81 36.10
CA HIS C 426 16.26 42.03 35.18
C HIS C 426 17.04 41.62 33.93
N LYS C 427 17.90 42.48 33.37
CA LYS C 427 18.74 42.10 32.20
C LYS C 427 19.69 40.97 32.65
N LYS C 428 20.30 41.08 33.84
CA LYS C 428 21.27 40.08 34.36
C LYS C 428 20.59 38.73 34.56
N ASP C 429 19.36 38.77 35.10
CA ASP C 429 18.56 37.56 35.44
C ASP C 429 18.16 36.84 34.14
N ARG C 430 17.67 37.60 33.17
CA ARG C 430 17.34 37.07 31.82
C ARG C 430 18.58 36.43 31.19
N ALA C 431 19.73 37.10 31.23
CA ALA C 431 20.99 36.54 30.66
C ALA C 431 21.26 35.18 31.31
N SER C 432 21.18 35.07 32.63
CA SER C 432 21.45 33.80 33.32
C SER C 432 20.50 32.69 32.82
N ALA C 433 19.21 33.01 32.74
CA ALA C 433 18.16 32.03 32.35
C ALA C 433 18.29 31.63 30.88
N LEU C 434 18.87 32.49 30.07
CA LEU C 434 19.04 32.20 28.62
C LEU C 434 20.44 31.61 28.40
N THR C 435 21.06 31.02 29.43
CA THR C 435 22.35 30.31 29.33
C THR C 435 22.12 28.86 29.79
N GLN C 436 22.30 27.87 28.91
CA GLN C 436 22.07 26.44 29.24
C GLN C 436 23.39 25.69 29.20
N GLN C 437 23.62 24.79 30.16
CA GLN C 437 24.83 23.95 30.13
C GLN C 437 24.47 22.52 29.74
N LEU C 438 25.34 21.90 28.97
CA LEU C 438 25.20 20.48 28.57
C LEU C 438 26.49 19.74 28.87
N ASP C 439 26.41 18.58 29.52
CA ASP C 439 27.59 17.77 29.89
C ASP C 439 27.79 16.71 28.80
N LEU C 440 28.80 16.90 27.95
CA LEU C 440 29.02 16.01 26.79
C LEU C 440 30.12 15.00 27.07
N GLY C 441 30.48 14.77 28.33
CA GLY C 441 31.55 13.78 28.62
C GLY C 441 32.83 14.50 29.01
N LEU C 442 33.87 14.46 28.17
CA LEU C 442 35.13 15.20 28.43
C LEU C 442 34.95 16.70 28.19
N TRP C 443 33.86 17.10 27.52
CA TRP C 443 33.61 18.52 27.15
C TRP C 443 32.22 18.93 27.59
N ASP C 444 32.02 20.22 27.83
CA ASP C 444 30.65 20.77 28.03
C ASP C 444 30.36 21.74 26.91
N ALA C 445 29.07 21.93 26.65
CA ALA C 445 28.60 23.02 25.78
C ALA C 445 27.80 24.00 26.63
N GLU C 446 27.94 25.27 26.31
CA GLU C 446 27.15 26.36 26.88
C GLU C 446 26.38 26.95 25.71
N VAL C 447 25.06 26.97 25.81
CA VAL C 447 24.18 27.46 24.69
C VAL C 447 23.53 28.75 25.18
N THR C 448 23.67 29.82 24.42
CA THR C 448 23.07 31.13 24.75
C THR C 448 22.28 31.70 23.58
N TYR C 449 21.28 32.55 23.86
CA TYR C 449 20.28 32.99 22.87
C TYR C 449 20.19 34.51 22.77
N GLY C 450 20.30 35.04 21.56
CA GLY C 450 20.03 36.47 21.30
C GLY C 450 21.19 37.36 21.66
N ARG C 451 22.30 37.27 20.92
CA ARG C 451 23.52 38.09 21.10
C ARG C 451 24.27 38.18 19.79
N PRO C 452 25.21 39.12 19.66
CA PRO C 452 26.01 39.28 18.45
C PRO C 452 26.84 38.02 18.18
N MET C 453 27.45 38.01 17.00
CA MET C 453 28.27 36.88 16.54
C MET C 453 29.73 37.18 16.89
N PHE C 454 29.97 38.27 17.57
CA PHE C 454 31.30 38.81 17.90
C PHE C 454 31.26 39.40 19.31
N TRP C 455 32.28 39.09 20.09
CA TRP C 455 32.46 39.65 21.46
C TRP C 455 31.46 38.98 22.44
N VAL C 456 31.38 39.46 23.67
CA VAL C 456 30.76 38.68 24.78
C VAL C 456 29.69 39.47 25.50
N THR C 457 28.98 40.39 24.87
CA THR C 457 27.83 41.10 25.47
C THR C 457 26.80 40.02 25.87
N PRO C 458 26.22 40.07 27.09
CA PRO C 458 25.34 39.01 27.56
C PRO C 458 24.13 38.75 26.66
N PRO C 459 23.60 37.50 26.59
CA PRO C 459 22.37 37.20 25.83
C PRO C 459 21.12 37.97 26.30
N GLU C 460 20.30 38.40 25.35
CA GLU C 460 19.05 39.13 25.63
C GLU C 460 17.85 38.36 25.03
N GLY C 461 18.06 37.20 24.41
CA GLY C 461 16.92 36.42 23.87
C GLY C 461 16.59 36.86 22.46
N ASN C 462 15.99 35.95 21.70
CA ASN C 462 15.44 36.32 20.41
C ASN C 462 14.05 36.94 20.60
N THR C 463 13.60 37.75 19.64
CA THR C 463 12.21 38.27 19.67
C THR C 463 11.51 37.95 18.36
N PRO C 464 10.53 37.00 18.32
CA PRO C 464 10.10 36.16 19.45
C PRO C 464 11.12 35.07 19.81
N ALA C 465 10.95 34.40 20.96
CA ALA C 465 11.78 33.25 21.38
C ALA C 465 11.72 32.21 20.26
N ALA C 466 12.85 31.60 19.92
CA ALA C 466 12.87 30.76 18.71
C ALA C 466 14.11 29.88 18.62
N GLY C 467 15.12 30.09 19.46
CA GLY C 467 16.39 29.40 19.22
C GLY C 467 16.46 27.99 19.75
N GLY C 468 17.47 27.29 19.32
CA GLY C 468 17.82 25.99 19.86
C GLY C 468 19.10 25.40 19.29
N ALA C 469 19.44 24.19 19.69
CA ALA C 469 20.71 23.52 19.32
C ALA C 469 20.58 22.00 19.41
N LEU C 470 21.25 21.31 18.49
CA LEU C 470 21.36 19.83 18.48
C LEU C 470 22.82 19.46 18.52
N ILE C 471 23.17 18.48 19.32
CA ILE C 471 24.56 18.01 19.37
C ILE C 471 24.52 16.51 19.39
N ALA C 472 25.43 15.87 18.65
CA ALA C 472 25.60 14.41 18.68
C ALA C 472 27.09 14.14 18.89
N GLN C 473 27.41 13.22 19.78
CA GLN C 473 28.81 12.81 19.96
C GLN C 473 29.19 11.80 18.86
N LEU C 474 30.30 12.08 18.19
CA LEU C 474 30.93 11.19 17.20
C LEU C 474 32.06 10.37 17.84
N ASP C 475 32.84 10.99 18.73
CA ASP C 475 34.03 10.37 19.37
C ASP C 475 34.19 11.12 20.68
N ASP C 476 35.16 10.68 21.48
CA ASP C 476 35.46 11.26 22.81
C ASP C 476 35.64 12.78 22.73
N ASN C 477 36.23 13.29 21.66
CA ASN C 477 36.52 14.73 21.52
C ASN C 477 35.84 15.35 20.30
N GLU C 478 34.92 14.66 19.65
CA GLU C 478 34.34 15.16 18.39
C GLU C 478 32.82 15.10 18.44
N TYR C 479 32.18 16.13 17.93
CA TYR C 479 30.72 16.36 18.03
C TYR C 479 30.19 16.85 16.69
N LEU C 480 28.98 16.44 16.40
CA LEU C 480 28.15 17.00 15.32
C LEU C 480 27.26 18.07 15.94
N VAL C 481 27.25 19.28 15.38
CA VAL C 481 26.53 20.44 15.95
C VAL C 481 25.78 21.16 14.83
N THR C 482 24.55 21.51 15.14
CA THR C 482 23.75 22.44 14.31
C THR C 482 22.85 23.22 15.26
N ALA C 483 22.65 24.49 15.03
CA ALA C 483 21.83 25.31 15.96
C ALA C 483 21.14 26.44 15.22
N TYR C 484 20.33 27.20 15.94
CA TYR C 484 19.41 28.15 15.28
C TYR C 484 19.28 29.34 16.22
N LYS C 485 19.67 30.52 15.75
CA LYS C 485 19.50 31.77 16.51
C LYS C 485 20.07 31.59 17.92
N ALA C 486 21.29 31.11 17.99
CA ALA C 486 21.95 30.80 19.28
C ALA C 486 23.48 30.75 19.12
N ARG C 487 24.22 30.73 20.24
CA ARG C 487 25.68 30.52 20.28
C ARG C 487 25.93 29.26 21.06
N VAL C 488 26.84 28.45 20.56
CA VAL C 488 27.24 27.20 21.21
C VAL C 488 28.73 27.30 21.46
N GLU C 489 29.14 27.18 22.73
CA GLU C 489 30.55 27.35 23.16
C GLU C 489 31.00 26.07 23.87
N PHE C 490 32.16 25.54 23.51
CA PHE C 490 32.71 24.30 24.12
C PHE C 490 33.71 24.67 25.19
N LYS C 491 33.80 23.83 26.23
CA LYS C 491 34.83 23.94 27.29
C LYS C 491 35.10 22.57 27.89
N PRO C 492 36.22 22.37 28.61
CA PRO C 492 36.50 21.10 29.29
C PRO C 492 35.41 20.80 30.32
N SER C 493 35.07 19.53 30.54
CA SER C 493 33.98 19.19 31.48
C SER C 493 34.53 19.24 32.90
N GLN C 494 35.81 18.90 33.05
CA GLN C 494 36.49 18.79 34.37
C GLN C 494 37.73 19.71 34.35
N GLU C 495 38.08 20.32 35.48
CA GLU C 495 39.27 21.22 35.59
C GLU C 495 40.54 20.39 35.37
N LEU C 496 41.19 20.53 34.22
CA LEU C 496 42.40 19.73 33.86
C LEU C 496 43.61 20.33 34.59
N ALA C 497 44.76 19.66 34.54
CA ALA C 497 45.92 20.01 35.38
C ALA C 497 47.22 19.95 34.55
N GLY C 498 47.86 21.11 34.31
CA GLY C 498 49.09 21.25 33.47
C GLY C 498 48.74 21.42 32.00
N LYS C 499 47.46 21.43 31.67
CA LYS C 499 46.94 21.40 30.28
C LYS C 499 46.05 22.62 29.98
N LYS C 500 46.06 23.01 28.72
CA LYS C 500 45.16 24.06 28.20
C LYS C 500 44.21 23.36 27.23
N PHE C 501 43.32 24.11 26.61
CA PHE C 501 42.37 23.43 25.69
C PHE C 501 42.10 24.36 24.54
N MET C 502 41.75 23.79 23.40
CA MET C 502 41.25 24.61 22.29
C MET C 502 40.32 23.80 21.40
N ILE C 503 39.70 24.50 20.47
CA ILE C 503 39.08 23.83 19.30
C ILE C 503 40.25 23.32 18.46
N GLU C 504 40.27 22.05 18.12
CA GLU C 504 41.29 21.55 17.18
C GLU C 504 40.83 21.97 15.77
N ARG C 505 39.59 21.69 15.40
CA ARG C 505 39.09 21.99 14.05
C ARG C 505 37.57 21.98 14.02
N VAL C 506 36.98 22.99 13.40
CA VAL C 506 35.51 22.99 13.13
C VAL C 506 35.34 22.90 11.62
N GLU C 507 34.61 21.91 11.12
CA GLU C 507 34.37 21.80 9.66
C GLU C 507 32.88 21.94 9.40
N GLU C 508 32.50 22.78 8.46
CA GLU C 508 31.10 22.81 8.00
C GLU C 508 31.02 21.84 6.82
N GLY C 509 29.96 21.06 6.73
CA GLY C 509 29.85 20.13 5.58
C GLY C 509 28.53 19.43 5.54
N ARG C 510 28.50 18.29 4.88
CA ARG C 510 27.24 17.55 4.68
C ARG C 510 27.56 16.07 4.55
N PHE C 511 26.55 15.24 4.65
CA PHE C 511 26.66 13.79 4.34
C PHE C 511 26.18 13.58 2.91
N GLU C 512 27.01 12.94 2.10
CA GLU C 512 26.64 12.47 0.74
C GLU C 512 26.95 10.97 0.66
N LYS C 513 25.94 10.12 0.43
CA LYS C 513 26.07 8.64 0.42
C LYS C 513 26.68 8.16 1.75
N GLY C 514 26.13 8.62 2.88
CA GLY C 514 26.57 8.28 4.26
C GLY C 514 27.94 8.83 4.65
N LYS C 515 28.64 9.54 3.73
CA LYS C 515 30.05 9.98 3.90
C LYS C 515 30.06 11.49 4.15
N TRP C 516 30.94 11.95 5.04
CA TRP C 516 31.13 13.39 5.31
C TRP C 516 31.94 14.05 4.19
N VAL C 517 31.41 15.16 3.72
CA VAL C 517 32.08 16.00 2.70
C VAL C 517 32.24 17.37 3.35
N MET C 518 33.50 17.78 3.50
CA MET C 518 33.85 19.10 4.06
C MET C 518 33.58 20.18 3.02
N GLU C 519 32.90 21.28 3.40
CA GLU C 519 32.72 22.48 2.57
C GLU C 519 33.74 23.55 2.93
N ARG C 520 33.93 23.80 4.21
CA ARG C 520 34.94 24.81 4.67
C ARG C 520 35.26 24.58 6.14
N VAL C 521 36.29 25.22 6.59
CA VAL C 521 36.72 25.17 8.02
C VAL C 521 36.30 26.49 8.66
N TRP C 522 35.56 26.44 9.74
CA TRP C 522 35.28 27.62 10.58
C TRP C 522 36.48 27.90 11.45
N ASN C 523 36.95 29.11 11.47
CA ASN C 523 38.15 29.50 12.25
C ASN C 523 38.14 31.02 12.51
N GLY C 524 39.10 31.53 13.28
CA GLY C 524 39.15 32.99 13.45
C GLY C 524 37.86 33.52 14.09
N ASP C 525 37.33 34.60 13.55
CA ASP C 525 36.09 35.18 14.11
C ASP C 525 34.97 34.18 14.29
N GLN C 526 34.93 33.19 13.41
CA GLN C 526 33.75 32.26 13.44
C GLN C 526 33.84 31.28 14.62
N THR C 527 34.97 31.16 15.29
CA THR C 527 35.08 30.23 16.45
C THR C 527 35.58 30.99 17.69
N ASP C 528 36.08 32.22 17.57
CA ASP C 528 36.66 32.92 18.75
C ASP C 528 35.58 33.18 19.80
N TRP C 529 34.33 33.38 19.37
CA TRP C 529 33.19 33.80 20.23
C TRP C 529 32.11 32.73 20.22
N GLY C 530 32.52 31.49 20.42
CA GLY C 530 31.56 30.38 20.32
C GLY C 530 31.26 30.13 18.85
N LEU C 531 30.23 29.35 18.61
CA LEU C 531 29.79 28.99 17.27
C LEU C 531 28.43 29.64 17.16
N ASN C 532 28.31 30.60 16.24
CA ASN C 532 27.16 31.50 16.15
C ASN C 532 26.28 31.12 14.98
N PHE C 533 25.02 30.88 15.24
CA PHE C 533 24.07 30.46 14.20
C PHE C 533 22.98 31.50 14.09
N THR C 534 22.45 31.68 12.90
CA THR C 534 21.32 32.59 12.65
C THR C 534 20.12 31.73 12.27
N ASP C 535 19.44 32.05 11.18
CA ASP C 535 18.32 31.22 10.69
C ASP C 535 18.77 30.26 9.61
N ARG C 536 19.99 30.33 9.12
CA ARG C 536 20.41 29.48 7.96
C ARG C 536 20.99 28.18 8.49
N PRO C 537 20.87 27.07 7.75
CA PRO C 537 21.38 25.78 8.18
C PRO C 537 22.89 25.69 7.96
N HIS C 538 23.59 25.29 9.00
CA HIS C 538 25.03 24.95 8.99
C HIS C 538 25.23 23.73 9.87
N LEU C 539 25.84 22.68 9.33
CA LEU C 539 26.11 21.44 10.08
C LEU C 539 27.61 21.36 10.27
N LEU C 540 28.03 21.33 11.53
CA LEU C 540 29.46 21.36 11.87
C LEU C 540 29.90 20.05 12.53
N ARG C 541 31.14 19.67 12.24
CA ARG C 541 31.90 18.72 13.05
C ARG C 541 32.96 19.47 13.85
N VAL C 542 32.87 19.37 15.15
CA VAL C 542 33.70 20.11 16.10
C VAL C 542 34.67 19.15 16.79
N LYS C 543 35.99 19.34 16.57
CA LYS C 543 36.99 18.47 17.22
C LYS C 543 37.69 19.34 18.27
N MET C 544 37.66 18.91 19.52
CA MET C 544 38.18 19.64 20.67
C MET C 544 39.52 18.96 21.06
N ALA C 545 40.49 19.70 21.61
CA ALA C 545 41.70 19.03 22.13
C ALA C 545 42.15 19.68 23.43
N SER C 546 42.61 18.87 24.34
CA SER C 546 43.45 19.30 25.48
C SER C 546 44.92 19.06 25.09
N TYR C 547 45.79 19.99 25.46
CA TYR C 547 47.24 19.94 25.08
C TYR C 547 48.08 20.39 26.28
N SER C 548 49.27 19.82 26.38
CA SER C 548 50.24 20.10 27.46
C SER C 548 50.92 21.41 27.12
N VAL C 549 51.25 22.19 28.16
CA VAL C 549 52.16 23.37 28.08
C VAL C 549 53.32 23.23 29.09
N GLN C 550 53.53 22.03 29.62
CA GLN C 550 54.52 21.72 30.67
C GLN C 550 55.89 21.54 30.02
N ALA D 12 0.85 -24.95 -47.17
CA ALA D 12 -0.05 -24.43 -46.17
C ALA D 12 0.22 -22.94 -46.08
N PRO D 13 -0.79 -22.08 -45.91
CA PRO D 13 -0.51 -20.67 -45.73
C PRO D 13 0.22 -20.45 -44.41
N LEU D 14 0.98 -19.38 -44.35
CA LEU D 14 1.73 -19.00 -43.14
C LEU D 14 0.77 -18.71 -42.01
N PRO D 15 1.18 -19.02 -40.75
CA PRO D 15 0.47 -18.54 -39.58
C PRO D 15 0.52 -17.02 -39.64
N GLU D 16 -0.51 -16.37 -39.18
CA GLU D 16 -0.60 -14.90 -39.29
C GLU D 16 -1.52 -14.36 -38.18
N LEU D 17 -1.11 -13.29 -37.55
CA LEU D 17 -1.98 -12.61 -36.57
C LEU D 17 -2.75 -11.48 -37.27
N LEU D 18 -4.07 -11.59 -37.25
CA LEU D 18 -5.06 -10.67 -37.86
C LEU D 18 -5.69 -9.78 -36.79
N SER D 19 -5.82 -8.50 -37.06
CA SER D 19 -6.39 -7.48 -36.15
C SER D 19 -7.34 -6.59 -36.93
N ASN D 20 -8.64 -6.71 -36.68
CA ASN D 20 -9.64 -5.94 -37.46
C ASN D 20 -10.77 -5.56 -36.51
N ASN D 21 -11.32 -4.33 -36.61
CA ASN D 21 -12.53 -3.96 -35.84
C ASN D 21 -12.28 -4.11 -34.32
N GLY D 22 -11.05 -3.89 -33.88
CA GLY D 22 -10.67 -4.03 -32.46
C GLY D 22 -10.53 -5.48 -32.04
N LYS D 23 -10.86 -6.46 -32.89
CA LYS D 23 -10.73 -7.90 -32.57
C LYS D 23 -9.49 -8.54 -33.22
N HIS D 24 -9.14 -9.74 -32.77
CA HIS D 24 -7.89 -10.41 -33.19
C HIS D 24 -8.08 -11.90 -33.42
N ALA D 25 -7.26 -12.47 -34.28
CA ALA D 25 -7.19 -13.94 -34.46
C ALA D 25 -5.78 -14.36 -34.82
N LEU D 26 -5.32 -15.48 -34.25
CA LEU D 26 -4.12 -16.17 -34.74
C LEU D 26 -4.57 -17.17 -35.81
N MET D 27 -4.25 -16.94 -37.07
CA MET D 27 -4.61 -17.85 -38.15
C MET D 27 -3.53 -18.92 -38.23
N VAL D 28 -3.97 -20.15 -38.26
CA VAL D 28 -3.11 -21.32 -38.40
C VAL D 28 -3.75 -22.25 -39.42
N ASP D 29 -3.03 -22.54 -40.51
CA ASP D 29 -3.58 -23.37 -41.62
C ASP D 29 -4.82 -22.66 -42.18
N GLY D 30 -4.83 -21.31 -42.18
CA GLY D 30 -5.84 -20.50 -42.86
C GLY D 30 -7.17 -20.39 -42.11
N ALA D 31 -7.16 -20.62 -40.80
CA ALA D 31 -8.34 -20.30 -39.96
C ALA D 31 -7.88 -19.91 -38.55
N PRO D 32 -8.73 -19.20 -37.76
CA PRO D 32 -8.47 -18.89 -36.35
C PRO D 32 -8.15 -20.19 -35.57
N TYR D 33 -7.17 -20.03 -34.66
CA TYR D 33 -6.55 -21.10 -33.85
C TYR D 33 -6.45 -20.57 -32.41
N ILE D 34 -6.69 -21.45 -31.46
CA ILE D 34 -6.44 -21.17 -30.01
C ILE D 34 -5.28 -22.00 -29.51
N ILE D 35 -4.22 -21.36 -29.00
CA ILE D 35 -3.10 -22.09 -28.37
C ILE D 35 -3.60 -22.58 -27.01
N LEU D 36 -3.83 -23.86 -26.85
CA LEU D 36 -4.11 -24.51 -25.54
C LEU D 36 -2.74 -25.07 -25.21
N GLY D 37 -1.91 -24.29 -24.56
CA GLY D 37 -0.49 -24.62 -24.60
C GLY D 37 0.06 -25.21 -23.31
N SER D 38 1.33 -25.52 -23.39
CA SER D 38 2.21 -25.89 -22.27
C SER D 38 3.59 -25.31 -22.54
N GLN D 39 4.26 -24.80 -21.51
CA GLN D 39 5.67 -24.46 -21.69
C GLN D 39 6.52 -25.37 -20.83
N THR D 40 7.68 -25.78 -21.35
CA THR D 40 8.66 -26.52 -20.58
C THR D 40 9.32 -25.68 -19.50
N ASN D 41 10.00 -26.36 -18.60
CA ASN D 41 11.01 -25.66 -17.77
C ASN D 41 12.17 -25.15 -18.65
N ASN D 42 12.99 -24.28 -18.10
CA ASN D 42 14.00 -23.52 -18.86
C ASN D 42 15.21 -24.35 -19.28
N SER D 43 15.32 -25.59 -18.85
CA SER D 43 16.52 -26.43 -19.16
C SER D 43 16.06 -27.72 -19.84
N SER D 44 14.96 -27.66 -20.59
CA SER D 44 14.39 -28.85 -21.26
C SER D 44 14.66 -28.74 -22.77
N ASN D 45 15.48 -27.79 -23.20
CA ASN D 45 15.65 -27.51 -24.64
C ASN D 45 16.76 -28.40 -25.20
N TYR D 46 16.78 -29.68 -24.88
CA TYR D 46 17.83 -30.62 -25.37
C TYR D 46 17.15 -31.91 -25.81
N PRO D 47 17.68 -32.63 -26.83
CA PRO D 47 17.05 -33.85 -27.30
C PRO D 47 16.77 -34.81 -26.15
N ASP D 48 17.70 -34.95 -25.20
CA ASP D 48 17.55 -36.00 -24.18
C ASP D 48 16.40 -35.67 -23.24
N ALA D 49 16.06 -34.39 -23.16
CA ALA D 49 15.04 -33.99 -22.16
C ALA D 49 13.64 -34.18 -22.71
N LEU D 50 13.46 -34.25 -24.04
CA LEU D 50 12.14 -34.23 -24.64
C LEU D 50 11.26 -35.39 -24.14
N LYS D 51 11.85 -36.49 -23.73
CA LYS D 51 11.04 -37.64 -23.24
C LYS D 51 10.39 -37.31 -21.89
N ASP D 52 10.88 -36.30 -21.19
CA ASP D 52 10.31 -35.79 -19.95
C ASP D 52 9.29 -34.69 -20.25
N VAL D 53 9.05 -34.35 -21.50
CA VAL D 53 8.16 -33.24 -21.90
C VAL D 53 6.89 -33.87 -22.48
N TRP D 54 7.03 -34.79 -23.44
CA TRP D 54 5.85 -35.24 -24.22
C TRP D 54 4.77 -35.89 -23.35
N PRO D 55 5.08 -36.72 -22.32
CA PRO D 55 4.00 -37.37 -21.57
C PRO D 55 3.10 -36.33 -20.91
N SER D 56 3.67 -35.27 -20.35
CA SER D 56 2.88 -34.18 -19.72
C SER D 56 1.96 -33.52 -20.73
N MET D 57 2.51 -33.29 -21.93
CA MET D 57 1.72 -32.62 -22.97
C MET D 57 0.49 -33.46 -23.32
N GLU D 58 0.67 -34.78 -23.45
CA GLU D 58 -0.40 -35.72 -23.80
C GLU D 58 -1.47 -35.75 -22.69
N LYS D 59 -1.04 -35.83 -21.44
CA LYS D 59 -1.98 -35.84 -20.30
C LYS D 59 -2.77 -34.54 -20.23
N MET D 60 -2.16 -33.44 -20.62
CA MET D 60 -2.76 -32.08 -20.53
C MET D 60 -3.77 -31.91 -21.66
N GLY D 61 -3.52 -32.59 -22.79
CA GLY D 61 -4.33 -32.37 -24.00
C GLY D 61 -3.99 -31.05 -24.65
N ALA D 62 -2.78 -30.59 -24.52
CA ALA D 62 -2.33 -29.30 -25.09
C ALA D 62 -2.18 -29.50 -26.61
N ASN D 63 -2.36 -28.44 -27.39
CA ASN D 63 -2.19 -28.53 -28.87
C ASN D 63 -0.91 -27.84 -29.29
N THR D 64 -0.21 -27.15 -28.38
CA THR D 64 0.98 -26.35 -28.73
C THR D 64 1.96 -26.38 -27.58
N LEU D 65 3.23 -26.55 -27.91
CA LEU D 65 4.30 -26.63 -26.90
C LEU D 65 5.13 -25.39 -27.10
N SER D 66 5.38 -24.63 -26.03
CA SER D 66 6.38 -23.52 -26.00
C SER D 66 7.71 -24.05 -25.42
N ILE D 67 8.82 -23.82 -26.08
CA ILE D 67 10.12 -24.40 -25.62
C ILE D 67 11.27 -23.50 -26.06
N PRO D 68 12.34 -23.32 -25.24
CA PRO D 68 13.44 -22.41 -25.59
C PRO D 68 14.19 -22.98 -26.80
N VAL D 69 14.68 -22.06 -27.62
CA VAL D 69 15.83 -22.33 -28.49
C VAL D 69 16.86 -21.29 -28.09
N ALA D 70 17.99 -21.70 -27.57
CA ALA D 70 18.99 -20.81 -26.96
C ALA D 70 20.09 -20.41 -27.95
N TRP D 71 20.45 -19.18 -27.97
CA TRP D 71 21.58 -18.70 -28.78
C TRP D 71 22.82 -19.55 -28.45
N GLU D 72 23.11 -19.79 -27.17
CA GLU D 72 24.30 -20.58 -26.78
C GLU D 72 24.29 -21.97 -27.44
N GLN D 73 23.14 -22.58 -27.70
CA GLN D 73 23.17 -23.94 -28.28
C GLN D 73 23.24 -23.88 -29.80
N ILE D 74 22.68 -22.84 -30.44
CA ILE D 74 22.70 -22.79 -31.94
C ILE D 74 24.03 -22.19 -32.42
N GLU D 75 24.76 -21.44 -31.59
CA GLU D 75 25.99 -20.77 -32.09
C GLU D 75 27.03 -20.83 -30.99
N PRO D 76 27.44 -22.05 -30.59
CA PRO D 76 28.30 -22.24 -29.41
C PRO D 76 29.68 -21.58 -29.60
N VAL D 77 30.10 -21.57 -30.84
CA VAL D 77 31.32 -20.88 -31.35
C VAL D 77 30.86 -19.95 -32.47
N GLU D 78 31.41 -18.75 -32.56
CA GLU D 78 30.94 -17.72 -33.50
C GLU D 78 31.02 -18.27 -34.93
N GLY D 79 29.92 -18.16 -35.64
CA GLY D 79 29.82 -18.59 -37.06
C GLY D 79 29.74 -20.10 -37.24
N GLN D 80 29.62 -20.89 -36.14
CA GLN D 80 29.54 -22.38 -36.22
C GLN D 80 28.15 -22.82 -35.74
N PHE D 81 27.15 -22.84 -36.63
CA PHE D 81 25.73 -23.10 -36.24
C PHE D 81 25.50 -24.61 -36.09
N ASP D 82 24.59 -24.90 -35.17
CA ASP D 82 24.16 -26.24 -34.75
C ASP D 82 22.67 -26.23 -34.59
N PHE D 83 21.92 -26.85 -35.49
CA PHE D 83 20.44 -26.93 -35.33
C PHE D 83 20.02 -28.35 -34.97
N SER D 84 20.90 -29.14 -34.38
CA SER D 84 20.59 -30.55 -34.08
C SER D 84 19.35 -30.58 -33.15
N PHE D 85 19.25 -29.68 -32.17
CA PHE D 85 18.08 -29.73 -31.24
C PHE D 85 16.78 -29.42 -32.00
N VAL D 86 16.83 -28.37 -32.82
CA VAL D 86 15.65 -27.96 -33.61
C VAL D 86 15.21 -29.15 -34.54
N ASP D 87 16.16 -29.83 -35.15
CA ASP D 87 15.86 -30.98 -36.01
C ASP D 87 15.02 -31.99 -35.22
N VAL D 88 15.55 -32.49 -34.11
CA VAL D 88 14.83 -33.52 -33.30
C VAL D 88 13.46 -32.96 -32.88
N LEU D 89 13.43 -31.71 -32.39
CA LEU D 89 12.18 -31.12 -31.84
C LEU D 89 11.10 -31.14 -32.92
N LEU D 90 11.44 -30.64 -34.11
CA LEU D 90 10.44 -30.57 -35.19
C LEU D 90 9.94 -31.98 -35.45
N LYS D 91 10.86 -32.94 -35.66
CA LYS D 91 10.40 -34.33 -36.00
C LYS D 91 9.48 -34.90 -34.90
N GLU D 92 9.86 -34.74 -33.64
CA GLU D 92 9.10 -35.34 -32.53
C GLU D 92 7.74 -34.65 -32.37
N ALA D 93 7.68 -33.35 -32.58
CA ALA D 93 6.40 -32.63 -32.51
C ALA D 93 5.47 -33.17 -33.61
N ARG D 94 6.01 -33.32 -34.81
CA ARG D 94 5.22 -33.77 -35.99
C ARG D 94 4.70 -35.19 -35.71
N GLN D 95 5.51 -36.05 -35.12
CA GLN D 95 5.06 -37.42 -34.77
C GLN D 95 3.83 -37.32 -33.85
N ARG D 96 3.81 -36.34 -32.95
CA ARG D 96 2.73 -36.26 -31.94
CA ARG D 96 2.72 -36.24 -31.95
C ARG D 96 1.61 -35.30 -32.41
N LYS D 97 1.74 -34.78 -33.61
CA LYS D 97 0.73 -33.92 -34.26
C LYS D 97 0.40 -32.75 -33.33
N VAL D 98 1.46 -32.08 -32.82
CA VAL D 98 1.31 -30.80 -32.05
C VAL D 98 2.08 -29.70 -32.73
N ARG D 99 1.75 -28.45 -32.43
CA ARG D 99 2.50 -27.30 -32.98
C ARG D 99 3.45 -26.71 -31.93
N LEU D 100 4.32 -25.82 -32.36
CA LEU D 100 5.38 -25.27 -31.50
C LEU D 100 5.38 -23.74 -31.51
N VAL D 101 5.78 -23.20 -30.39
CA VAL D 101 6.18 -21.79 -30.26
C VAL D 101 7.60 -21.87 -29.76
N LEU D 102 8.59 -21.36 -30.54
CA LEU D 102 9.98 -21.40 -30.09
C LEU D 102 10.27 -20.11 -29.34
N LEU D 103 11.05 -20.23 -28.26
CA LEU D 103 11.35 -19.06 -27.43
C LEU D 103 12.82 -18.76 -27.64
N TRP D 104 13.11 -17.63 -28.32
CA TRP D 104 14.49 -17.24 -28.60
C TRP D 104 15.09 -16.67 -27.32
N PHE D 105 15.92 -17.46 -26.63
CA PHE D 105 16.64 -17.00 -25.42
C PHE D 105 18.02 -16.50 -25.88
N ALA D 106 18.30 -15.20 -25.78
CA ALA D 106 19.44 -14.58 -26.50
C ALA D 106 19.94 -13.41 -25.68
N THR D 107 19.84 -12.18 -26.17
CA THR D 107 20.36 -11.00 -25.46
C THR D 107 19.81 -10.98 -24.05
N TRP D 108 18.49 -11.11 -23.94
CA TRP D 108 17.82 -11.13 -22.63
C TRP D 108 17.11 -12.46 -22.43
N LYS D 109 17.26 -12.96 -21.23
CA LYS D 109 16.43 -14.03 -20.63
C LYS D 109 16.30 -13.55 -19.17
N ASN D 110 15.10 -13.13 -18.80
CA ASN D 110 14.86 -12.60 -17.42
C ASN D 110 15.93 -11.52 -17.11
N ASN D 111 16.14 -10.60 -18.06
CA ASN D 111 17.01 -9.37 -17.96
C ASN D 111 18.49 -9.71 -18.20
N ALA D 112 18.90 -10.98 -18.33
CA ALA D 112 20.30 -11.41 -18.25
C ALA D 112 20.80 -12.16 -19.50
N PRO D 113 22.11 -12.16 -19.77
CA PRO D 113 22.69 -12.86 -20.93
C PRO D 113 23.13 -14.32 -20.78
N HIS D 114 22.56 -14.99 -19.78
CA HIS D 114 23.01 -16.35 -19.42
C HIS D 114 22.83 -17.31 -20.58
N TYR D 115 21.90 -17.05 -21.47
CA TYR D 115 21.67 -17.97 -22.62
C TYR D 115 22.44 -17.53 -23.84
N ALA D 116 23.16 -16.43 -23.78
CA ALA D 116 24.05 -16.03 -24.88
C ALA D 116 25.27 -16.93 -24.85
N PRO D 117 25.92 -17.19 -26.00
CA PRO D 117 27.15 -18.01 -26.06
C PRO D 117 28.26 -17.48 -25.14
N ALA D 118 29.21 -18.33 -24.71
CA ALA D 118 30.29 -17.82 -23.83
C ALA D 118 31.05 -16.67 -24.50
N TRP D 119 31.26 -16.69 -25.80
CA TRP D 119 32.05 -15.69 -26.53
C TRP D 119 31.29 -14.35 -26.56
N VAL D 120 30.00 -14.34 -26.17
CA VAL D 120 29.21 -13.09 -25.99
C VAL D 120 29.20 -12.74 -24.53
N LYS D 121 28.62 -13.61 -23.69
CA LYS D 121 28.34 -13.23 -22.26
C LYS D 121 29.66 -12.99 -21.49
N LEU D 122 30.83 -13.47 -21.95
CA LEU D 122 32.09 -13.23 -21.21
C LEU D 122 32.93 -12.13 -21.84
N ASP D 123 32.45 -11.43 -22.87
CA ASP D 123 33.25 -10.38 -23.55
C ASP D 123 32.49 -9.06 -23.44
N ASN D 124 32.58 -8.41 -22.29
CA ASN D 124 31.89 -7.13 -22.01
C ASN D 124 32.46 -5.98 -22.88
N ALA D 125 33.69 -6.06 -23.34
CA ALA D 125 34.29 -4.97 -24.14
C ALA D 125 33.49 -4.90 -25.44
N ARG D 126 33.14 -6.07 -25.98
CA ARG D 126 32.44 -6.17 -27.29
C ARG D 126 30.95 -5.99 -27.12
N PHE D 127 30.43 -6.65 -26.08
CA PHE D 127 28.99 -6.78 -25.82
C PHE D 127 28.67 -6.20 -24.43
N PRO D 128 28.52 -4.88 -24.35
CA PRO D 128 28.56 -4.18 -23.07
C PRO D 128 27.28 -4.27 -22.24
N ARG D 129 27.46 -4.32 -20.93
CA ARG D 129 26.39 -4.38 -19.93
C ARG D 129 25.92 -2.98 -19.51
N VAL D 130 24.73 -2.89 -18.96
CA VAL D 130 24.14 -1.68 -18.32
C VAL D 130 25.09 -1.19 -17.22
N VAL D 131 25.44 0.11 -17.23
CA VAL D 131 26.22 0.67 -16.09
C VAL D 131 25.27 1.51 -15.24
N LYS D 132 25.31 1.37 -13.91
CA LYS D 132 24.39 2.17 -13.05
C LYS D 132 24.88 3.64 -12.94
N GLU D 133 24.06 4.49 -12.32
CA GLU D 133 24.39 5.91 -12.07
C GLU D 133 25.70 5.95 -11.28
N ASP D 134 25.90 5.03 -10.33
CA ASP D 134 27.07 5.00 -9.42
C ASP D 134 28.29 4.34 -10.08
N GLY D 135 28.15 3.87 -11.33
CA GLY D 135 29.27 3.35 -12.13
C GLY D 135 29.46 1.85 -11.92
N ASP D 136 28.68 1.20 -11.06
CA ASP D 136 28.78 -0.27 -10.92
C ASP D 136 28.12 -0.89 -12.15
N THR D 137 28.46 -2.14 -12.46
CA THR D 137 27.97 -2.81 -13.70
C THR D 137 26.93 -3.86 -13.31
N LEU D 138 25.79 -3.89 -14.03
CA LEU D 138 24.79 -4.97 -13.83
C LEU D 138 24.95 -6.04 -14.92
N ASN D 139 24.56 -7.26 -14.58
CA ASN D 139 24.64 -8.36 -15.58
C ASN D 139 23.41 -8.33 -16.50
N SER D 140 23.30 -7.30 -17.33
CA SER D 140 22.13 -7.05 -18.20
C SER D 140 22.68 -6.33 -19.40
N LEU D 141 22.63 -6.93 -20.59
CA LEU D 141 23.36 -6.32 -21.73
C LEU D 141 22.62 -5.03 -22.19
N SER D 142 23.40 -4.02 -22.51
CA SER D 142 22.84 -2.71 -22.89
C SER D 142 22.11 -2.85 -24.22
N PRO D 143 20.90 -2.27 -24.42
CA PRO D 143 20.22 -2.24 -25.74
C PRO D 143 20.95 -1.30 -26.68
N LEU D 144 21.90 -0.51 -26.17
CA LEU D 144 22.70 0.37 -27.04
C LEU D 144 23.97 -0.32 -27.54
N GLY D 145 24.25 -1.56 -27.16
CA GLY D 145 25.42 -2.31 -27.68
C GLY D 145 25.18 -2.67 -29.14
N GLN D 146 25.82 -1.97 -30.06
CA GLN D 146 25.59 -2.18 -31.50
C GLN D 146 26.10 -3.55 -31.90
N ASN D 147 27.25 -4.00 -31.36
CA ASN D 147 27.78 -5.34 -31.74
C ASN D 147 26.84 -6.41 -31.24
N THR D 148 26.25 -6.23 -30.07
CA THR D 148 25.32 -7.24 -29.53
C THR D 148 24.12 -7.40 -30.47
N LEU D 149 23.51 -6.30 -30.86
CA LEU D 149 22.35 -6.32 -31.76
C LEU D 149 22.73 -7.04 -33.06
N ALA D 150 23.89 -6.71 -33.64
CA ALA D 150 24.29 -7.33 -34.91
C ALA D 150 24.41 -8.85 -34.73
N ALA D 151 24.98 -9.26 -33.62
CA ALA D 151 25.28 -10.69 -33.42
C ALA D 151 24.00 -11.46 -33.12
N ASP D 152 23.12 -10.86 -32.31
CA ASP D 152 21.84 -11.50 -31.95
C ASP D 152 21.03 -11.65 -33.23
N LYS D 153 20.91 -10.59 -34.00
CA LYS D 153 20.14 -10.61 -35.27
C LYS D 153 20.77 -11.69 -36.20
N LYS D 154 22.09 -11.77 -36.30
CA LYS D 154 22.71 -12.69 -37.27
C LYS D 154 22.31 -14.13 -36.89
N ALA D 155 22.43 -14.49 -35.62
CA ALA D 155 22.02 -15.87 -35.18
C ALA D 155 20.51 -16.10 -35.35
N PHE D 156 19.68 -15.13 -35.01
CA PHE D 156 18.20 -15.25 -35.13
C PHE D 156 17.86 -15.48 -36.62
N VAL D 157 18.57 -14.77 -37.52
CA VAL D 157 18.30 -14.92 -38.98
C VAL D 157 18.67 -16.38 -39.36
N GLU D 158 19.73 -16.97 -38.77
CA GLU D 158 20.12 -18.38 -39.12
C GLU D 158 19.05 -19.35 -38.61
N LEU D 159 18.44 -19.09 -37.44
CA LEU D 159 17.33 -19.96 -36.93
C LEU D 159 16.15 -19.87 -37.91
N MET D 160 15.80 -18.68 -38.33
CA MET D 160 14.61 -18.48 -39.21
C MET D 160 14.94 -19.09 -40.58
N LYS D 161 16.18 -19.01 -41.02
CA LYS D 161 16.54 -19.70 -42.30
C LYS D 161 16.33 -21.19 -42.15
N TYR D 162 16.69 -21.73 -41.00
CA TYR D 162 16.51 -23.19 -40.73
C TYR D 162 15.01 -23.48 -40.85
N LEU D 163 14.14 -22.67 -40.24
CA LEU D 163 12.67 -22.91 -40.33
C LEU D 163 12.22 -22.76 -41.79
N ALA D 164 12.73 -21.74 -42.50
CA ALA D 164 12.34 -21.52 -43.91
C ALA D 164 12.66 -22.80 -44.72
N LYS D 165 13.83 -23.46 -44.53
CA LYS D 165 14.21 -24.60 -45.41
C LYS D 165 13.68 -25.95 -44.89
N ARG D 166 13.41 -26.06 -43.58
CA ARG D 166 13.12 -27.37 -42.94
C ARG D 166 11.74 -27.37 -42.26
N ASP D 167 10.91 -26.32 -42.37
CA ASP D 167 9.60 -26.36 -41.71
C ASP D 167 8.51 -25.80 -42.63
N LYS D 168 8.43 -26.36 -43.85
CA LYS D 168 7.50 -25.87 -44.88
C LYS D 168 6.00 -25.95 -44.47
N ASP D 169 5.65 -26.80 -43.54
CA ASP D 169 4.25 -27.03 -43.08
C ASP D 169 3.98 -26.28 -41.77
N HIS D 170 4.93 -25.46 -41.35
CA HIS D 170 4.80 -24.52 -40.21
C HIS D 170 4.40 -25.26 -38.92
N THR D 171 5.19 -26.27 -38.60
CA THR D 171 5.07 -26.95 -37.31
C THR D 171 5.19 -25.86 -36.23
N VAL D 172 6.18 -25.00 -36.39
CA VAL D 172 6.39 -23.78 -35.59
C VAL D 172 5.48 -22.70 -36.09
N ILE D 173 4.58 -22.25 -35.20
CA ILE D 173 3.53 -21.30 -35.65
C ILE D 173 3.87 -19.86 -35.20
N MET D 174 4.69 -19.73 -34.19
CA MET D 174 5.02 -18.40 -33.68
C MET D 174 6.40 -18.46 -33.00
N VAL D 175 7.07 -17.31 -32.85
CA VAL D 175 8.39 -17.20 -32.17
C VAL D 175 8.37 -16.05 -31.18
N GLN D 176 8.83 -16.34 -29.97
CA GLN D 176 9.05 -15.33 -28.93
C GLN D 176 10.46 -14.79 -29.13
N VAL D 177 10.59 -13.46 -29.27
CA VAL D 177 11.88 -12.77 -29.47
C VAL D 177 12.37 -12.24 -28.11
N GLN D 178 13.34 -12.94 -27.59
CA GLN D 178 13.90 -12.76 -26.23
C GLN D 178 12.93 -13.34 -25.23
N ASN D 179 13.30 -13.22 -23.96
CA ASN D 179 12.44 -13.72 -22.86
C ASN D 179 12.54 -12.76 -21.67
N GLU D 180 11.46 -12.04 -21.41
CA GLU D 180 11.38 -11.09 -20.27
C GLU D 180 12.59 -10.11 -20.33
N VAL D 181 12.60 -9.25 -21.34
CA VAL D 181 13.65 -8.19 -21.50
C VAL D 181 13.54 -7.13 -20.40
N GLY D 182 14.62 -6.34 -20.27
CA GLY D 182 14.67 -5.26 -19.27
C GLY D 182 15.85 -5.37 -18.34
N THR D 183 15.82 -4.57 -17.29
CA THR D 183 16.90 -4.60 -16.30
C THR D 183 16.39 -4.50 -14.87
N TYR D 184 16.91 -5.39 -14.03
CA TYR D 184 16.68 -5.31 -12.57
C TYR D 184 17.83 -4.54 -11.98
N GLY D 185 17.58 -3.66 -11.01
CA GLY D 185 18.68 -3.01 -10.28
C GLY D 185 18.99 -1.61 -10.77
N ALA D 186 18.41 -1.18 -11.90
CA ALA D 186 18.63 0.14 -12.52
C ALA D 186 17.49 0.39 -13.50
N VAL D 187 17.21 1.64 -13.76
CA VAL D 187 16.11 2.08 -14.64
C VAL D 187 16.59 2.04 -16.10
N ARG D 188 17.84 2.37 -16.37
CA ARG D 188 18.39 2.33 -17.75
C ARG D 188 19.92 2.16 -17.73
N ASP D 189 20.58 2.13 -18.88
CA ASP D 189 22.06 2.22 -18.99
C ASP D 189 22.50 3.67 -18.79
N TYR D 190 23.43 3.88 -17.88
CA TYR D 190 24.00 5.22 -17.61
C TYR D 190 25.46 5.29 -18.12
N SER D 191 25.94 4.30 -18.89
CA SER D 191 27.31 4.35 -19.50
C SER D 191 27.48 5.64 -20.28
N PRO D 192 28.73 6.10 -20.41
CA PRO D 192 29.04 7.19 -21.33
C PRO D 192 28.32 6.98 -22.67
N MET D 193 28.48 5.80 -23.30
CA MET D 193 27.84 5.58 -24.64
C MET D 193 26.33 5.83 -24.56
N ALA D 194 25.64 5.39 -23.52
CA ALA D 194 24.16 5.54 -23.40
C ALA D 194 23.81 6.99 -23.07
N GLN D 195 24.63 7.63 -22.24
CA GLN D 195 24.36 9.04 -21.84
C GLN D 195 24.39 9.96 -23.07
N ALA D 196 25.30 9.72 -24.02
CA ALA D 196 25.46 10.54 -25.24
C ALA D 196 24.21 10.44 -26.11
N VAL D 197 23.52 9.28 -26.03
CA VAL D 197 22.22 9.10 -26.73
C VAL D 197 21.06 9.73 -25.94
N PHE D 198 20.98 9.54 -24.63
CA PHE D 198 19.91 10.12 -23.77
C PHE D 198 19.92 11.66 -23.82
N ASN D 199 21.12 12.25 -23.93
CA ASN D 199 21.35 13.72 -23.88
C ASN D 199 20.98 14.33 -25.23
N ALA D 200 20.87 13.49 -26.28
CA ALA D 200 20.47 13.87 -27.65
C ALA D 200 18.94 13.91 -27.79
N ALA D 201 18.52 14.40 -28.97
CA ALA D 201 17.11 14.61 -29.35
C ALA D 201 16.36 13.29 -29.33
N VAL D 202 15.14 13.27 -28.82
CA VAL D 202 14.25 12.08 -28.93
C VAL D 202 13.99 11.86 -30.43
N PRO D 203 14.23 10.65 -31.01
CA PRO D 203 13.88 10.37 -32.41
C PRO D 203 12.54 10.93 -32.89
N ASP D 204 12.55 11.52 -34.09
CA ASP D 204 11.37 12.22 -34.68
C ASP D 204 10.19 11.25 -34.75
N ASP D 205 10.43 10.01 -35.18
CA ASP D 205 9.33 9.03 -35.36
C ASP D 205 8.55 8.88 -34.05
N LEU D 206 9.25 8.71 -32.92
CA LEU D 206 8.57 8.60 -31.63
C LEU D 206 7.80 9.88 -31.34
N ILE D 207 8.41 11.05 -31.57
CA ILE D 207 7.76 12.36 -31.23
C ILE D 207 6.44 12.48 -32.00
N GLN D 208 6.39 12.08 -33.27
CA GLN D 208 5.15 12.29 -34.09
C GLN D 208 4.10 11.22 -33.76
N LYS D 209 4.51 10.00 -33.44
CA LYS D 209 3.54 8.95 -33.10
C LYS D 209 2.88 9.26 -31.77
N LEU D 210 3.63 9.88 -30.84
CA LEU D 210 3.10 10.23 -29.50
C LEU D 210 2.54 11.65 -29.58
N GLN D 211 2.77 12.35 -30.70
CA GLN D 211 2.17 13.69 -30.98
C GLN D 211 2.67 14.65 -29.88
N LEU D 212 3.97 14.58 -29.58
CA LEU D 212 4.64 15.39 -28.55
C LEU D 212 5.36 16.56 -29.23
N LYS D 213 5.98 17.41 -28.43
CA LYS D 213 6.85 18.53 -28.85
C LYS D 213 8.27 17.98 -28.86
N PRO D 214 9.10 18.32 -29.87
CA PRO D 214 10.46 17.78 -29.96
C PRO D 214 11.37 18.27 -28.82
N GLY D 215 12.42 17.51 -28.55
CA GLY D 215 13.45 17.85 -27.54
C GLY D 215 14.23 16.61 -27.14
N THR D 216 15.14 16.75 -26.17
CA THR D 216 15.95 15.63 -25.64
C THR D 216 15.03 14.74 -24.78
N TRP D 217 15.51 13.55 -24.41
CA TRP D 217 14.74 12.63 -23.54
C TRP D 217 14.24 13.37 -22.30
N SER D 218 15.14 14.07 -21.59
CA SER D 218 14.82 14.77 -20.30
C SER D 218 13.78 15.87 -20.56
N GLN D 219 13.95 16.63 -21.63
CA GLN D 219 12.98 17.70 -22.01
C GLN D 219 11.59 17.11 -22.27
N VAL D 220 11.43 16.01 -23.01
CA VAL D 220 10.02 15.71 -23.39
C VAL D 220 9.37 14.73 -22.38
N PHE D 221 10.10 13.86 -21.68
CA PHE D 221 9.49 12.84 -20.79
C PHE D 221 9.67 13.16 -19.30
N GLY D 222 10.58 14.07 -18.95
CA GLY D 222 10.74 14.52 -17.56
C GLY D 222 11.00 13.35 -16.64
N ARG D 223 10.12 13.12 -15.66
CA ARG D 223 10.37 12.12 -14.60
C ARG D 223 10.34 10.72 -15.25
N ASP D 224 9.67 10.55 -16.37
CA ASP D 224 9.57 9.24 -17.08
C ASP D 224 10.77 9.03 -18.03
N ALA D 225 11.68 9.98 -18.11
CA ALA D 225 12.74 9.95 -19.14
C ALA D 225 13.54 8.64 -19.07
N ASP D 226 14.07 8.31 -17.91
CA ASP D 226 15.03 7.18 -17.79
C ASP D 226 14.34 5.87 -18.21
N GLU D 227 13.12 5.66 -17.71
CA GLU D 227 12.39 4.40 -17.90
C GLU D 227 11.93 4.36 -19.35
N PHE D 228 11.41 5.45 -19.91
CA PHE D 228 10.88 5.45 -21.29
C PHE D 228 12.05 5.26 -22.26
N PHE D 229 13.20 5.83 -21.96
CA PHE D 229 14.45 5.69 -22.74
C PHE D 229 14.82 4.18 -22.83
N HIS D 230 14.97 3.52 -21.68
CA HIS D 230 15.22 2.05 -21.62
C HIS D 230 14.18 1.30 -22.47
N ALA D 231 12.87 1.53 -22.26
CA ALA D 231 11.83 0.76 -22.96
C ALA D 231 12.06 1.00 -24.48
N TYR D 232 12.23 2.26 -24.85
CA TYR D 232 12.38 2.62 -26.27
C TYR D 232 13.60 1.88 -26.85
N GLN D 233 14.73 1.89 -26.14
CA GLN D 233 15.96 1.30 -26.75
C GLN D 233 15.79 -0.22 -26.87
N ILE D 234 15.10 -0.81 -25.91
CA ILE D 234 14.97 -2.29 -25.88
C ILE D 234 13.96 -2.62 -26.97
N ALA D 235 12.91 -1.83 -27.10
CA ALA D 235 11.86 -2.12 -28.11
C ALA D 235 12.48 -2.02 -29.50
N ARG D 236 13.29 -0.99 -29.75
CA ARG D 236 13.90 -0.89 -31.09
C ARG D 236 14.83 -2.09 -31.34
N TYR D 237 15.58 -2.50 -30.33
CA TYR D 237 16.49 -3.67 -30.45
C TYR D 237 15.65 -4.89 -30.84
N CYS D 238 14.54 -5.12 -30.15
CA CYS D 238 13.69 -6.30 -30.36
C CYS D 238 13.02 -6.17 -31.75
N ASP D 239 12.60 -4.96 -32.15
CA ASP D 239 11.94 -4.75 -33.45
C ASP D 239 12.96 -5.05 -34.54
N GLU D 240 14.23 -4.67 -34.38
CA GLU D 240 15.23 -4.91 -35.44
C GLU D 240 15.47 -6.39 -35.63
N VAL D 241 15.63 -7.12 -34.53
CA VAL D 241 15.78 -8.61 -34.61
C VAL D 241 14.52 -9.17 -35.31
N THR D 242 13.34 -8.72 -34.94
CA THR D 242 12.05 -9.27 -35.43
C THR D 242 11.99 -9.08 -36.96
N VAL D 243 12.31 -7.88 -37.41
CA VAL D 243 12.22 -7.55 -38.86
C VAL D 243 13.19 -8.46 -39.62
N ALA D 244 14.39 -8.60 -39.12
CA ALA D 244 15.46 -9.37 -39.78
C ALA D 244 15.01 -10.83 -39.94
N GLY D 245 14.44 -11.37 -38.87
CA GLY D 245 13.94 -12.74 -38.93
C GLY D 245 12.73 -12.86 -39.83
N LYS D 246 11.71 -12.00 -39.77
CA LYS D 246 10.51 -12.11 -40.64
CA LYS D 246 10.52 -12.14 -40.65
C LYS D 246 10.90 -11.92 -42.10
N ALA D 247 11.99 -11.21 -42.37
CA ALA D 247 12.44 -11.09 -43.80
C ALA D 247 12.74 -12.48 -44.37
N ILE D 248 13.17 -13.44 -43.51
CA ILE D 248 13.44 -14.84 -43.89
C ILE D 248 12.14 -15.64 -43.93
N LYS D 249 11.37 -15.66 -42.81
CA LYS D 249 10.08 -16.35 -42.75
C LYS D 249 9.17 -15.49 -41.90
N ASN D 250 8.08 -15.07 -42.47
CA ASN D 250 7.23 -14.01 -41.89
C ASN D 250 6.27 -14.68 -40.88
N LEU D 251 6.77 -15.39 -39.87
CA LEU D 251 5.88 -15.90 -38.77
C LEU D 251 5.48 -14.78 -37.79
N PRO D 252 4.32 -14.95 -37.10
CA PRO D 252 3.94 -14.13 -35.93
C PRO D 252 5.08 -14.19 -34.90
N MET D 253 5.44 -13.02 -34.37
CA MET D 253 6.49 -12.94 -33.32
C MET D 253 6.02 -11.99 -32.22
N TYR D 254 6.46 -12.27 -31.01
CA TYR D 254 5.95 -11.54 -29.85
C TYR D 254 7.02 -11.44 -28.78
N VAL D 255 6.71 -10.56 -27.81
CA VAL D 255 7.56 -10.42 -26.59
C VAL D 255 6.68 -10.73 -25.37
N ASN D 256 7.34 -11.30 -24.35
CA ASN D 256 6.70 -11.70 -23.10
C ASN D 256 7.22 -10.83 -21.94
N VAL D 257 6.30 -10.35 -21.11
CA VAL D 257 6.55 -9.26 -20.10
C VAL D 257 6.68 -9.85 -18.71
N ALA D 258 7.80 -9.56 -18.06
CA ALA D 258 7.92 -9.63 -16.57
C ALA D 258 7.03 -8.52 -16.00
N LEU D 259 5.83 -8.85 -15.56
CA LEU D 259 4.79 -7.86 -15.24
C LEU D 259 5.18 -7.10 -13.98
N ARG D 260 4.87 -5.81 -13.96
CA ARG D 260 4.81 -5.12 -12.67
C ARG D 260 3.40 -5.31 -12.13
N ASN D 261 3.23 -5.20 -10.82
CA ASN D 261 1.90 -5.35 -10.21
C ASN D 261 1.07 -4.13 -10.61
N PRO D 262 -0.07 -4.29 -11.34
CA PRO D 262 -0.81 -3.14 -11.88
C PRO D 262 -1.40 -2.18 -10.84
N PHE D 263 -1.61 -2.64 -9.61
CA PHE D 263 -2.24 -1.85 -8.51
C PHE D 263 -1.17 -1.32 -7.55
N ASN D 264 0.05 -1.85 -7.57
CA ASN D 264 1.10 -1.52 -6.57
C ASN D 264 2.45 -1.84 -7.18
N PRO D 265 2.84 -1.15 -8.28
CA PRO D 265 3.98 -1.56 -9.08
C PRO D 265 5.37 -1.38 -8.45
N GLY D 266 5.51 -0.44 -7.51
CA GLY D 266 6.88 -0.13 -7.07
C GLY D 266 7.60 0.63 -8.16
N LEU D 267 8.92 0.71 -8.08
CA LEU D 267 9.71 1.58 -8.95
C LEU D 267 10.40 0.73 -10.03
N PRO D 268 10.63 1.25 -11.26
CA PRO D 268 11.41 0.53 -12.27
C PRO D 268 12.79 0.20 -11.71
N GLY D 269 13.28 -1.01 -12.02
CA GLY D 269 14.50 -1.58 -11.44
C GLY D 269 14.16 -2.51 -10.27
N GLN D 270 13.09 -2.24 -9.54
CA GLN D 270 12.51 -3.21 -8.61
C GLN D 270 11.77 -4.22 -9.51
N TYR D 271 10.88 -3.74 -10.34
CA TYR D 271 10.38 -4.53 -11.48
C TYR D 271 11.38 -4.43 -12.63
N SER D 272 11.17 -5.25 -13.65
CA SER D 272 12.13 -5.32 -14.77
C SER D 272 11.94 -4.05 -15.62
N SER D 273 12.82 -3.04 -15.50
CA SER D 273 12.68 -1.78 -16.28
C SER D 273 12.89 -2.04 -17.78
N GLY D 274 11.98 -1.50 -18.60
CA GLY D 274 12.17 -1.41 -20.04
C GLY D 274 11.41 -2.47 -20.78
N GLY D 275 10.96 -3.47 -20.07
CA GLY D 275 10.05 -4.45 -20.63
C GLY D 275 8.69 -3.85 -20.95
N GLY D 276 7.75 -4.60 -21.56
CA GLY D 276 6.45 -4.11 -21.97
C GLY D 276 5.48 -3.96 -20.82
N THR D 277 5.92 -3.29 -19.74
CA THR D 277 5.04 -3.09 -18.58
C THR D 277 3.90 -2.10 -18.91
N ASP D 278 2.83 -2.08 -18.12
CA ASP D 278 1.55 -1.50 -18.56
C ASP D 278 1.74 0.01 -18.78
N ASN D 279 2.71 0.63 -18.13
CA ASN D 279 2.99 2.08 -18.22
C ASN D 279 3.79 2.45 -19.45
N VAL D 280 4.39 1.48 -20.13
CA VAL D 280 5.22 1.75 -21.33
C VAL D 280 4.66 1.07 -22.60
N LEU D 281 3.44 0.58 -22.55
CA LEU D 281 2.88 -0.06 -23.77
C LEU D 281 2.83 0.95 -24.90
N HIS D 282 2.53 2.21 -24.57
CA HIS D 282 2.46 3.24 -25.65
C HIS D 282 3.82 3.37 -26.34
N ILE D 283 4.91 3.31 -25.57
CA ILE D 283 6.30 3.42 -26.08
C ILE D 283 6.60 2.16 -26.92
N TRP D 284 6.37 0.98 -26.38
CA TRP D 284 6.62 -0.25 -27.18
C TRP D 284 5.82 -0.26 -28.49
N LYS D 285 4.55 0.18 -28.52
CA LYS D 285 3.76 0.10 -29.77
C LYS D 285 4.33 1.10 -30.77
N ALA D 286 4.88 2.22 -30.29
CA ALA D 286 5.40 3.26 -31.23
C ALA D 286 6.74 2.79 -31.81
N ALA D 287 7.56 2.17 -30.97
CA ALA D 287 8.97 1.88 -31.24
C ALA D 287 9.05 0.57 -32.03
N ALA D 288 8.15 -0.38 -31.79
CA ALA D 288 8.26 -1.76 -32.34
C ALA D 288 7.02 -2.12 -33.14
N PRO D 289 6.77 -1.46 -34.29
CA PRO D 289 5.58 -1.77 -35.08
C PRO D 289 5.55 -3.16 -35.74
N ASN D 290 6.67 -3.86 -35.73
CA ASN D 290 6.82 -5.16 -36.44
C ASN D 290 6.61 -6.32 -35.44
N ILE D 291 6.70 -6.06 -34.14
CA ILE D 291 6.33 -7.10 -33.15
C ILE D 291 4.81 -7.26 -33.10
N ASP D 292 4.30 -8.48 -33.20
CA ASP D 292 2.85 -8.64 -33.42
C ASP D 292 2.06 -8.37 -32.12
N LEU D 293 2.55 -8.83 -30.99
CA LEU D 293 1.80 -8.59 -29.73
C LEU D 293 2.75 -8.63 -28.53
N ILE D 294 2.28 -8.00 -27.44
CA ILE D 294 3.01 -8.00 -26.14
C ILE D 294 2.24 -8.87 -25.16
N ALA D 295 2.85 -9.92 -24.67
CA ALA D 295 2.17 -10.99 -23.91
C ALA D 295 2.47 -10.87 -22.40
N PRO D 296 1.45 -10.97 -21.49
CA PRO D 296 1.69 -10.99 -20.04
C PRO D 296 2.12 -12.37 -19.51
N ASP D 297 3.13 -12.40 -18.62
CA ASP D 297 3.57 -13.63 -17.90
C ASP D 297 2.95 -13.57 -16.49
N ILE D 298 1.84 -14.25 -16.29
CA ILE D 298 0.97 -14.09 -15.09
C ILE D 298 1.28 -15.06 -13.94
N TYR D 299 1.77 -14.55 -12.80
CA TYR D 299 2.01 -15.38 -11.59
C TYR D 299 1.30 -14.82 -10.37
N PHE D 300 0.52 -13.76 -10.56
CA PHE D 300 -0.24 -13.19 -9.40
C PHE D 300 -1.30 -14.19 -8.96
N ARG D 301 -1.47 -14.41 -7.64
CA ARG D 301 -2.42 -15.48 -7.26
C ARG D 301 -3.87 -14.96 -7.28
N ASP D 302 -4.06 -13.70 -6.91
CA ASP D 302 -5.42 -13.20 -6.62
C ASP D 302 -6.21 -12.79 -7.87
N TYR D 303 -7.50 -13.10 -7.83
CA TYR D 303 -8.44 -12.89 -8.95
C TYR D 303 -8.44 -11.43 -9.37
N LYS D 304 -8.40 -10.48 -8.44
CA LYS D 304 -8.52 -9.08 -8.86
C LYS D 304 -7.33 -8.62 -9.70
N THR D 305 -6.12 -9.03 -9.29
CA THR D 305 -4.86 -8.62 -9.95
C THR D 305 -4.81 -9.32 -11.31
N VAL D 306 -5.11 -10.62 -11.37
CA VAL D 306 -5.07 -11.35 -12.67
C VAL D 306 -6.05 -10.66 -13.60
N SER D 307 -7.28 -10.45 -13.14
CA SER D 307 -8.30 -9.84 -14.02
C SER D 307 -7.79 -8.51 -14.58
N LYS D 308 -7.15 -7.73 -13.74
CA LYS D 308 -6.65 -6.39 -14.14
C LYS D 308 -5.56 -6.54 -15.20
N VAL D 309 -4.71 -7.55 -15.06
CA VAL D 309 -3.66 -7.79 -16.07
C VAL D 309 -4.35 -8.10 -17.40
N LEU D 310 -5.32 -9.00 -17.38
CA LEU D 310 -6.03 -9.40 -18.64
C LEU D 310 -6.67 -8.15 -19.27
N GLU D 311 -7.24 -7.25 -18.45
CA GLU D 311 -7.87 -6.01 -18.94
C GLU D 311 -6.80 -5.16 -19.65
N LEU D 312 -5.67 -4.94 -18.98
CA LEU D 312 -4.64 -3.98 -19.43
C LEU D 312 -4.02 -4.50 -20.74
N TYR D 313 -3.86 -5.83 -20.91
CA TYR D 313 -3.07 -6.39 -22.05
C TYR D 313 -4.02 -6.69 -23.24
N THR D 314 -5.35 -6.56 -23.06
CA THR D 314 -6.34 -6.77 -24.16
C THR D 314 -6.76 -5.39 -24.65
N ARG D 315 -6.22 -5.03 -25.81
CA ARG D 315 -6.43 -3.71 -26.43
C ARG D 315 -6.78 -3.85 -27.90
N PRO D 316 -7.39 -2.80 -28.53
CA PRO D 316 -7.57 -2.81 -29.98
C PRO D 316 -6.25 -3.08 -30.73
N ASP D 317 -5.12 -2.65 -30.15
CA ASP D 317 -3.79 -2.76 -30.81
C ASP D 317 -2.99 -3.94 -30.25
N ASN D 318 -3.58 -4.79 -29.40
CA ASN D 318 -2.84 -5.85 -28.68
C ASN D 318 -3.76 -7.07 -28.51
N ALA D 319 -3.51 -8.11 -29.29
CA ALA D 319 -4.14 -9.40 -29.08
C ALA D 319 -3.68 -9.93 -27.71
N LEU D 320 -4.59 -10.61 -27.00
CA LEU D 320 -4.24 -11.21 -25.69
C LEU D 320 -3.70 -12.61 -25.94
N PHE D 321 -2.49 -12.87 -25.46
CA PHE D 321 -1.88 -14.21 -25.41
C PHE D 321 -1.28 -14.33 -24.03
N VAL D 322 -1.78 -15.28 -23.24
CA VAL D 322 -1.21 -15.49 -21.89
C VAL D 322 0.00 -16.41 -22.12
N ALA D 323 1.16 -15.82 -22.38
CA ALA D 323 2.34 -16.60 -22.84
C ALA D 323 2.96 -17.48 -21.73
N GLU D 324 2.76 -17.01 -20.47
CA GLU D 324 3.05 -17.81 -19.27
C GLU D 324 2.02 -17.56 -18.20
N ILE D 325 1.73 -18.64 -17.51
CA ILE D 325 0.88 -18.55 -16.32
C ILE D 325 1.32 -19.63 -15.35
N GLY D 326 1.22 -19.35 -14.06
CA GLY D 326 1.67 -20.36 -13.09
C GLY D 326 0.92 -21.66 -13.28
N ASN D 327 1.54 -22.78 -12.83
CA ASN D 327 0.92 -24.10 -13.05
C ASN D 327 0.27 -24.62 -11.75
N ASP D 328 0.11 -23.78 -10.73
CA ASP D 328 -0.63 -24.23 -9.55
C ASP D 328 -2.14 -24.23 -9.84
N GLN D 329 -2.92 -24.95 -9.07
CA GLN D 329 -4.34 -25.15 -9.30
C GLN D 329 -5.10 -23.87 -9.51
N PRO D 330 -4.90 -22.77 -8.75
CA PRO D 330 -5.72 -21.58 -8.91
C PRO D 330 -5.70 -20.96 -10.31
N PHE D 331 -4.67 -21.28 -11.09
CA PHE D 331 -4.45 -20.57 -12.36
C PHE D 331 -5.33 -21.18 -13.46
N ALA D 332 -5.80 -22.42 -13.32
CA ALA D 332 -6.41 -23.10 -14.49
C ALA D 332 -7.63 -22.32 -14.92
N ARG D 333 -8.41 -21.83 -13.95
CA ARG D 333 -9.76 -21.23 -14.23
C ARG D 333 -9.57 -19.92 -15.04
N TYR D 334 -8.35 -19.36 -15.12
CA TYR D 334 -8.16 -18.10 -15.88
C TYR D 334 -8.24 -18.35 -17.39
N LEU D 335 -8.22 -19.61 -17.81
CA LEU D 335 -8.47 -19.93 -19.24
C LEU D 335 -9.78 -19.30 -19.66
N PHE D 336 -10.78 -19.28 -18.80
CA PHE D 336 -12.14 -18.84 -19.18
C PHE D 336 -12.15 -17.35 -19.48
N PRO D 337 -11.78 -16.44 -18.56
CA PRO D 337 -11.70 -15.00 -18.91
C PRO D 337 -10.73 -14.68 -20.07
N THR D 338 -9.63 -15.42 -20.17
CA THR D 338 -8.66 -15.24 -21.28
C THR D 338 -9.43 -15.42 -22.60
N LEU D 339 -10.12 -16.55 -22.75
CA LEU D 339 -10.80 -16.80 -24.04
C LEU D 339 -11.95 -15.81 -24.17
N GLY D 340 -12.63 -15.51 -23.07
CA GLY D 340 -13.78 -14.58 -23.10
C GLY D 340 -13.36 -13.19 -23.62
N LYS D 341 -12.11 -12.82 -23.43
CA LYS D 341 -11.61 -11.53 -23.89
C LYS D 341 -11.20 -11.61 -25.36
N GLY D 342 -11.35 -12.75 -26.00
CA GLY D 342 -10.87 -12.93 -27.38
C GLY D 342 -9.41 -13.36 -27.40
N GLY D 343 -8.85 -13.82 -26.27
CA GLY D 343 -7.45 -14.25 -26.23
C GLY D 343 -7.20 -15.37 -27.24
N ILE D 344 -6.00 -15.38 -27.81
CA ILE D 344 -5.60 -16.36 -28.85
C ILE D 344 -4.92 -17.58 -28.23
N GLY D 345 -4.55 -17.54 -26.93
CA GLY D 345 -3.92 -18.65 -26.28
C GLY D 345 -3.58 -18.46 -24.83
N PHE D 346 -3.03 -19.51 -24.26
CA PHE D 346 -2.95 -19.70 -22.83
C PHE D 346 -1.93 -20.80 -22.57
N SER D 347 -0.82 -20.56 -21.90
CA SER D 347 0.29 -21.52 -21.79
C SER D 347 0.86 -21.59 -20.36
N PRO D 348 0.40 -22.57 -19.54
CA PRO D 348 0.93 -22.81 -18.20
C PRO D 348 2.41 -23.14 -18.32
N PHE D 349 3.17 -22.64 -17.34
CA PHE D 349 4.65 -22.68 -17.31
C PHE D 349 5.13 -23.86 -16.46
N GLY D 350 6.13 -24.61 -16.94
CA GLY D 350 6.80 -25.67 -16.17
C GLY D 350 6.05 -27.00 -16.25
N MET D 351 5.46 -27.30 -17.39
CA MET D 351 4.71 -28.55 -17.60
C MET D 351 5.66 -29.65 -18.15
N ASP D 352 6.61 -30.09 -17.36
CA ASP D 352 7.49 -31.23 -17.71
C ASP D 352 7.99 -31.92 -16.43
N ASP D 353 8.59 -33.07 -16.60
CA ASP D 353 8.97 -33.98 -15.49
C ASP D 353 10.49 -33.97 -15.36
N THR D 354 11.10 -32.80 -15.47
CA THR D 354 12.56 -32.71 -15.45
C THR D 354 13.03 -32.39 -14.04
N ASP D 355 12.25 -32.71 -13.02
CA ASP D 355 12.73 -32.63 -11.62
C ASP D 355 12.99 -31.16 -11.25
N TYR D 356 11.99 -30.32 -11.49
CA TYR D 356 12.09 -28.91 -11.05
C TYR D 356 10.69 -28.34 -10.90
N THR D 357 10.46 -27.57 -9.84
N THR D 357 10.45 -27.58 -9.83
CA THR D 357 9.24 -26.74 -9.63
CA THR D 357 9.26 -26.71 -9.71
C THR D 357 9.67 -25.30 -9.29
C THR D 357 9.69 -25.30 -9.32
N ASN D 358 9.02 -24.33 -9.89
CA ASN D 358 9.29 -22.91 -9.60
C ASN D 358 8.43 -22.46 -8.41
N TYR D 359 7.85 -23.38 -7.64
CA TYR D 359 7.18 -23.05 -6.36
C TYR D 359 8.08 -22.12 -5.56
N PRO D 360 7.64 -20.97 -4.99
CA PRO D 360 6.24 -20.60 -4.72
C PRO D 360 5.39 -20.02 -5.86
N LEU D 361 6.03 -19.79 -7.00
CA LEU D 361 5.26 -19.35 -8.19
C LEU D 361 4.27 -20.39 -8.73
N GLY D 362 4.69 -21.64 -8.88
CA GLY D 362 3.84 -22.71 -9.36
C GLY D 362 3.60 -23.75 -8.30
N ALA D 363 3.25 -24.95 -8.75
CA ALA D 363 2.75 -26.02 -7.89
C ALA D 363 3.90 -26.53 -7.04
N LYS D 364 3.63 -26.80 -5.77
CA LYS D 364 4.64 -27.33 -4.83
C LYS D 364 5.09 -28.70 -5.34
N VAL D 365 4.16 -29.52 -5.85
CA VAL D 365 4.53 -30.87 -6.33
C VAL D 365 4.10 -30.96 -7.79
N TYR D 366 4.96 -31.45 -8.66
CA TYR D 366 4.54 -31.71 -10.06
C TYR D 366 4.21 -33.19 -10.21
N ASN D 367 2.94 -33.48 -10.44
CA ASN D 367 2.45 -34.85 -10.58
C ASN D 367 1.20 -34.85 -11.46
N ASP D 368 0.59 -36.00 -11.63
CA ASP D 368 -0.54 -36.13 -12.58
C ASP D 368 -1.65 -35.16 -12.19
N GLU D 369 -1.86 -34.95 -10.90
CA GLU D 369 -2.96 -34.10 -10.37
C GLU D 369 -2.70 -32.67 -10.80
N THR D 370 -1.43 -32.20 -10.76
CA THR D 370 -1.11 -30.84 -11.20
C THR D 370 -1.58 -30.68 -12.65
N ILE D 371 -1.29 -31.69 -13.48
CA ILE D 371 -1.58 -31.60 -14.93
C ILE D 371 -3.10 -31.65 -15.12
N GLU D 372 -3.74 -32.52 -14.36
CA GLU D 372 -5.20 -32.76 -14.47
C GLU D 372 -5.96 -31.43 -14.30
N GLN D 373 -5.49 -30.47 -13.48
CA GLN D 373 -6.29 -29.22 -13.27
C GLN D 373 -6.45 -28.54 -14.63
N PHE D 374 -5.37 -28.53 -15.44
CA PHE D 374 -5.38 -27.87 -16.74
C PHE D 374 -6.08 -28.79 -17.75
N ALA D 375 -5.83 -30.11 -17.70
CA ALA D 375 -6.51 -31.02 -18.67
C ALA D 375 -8.02 -30.88 -18.58
N GLN D 376 -8.56 -30.67 -17.37
CA GLN D 376 -10.05 -30.65 -17.19
C GLN D 376 -10.63 -29.41 -17.89
N VAL D 377 -9.94 -28.27 -17.88
CA VAL D 377 -10.49 -27.08 -18.57
C VAL D 377 -10.14 -27.15 -20.08
N TYR D 378 -9.03 -27.77 -20.47
CA TYR D 378 -8.71 -27.87 -21.92
C TYR D 378 -9.82 -28.70 -22.56
N ARG D 379 -10.33 -29.72 -21.85
CA ARG D 379 -11.36 -30.65 -22.35
C ARG D 379 -12.65 -29.95 -22.72
N LEU D 380 -12.88 -28.72 -22.23
CA LEU D 380 -14.11 -27.96 -22.58
C LEU D 380 -13.88 -27.33 -23.95
N VAL D 381 -12.62 -27.05 -24.29
CA VAL D 381 -12.33 -26.13 -25.44
C VAL D 381 -11.88 -27.01 -26.63
N ASN D 382 -11.04 -27.99 -26.41
CA ASN D 382 -10.51 -28.86 -27.52
C ASN D 382 -11.62 -29.31 -28.46
N PRO D 383 -12.80 -29.81 -28.00
CA PRO D 383 -13.83 -30.39 -28.86
C PRO D 383 -14.39 -29.38 -29.85
N MET D 384 -14.21 -28.09 -29.56
CA MET D 384 -14.78 -26.98 -30.34
C MET D 384 -13.70 -25.93 -30.64
N MET D 385 -12.44 -26.30 -30.71
CA MET D 385 -11.36 -25.30 -30.73
C MET D 385 -11.54 -24.39 -31.96
N ARG D 386 -11.65 -24.94 -33.15
CA ARG D 386 -11.74 -24.11 -34.37
C ARG D 386 -13.03 -23.28 -34.36
N GLU D 387 -14.14 -23.85 -33.93
CA GLU D 387 -15.42 -23.13 -33.93
C GLU D 387 -15.38 -21.97 -32.92
N TRP D 388 -14.87 -22.20 -31.73
CA TRP D 388 -14.70 -21.12 -30.73
C TRP D 388 -13.75 -20.07 -31.32
N ALA D 389 -12.63 -20.47 -31.90
CA ALA D 389 -11.69 -19.47 -32.46
C ALA D 389 -12.40 -18.56 -33.48
N ARG D 390 -13.22 -19.14 -34.33
CA ARG D 390 -13.91 -18.35 -35.38
C ARG D 390 -14.93 -17.43 -34.70
N LEU D 391 -15.68 -17.92 -33.72
CA LEU D 391 -16.71 -17.03 -33.08
C LEU D 391 -16.06 -15.91 -32.31
N SER D 392 -14.93 -16.20 -31.67
CA SER D 392 -14.20 -15.16 -30.92
C SER D 392 -13.76 -14.03 -31.87
N TYR D 393 -13.22 -14.35 -33.05
CA TYR D 393 -12.78 -13.32 -34.03
C TYR D 393 -13.97 -12.63 -34.72
N GLN D 394 -14.95 -13.40 -35.20
CA GLN D 394 -16.02 -12.85 -36.09
C GLN D 394 -17.21 -12.35 -35.29
N GLY D 395 -17.37 -12.76 -34.03
CA GLY D 395 -18.59 -12.42 -33.27
C GLY D 395 -18.35 -12.20 -31.80
N GLN D 396 -19.40 -12.42 -31.01
CA GLN D 396 -19.45 -12.06 -29.59
C GLN D 396 -19.22 -13.30 -28.72
N VAL D 397 -18.24 -13.20 -27.84
CA VAL D 397 -18.00 -14.26 -26.82
C VAL D 397 -17.88 -13.58 -25.45
N TRP D 398 -18.05 -14.35 -24.41
CA TRP D 398 -17.88 -14.00 -22.99
C TRP D 398 -17.20 -15.17 -22.28
N GLY D 399 -16.47 -14.85 -21.21
CA GLY D 399 -15.82 -15.84 -20.34
C GLY D 399 -15.63 -15.28 -18.97
N VAL D 400 -15.92 -16.09 -17.95
CA VAL D 400 -15.70 -15.70 -16.54
C VAL D 400 -15.12 -16.85 -15.76
N ALA D 401 -14.48 -16.45 -14.66
CA ALA D 401 -13.92 -17.40 -13.67
C ALA D 401 -14.47 -17.04 -12.29
N GLU D 402 -14.47 -18.04 -11.42
CA GLU D 402 -14.88 -17.89 -10.00
C GLU D 402 -14.11 -16.74 -9.38
N PRO D 403 -14.82 -15.67 -8.91
CA PRO D 403 -14.20 -14.38 -8.54
C PRO D 403 -13.72 -14.27 -7.08
N LEU D 404 -13.93 -15.29 -6.28
CA LEU D 404 -13.33 -15.37 -4.93
C LEU D 404 -12.23 -16.41 -4.98
N ASP D 405 -11.06 -16.04 -4.47
CA ASP D 405 -9.94 -16.98 -4.28
C ASP D 405 -10.34 -17.92 -3.13
N SER D 406 -9.75 -19.10 -3.02
CA SER D 406 -10.05 -20.10 -1.95
C SER D 406 -9.89 -19.41 -0.59
N THR D 407 -10.75 -19.74 0.36
CA THR D 407 -10.66 -19.17 1.73
C THR D 407 -9.31 -19.55 2.36
N THR D 408 -8.75 -18.64 3.16
CA THR D 408 -7.45 -18.78 3.87
C THR D 408 -7.65 -19.64 5.13
N GLU D 409 -6.58 -20.25 5.65
CA GLU D 409 -6.61 -21.04 6.92
C GLU D 409 -6.92 -20.10 8.10
N THR D 410 -6.51 -18.84 7.99
CA THR D 410 -6.84 -17.72 8.93
C THR D 410 -8.36 -17.46 8.95
N GLN D 411 -8.99 -17.18 7.80
CA GLN D 411 -10.42 -16.75 7.69
C GLN D 411 -11.32 -17.94 8.06
N LYS D 412 -10.77 -19.14 7.92
CA LYS D 412 -11.25 -20.38 8.57
C LYS D 412 -11.30 -20.14 10.09
N ILE D 413 -10.17 -19.77 10.69
CA ILE D 413 -10.06 -19.37 12.14
C ILE D 413 -10.97 -18.14 12.38
N TRP D 414 -10.88 -17.11 11.52
CA TRP D 414 -11.75 -15.90 11.55
C TRP D 414 -13.10 -16.23 10.92
N LYS D 423 -21.91 -15.22 11.09
CA LYS D 423 -21.80 -16.39 10.19
C LYS D 423 -22.77 -16.21 9.00
N GLU D 424 -24.05 -15.99 9.31
CA GLU D 424 -25.18 -15.86 8.35
C GLU D 424 -24.93 -14.73 7.35
N GLN D 425 -24.51 -13.55 7.80
CA GLN D 425 -24.29 -12.37 6.91
C GLN D 425 -23.09 -12.65 5.99
N HIS D 426 -22.04 -13.30 6.50
CA HIS D 426 -20.83 -13.62 5.71
C HIS D 426 -21.24 -14.53 4.54
N LYS D 427 -22.27 -15.38 4.70
CA LYS D 427 -22.76 -16.31 3.61
C LYS D 427 -23.51 -15.51 2.54
N LYS D 428 -24.42 -14.62 2.94
CA LYS D 428 -25.09 -13.64 2.03
C LYS D 428 -24.05 -12.86 1.20
N ASP D 429 -22.97 -12.37 1.82
CA ASP D 429 -21.94 -11.55 1.13
C ASP D 429 -21.19 -12.38 0.08
N ARG D 430 -20.75 -13.58 0.48
CA ARG D 430 -20.03 -14.55 -0.40
C ARG D 430 -20.98 -14.91 -1.55
N ALA D 431 -22.25 -15.19 -1.28
CA ALA D 431 -23.17 -15.60 -2.38
C ALA D 431 -23.23 -14.46 -3.39
N SER D 432 -23.36 -13.20 -2.92
CA SER D 432 -23.52 -12.05 -3.82
C SER D 432 -22.24 -11.89 -4.65
N ALA D 433 -21.09 -12.10 -4.03
CA ALA D 433 -19.78 -11.97 -4.70
C ALA D 433 -19.63 -13.09 -5.74
N LEU D 434 -20.19 -14.26 -5.46
CA LEU D 434 -20.03 -15.47 -6.31
C LEU D 434 -21.16 -15.52 -7.36
N THR D 435 -21.77 -14.38 -7.66
CA THR D 435 -22.81 -14.20 -8.69
C THR D 435 -22.31 -13.17 -9.70
N GLN D 436 -22.23 -13.57 -10.98
CA GLN D 436 -21.75 -12.68 -12.04
C GLN D 436 -22.84 -12.50 -13.09
N GLN D 437 -23.02 -11.28 -13.58
CA GLN D 437 -23.98 -10.96 -14.65
C GLN D 437 -23.24 -10.81 -15.97
N LEU D 438 -23.81 -11.29 -17.06
CA LEU D 438 -23.26 -11.08 -18.42
C LEU D 438 -24.40 -10.56 -19.30
N ASP D 439 -24.17 -9.47 -20.01
CA ASP D 439 -25.15 -8.86 -20.91
C ASP D 439 -24.97 -9.45 -22.32
N LEU D 440 -25.85 -10.32 -22.76
CA LEU D 440 -25.65 -11.02 -24.04
C LEU D 440 -26.57 -10.45 -25.10
N GLY D 441 -27.02 -9.19 -24.98
CA GLY D 441 -27.90 -8.63 -25.99
C GLY D 441 -29.33 -8.64 -25.54
N LEU D 442 -30.22 -9.41 -26.13
CA LEU D 442 -31.63 -9.46 -25.67
C LEU D 442 -31.75 -10.30 -24.40
N TRP D 443 -30.73 -11.07 -24.06
CA TRP D 443 -30.69 -11.99 -22.90
C TRP D 443 -29.44 -11.72 -22.11
N ASP D 444 -29.54 -12.00 -20.82
CA ASP D 444 -28.45 -12.00 -19.84
C ASP D 444 -28.24 -13.40 -19.30
N ALA D 445 -27.01 -13.65 -18.87
CA ALA D 445 -26.66 -14.88 -18.13
C ALA D 445 -26.28 -14.46 -16.72
N GLU D 446 -26.65 -15.25 -15.74
CA GLU D 446 -26.16 -15.14 -14.35
C GLU D 446 -25.33 -16.37 -14.09
N VAL D 447 -24.06 -16.21 -13.78
CA VAL D 447 -23.18 -17.36 -13.47
C VAL D 447 -22.94 -17.38 -11.96
N THR D 448 -23.12 -18.54 -11.33
CA THR D 448 -22.93 -18.75 -9.90
C THR D 448 -22.12 -20.02 -9.62
N TYR D 449 -21.51 -20.10 -8.46
CA TYR D 449 -20.46 -21.12 -8.24
C TYR D 449 -20.62 -21.85 -6.92
N GLY D 450 -20.71 -23.14 -6.93
CA GLY D 450 -20.70 -23.98 -5.75
C GLY D 450 -22.06 -24.13 -5.16
N ARG D 451 -22.93 -24.83 -5.85
CA ARG D 451 -24.29 -25.04 -5.35
C ARG D 451 -24.80 -26.35 -5.91
N PRO D 452 -25.87 -26.92 -5.38
CA PRO D 452 -26.48 -28.11 -5.94
C PRO D 452 -26.99 -27.92 -7.37
N MET D 453 -27.29 -29.05 -8.00
CA MET D 453 -27.83 -29.05 -9.38
C MET D 453 -29.37 -28.93 -9.39
N PHE D 454 -29.95 -28.77 -8.22
CA PHE D 454 -31.39 -28.77 -8.00
C PHE D 454 -31.69 -27.70 -6.92
N TRP D 455 -32.77 -26.93 -7.17
CA TRP D 455 -33.35 -25.95 -6.24
C TRP D 455 -32.38 -24.75 -6.17
N VAL D 456 -32.60 -23.81 -5.25
CA VAL D 456 -32.00 -22.46 -5.36
C VAL D 456 -31.23 -22.07 -4.09
N THR D 457 -30.65 -23.00 -3.36
CA THR D 457 -29.75 -22.68 -2.21
C THR D 457 -28.63 -21.79 -2.72
N PRO D 458 -28.29 -20.66 -2.06
CA PRO D 458 -27.32 -19.71 -2.59
C PRO D 458 -25.92 -20.31 -2.81
N PRO D 459 -25.14 -19.82 -3.81
CA PRO D 459 -23.79 -20.34 -4.08
C PRO D 459 -22.89 -20.17 -2.86
N GLU D 460 -22.02 -21.15 -2.64
CA GLU D 460 -21.02 -21.08 -1.53
C GLU D 460 -19.59 -21.18 -2.08
N GLY D 461 -19.41 -21.35 -3.39
CA GLY D 461 -18.09 -21.41 -3.98
C GLY D 461 -17.61 -22.86 -4.03
N ASN D 462 -16.62 -23.11 -4.88
CA ASN D 462 -15.94 -24.40 -4.97
C ASN D 462 -14.75 -24.33 -3.98
N THR D 463 -14.29 -25.47 -3.47
CA THR D 463 -13.11 -25.58 -2.58
C THR D 463 -12.18 -26.56 -3.24
N PRO D 464 -11.05 -26.17 -3.89
CA PRO D 464 -10.65 -24.77 -4.05
C PRO D 464 -11.43 -24.05 -5.15
N ALA D 465 -11.22 -22.73 -5.23
CA ALA D 465 -11.90 -21.91 -6.25
C ALA D 465 -11.48 -22.51 -7.60
N ALA D 466 -12.41 -22.72 -8.52
CA ALA D 466 -12.03 -23.43 -9.76
C ALA D 466 -13.03 -23.24 -10.90
N GLY D 467 -14.20 -22.64 -10.67
CA GLY D 467 -15.25 -22.61 -11.70
C GLY D 467 -15.08 -21.58 -12.77
N GLY D 468 -15.86 -21.75 -13.83
CA GLY D 468 -15.92 -20.76 -14.88
C GLY D 468 -16.93 -21.10 -15.94
N ALA D 469 -17.07 -20.22 -16.89
CA ALA D 469 -17.99 -20.44 -18.02
C ALA D 469 -17.53 -19.73 -19.27
N LEU D 470 -17.95 -20.27 -20.41
CA LEU D 470 -17.74 -19.67 -21.75
C LEU D 470 -19.08 -19.58 -22.44
N ILE D 471 -19.34 -18.44 -23.08
CA ILE D 471 -20.57 -18.20 -23.88
C ILE D 471 -20.20 -17.59 -25.20
N ALA D 472 -20.78 -18.09 -26.29
CA ALA D 472 -20.64 -17.47 -27.63
C ALA D 472 -22.04 -17.26 -28.18
N GLN D 473 -22.26 -16.12 -28.82
CA GLN D 473 -23.59 -15.79 -29.40
C GLN D 473 -23.66 -16.39 -30.79
N LEU D 474 -24.65 -17.25 -31.07
CA LEU D 474 -24.86 -17.81 -32.43
C LEU D 474 -25.87 -16.95 -33.20
N ASP D 475 -26.91 -16.46 -32.51
CA ASP D 475 -27.96 -15.59 -33.11
C ASP D 475 -28.56 -14.74 -31.99
N ASP D 476 -29.56 -13.91 -32.28
CA ASP D 476 -30.16 -12.99 -31.30
C ASP D 476 -30.68 -13.78 -30.09
N ASN D 477 -31.10 -15.03 -30.26
CA ASN D 477 -31.78 -15.74 -29.17
C ASN D 477 -31.08 -17.07 -28.94
N GLU D 478 -29.89 -17.29 -29.50
CA GLU D 478 -29.26 -18.62 -29.38
C GLU D 478 -27.79 -18.46 -29.03
N TYR D 479 -27.33 -19.28 -28.07
CA TYR D 479 -25.98 -19.18 -27.49
C TYR D 479 -25.35 -20.56 -27.36
N LEU D 480 -24.04 -20.61 -27.60
CA LEU D 480 -23.26 -21.80 -27.29
C LEU D 480 -22.66 -21.60 -25.88
N VAL D 481 -22.78 -22.60 -25.03
CA VAL D 481 -22.46 -22.46 -23.59
C VAL D 481 -21.67 -23.71 -23.18
N THR D 482 -20.60 -23.52 -22.41
CA THR D 482 -19.97 -24.63 -21.67
C THR D 482 -19.40 -24.01 -20.41
N ALA D 483 -19.44 -24.75 -19.34
CA ALA D 483 -19.04 -24.19 -18.04
C ALA D 483 -18.52 -25.31 -17.15
N TYR D 484 -17.97 -24.94 -16.01
CA TYR D 484 -17.16 -25.87 -15.19
C TYR D 484 -17.42 -25.48 -13.72
N LYS D 485 -17.94 -26.46 -12.99
CA LYS D 485 -18.25 -26.33 -11.55
C LYS D 485 -19.04 -25.03 -11.31
N ALA D 486 -20.14 -24.87 -12.01
CA ALA D 486 -20.91 -23.61 -12.02
C ALA D 486 -22.31 -23.85 -12.57
N ARG D 487 -23.14 -22.88 -12.29
CA ARG D 487 -24.49 -22.83 -12.82
C ARG D 487 -24.55 -21.62 -13.73
N VAL D 488 -25.23 -21.77 -14.87
CA VAL D 488 -25.49 -20.63 -15.78
C VAL D 488 -27.01 -20.52 -15.96
N GLU D 489 -27.57 -19.34 -15.66
CA GLU D 489 -29.02 -19.13 -15.80
C GLU D 489 -29.28 -17.98 -16.79
N PHE D 490 -30.25 -18.16 -17.67
CA PHE D 490 -30.60 -17.15 -18.68
C PHE D 490 -31.85 -16.38 -18.26
N LYS D 491 -31.89 -15.10 -18.59
CA LYS D 491 -33.06 -14.23 -18.32
C LYS D 491 -33.10 -13.11 -19.35
N PRO D 492 -34.24 -12.42 -19.52
CA PRO D 492 -34.36 -11.24 -20.36
C PRO D 492 -33.35 -10.18 -19.94
N SER D 493 -32.74 -9.49 -20.89
CA SER D 493 -31.77 -8.40 -20.61
C SER D 493 -32.55 -7.11 -20.34
N GLN D 494 -33.82 -7.05 -20.76
CA GLN D 494 -34.64 -5.82 -20.55
C GLN D 494 -36.09 -6.23 -20.31
N GLU D 495 -36.93 -5.32 -19.85
CA GLU D 495 -38.37 -5.62 -19.61
C GLU D 495 -39.00 -6.10 -20.93
N LEU D 496 -39.93 -7.05 -20.83
N LEU D 496 -39.93 -7.05 -20.82
CA LEU D 496 -40.58 -7.71 -22.00
CA LEU D 496 -40.59 -7.72 -21.97
C LEU D 496 -41.93 -7.05 -22.33
C LEU D 496 -41.92 -7.05 -22.33
N ALA D 497 -42.30 -5.97 -21.66
CA ALA D 497 -43.47 -5.16 -22.05
C ALA D 497 -44.71 -6.07 -22.15
N GLY D 498 -44.82 -7.10 -21.28
CA GLY D 498 -46.07 -7.90 -21.27
C GLY D 498 -45.87 -9.34 -21.71
N LYS D 499 -44.77 -9.64 -22.38
CA LYS D 499 -44.47 -11.03 -22.79
C LYS D 499 -43.82 -11.81 -21.65
N LYS D 500 -43.95 -13.14 -21.75
CA LYS D 500 -43.30 -14.12 -20.84
C LYS D 500 -42.04 -14.63 -21.57
N PHE D 501 -41.20 -15.34 -20.86
CA PHE D 501 -40.02 -15.97 -21.52
C PHE D 501 -39.86 -17.37 -21.02
N MET D 502 -39.18 -18.18 -21.84
CA MET D 502 -38.78 -19.52 -21.43
C MET D 502 -37.56 -19.95 -22.25
N ILE D 503 -36.97 -21.04 -21.84
CA ILE D 503 -36.00 -21.77 -22.68
C ILE D 503 -36.81 -22.38 -23.79
N GLU D 504 -36.48 -22.17 -25.04
CA GLU D 504 -37.21 -22.90 -26.06
C GLU D 504 -36.58 -24.29 -26.17
N ARG D 505 -35.26 -24.35 -26.21
CA ARG D 505 -34.56 -25.63 -26.36
C ARG D 505 -33.10 -25.54 -25.96
N VAL D 506 -32.62 -26.53 -25.20
CA VAL D 506 -31.17 -26.72 -24.88
C VAL D 506 -30.79 -28.05 -25.52
N GLU D 507 -29.71 -28.05 -26.34
CA GLU D 507 -29.21 -29.30 -26.96
C GLU D 507 -27.78 -29.48 -26.49
N GLU D 508 -27.40 -30.67 -26.02
CA GLU D 508 -25.99 -30.98 -25.80
C GLU D 508 -25.49 -31.66 -27.06
N GLY D 509 -24.28 -31.39 -27.48
CA GLY D 509 -23.78 -31.94 -28.74
C GLY D 509 -22.33 -31.65 -28.98
N ARG D 510 -21.92 -31.77 -30.25
CA ARG D 510 -20.52 -31.57 -30.64
C ARG D 510 -20.45 -31.16 -32.11
N PHE D 511 -19.32 -30.57 -32.49
CA PHE D 511 -19.04 -30.28 -33.92
C PHE D 511 -18.36 -31.48 -34.55
N GLU D 512 -18.88 -31.99 -35.67
CA GLU D 512 -18.18 -33.05 -36.44
C GLU D 512 -18.07 -32.54 -37.89
N LYS D 513 -16.86 -32.39 -38.45
CA LYS D 513 -16.64 -31.82 -39.81
C LYS D 513 -17.26 -30.42 -39.93
N GLY D 514 -17.19 -29.60 -38.86
CA GLY D 514 -17.73 -28.23 -38.80
C GLY D 514 -19.23 -28.17 -38.54
N LYS D 515 -19.94 -29.30 -38.55
CA LYS D 515 -21.42 -29.29 -38.41
C LYS D 515 -21.82 -29.68 -36.99
N TRP D 516 -22.92 -29.13 -36.50
CA TRP D 516 -23.45 -29.50 -35.17
C TRP D 516 -24.15 -30.86 -35.23
N VAL D 517 -23.79 -31.72 -34.29
CA VAL D 517 -24.45 -33.03 -34.09
C VAL D 517 -25.11 -32.99 -32.72
N MET D 518 -26.42 -33.14 -32.65
CA MET D 518 -27.15 -33.15 -31.36
C MET D 518 -26.98 -34.53 -30.70
N GLU D 519 -26.68 -34.59 -29.41
CA GLU D 519 -26.55 -35.87 -28.66
C GLU D 519 -27.85 -36.11 -27.86
N ARG D 520 -28.34 -35.07 -27.19
CA ARG D 520 -29.57 -35.11 -26.39
C ARG D 520 -30.10 -33.71 -26.12
N VAL D 521 -31.34 -33.63 -25.69
CA VAL D 521 -32.00 -32.35 -25.29
C VAL D 521 -31.92 -32.30 -23.74
N TRP D 522 -31.36 -31.25 -23.15
CA TRP D 522 -31.49 -31.00 -21.70
C TRP D 522 -32.86 -30.37 -21.51
N ASN D 523 -33.60 -30.90 -20.58
CA ASN D 523 -34.96 -30.41 -20.24
C ASN D 523 -35.32 -30.81 -18.80
N GLY D 524 -36.49 -30.37 -18.33
CA GLY D 524 -36.93 -30.77 -16.99
C GLY D 524 -35.97 -30.40 -15.88
N ASP D 525 -35.58 -31.35 -15.03
CA ASP D 525 -34.66 -31.03 -13.94
C ASP D 525 -33.37 -30.39 -14.48
N GLN D 526 -32.92 -30.74 -15.67
CA GLN D 526 -31.60 -30.26 -16.12
C GLN D 526 -31.69 -28.81 -16.59
N THR D 527 -32.89 -28.22 -16.70
CA THR D 527 -32.97 -26.79 -17.09
C THR D 527 -33.88 -25.99 -16.17
N ASP D 528 -34.53 -26.64 -15.22
CA ASP D 528 -35.43 -25.91 -14.27
C ASP D 528 -34.59 -24.97 -13.35
N TRP D 529 -33.34 -25.34 -13.04
CA TRP D 529 -32.53 -24.69 -11.96
C TRP D 529 -31.25 -24.19 -12.61
N GLY D 530 -31.40 -23.50 -13.74
CA GLY D 530 -30.25 -23.11 -14.55
C GLY D 530 -29.62 -24.32 -15.23
N LEU D 531 -28.44 -24.12 -15.77
CA LEU D 531 -27.65 -25.13 -16.48
C LEU D 531 -26.45 -25.44 -15.55
N ASN D 532 -26.44 -26.62 -14.97
CA ASN D 532 -25.50 -26.98 -13.91
C ASN D 532 -24.37 -27.82 -14.49
N PHE D 533 -23.13 -27.39 -14.31
CA PHE D 533 -21.96 -28.10 -14.84
C PHE D 533 -21.11 -28.61 -13.67
N THR D 534 -20.47 -29.76 -13.84
CA THR D 534 -19.51 -30.33 -12.87
C THR D 534 -18.12 -30.26 -13.51
N ASP D 535 -17.29 -31.28 -13.35
CA ASP D 535 -15.94 -31.30 -13.93
C ASP D 535 -15.96 -31.92 -15.31
N ARG D 536 -17.11 -32.42 -15.76
CA ARG D 536 -17.20 -33.13 -17.06
C ARG D 536 -17.56 -32.16 -18.14
N PRO D 537 -16.98 -32.29 -19.37
CA PRO D 537 -17.30 -31.42 -20.49
C PRO D 537 -18.70 -31.64 -21.06
N HIS D 538 -19.46 -30.58 -21.20
CA HIS D 538 -20.73 -30.62 -21.92
C HIS D 538 -20.86 -29.34 -22.69
N LEU D 539 -21.08 -29.40 -24.01
CA LEU D 539 -21.25 -28.24 -24.90
C LEU D 539 -22.72 -28.16 -25.27
N LEU D 540 -23.35 -27.01 -24.96
CA LEU D 540 -24.78 -26.81 -25.17
C LEU D 540 -25.07 -25.69 -26.15
N ARG D 541 -26.17 -25.84 -26.86
CA ARG D 541 -26.76 -24.81 -27.70
C ARG D 541 -28.06 -24.43 -27.01
N VAL D 542 -28.14 -23.20 -26.57
CA VAL D 542 -29.30 -22.74 -25.74
C VAL D 542 -30.10 -21.79 -26.58
N LYS D 543 -31.37 -22.06 -26.79
CA LYS D 543 -32.24 -21.17 -27.56
C LYS D 543 -33.28 -20.61 -26.58
N MET D 544 -33.39 -19.29 -26.49
CA MET D 544 -34.33 -18.59 -25.60
C MET D 544 -35.50 -18.08 -26.42
N ALA D 545 -36.63 -17.81 -25.76
CA ALA D 545 -37.78 -17.21 -26.50
C ALA D 545 -38.66 -16.38 -25.57
N SER D 546 -39.09 -15.22 -26.04
CA SER D 546 -40.20 -14.47 -25.40
C SER D 546 -41.49 -14.88 -26.09
N TYR D 547 -42.59 -14.94 -25.38
CA TYR D 547 -43.85 -15.32 -26.02
C TYR D 547 -45.03 -14.56 -25.43
N SER D 548 -46.02 -14.37 -26.27
CA SER D 548 -47.26 -13.64 -25.89
C SER D 548 -48.15 -14.52 -25.02
N VAL D 549 -48.83 -13.88 -24.07
CA VAL D 549 -49.95 -14.49 -23.34
C VAL D 549 -51.19 -13.62 -23.40
N GLN D 550 -51.25 -12.70 -24.35
CA GLN D 550 -52.36 -11.74 -24.58
C GLN D 550 -53.68 -12.51 -24.75
N ALA E 12 43.97 -60.63 -14.65
CA ALA E 12 43.24 -59.76 -13.64
C ALA E 12 44.17 -59.44 -12.45
N PRO E 13 44.69 -58.20 -12.32
CA PRO E 13 45.58 -57.88 -11.21
C PRO E 13 44.87 -58.05 -9.87
N LEU E 14 45.61 -58.42 -8.80
CA LEU E 14 45.06 -58.50 -7.41
C LEU E 14 44.54 -57.13 -6.98
N PRO E 15 43.42 -57.12 -6.21
CA PRO E 15 43.04 -55.91 -5.48
C PRO E 15 44.21 -55.51 -4.56
N GLU E 16 44.37 -54.21 -4.35
CA GLU E 16 45.41 -53.74 -3.42
C GLU E 16 45.03 -52.37 -2.89
N LEU E 17 45.30 -52.13 -1.61
CA LEU E 17 45.12 -50.78 -1.02
C LEU E 17 46.40 -50.00 -1.28
N LEU E 18 46.31 -48.97 -2.11
CA LEU E 18 47.45 -48.05 -2.35
C LEU E 18 47.36 -46.85 -1.40
N SER E 19 48.51 -46.38 -0.97
CA SER E 19 48.59 -45.21 -0.07
C SER E 19 49.77 -44.32 -0.52
N ASN E 20 49.52 -43.06 -0.86
CA ASN E 20 50.60 -42.19 -1.40
C ASN E 20 50.24 -40.74 -1.07
N ASN E 21 51.16 -40.01 -0.45
CA ASN E 21 51.06 -38.56 -0.18
C ASN E 21 49.77 -38.24 0.60
N GLY E 22 49.41 -39.06 1.60
CA GLY E 22 48.28 -38.83 2.52
C GLY E 22 46.93 -39.23 1.95
N LYS E 23 46.94 -39.78 0.74
CA LYS E 23 45.79 -40.17 -0.13
C LYS E 23 45.75 -41.70 -0.23
N HIS E 24 44.57 -42.28 -0.49
CA HIS E 24 44.39 -43.75 -0.51
C HIS E 24 43.48 -44.18 -1.65
N ALA E 25 43.69 -45.37 -2.16
CA ALA E 25 42.74 -45.96 -3.12
C ALA E 25 42.68 -47.47 -2.91
N LEU E 26 41.46 -48.00 -2.90
CA LEU E 26 41.29 -49.45 -3.09
C LEU E 26 41.33 -49.77 -4.58
N MET E 27 42.46 -50.34 -5.06
CA MET E 27 42.51 -50.80 -6.46
C MET E 27 41.72 -52.10 -6.63
N VAL E 28 40.84 -52.15 -7.61
CA VAL E 28 40.13 -53.41 -8.04
C VAL E 28 40.18 -53.51 -9.58
N ASP E 29 40.64 -54.64 -10.12
CA ASP E 29 40.79 -54.83 -11.58
C ASP E 29 41.63 -53.70 -12.17
N GLY E 30 42.57 -53.15 -11.40
CA GLY E 30 43.65 -52.23 -11.84
C GLY E 30 43.29 -50.76 -11.72
N ALA E 31 42.20 -50.39 -11.08
CA ALA E 31 41.80 -48.97 -10.97
C ALA E 31 41.12 -48.71 -9.64
N PRO E 32 41.16 -47.45 -9.10
CA PRO E 32 40.40 -47.13 -7.88
C PRO E 32 38.94 -47.58 -7.98
N TYR E 33 38.45 -48.08 -6.85
CA TYR E 33 37.08 -48.63 -6.73
C TYR E 33 36.49 -48.11 -5.43
N ILE E 34 35.18 -47.92 -5.43
CA ILE E 34 34.43 -47.54 -4.22
C ILE E 34 33.48 -48.65 -3.87
N ILE E 35 33.59 -49.19 -2.65
CA ILE E 35 32.60 -50.15 -2.12
C ILE E 35 31.29 -49.43 -1.76
N LEU E 36 30.27 -49.64 -2.55
CA LEU E 36 28.89 -49.23 -2.26
C LEU E 36 28.27 -50.50 -1.71
N GLY E 37 28.37 -50.69 -0.41
CA GLY E 37 28.23 -52.04 0.12
C GLY E 37 26.92 -52.30 0.84
N SER E 38 26.79 -53.54 1.31
CA SER E 38 25.66 -54.03 2.15
C SER E 38 26.23 -55.22 2.90
N GLN E 39 25.96 -55.29 4.19
CA GLN E 39 26.41 -56.41 4.98
C GLN E 39 25.18 -57.15 5.45
N THR E 40 25.25 -58.47 5.45
CA THR E 40 24.13 -59.26 5.92
C THR E 40 23.99 -59.23 7.44
N ASN E 41 22.87 -59.76 7.94
CA ASN E 41 22.81 -60.13 9.35
C ASN E 41 23.81 -61.27 9.65
N ASN E 42 24.13 -61.42 10.93
CA ASN E 42 25.17 -62.37 11.39
C ASN E 42 24.89 -63.86 11.13
N SER E 43 23.65 -64.24 10.80
CA SER E 43 23.23 -65.66 10.68
C SER E 43 22.82 -65.94 9.23
N SER E 44 23.40 -65.20 8.27
CA SER E 44 23.00 -65.38 6.84
C SER E 44 24.07 -66.10 6.03
N ASN E 45 25.11 -66.59 6.70
CA ASN E 45 26.27 -67.23 6.06
C ASN E 45 26.01 -68.69 5.71
N TYR E 46 24.87 -69.00 5.15
CA TYR E 46 24.54 -70.40 4.77
C TYR E 46 23.89 -70.40 3.38
N PRO E 47 24.07 -71.46 2.54
CA PRO E 47 23.50 -71.48 1.20
C PRO E 47 21.99 -71.17 1.20
N ASP E 48 21.26 -71.70 2.16
CA ASP E 48 19.80 -71.51 2.20
C ASP E 48 19.37 -70.06 2.55
N ALA E 49 20.23 -69.27 3.16
CA ALA E 49 19.86 -67.90 3.62
C ALA E 49 20.04 -66.94 2.46
N LEU E 50 20.86 -67.28 1.45
CA LEU E 50 21.32 -66.31 0.43
C LEU E 50 20.09 -65.83 -0.35
N LYS E 51 19.02 -66.61 -0.51
CA LYS E 51 17.83 -66.17 -1.29
C LYS E 51 17.17 -64.98 -0.57
N ASP E 52 17.55 -64.78 0.70
CA ASP E 52 16.96 -63.71 1.55
C ASP E 52 17.93 -62.54 1.60
N VAL E 53 19.05 -62.64 0.85
CA VAL E 53 20.11 -61.61 0.82
C VAL E 53 20.05 -60.89 -0.54
N TRP E 54 20.03 -61.63 -1.63
CA TRP E 54 20.26 -61.05 -2.97
C TRP E 54 19.18 -60.05 -3.34
N PRO E 55 17.89 -60.26 -2.98
CA PRO E 55 16.87 -59.30 -3.42
C PRO E 55 17.18 -57.91 -2.84
N SER E 56 17.60 -57.87 -1.59
CA SER E 56 17.91 -56.57 -0.94
C SER E 56 19.10 -55.92 -1.62
N MET E 57 20.11 -56.72 -2.02
CA MET E 57 21.31 -56.15 -2.68
C MET E 57 20.91 -55.46 -3.98
N GLU E 58 20.11 -56.16 -4.75
CA GLU E 58 19.61 -55.68 -6.05
C GLU E 58 18.79 -54.39 -5.85
N LYS E 59 17.88 -54.39 -4.88
CA LYS E 59 17.07 -53.17 -4.58
C LYS E 59 17.94 -52.00 -4.09
N MET E 60 19.01 -52.29 -3.40
CA MET E 60 19.89 -51.24 -2.86
C MET E 60 20.81 -50.70 -3.98
N GLY E 61 21.12 -51.49 -5.02
CA GLY E 61 22.15 -51.13 -6.01
C GLY E 61 23.55 -51.23 -5.46
N ALA E 62 23.78 -52.10 -4.49
CA ALA E 62 25.11 -52.23 -3.87
C ALA E 62 26.00 -52.93 -4.90
N ASN E 63 27.30 -52.67 -4.90
CA ASN E 63 28.25 -53.32 -5.83
C ASN E 63 29.07 -54.38 -5.09
N THR E 64 28.95 -54.49 -3.76
CA THR E 64 29.83 -55.35 -2.97
C THR E 64 29.07 -55.87 -1.76
N LEU E 65 29.11 -57.14 -1.46
CA LEU E 65 28.36 -57.70 -0.28
C LEU E 65 29.40 -58.12 0.75
N SER E 66 29.23 -57.66 1.99
CA SER E 66 30.04 -58.12 3.11
C SER E 66 29.24 -59.25 3.79
N ILE E 67 29.89 -60.42 3.96
CA ILE E 67 29.18 -61.59 4.54
C ILE E 67 30.14 -62.43 5.38
N PRO E 68 29.75 -62.95 6.58
CA PRO E 68 30.63 -63.80 7.38
C PRO E 68 31.05 -65.11 6.69
N VAL E 69 32.30 -65.55 6.96
CA VAL E 69 32.68 -66.98 6.76
C VAL E 69 33.17 -67.38 8.13
N ALA E 70 32.52 -68.34 8.74
CA ALA E 70 32.78 -68.67 10.15
C ALA E 70 33.81 -69.82 10.20
N TRP E 71 34.68 -69.75 11.20
CA TRP E 71 35.64 -70.82 11.51
C TRP E 71 34.83 -72.09 11.80
N GLU E 72 33.69 -71.97 12.47
CA GLU E 72 32.90 -73.16 12.89
C GLU E 72 32.38 -73.88 11.66
N GLN E 73 32.06 -73.17 10.59
CA GLN E 73 31.46 -73.80 9.40
C GLN E 73 32.56 -74.38 8.52
N ILE E 74 33.76 -73.79 8.44
CA ILE E 74 34.79 -74.31 7.49
C ILE E 74 35.61 -75.42 8.16
N GLU E 75 35.74 -75.43 9.49
CA GLU E 75 36.48 -76.51 10.20
C GLU E 75 35.65 -77.08 11.34
N PRO E 76 34.51 -77.71 11.06
CA PRO E 76 33.58 -78.12 12.13
C PRO E 76 34.18 -79.23 13.01
N VAL E 77 35.02 -80.07 12.39
CA VAL E 77 35.92 -81.06 13.05
C VAL E 77 37.36 -80.75 12.68
N GLU E 78 38.28 -80.79 13.64
CA GLU E 78 39.68 -80.40 13.41
C GLU E 78 40.25 -81.18 12.22
N GLY E 79 40.80 -80.44 11.25
CA GLY E 79 41.46 -80.94 10.05
C GLY E 79 40.50 -81.35 8.95
N GLN E 80 39.19 -81.25 9.16
CA GLN E 80 38.13 -81.67 8.19
C GLN E 80 37.50 -80.39 7.63
N PHE E 81 38.02 -79.88 6.49
CA PHE E 81 37.61 -78.57 5.93
C PHE E 81 36.38 -78.72 5.05
N ASP E 82 35.51 -77.70 5.10
CA ASP E 82 34.23 -77.70 4.38
C ASP E 82 34.02 -76.33 3.78
N PHE E 83 34.17 -76.20 2.49
CA PHE E 83 34.04 -74.88 1.84
C PHE E 83 32.76 -74.85 1.00
N SER E 84 31.83 -75.72 1.26
CA SER E 84 30.58 -75.79 0.47
C SER E 84 29.88 -74.42 0.46
N PHE E 85 29.96 -73.66 1.55
CA PHE E 85 29.26 -72.34 1.58
C PHE E 85 30.01 -71.36 0.69
N VAL E 86 31.33 -71.41 0.74
CA VAL E 86 32.13 -70.44 -0.05
C VAL E 86 31.94 -70.74 -1.53
N ASP E 87 31.84 -72.02 -1.87
CA ASP E 87 31.52 -72.44 -3.28
C ASP E 87 30.26 -71.73 -3.77
N VAL E 88 29.14 -71.94 -3.09
CA VAL E 88 27.79 -71.44 -3.51
C VAL E 88 27.85 -69.91 -3.57
N LEU E 89 28.38 -69.31 -2.51
CA LEU E 89 28.49 -67.83 -2.44
C LEU E 89 29.25 -67.28 -3.64
N LEU E 90 30.46 -67.79 -3.93
CA LEU E 90 31.22 -67.21 -5.06
C LEU E 90 30.36 -67.33 -6.32
N LYS E 91 29.79 -68.49 -6.60
CA LYS E 91 29.05 -68.74 -7.88
C LYS E 91 27.88 -67.73 -7.93
N GLU E 92 27.17 -67.56 -6.80
CA GLU E 92 25.91 -66.78 -6.82
C GLU E 92 26.31 -65.29 -6.94
N ALA E 93 27.36 -64.86 -6.25
CA ALA E 93 27.88 -63.47 -6.39
C ALA E 93 28.22 -63.18 -7.86
N ARG E 94 28.83 -64.15 -8.53
CA ARG E 94 29.25 -63.92 -9.92
C ARG E 94 28.00 -63.86 -10.81
N GLN E 95 26.97 -64.67 -10.56
CA GLN E 95 25.71 -64.63 -11.35
C GLN E 95 25.09 -63.23 -11.23
N ARG E 96 25.27 -62.56 -10.08
CA ARG E 96 24.57 -61.28 -9.84
C ARG E 96 25.52 -60.12 -10.07
N LYS E 97 26.72 -60.41 -10.61
CA LYS E 97 27.72 -59.39 -11.03
C LYS E 97 28.06 -58.47 -9.85
N VAL E 98 28.20 -59.07 -8.67
CA VAL E 98 28.70 -58.26 -7.52
C VAL E 98 29.99 -58.83 -6.95
N ARG E 99 30.70 -58.01 -6.18
CA ARG E 99 31.96 -58.39 -5.50
C ARG E 99 31.71 -58.68 -4.02
N LEU E 100 32.71 -59.31 -3.37
CA LEU E 100 32.50 -59.83 -2.00
C LEU E 100 33.56 -59.33 -1.05
N VAL E 101 33.16 -59.02 0.20
CA VAL E 101 34.16 -58.90 1.26
C VAL E 101 33.82 -60.01 2.26
N LEU E 102 34.73 -60.95 2.47
CA LEU E 102 34.46 -62.04 3.44
C LEU E 102 34.88 -61.60 4.84
N LEU E 103 34.06 -61.93 5.81
CA LEU E 103 34.34 -61.51 7.22
C LEU E 103 34.72 -62.78 7.99
N TRP E 104 36.01 -62.87 8.33
CA TRP E 104 36.51 -64.06 9.04
C TRP E 104 36.10 -64.00 10.51
N PHE E 105 35.05 -64.72 10.87
CA PHE E 105 34.56 -64.78 12.24
C PHE E 105 35.25 -65.98 12.90
N ALA E 106 36.20 -65.73 13.78
CA ALA E 106 37.05 -66.78 14.31
C ALA E 106 37.35 -66.57 15.81
N THR E 107 38.60 -66.28 16.13
CA THR E 107 39.00 -66.11 17.53
C THR E 107 38.09 -65.07 18.19
N TRP E 108 37.88 -63.90 17.54
CA TRP E 108 36.94 -62.87 18.02
C TRP E 108 35.81 -62.59 17.04
N LYS E 109 34.63 -62.54 17.60
CA LYS E 109 33.42 -61.98 17.02
C LYS E 109 32.74 -61.22 18.16
N ASN E 110 32.80 -59.88 18.06
CA ASN E 110 32.31 -59.02 19.14
C ASN E 110 32.93 -59.50 20.48
N ASN E 111 34.23 -59.66 20.50
CA ASN E 111 35.04 -59.97 21.73
C ASN E 111 35.00 -61.46 22.07
N ALA E 112 34.14 -62.27 21.47
CA ALA E 112 33.80 -63.64 21.91
C ALA E 112 34.14 -64.69 20.85
N PRO E 113 34.27 -65.96 21.32
CA PRO E 113 34.62 -67.10 20.45
C PRO E 113 33.43 -67.91 19.94
N HIS E 114 32.26 -67.31 19.90
CA HIS E 114 31.02 -68.04 19.50
C HIS E 114 31.10 -68.69 18.11
N TYR E 115 31.86 -68.10 17.22
CA TYR E 115 31.97 -68.57 15.82
C TYR E 115 33.15 -69.52 15.65
N ALA E 116 33.94 -69.74 16.69
CA ALA E 116 34.98 -70.79 16.67
C ALA E 116 34.30 -72.15 16.75
N PRO E 117 34.93 -73.20 16.21
CA PRO E 117 34.34 -74.55 16.22
C PRO E 117 34.15 -75.00 17.68
N ALA E 118 33.26 -75.96 17.91
CA ALA E 118 33.04 -76.42 19.29
C ALA E 118 34.34 -76.96 19.87
N TRP E 119 35.19 -77.62 19.06
CA TRP E 119 36.43 -78.24 19.61
C TRP E 119 37.40 -77.11 20.01
N VAL E 120 37.11 -75.87 19.64
CA VAL E 120 37.94 -74.71 20.10
C VAL E 120 37.22 -74.06 21.31
N LYS E 121 36.00 -73.55 21.11
CA LYS E 121 35.37 -72.70 22.16
C LYS E 121 35.05 -73.48 23.45
N LEU E 122 34.97 -74.80 23.42
CA LEU E 122 34.63 -75.60 24.63
C LEU E 122 35.89 -76.20 25.24
N ASP E 123 37.09 -75.83 24.78
CA ASP E 123 38.35 -76.39 25.31
C ASP E 123 39.22 -75.24 25.83
N ASN E 124 38.90 -74.75 27.00
CA ASN E 124 39.63 -73.63 27.64
C ASN E 124 41.09 -74.00 27.93
N ALA E 125 41.39 -75.26 28.28
CA ALA E 125 42.76 -75.52 28.72
C ALA E 125 43.68 -75.32 27.53
N ARG E 126 43.24 -75.75 26.35
CA ARG E 126 44.09 -75.62 25.13
C ARG E 126 44.02 -74.21 24.52
N PHE E 127 42.82 -73.62 24.57
CA PHE E 127 42.51 -72.33 23.93
C PHE E 127 41.99 -71.37 25.02
N PRO E 128 42.86 -70.79 25.85
CA PRO E 128 42.45 -70.10 27.08
C PRO E 128 41.79 -68.73 26.94
N ARG E 129 40.88 -68.44 27.86
CA ARG E 129 40.17 -67.16 27.98
C ARG E 129 40.93 -66.15 28.82
N VAL E 130 40.61 -64.91 28.58
CA VAL E 130 41.02 -63.79 29.45
C VAL E 130 40.58 -64.09 30.87
N VAL E 131 41.50 -63.94 31.81
CA VAL E 131 41.22 -64.02 33.26
C VAL E 131 41.24 -62.59 33.84
N LYS E 132 40.23 -62.22 34.64
CA LYS E 132 40.12 -60.88 35.29
C LYS E 132 41.09 -60.77 36.46
N GLU E 133 41.36 -59.54 36.93
CA GLU E 133 42.31 -59.26 38.03
C GLU E 133 41.86 -60.05 39.26
N ASP E 134 40.54 -60.25 39.40
CA ASP E 134 39.94 -60.94 40.56
C ASP E 134 39.93 -62.46 40.37
N GLY E 135 40.43 -63.00 39.26
CA GLY E 135 40.50 -64.47 39.10
C GLY E 135 39.31 -65.04 38.33
N ASP E 136 38.22 -64.29 38.13
CA ASP E 136 37.09 -64.77 37.30
C ASP E 136 37.50 -64.73 35.81
N THR E 137 36.85 -65.57 35.01
CA THR E 137 37.14 -65.80 33.58
C THR E 137 36.08 -65.15 32.72
N LEU E 138 36.48 -64.51 31.62
CA LEU E 138 35.50 -63.89 30.71
C LEU E 138 35.50 -64.74 29.43
N ASN E 139 34.37 -64.71 28.72
CA ASN E 139 34.23 -65.48 27.46
C ASN E 139 34.86 -64.67 26.34
N SER E 140 36.15 -64.49 26.44
CA SER E 140 36.96 -63.72 25.47
C SER E 140 38.29 -64.45 25.41
N LEU E 141 38.71 -64.96 24.23
CA LEU E 141 39.97 -65.72 24.12
C LEU E 141 41.15 -64.80 24.26
N SER E 142 42.12 -65.27 25.00
CA SER E 142 43.34 -64.47 25.27
C SER E 142 44.23 -64.40 24.01
N PRO E 143 44.70 -63.19 23.59
CA PRO E 143 45.59 -63.08 22.44
C PRO E 143 46.95 -63.78 22.67
N LEU E 144 47.24 -64.17 23.93
CA LEU E 144 48.53 -64.86 24.22
C LEU E 144 48.38 -66.39 24.25
N GLY E 145 47.21 -66.93 23.92
CA GLY E 145 47.09 -68.38 23.70
C GLY E 145 47.77 -68.73 22.39
N GLN E 146 48.97 -69.31 22.49
CA GLN E 146 49.74 -69.76 21.32
C GLN E 146 48.97 -70.82 20.52
N ASN E 147 48.21 -71.69 21.17
CA ASN E 147 47.54 -72.77 20.41
C ASN E 147 46.41 -72.15 19.59
N THR E 148 45.74 -71.17 20.15
CA THR E 148 44.58 -70.51 19.51
C THR E 148 45.06 -69.81 18.24
N LEU E 149 46.14 -69.06 18.38
CA LEU E 149 46.77 -68.37 17.23
C LEU E 149 47.15 -69.40 16.15
N ALA E 150 47.83 -70.49 16.51
CA ALA E 150 48.21 -71.48 15.47
C ALA E 150 46.96 -72.05 14.79
N ALA E 151 45.90 -72.36 15.55
CA ALA E 151 44.67 -73.00 15.03
C ALA E 151 43.88 -72.06 14.13
N ASP E 152 43.79 -70.81 14.52
CA ASP E 152 43.10 -69.77 13.69
C ASP E 152 43.86 -69.62 12.38
N LYS E 153 45.18 -69.38 12.51
CA LYS E 153 46.08 -69.21 11.34
C LYS E 153 45.87 -70.39 10.37
N LYS E 154 45.93 -71.63 10.90
CA LYS E 154 45.78 -72.83 10.03
C LYS E 154 44.52 -72.70 9.16
N ALA E 155 43.36 -72.46 9.80
CA ALA E 155 42.04 -72.42 9.15
C ALA E 155 41.98 -71.25 8.16
N PHE E 156 42.51 -70.09 8.55
CA PHE E 156 42.49 -68.90 7.69
C PHE E 156 43.33 -69.17 6.44
N VAL E 157 44.44 -69.89 6.63
CA VAL E 157 45.29 -70.28 5.48
C VAL E 157 44.48 -71.20 4.55
N GLU E 158 43.70 -72.17 5.06
CA GLU E 158 42.92 -73.08 4.17
C GLU E 158 41.88 -72.28 3.41
N LEU E 159 41.27 -71.29 4.07
CA LEU E 159 40.27 -70.48 3.37
C LEU E 159 40.97 -69.71 2.26
N MET E 160 42.12 -69.12 2.53
CA MET E 160 42.83 -68.34 1.49
C MET E 160 43.29 -69.28 0.34
N LYS E 161 43.71 -70.53 0.63
CA LYS E 161 44.04 -71.53 -0.43
C LYS E 161 42.80 -71.75 -1.29
N TYR E 162 41.63 -71.85 -0.66
CA TYR E 162 40.40 -72.06 -1.45
C TYR E 162 40.18 -70.91 -2.41
N LEU E 163 40.42 -69.67 -1.98
CA LEU E 163 40.28 -68.48 -2.86
C LEU E 163 41.39 -68.54 -3.93
N ALA E 164 42.62 -68.89 -3.53
CA ALA E 164 43.77 -68.98 -4.45
C ALA E 164 43.37 -69.93 -5.59
N LYS E 165 42.70 -71.04 -5.32
CA LYS E 165 42.46 -72.02 -6.42
C LYS E 165 41.11 -71.81 -7.12
N ARG E 166 40.14 -71.16 -6.46
CA ARG E 166 38.77 -71.18 -6.95
C ARG E 166 38.29 -69.75 -7.24
N ASP E 167 39.12 -68.72 -7.04
CA ASP E 167 38.64 -67.33 -7.26
C ASP E 167 39.66 -66.51 -8.04
N LYS E 168 39.99 -66.98 -9.25
CA LYS E 168 41.04 -66.39 -10.10
C LYS E 168 40.70 -64.96 -10.54
N ASP E 169 39.42 -64.60 -10.64
CA ASP E 169 39.04 -63.24 -11.06
C ASP E 169 38.82 -62.34 -9.83
N HIS E 170 39.08 -62.83 -8.60
CA HIS E 170 38.98 -62.02 -7.36
C HIS E 170 37.57 -61.45 -7.18
N THR E 171 36.57 -62.29 -7.32
CA THR E 171 35.20 -61.98 -6.86
C THR E 171 35.31 -61.43 -5.44
N VAL E 172 36.14 -62.08 -4.62
CA VAL E 172 36.43 -61.59 -3.26
C VAL E 172 37.53 -60.56 -3.38
N ILE E 173 37.22 -59.31 -3.05
CA ILE E 173 38.23 -58.21 -3.20
C ILE E 173 38.99 -57.90 -1.90
N MET E 174 38.48 -58.34 -0.76
CA MET E 174 39.04 -57.97 0.56
C MET E 174 38.50 -58.94 1.62
N VAL E 175 39.23 -59.09 2.71
CA VAL E 175 38.88 -60.01 3.82
C VAL E 175 39.03 -59.25 5.13
N GLN E 176 38.00 -59.24 5.97
CA GLN E 176 38.09 -58.71 7.35
C GLN E 176 38.62 -59.81 8.26
N VAL E 177 39.71 -59.55 8.96
CA VAL E 177 40.37 -60.55 9.84
C VAL E 177 39.77 -60.37 11.21
N GLN E 178 38.98 -61.34 11.64
CA GLN E 178 38.18 -61.34 12.89
C GLN E 178 37.08 -60.28 12.76
N ASN E 179 36.32 -60.10 13.82
CA ASN E 179 35.17 -59.17 13.83
C ASN E 179 35.11 -58.51 15.20
N GLU E 180 35.41 -57.24 15.28
CA GLU E 180 35.32 -56.47 16.54
C GLU E 180 36.06 -57.23 17.65
N VAL E 181 37.37 -57.22 17.53
CA VAL E 181 38.25 -57.82 18.55
C VAL E 181 38.17 -57.00 19.86
N GLY E 182 38.70 -57.61 20.90
CA GLY E 182 38.79 -56.91 22.20
C GLY E 182 38.14 -57.71 23.29
N THR E 183 38.01 -57.10 24.46
CA THR E 183 37.38 -57.73 25.64
C THR E 183 36.46 -56.73 26.35
N TYR E 184 35.23 -57.14 26.57
CA TYR E 184 34.28 -56.44 27.44
C TYR E 184 34.43 -57.02 28.84
N GLY E 185 34.62 -56.14 29.81
CA GLY E 185 34.51 -56.60 31.21
C GLY E 185 35.84 -56.62 31.91
N ALA E 186 36.92 -56.36 31.19
CA ALA E 186 38.31 -56.28 31.71
C ALA E 186 39.14 -55.55 30.69
N VAL E 187 40.29 -55.03 31.10
CA VAL E 187 41.18 -54.24 30.21
C VAL E 187 42.10 -55.16 29.41
N ARG E 188 42.57 -56.25 30.04
CA ARG E 188 43.50 -57.19 29.39
C ARG E 188 43.38 -58.55 30.04
N ASP E 189 44.18 -59.49 29.57
CA ASP E 189 44.35 -60.81 30.28
C ASP E 189 45.28 -60.62 31.48
N TYR E 190 44.81 -61.06 32.66
CA TYR E 190 45.59 -61.05 33.92
C TYR E 190 45.89 -62.48 34.37
N SER E 191 45.87 -63.44 33.44
CA SER E 191 46.27 -64.84 33.72
C SER E 191 47.75 -64.86 34.07
N PRO E 192 48.25 -65.86 34.84
CA PRO E 192 49.67 -66.00 35.04
C PRO E 192 50.46 -65.89 33.74
N MET E 193 49.99 -66.52 32.67
CA MET E 193 50.70 -66.57 31.36
C MET E 193 50.81 -65.13 30.85
N ALA E 194 49.70 -64.41 30.82
CA ALA E 194 49.72 -63.00 30.33
C ALA E 194 50.56 -62.13 31.24
N GLN E 195 50.44 -62.32 32.56
CA GLN E 195 51.13 -61.46 33.54
C GLN E 195 52.65 -61.56 33.36
N ALA E 196 53.17 -62.74 32.96
CA ALA E 196 54.62 -62.96 32.72
C ALA E 196 55.09 -62.08 31.54
N VAL E 197 54.22 -61.87 30.57
CA VAL E 197 54.60 -61.12 29.33
C VAL E 197 54.50 -59.63 29.69
N PHE E 198 53.49 -59.21 30.48
CA PHE E 198 53.31 -57.81 30.94
C PHE E 198 54.48 -57.37 31.83
N ASN E 199 55.01 -58.28 32.67
CA ASN E 199 56.13 -57.97 33.60
C ASN E 199 57.46 -57.89 32.84
N ALA E 200 57.51 -58.44 31.63
CA ALA E 200 58.72 -58.54 30.79
C ALA E 200 58.90 -57.26 29.95
N ALA E 201 60.06 -57.16 29.30
CA ALA E 201 60.44 -56.04 28.41
C ALA E 201 59.35 -55.83 27.34
N VAL E 202 59.01 -54.56 27.12
CA VAL E 202 58.22 -54.22 25.90
C VAL E 202 59.10 -54.59 24.70
N PRO E 203 58.56 -55.32 23.69
CA PRO E 203 59.32 -55.66 22.50
C PRO E 203 60.04 -54.46 21.87
N ASP E 204 61.30 -54.68 21.48
CA ASP E 204 62.26 -53.70 20.90
C ASP E 204 61.55 -52.97 19.75
N ASP E 205 60.91 -53.71 18.85
CA ASP E 205 60.34 -53.16 17.59
C ASP E 205 59.31 -52.06 17.93
N LEU E 206 58.45 -52.32 18.91
CA LEU E 206 57.44 -51.32 19.36
C LEU E 206 58.13 -50.08 19.94
N ILE E 207 59.06 -50.29 20.87
CA ILE E 207 59.90 -49.24 21.49
C ILE E 207 60.52 -48.39 20.38
N GLN E 208 61.13 -49.02 19.36
CA GLN E 208 61.80 -48.27 18.24
C GLN E 208 60.75 -47.48 17.44
N LYS E 209 59.71 -48.15 16.95
CA LYS E 209 58.72 -47.41 16.13
C LYS E 209 58.15 -46.18 16.89
N LEU E 210 57.83 -46.29 18.19
CA LEU E 210 57.20 -45.19 18.96
C LEU E 210 58.24 -44.23 19.55
N GLN E 211 59.55 -44.50 19.32
CA GLN E 211 60.72 -43.68 19.73
C GLN E 211 60.66 -43.44 21.25
N LEU E 212 60.43 -44.52 22.02
CA LEU E 212 60.31 -44.55 23.49
C LEU E 212 61.59 -45.11 24.11
N LYS E 213 61.75 -44.95 25.43
CA LYS E 213 62.89 -45.53 26.19
C LYS E 213 62.52 -46.93 26.62
N PRO E 214 63.42 -47.93 26.50
CA PRO E 214 63.10 -49.30 26.89
C PRO E 214 62.57 -49.45 28.33
N GLY E 215 62.01 -50.63 28.59
CA GLY E 215 61.54 -51.01 29.93
C GLY E 215 60.39 -51.98 29.82
N THR E 216 59.79 -52.32 30.97
CA THR E 216 58.59 -53.19 31.02
C THR E 216 57.32 -52.39 30.68
N TRP E 217 56.22 -53.09 30.41
CA TRP E 217 54.94 -52.45 30.03
C TRP E 217 54.57 -51.36 31.05
N SER E 218 54.61 -51.65 32.36
CA SER E 218 54.20 -50.67 33.41
C SER E 218 55.15 -49.46 33.43
N GLN E 219 56.46 -49.68 33.26
CA GLN E 219 57.45 -48.58 33.27
C GLN E 219 57.22 -47.67 32.07
N VAL E 220 57.05 -48.26 30.88
CA VAL E 220 56.98 -47.54 29.58
C VAL E 220 55.65 -46.83 29.45
N PHE E 221 54.53 -47.46 29.83
CA PHE E 221 53.19 -46.89 29.51
C PHE E 221 52.43 -46.42 30.75
N GLY E 222 52.93 -46.65 31.98
CA GLY E 222 52.22 -46.25 33.22
C GLY E 222 50.72 -46.55 33.19
N ARG E 223 49.89 -45.50 33.16
CA ARG E 223 48.42 -45.55 33.38
C ARG E 223 47.81 -46.25 32.17
N ASP E 224 48.52 -46.30 31.04
CA ASP E 224 47.94 -46.90 29.80
C ASP E 224 48.47 -48.31 29.62
N ALA E 225 49.26 -48.84 30.54
CA ALA E 225 49.93 -50.14 30.27
C ALA E 225 48.91 -51.24 30.02
N ASP E 226 47.85 -51.37 30.84
CA ASP E 226 46.99 -52.56 30.71
C ASP E 226 46.33 -52.56 29.30
N GLU E 227 45.86 -51.40 28.89
CA GLU E 227 45.06 -51.29 27.65
C GLU E 227 46.01 -51.40 26.48
N PHE E 228 47.14 -50.73 26.55
CA PHE E 228 48.12 -50.73 25.43
C PHE E 228 48.64 -52.17 25.22
N PHE E 229 48.85 -52.91 26.30
CA PHE E 229 49.34 -54.30 26.20
C PHE E 229 48.28 -55.18 25.50
N HIS E 230 47.00 -55.04 25.87
CA HIS E 230 45.94 -55.85 25.24
C HIS E 230 45.87 -55.46 23.78
N ALA E 231 45.98 -54.16 23.41
CA ALA E 231 45.91 -53.78 21.99
C ALA E 231 47.08 -54.37 21.21
N TYR E 232 48.25 -54.31 21.81
CA TYR E 232 49.47 -54.78 21.12
C TYR E 232 49.36 -56.29 20.89
N GLN E 233 48.99 -57.06 21.92
CA GLN E 233 48.95 -58.53 21.81
C GLN E 233 47.89 -58.90 20.76
N ILE E 234 46.76 -58.22 20.75
CA ILE E 234 45.69 -58.56 19.76
C ILE E 234 46.15 -58.12 18.38
N ALA E 235 46.77 -56.95 18.24
CA ALA E 235 47.29 -56.46 16.95
C ALA E 235 48.32 -57.48 16.43
N ARG E 236 49.16 -58.01 17.32
CA ARG E 236 50.19 -59.00 16.89
C ARG E 236 49.50 -60.26 16.37
N TYR E 237 48.46 -60.69 17.09
CA TYR E 237 47.72 -61.94 16.77
C TYR E 237 47.16 -61.75 15.36
N CYS E 238 46.46 -60.62 15.15
CA CYS E 238 45.69 -60.39 13.92
C CYS E 238 46.67 -60.17 12.78
N ASP E 239 47.81 -59.56 13.03
CA ASP E 239 48.88 -59.33 12.03
C ASP E 239 49.44 -60.70 11.55
N GLU E 240 49.57 -61.66 12.47
CA GLU E 240 50.16 -63.01 12.19
C GLU E 240 49.18 -63.80 11.34
N VAL E 241 47.89 -63.73 11.61
CA VAL E 241 46.87 -64.41 10.79
C VAL E 241 46.91 -63.77 9.39
N THR E 242 46.93 -62.44 9.35
CA THR E 242 46.94 -61.67 8.10
C THR E 242 48.19 -62.05 7.26
N VAL E 243 49.39 -62.07 7.83
CA VAL E 243 50.60 -62.49 7.03
C VAL E 243 50.39 -63.91 6.50
N ALA E 244 49.92 -64.82 7.35
CA ALA E 244 49.77 -66.24 7.00
C ALA E 244 48.83 -66.32 5.79
N GLY E 245 47.73 -65.57 5.84
CA GLY E 245 46.79 -65.66 4.70
C GLY E 245 47.31 -65.00 3.47
N LYS E 246 47.98 -63.86 3.62
CA LYS E 246 48.46 -63.05 2.47
C LYS E 246 49.55 -63.81 1.73
N ALA E 247 50.30 -64.67 2.42
CA ALA E 247 51.34 -65.52 1.80
C ALA E 247 50.72 -66.50 0.79
N ILE E 248 49.45 -66.88 1.00
CA ILE E 248 48.68 -67.73 0.05
C ILE E 248 48.10 -66.87 -1.09
N LYS E 249 47.41 -65.79 -0.74
CA LYS E 249 46.83 -64.89 -1.76
C LYS E 249 46.80 -63.49 -1.15
N ASN E 250 47.51 -62.57 -1.77
CA ASN E 250 47.82 -61.21 -1.24
C ASN E 250 46.62 -60.25 -1.37
N LEU E 251 45.45 -60.60 -0.82
CA LEU E 251 44.26 -59.68 -0.86
C LEU E 251 44.40 -58.58 0.18
N PRO E 252 43.81 -57.39 -0.01
CA PRO E 252 43.73 -56.42 1.07
C PRO E 252 43.00 -56.98 2.27
N MET E 253 43.50 -56.71 3.47
CA MET E 253 42.86 -57.28 4.69
C MET E 253 42.71 -56.19 5.76
N TYR E 254 41.64 -56.22 6.53
CA TYR E 254 41.39 -55.11 7.50
C TYR E 254 40.72 -55.63 8.78
N VAL E 255 40.75 -54.79 9.82
CA VAL E 255 40.04 -55.05 11.09
C VAL E 255 38.96 -53.97 11.25
N ASN E 256 37.86 -54.34 11.89
CA ASN E 256 36.67 -53.50 12.16
C ASN E 256 36.54 -53.25 13.65
N VAL E 257 36.30 -51.99 14.00
CA VAL E 257 36.41 -51.54 15.42
C VAL E 257 35.05 -51.31 16.06
N ALA E 258 34.80 -51.98 17.20
CA ALA E 258 33.73 -51.65 18.15
C ALA E 258 34.16 -50.31 18.78
N LEU E 259 33.67 -49.23 18.23
CA LEU E 259 34.09 -47.87 18.59
C LEU E 259 33.80 -47.55 20.04
N ARG E 260 34.71 -46.78 20.65
CA ARG E 260 34.32 -46.04 21.87
C ARG E 260 33.76 -44.68 21.46
N ASN E 261 32.93 -44.07 22.29
CA ASN E 261 32.45 -42.69 22.05
C ASN E 261 33.64 -41.76 22.03
N PRO E 262 33.86 -40.95 20.98
CA PRO E 262 35.06 -40.11 20.85
C PRO E 262 35.08 -38.95 21.86
N PHE E 263 33.90 -38.55 22.31
CA PHE E 263 33.74 -37.39 23.20
C PHE E 263 33.66 -37.77 24.69
N ASN E 264 33.21 -38.98 25.01
CA ASN E 264 32.89 -39.44 26.38
C ASN E 264 33.10 -40.95 26.39
N PRO E 265 34.33 -41.45 26.20
CA PRO E 265 34.53 -42.87 25.89
C PRO E 265 34.22 -43.85 27.02
N GLY E 266 34.36 -43.40 28.25
CA GLY E 266 34.32 -44.35 29.36
C GLY E 266 35.61 -45.09 29.50
N LEU E 267 35.59 -46.21 30.22
CA LEU E 267 36.83 -46.98 30.55
C LEU E 267 36.95 -48.19 29.61
N PRO E 268 38.20 -48.60 29.26
CA PRO E 268 38.42 -49.80 28.46
C PRO E 268 37.83 -50.92 29.29
N GLY E 269 36.97 -51.71 28.71
CA GLY E 269 36.22 -52.76 29.38
C GLY E 269 34.75 -52.45 29.35
N GLN E 270 34.39 -51.17 29.51
CA GLN E 270 33.01 -50.70 29.22
C GLN E 270 32.87 -50.74 27.70
N TYR E 271 33.85 -50.15 27.01
CA TYR E 271 34.04 -50.32 25.56
C TYR E 271 34.96 -51.54 25.40
N SER E 272 35.07 -52.02 24.18
CA SER E 272 35.79 -53.27 23.87
C SER E 272 37.30 -53.00 23.91
N SER E 273 37.96 -53.36 25.02
CA SER E 273 39.38 -53.02 25.26
C SER E 273 40.27 -53.79 24.27
N GLY E 274 41.28 -53.13 23.70
CA GLY E 274 42.30 -53.74 22.85
C GLY E 274 41.98 -53.74 21.38
N GLY E 275 40.75 -53.37 21.02
CA GLY E 275 40.45 -53.14 19.60
C GLY E 275 41.01 -51.81 19.12
N GLY E 276 40.88 -51.50 17.85
CA GLY E 276 41.45 -50.29 17.25
C GLY E 276 40.72 -48.99 17.61
N THR E 277 40.52 -48.71 18.91
CA THR E 277 39.92 -47.43 19.42
C THR E 277 40.87 -46.25 19.19
N ASP E 278 40.33 -45.03 19.15
CA ASP E 278 41.09 -43.85 18.63
C ASP E 278 42.36 -43.68 19.45
N ASN E 279 42.31 -44.08 20.72
CA ASN E 279 43.45 -43.90 21.63
C ASN E 279 44.59 -44.91 21.41
N VAL E 280 44.33 -46.02 20.74
CA VAL E 280 45.37 -47.09 20.54
C VAL E 280 45.72 -47.26 19.06
N LEU E 281 45.30 -46.33 18.22
CA LEU E 281 45.58 -46.50 16.76
C LEU E 281 47.08 -46.56 16.56
N HIS E 282 47.84 -45.76 17.34
CA HIS E 282 49.33 -45.73 17.23
C HIS E 282 49.92 -47.09 17.60
N ILE E 283 49.36 -47.79 18.58
CA ILE E 283 49.88 -49.15 18.96
C ILE E 283 49.57 -50.11 17.80
N TRP E 284 48.32 -50.07 17.29
CA TRP E 284 47.85 -50.94 16.20
C TRP E 284 48.68 -50.73 14.91
N LYS E 285 49.01 -49.48 14.55
CA LYS E 285 49.81 -49.20 13.33
C LYS E 285 51.23 -49.76 13.48
N ALA E 286 51.82 -49.56 14.65
CA ALA E 286 53.20 -50.01 14.96
C ALA E 286 53.21 -51.57 15.01
N ALA E 287 52.24 -52.16 15.68
CA ALA E 287 52.20 -53.60 15.97
C ALA E 287 51.86 -54.39 14.70
N ALA E 288 51.01 -53.86 13.83
CA ALA E 288 50.44 -54.67 12.73
C ALA E 288 50.63 -54.00 11.37
N PRO E 289 51.89 -53.95 10.89
CA PRO E 289 52.19 -53.35 9.59
C PRO E 289 51.56 -54.01 8.35
N ASN E 290 51.07 -55.26 8.53
CA ASN E 290 50.55 -56.06 7.40
C ASN E 290 49.03 -55.86 7.25
N ILE E 291 48.34 -55.33 8.26
CA ILE E 291 46.88 -55.03 8.18
C ILE E 291 46.74 -53.72 7.39
N ASP E 292 45.93 -53.72 6.36
CA ASP E 292 45.88 -52.58 5.42
C ASP E 292 45.24 -51.34 6.04
N LEU E 293 44.15 -51.50 6.75
CA LEU E 293 43.45 -50.36 7.36
C LEU E 293 42.62 -50.81 8.57
N ILE E 294 42.30 -49.84 9.43
CA ILE E 294 41.46 -50.05 10.62
C ILE E 294 40.14 -49.32 10.38
N ALA E 295 39.03 -50.05 10.29
CA ALA E 295 37.71 -49.52 9.87
C ALA E 295 36.74 -49.28 11.03
N PRO E 296 36.08 -48.10 11.12
CA PRO E 296 35.08 -47.86 12.14
C PRO E 296 33.70 -48.50 11.85
N ASP E 297 33.04 -49.03 12.91
CA ASP E 297 31.68 -49.61 12.83
C ASP E 297 30.75 -48.55 13.47
N ILE E 298 29.97 -47.80 12.69
CA ILE E 298 29.36 -46.52 13.14
C ILE E 298 27.88 -46.68 13.46
N TYR E 299 27.52 -46.54 14.73
CA TYR E 299 26.10 -46.67 15.11
C TYR E 299 25.64 -45.43 15.88
N PHE E 300 26.53 -44.45 16.11
CA PHE E 300 26.12 -43.14 16.65
C PHE E 300 25.24 -42.49 15.58
N ARG E 301 24.07 -41.98 15.90
CA ARG E 301 23.18 -41.37 14.87
C ARG E 301 23.44 -39.88 14.71
N ASP E 302 23.89 -39.23 15.80
CA ASP E 302 24.12 -37.77 15.82
C ASP E 302 25.32 -37.34 14.99
N TYR E 303 25.07 -36.32 14.21
CA TYR E 303 25.97 -35.81 13.21
C TYR E 303 27.32 -35.45 13.83
N LYS E 304 27.34 -34.80 14.98
CA LYS E 304 28.65 -34.34 15.51
C LYS E 304 29.55 -35.52 15.89
N THR E 305 28.99 -36.57 16.48
CA THR E 305 29.79 -37.75 16.92
C THR E 305 30.19 -38.58 15.68
N VAL E 306 29.27 -38.78 14.73
CA VAL E 306 29.66 -39.47 13.48
C VAL E 306 30.80 -38.71 12.81
N SER E 307 30.67 -37.39 12.65
CA SER E 307 31.70 -36.61 11.94
C SER E 307 33.06 -36.76 12.63
N LYS E 308 33.07 -36.75 13.97
CA LYS E 308 34.33 -36.93 14.72
C LYS E 308 34.94 -38.31 14.43
N VAL E 309 34.15 -39.36 14.41
CA VAL E 309 34.67 -40.72 14.05
C VAL E 309 35.30 -40.66 12.64
N LEU E 310 34.60 -40.10 11.64
CA LEU E 310 35.20 -40.05 10.27
C LEU E 310 36.51 -39.28 10.34
N GLU E 311 36.58 -38.18 11.12
CA GLU E 311 37.83 -37.38 11.22
C GLU E 311 38.97 -38.24 11.84
N LEU E 312 38.66 -38.99 12.91
CA LEU E 312 39.69 -39.72 13.68
C LEU E 312 40.24 -40.88 12.86
N TYR E 313 39.39 -41.47 12.02
CA TYR E 313 39.77 -42.72 11.29
C TYR E 313 40.29 -42.36 9.90
N THR E 314 40.19 -41.11 9.47
CA THR E 314 40.86 -40.67 8.21
C THR E 314 42.24 -40.11 8.52
N ARG E 315 43.27 -40.86 8.14
CA ARG E 315 44.67 -40.47 8.45
C ARG E 315 45.62 -40.71 7.28
N PRO E 316 46.78 -40.01 7.20
CA PRO E 316 47.78 -40.30 6.19
C PRO E 316 48.12 -41.81 6.23
N ASP E 317 48.02 -42.42 7.40
CA ASP E 317 48.40 -43.86 7.51
C ASP E 317 47.16 -44.76 7.54
N ASN E 318 45.98 -44.22 7.28
CA ASN E 318 44.75 -45.03 7.44
C ASN E 318 43.66 -44.62 6.44
N ALA E 319 43.49 -45.41 5.37
CA ALA E 319 42.35 -45.27 4.47
C ALA E 319 41.06 -45.34 5.30
N LEU E 320 40.06 -44.56 4.91
CA LEU E 320 38.76 -44.64 5.57
C LEU E 320 37.84 -45.66 4.87
N PHE E 321 37.38 -46.64 5.61
CA PHE E 321 36.36 -47.58 5.12
C PHE E 321 35.30 -47.76 6.17
N VAL E 322 34.09 -47.27 5.91
CA VAL E 322 33.01 -47.42 6.90
C VAL E 322 32.54 -48.88 6.75
N ALA E 323 33.17 -49.80 7.47
CA ALA E 323 32.91 -51.23 7.31
C ALA E 323 31.51 -51.64 7.78
N GLU E 324 30.95 -50.91 8.73
CA GLU E 324 29.59 -51.08 9.25
C GLU E 324 29.02 -49.70 9.52
N ILE E 325 27.79 -49.55 9.17
CA ILE E 325 27.02 -48.35 9.63
C ILE E 325 25.58 -48.81 9.86
N GLY E 326 24.88 -48.22 10.83
CA GLY E 326 23.47 -48.56 11.10
C GLY E 326 22.63 -48.46 9.80
N ASN E 327 21.49 -49.17 9.75
CA ASN E 327 20.72 -49.17 8.49
C ASN E 327 19.44 -48.35 8.63
N ASP E 328 19.33 -47.58 9.70
CA ASP E 328 18.16 -46.68 9.88
C ASP E 328 18.31 -45.45 8.96
N GLN E 329 17.24 -44.77 8.66
CA GLN E 329 17.23 -43.65 7.70
C GLN E 329 18.34 -42.61 7.98
N PRO E 330 18.61 -42.13 9.21
CA PRO E 330 19.57 -41.03 9.40
C PRO E 330 21.00 -41.28 8.92
N PHE E 331 21.39 -42.56 8.82
CA PHE E 331 22.77 -42.95 8.46
C PHE E 331 23.02 -42.83 6.95
N ALA E 332 22.00 -42.83 6.08
CA ALA E 332 22.29 -42.86 4.63
C ALA E 332 23.11 -41.62 4.23
N ARG E 333 22.84 -40.46 4.81
CA ARG E 333 23.51 -39.22 4.34
C ARG E 333 25.00 -39.23 4.68
N TYR E 334 25.48 -40.09 5.60
CA TYR E 334 26.90 -40.13 5.93
C TYR E 334 27.71 -40.69 4.76
N LEU E 335 27.08 -41.25 3.72
CA LEU E 335 27.87 -41.66 2.52
C LEU E 335 28.62 -40.43 2.00
N PHE E 336 28.02 -39.22 2.07
CA PHE E 336 28.61 -38.03 1.40
C PHE E 336 29.92 -37.59 2.06
N PRO E 337 29.99 -37.35 3.40
CA PRO E 337 31.25 -37.02 4.07
C PRO E 337 32.26 -38.18 3.95
N THR E 338 31.77 -39.41 3.98
CA THR E 338 32.68 -40.55 3.90
C THR E 338 33.42 -40.45 2.57
N LEU E 339 32.70 -40.30 1.48
CA LEU E 339 33.39 -40.20 0.14
C LEU E 339 34.20 -38.89 0.08
N GLY E 340 33.64 -37.80 0.65
CA GLY E 340 34.32 -36.51 0.66
C GLY E 340 35.70 -36.55 1.35
N LYS E 341 35.89 -37.45 2.32
CA LYS E 341 37.18 -37.64 3.05
C LYS E 341 38.15 -38.49 2.23
N GLY E 342 37.74 -39.00 1.08
CA GLY E 342 38.54 -39.94 0.30
C GLY E 342 38.25 -41.37 0.71
N GLY E 343 37.11 -41.60 1.38
CA GLY E 343 36.70 -42.94 1.81
C GLY E 343 36.67 -43.92 0.65
N ILE E 344 37.00 -45.18 0.93
CA ILE E 344 37.11 -46.21 -0.14
C ILE E 344 35.81 -47.03 -0.15
N GLY E 345 34.93 -46.85 0.86
CA GLY E 345 33.70 -47.63 0.91
C GLY E 345 32.77 -47.30 2.09
N PHE E 346 31.62 -47.90 2.10
CA PHE E 346 30.53 -47.61 3.04
C PHE E 346 29.56 -48.77 2.97
N SER E 347 29.27 -49.39 4.09
CA SER E 347 28.52 -50.65 4.11
C SER E 347 27.51 -50.71 5.24
N PRO E 348 26.25 -50.36 4.99
CA PRO E 348 25.13 -50.52 5.94
C PRO E 348 24.98 -51.97 6.40
N PHE E 349 24.75 -52.17 7.69
CA PHE E 349 24.63 -53.49 8.35
C PHE E 349 23.18 -53.93 8.35
N GLY E 350 22.97 -55.19 8.13
CA GLY E 350 21.69 -55.87 8.35
C GLY E 350 20.77 -55.82 7.14
N MET E 351 21.33 -55.80 5.94
CA MET E 351 20.55 -55.54 4.72
C MET E 351 20.09 -56.88 4.17
N ASP E 352 19.27 -57.61 4.91
CA ASP E 352 18.72 -58.89 4.36
C ASP E 352 17.34 -59.13 4.98
N ASP E 353 16.59 -60.05 4.42
CA ASP E 353 15.22 -60.33 4.87
C ASP E 353 15.17 -61.64 5.65
N THR E 354 16.16 -61.87 6.50
CA THR E 354 16.19 -63.04 7.39
C THR E 354 15.42 -62.83 8.71
N ASP E 355 14.47 -61.90 8.77
CA ASP E 355 13.56 -61.76 9.94
C ASP E 355 14.37 -61.38 11.18
N TYR E 356 15.16 -60.34 11.07
CA TYR E 356 15.92 -59.80 12.21
C TYR E 356 16.16 -58.32 11.94
N THR E 357 16.09 -57.52 13.00
CA THR E 357 16.56 -56.12 12.99
C THR E 357 17.34 -55.86 14.27
N ASN E 358 18.48 -55.20 14.16
CA ASN E 358 19.26 -54.83 15.35
C ASN E 358 18.79 -53.46 15.91
N TYR E 359 17.60 -52.96 15.59
CA TYR E 359 16.94 -51.84 16.35
C TYR E 359 17.06 -52.10 17.84
N PRO E 360 17.49 -51.15 18.71
CA PRO E 360 17.64 -49.72 18.38
C PRO E 360 18.84 -49.22 17.57
N LEU E 361 19.81 -50.11 17.27
CA LEU E 361 20.96 -49.69 16.45
C LEU E 361 20.53 -49.35 15.02
N GLY E 362 19.73 -50.17 14.39
CA GLY E 362 19.21 -49.89 13.05
C GLY E 362 17.72 -49.70 12.97
N ALA E 363 17.15 -49.97 11.80
CA ALA E 363 15.77 -49.64 11.47
C ALA E 363 14.81 -50.51 12.30
N LYS E 364 13.73 -49.90 12.80
CA LYS E 364 12.72 -50.63 13.59
C LYS E 364 12.08 -51.66 12.66
N VAL E 365 11.78 -51.27 11.41
CA VAL E 365 11.15 -52.22 10.43
C VAL E 365 12.08 -52.36 9.23
N TYR E 366 12.39 -53.59 8.85
CA TYR E 366 13.13 -53.83 7.61
C TYR E 366 12.12 -54.04 6.49
N ASN E 367 12.13 -53.15 5.51
CA ASN E 367 11.22 -53.25 4.36
C ASN E 367 11.83 -52.50 3.17
N ASP E 368 11.08 -52.42 2.07
CA ASP E 368 11.54 -51.74 0.85
C ASP E 368 11.96 -50.31 1.12
N GLU E 369 11.21 -49.62 1.97
CA GLU E 369 11.46 -48.20 2.30
C GLU E 369 12.82 -48.08 3.01
N THR E 370 13.17 -49.00 3.90
CA THR E 370 14.46 -48.97 4.61
C THR E 370 15.58 -49.03 3.56
N ILE E 371 15.42 -49.96 2.59
CA ILE E 371 16.50 -50.14 1.59
C ILE E 371 16.57 -48.88 0.72
N GLU E 372 15.42 -48.34 0.39
CA GLU E 372 15.31 -47.21 -0.57
C GLU E 372 16.09 -46.00 -0.02
N GLN E 373 16.14 -45.79 1.31
CA GLN E 373 16.92 -44.62 1.80
C GLN E 373 18.37 -44.73 1.29
N PHE E 374 18.94 -45.95 1.21
CA PHE E 374 20.33 -46.19 0.76
C PHE E 374 20.34 -46.21 -0.75
N ALA E 375 19.35 -46.83 -1.37
CA ALA E 375 19.38 -46.94 -2.84
C ALA E 375 19.42 -45.54 -3.43
N GLN E 376 18.67 -44.58 -2.87
CA GLN E 376 18.61 -43.20 -3.43
C GLN E 376 19.99 -42.52 -3.39
N VAL E 377 20.79 -42.69 -2.33
CA VAL E 377 22.12 -42.03 -2.30
C VAL E 377 23.09 -42.85 -3.19
N TYR E 378 22.96 -44.19 -3.25
CA TYR E 378 23.92 -44.96 -4.07
C TYR E 378 23.68 -44.63 -5.54
N ARG E 379 22.43 -44.28 -5.88
CA ARG E 379 22.11 -43.88 -7.29
C ARG E 379 22.94 -42.66 -7.76
N LEU E 380 23.46 -41.85 -6.84
CA LEU E 380 24.22 -40.63 -7.19
C LEU E 380 25.65 -41.04 -7.52
N VAL E 381 26.13 -42.20 -7.00
CA VAL E 381 27.58 -42.54 -7.07
C VAL E 381 27.84 -43.65 -8.11
N ASN E 382 26.97 -44.63 -8.13
CA ASN E 382 27.06 -45.76 -9.09
C ASN E 382 27.40 -45.24 -10.50
N PRO E 383 26.65 -44.28 -11.12
CA PRO E 383 26.88 -43.93 -12.52
C PRO E 383 28.30 -43.41 -12.82
N MET E 384 29.05 -43.00 -11.79
CA MET E 384 30.37 -42.34 -11.87
C MET E 384 31.37 -43.03 -10.94
N MET E 385 31.10 -44.27 -10.54
CA MET E 385 31.87 -44.89 -9.43
C MET E 385 33.38 -44.86 -9.77
N ARG E 386 33.76 -45.30 -10.97
CA ARG E 386 35.19 -45.41 -11.28
C ARG E 386 35.79 -44.03 -11.40
N GLU E 387 35.01 -43.12 -12.00
CA GLU E 387 35.54 -41.75 -12.18
C GLU E 387 35.74 -41.09 -10.82
N TRP E 388 34.71 -41.19 -9.97
CA TRP E 388 34.83 -40.59 -8.62
C TRP E 388 36.03 -41.23 -7.87
N ALA E 389 36.17 -42.53 -7.96
CA ALA E 389 37.25 -43.21 -7.23
C ALA E 389 38.61 -42.65 -7.66
N ARG E 390 38.80 -42.41 -8.96
CA ARG E 390 40.08 -41.89 -9.51
C ARG E 390 40.26 -40.46 -9.01
N LEU E 391 39.19 -39.64 -9.03
CA LEU E 391 39.33 -38.21 -8.65
C LEU E 391 39.67 -38.11 -7.17
N SER E 392 39.09 -39.01 -6.39
CA SER E 392 39.32 -39.00 -4.93
C SER E 392 40.79 -39.36 -4.66
N TYR E 393 41.33 -40.34 -5.40
CA TYR E 393 42.76 -40.75 -5.22
C TYR E 393 43.73 -39.70 -5.76
N GLN E 394 43.62 -39.27 -7.03
CA GLN E 394 44.67 -38.42 -7.66
C GLN E 394 44.37 -36.94 -7.34
N GLY E 395 43.16 -36.62 -6.95
CA GLY E 395 42.72 -35.23 -7.03
C GLY E 395 42.01 -34.70 -5.79
N GLN E 396 41.26 -33.62 -5.97
CA GLN E 396 40.53 -33.00 -4.84
C GLN E 396 39.05 -33.34 -4.91
N VAL E 397 38.57 -33.88 -3.81
CA VAL E 397 37.12 -34.08 -3.63
C VAL E 397 36.68 -33.48 -2.30
N TRP E 398 35.36 -33.25 -2.21
CA TRP E 398 34.66 -32.76 -1.01
C TRP E 398 33.34 -33.48 -0.86
N GLY E 399 32.84 -33.52 0.36
CA GLY E 399 31.53 -34.13 0.59
C GLY E 399 30.92 -33.68 1.89
N VAL E 400 29.61 -33.46 1.95
CA VAL E 400 28.97 -32.95 3.21
C VAL E 400 27.63 -33.67 3.40
N ALA E 401 27.19 -33.74 4.63
CA ALA E 401 25.84 -34.19 4.92
C ALA E 401 25.11 -33.09 5.73
N GLU E 402 23.79 -33.14 5.74
CA GLU E 402 22.97 -32.16 6.50
C GLU E 402 23.35 -32.21 7.97
N PRO E 403 23.82 -31.09 8.58
CA PRO E 403 24.54 -31.07 9.86
C PRO E 403 23.66 -30.97 11.10
N LEU E 404 22.37 -30.85 10.89
CA LEU E 404 21.41 -30.91 12.01
C LEU E 404 20.64 -32.21 11.93
N ASP E 405 20.48 -32.91 13.05
CA ASP E 405 19.68 -34.15 13.07
C ASP E 405 18.21 -33.74 13.03
N SER E 406 17.29 -34.65 12.77
CA SER E 406 15.85 -34.38 12.84
C SER E 406 15.49 -33.84 14.21
N THR E 407 14.54 -32.91 14.25
CA THR E 407 14.07 -32.37 15.54
C THR E 407 13.36 -33.45 16.35
N THR E 408 13.75 -33.60 17.63
CA THR E 408 13.13 -34.48 18.67
C THR E 408 11.74 -33.95 19.06
N GLU E 409 10.91 -34.83 19.61
CA GLU E 409 9.64 -34.48 20.31
C GLU E 409 9.96 -33.42 21.38
N THR E 410 10.98 -33.66 22.21
CA THR E 410 11.53 -32.76 23.25
C THR E 410 11.61 -31.29 22.74
N GLN E 411 12.14 -31.06 21.53
CA GLN E 411 12.27 -29.71 20.89
C GLN E 411 10.98 -29.31 20.16
N LYS E 412 10.21 -30.29 19.65
CA LYS E 412 9.01 -30.05 18.77
C LYS E 412 7.82 -29.65 19.64
N PRO E 420 7.87 -15.47 20.35
CA PRO E 420 7.66 -14.93 19.01
C PRO E 420 8.98 -14.43 18.42
N GLU E 421 9.62 -13.48 19.13
CA GLU E 421 10.98 -12.95 18.83
C GLU E 421 12.02 -14.08 18.84
N GLU E 422 11.90 -15.04 19.77
CA GLU E 422 12.84 -16.18 20.00
C GLU E 422 12.61 -17.28 18.97
N LYS E 423 11.34 -17.55 18.62
CA LYS E 423 11.03 -18.52 17.53
C LYS E 423 11.68 -18.01 16.23
N GLU E 424 11.68 -16.69 16.04
CA GLU E 424 12.28 -16.00 14.88
C GLU E 424 13.81 -16.20 14.91
N GLN E 425 14.47 -16.19 16.08
CA GLN E 425 15.96 -16.33 16.20
C GLN E 425 16.36 -17.79 16.01
N HIS E 426 15.59 -18.69 16.61
CA HIS E 426 15.75 -20.16 16.43
C HIS E 426 15.79 -20.45 14.92
N LYS E 427 14.81 -19.97 14.14
CA LYS E 427 14.80 -20.22 12.66
C LYS E 427 16.08 -19.64 12.02
N LYS E 428 16.45 -18.39 12.35
CA LYS E 428 17.71 -17.72 11.89
C LYS E 428 18.90 -18.63 12.25
N ASP E 429 18.93 -19.12 13.48
CA ASP E 429 20.04 -19.94 14.01
C ASP E 429 20.09 -21.26 13.23
N ARG E 430 18.96 -21.89 12.98
CA ARG E 430 18.91 -23.17 12.22
C ARG E 430 19.31 -22.91 10.78
N ALA E 431 18.96 -21.78 10.19
CA ALA E 431 19.35 -21.51 8.78
C ALA E 431 20.87 -21.41 8.69
N SER E 432 21.54 -20.74 9.64
CA SER E 432 23.01 -20.62 9.69
C SER E 432 23.63 -22.02 9.79
N ALA E 433 23.12 -22.80 10.73
CA ALA E 433 23.63 -24.16 11.00
C ALA E 433 23.44 -25.01 9.74
N LEU E 434 22.42 -24.72 8.92
CA LEU E 434 22.09 -25.56 7.74
C LEU E 434 22.75 -24.97 6.51
N THR E 435 23.76 -24.13 6.67
CA THR E 435 24.58 -23.55 5.62
C THR E 435 26.03 -23.93 5.79
N GLN E 436 26.62 -24.64 4.83
CA GLN E 436 28.01 -25.13 4.90
C GLN E 436 28.85 -24.53 3.80
N GLN E 437 30.09 -24.18 4.12
CA GLN E 437 31.04 -23.53 3.20
C GLN E 437 32.13 -24.51 2.81
N LEU E 438 32.44 -24.60 1.53
CA LEU E 438 33.55 -25.43 1.03
C LEU E 438 34.49 -24.55 0.22
N ASP E 439 35.79 -24.62 0.49
CA ASP E 439 36.83 -23.80 -0.16
C ASP E 439 37.41 -24.65 -1.29
N LEU E 440 36.99 -24.36 -2.51
CA LEU E 440 37.35 -25.22 -3.67
C LEU E 440 38.51 -24.61 -4.46
N GLY E 441 39.31 -23.74 -3.84
CA GLY E 441 40.43 -23.10 -4.53
C GLY E 441 40.12 -21.67 -4.93
N LEU E 442 39.87 -21.40 -6.22
CA LEU E 442 39.50 -20.03 -6.64
C LEU E 442 38.01 -19.80 -6.43
N TRP E 443 37.27 -20.85 -6.18
CA TRP E 443 35.80 -20.82 -6.01
C TRP E 443 35.46 -21.47 -4.67
N ASP E 444 34.36 -21.04 -4.06
CA ASP E 444 33.75 -21.68 -2.87
C ASP E 444 32.35 -22.16 -3.25
N ALA E 445 31.89 -23.23 -2.65
CA ALA E 445 30.48 -23.65 -2.75
C ALA E 445 29.86 -23.37 -1.40
N GLU E 446 28.60 -23.01 -1.41
CA GLU E 446 27.74 -22.93 -0.23
C GLU E 446 26.63 -23.96 -0.37
N VAL E 447 26.58 -24.92 0.56
CA VAL E 447 25.53 -25.96 0.51
C VAL E 447 24.50 -25.70 1.59
N THR E 448 23.24 -25.67 1.23
CA THR E 448 22.09 -25.38 2.13
C THR E 448 21.01 -26.46 2.03
N TYR E 449 20.20 -26.65 3.05
CA TYR E 449 19.32 -27.81 3.13
C TYR E 449 17.86 -27.43 3.40
N GLY E 450 16.92 -27.89 2.58
CA GLY E 450 15.49 -27.79 2.85
C GLY E 450 14.92 -26.41 2.50
N ARG E 451 14.88 -26.12 1.24
CA ARG E 451 14.35 -24.84 0.73
C ARG E 451 13.80 -25.05 -0.68
N PRO E 452 12.91 -24.15 -1.17
CA PRO E 452 12.37 -24.23 -2.53
C PRO E 452 13.49 -24.23 -3.58
N MET E 453 13.13 -24.57 -4.83
CA MET E 453 14.12 -24.54 -5.95
C MET E 453 14.11 -23.18 -6.65
N PHE E 454 13.45 -22.19 -6.08
CA PHE E 454 13.26 -20.87 -6.67
C PHE E 454 13.31 -19.90 -5.51
N TRP E 455 13.95 -18.77 -5.77
CA TRP E 455 14.07 -17.65 -4.81
C TRP E 455 15.01 -18.04 -3.68
N VAL E 456 15.12 -17.17 -2.66
CA VAL E 456 16.21 -17.31 -1.65
C VAL E 456 15.67 -17.35 -0.23
N THR E 457 14.50 -17.90 0.04
CA THR E 457 14.06 -18.01 1.44
C THR E 457 15.03 -18.93 2.15
N PRO E 458 15.37 -18.62 3.41
CA PRO E 458 16.35 -19.40 4.16
C PRO E 458 16.01 -20.89 4.29
N PRO E 459 17.06 -21.74 4.37
CA PRO E 459 16.91 -23.18 4.57
C PRO E 459 16.25 -23.52 5.90
N GLU E 460 15.35 -24.52 5.92
CA GLU E 460 14.71 -24.97 7.15
C GLU E 460 15.05 -26.42 7.49
N GLY E 461 15.78 -27.09 6.61
CA GLY E 461 16.22 -28.48 6.78
C GLY E 461 15.18 -29.43 6.19
N ASN E 462 15.60 -30.62 5.86
CA ASN E 462 14.73 -31.72 5.39
C ASN E 462 14.10 -32.41 6.61
N THR E 463 12.92 -32.99 6.44
CA THR E 463 12.26 -33.73 7.53
C THR E 463 11.95 -35.12 7.03
N PRO E 464 12.70 -36.18 7.42
CA PRO E 464 13.83 -36.11 8.34
C PRO E 464 15.13 -35.56 7.72
N ALA E 465 16.15 -35.29 8.52
CA ALA E 465 17.47 -34.85 7.99
C ALA E 465 17.95 -35.89 6.99
N ALA E 466 18.43 -35.47 5.81
CA ALA E 466 18.70 -36.47 4.75
C ALA E 466 19.68 -35.96 3.70
N GLY E 467 19.95 -34.65 3.62
CA GLY E 467 20.62 -34.10 2.45
C GLY E 467 22.12 -34.25 2.44
N GLY E 468 22.74 -34.02 1.31
CA GLY E 468 24.20 -34.02 1.22
C GLY E 468 24.68 -33.68 -0.17
N ALA E 469 25.97 -33.51 -0.29
CA ALA E 469 26.54 -33.11 -1.59
C ALA E 469 27.96 -33.69 -1.78
N LEU E 470 28.34 -33.94 -3.04
CA LEU E 470 29.69 -34.37 -3.43
C LEU E 470 30.19 -33.39 -4.50
N ILE E 471 31.46 -33.01 -4.38
CA ILE E 471 32.12 -32.12 -5.39
C ILE E 471 33.49 -32.65 -5.66
N ALA E 472 33.88 -32.76 -6.93
CA ALA E 472 35.26 -33.07 -7.30
C ALA E 472 35.81 -31.95 -8.20
N GLN E 473 37.10 -31.61 -8.05
CA GLN E 473 37.69 -30.55 -8.90
C GLN E 473 38.26 -31.15 -10.20
N LEU E 474 37.78 -30.67 -11.33
CA LEU E 474 38.26 -31.15 -12.64
C LEU E 474 39.39 -30.24 -13.10
N ASP E 475 39.27 -28.95 -12.83
CA ASP E 475 40.30 -27.99 -13.25
C ASP E 475 40.14 -26.75 -12.38
N ASP E 476 40.93 -25.72 -12.64
CA ASP E 476 40.90 -24.52 -11.78
C ASP E 476 39.50 -23.93 -11.62
N ASN E 477 38.69 -23.96 -12.66
CA ASN E 477 37.36 -23.31 -12.69
C ASN E 477 36.25 -24.33 -12.93
N GLU E 478 36.55 -25.63 -12.90
CA GLU E 478 35.54 -26.63 -13.30
C GLU E 478 35.45 -27.73 -12.23
N TYR E 479 34.21 -28.08 -11.91
CA TYR E 479 33.83 -29.02 -10.83
C TYR E 479 32.76 -30.00 -11.31
N LEU E 480 32.86 -31.21 -10.79
CA LEU E 480 31.84 -32.24 -10.90
C LEU E 480 31.02 -32.12 -9.61
N VAL E 481 29.72 -32.12 -9.73
CA VAL E 481 28.76 -31.90 -8.62
C VAL E 481 27.56 -32.82 -8.74
N THR E 482 27.22 -33.43 -7.61
CA THR E 482 25.95 -34.16 -7.48
C THR E 482 25.49 -33.97 -6.04
N ALA E 483 24.21 -33.74 -5.82
CA ALA E 483 23.74 -33.55 -4.45
C ALA E 483 22.36 -34.14 -4.28
N TYR E 484 21.86 -34.02 -3.05
CA TYR E 484 20.61 -34.71 -2.66
C TYR E 484 19.87 -33.84 -1.66
N LYS E 485 18.64 -33.51 -1.97
CA LYS E 485 17.76 -32.72 -1.10
C LYS E 485 18.57 -31.49 -0.59
N ALA E 486 19.17 -30.73 -1.48
CA ALA E 486 20.07 -29.63 -1.13
C ALA E 486 20.15 -28.63 -2.28
N ARG E 487 20.72 -27.49 -1.94
CA ARG E 487 21.14 -26.42 -2.87
C ARG E 487 22.62 -26.23 -2.78
N VAL E 488 23.28 -26.18 -3.94
CA VAL E 488 24.74 -25.91 -3.97
C VAL E 488 24.90 -24.61 -4.76
N GLU E 489 25.59 -23.63 -4.22
CA GLU E 489 25.79 -22.32 -4.89
C GLU E 489 27.25 -21.97 -4.94
N PHE E 490 27.74 -21.62 -6.12
CA PHE E 490 29.17 -21.28 -6.28
C PHE E 490 29.38 -19.75 -6.15
N LYS E 491 30.56 -19.39 -5.67
CA LYS E 491 30.99 -17.98 -5.54
C LYS E 491 32.52 -17.91 -5.56
N PRO E 492 33.15 -16.75 -5.83
CA PRO E 492 34.59 -16.62 -5.75
C PRO E 492 35.07 -16.94 -4.34
N SER E 493 36.22 -17.56 -4.23
CA SER E 493 36.85 -17.84 -2.93
C SER E 493 37.57 -16.60 -2.39
N GLN E 494 37.84 -15.63 -3.23
CA GLN E 494 38.62 -14.44 -2.81
C GLN E 494 38.19 -13.23 -3.62
N GLU E 495 38.63 -12.07 -3.22
CA GLU E 495 38.29 -10.79 -3.87
C GLU E 495 38.67 -10.87 -5.35
N LEU E 496 37.84 -10.35 -6.26
CA LEU E 496 38.20 -10.44 -7.70
C LEU E 496 38.86 -9.15 -8.22
N ALA E 497 39.19 -8.18 -7.37
CA ALA E 497 39.92 -6.96 -7.80
C ALA E 497 39.21 -6.37 -9.00
N GLY E 498 37.89 -6.22 -8.89
CA GLY E 498 37.12 -5.41 -9.85
C GLY E 498 36.50 -6.24 -10.98
N LYS E 499 36.85 -7.51 -11.09
CA LYS E 499 36.13 -8.45 -12.01
C LYS E 499 34.78 -8.82 -11.42
N LYS E 500 33.82 -9.21 -12.28
CA LYS E 500 32.54 -9.84 -11.90
C LYS E 500 32.71 -11.35 -12.10
N PHE E 501 31.70 -12.12 -11.68
CA PHE E 501 31.76 -13.58 -11.94
C PHE E 501 30.40 -14.03 -12.38
N MET E 502 30.39 -15.21 -13.00
CA MET E 502 29.13 -15.90 -13.34
C MET E 502 29.42 -17.39 -13.50
N ILE E 503 28.34 -18.18 -13.56
CA ILE E 503 28.38 -19.54 -14.12
C ILE E 503 28.62 -19.45 -15.63
N GLU E 504 29.69 -20.07 -16.12
CA GLU E 504 29.95 -20.09 -17.57
C GLU E 504 29.00 -21.13 -18.15
N ARG E 505 28.97 -22.30 -17.57
CA ARG E 505 28.12 -23.40 -18.10
C ARG E 505 27.93 -24.50 -17.07
N VAL E 506 26.72 -24.99 -16.95
CA VAL E 506 26.40 -26.20 -16.14
C VAL E 506 25.84 -27.21 -17.10
N GLU E 507 26.48 -28.38 -17.22
CA GLU E 507 25.95 -29.47 -18.06
C GLU E 507 25.54 -30.64 -17.16
N GLU E 508 24.35 -31.19 -17.40
CA GLU E 508 24.01 -32.50 -16.80
C GLU E 508 24.45 -33.61 -17.76
N GLY E 509 25.00 -34.70 -17.23
CA GLY E 509 25.33 -35.80 -18.16
C GLY E 509 25.84 -37.02 -17.45
N ARG E 510 26.60 -37.86 -18.16
CA ARG E 510 27.06 -39.12 -17.59
C ARG E 510 28.37 -39.53 -18.22
N PHE E 511 29.03 -40.49 -17.58
CA PHE E 511 30.27 -41.08 -18.14
C PHE E 511 29.91 -42.37 -18.87
N GLU E 512 30.32 -42.48 -20.14
CA GLU E 512 30.08 -43.66 -21.01
C GLU E 512 31.46 -44.06 -21.58
N LYS E 513 32.03 -45.19 -21.15
CA LYS E 513 33.41 -45.65 -21.49
C LYS E 513 34.43 -44.54 -21.18
N GLY E 514 34.40 -43.98 -19.96
CA GLY E 514 35.39 -43.03 -19.44
C GLY E 514 35.22 -41.61 -19.95
N LYS E 515 34.30 -41.39 -20.90
CA LYS E 515 34.09 -40.12 -21.61
C LYS E 515 32.80 -39.47 -21.08
N TRP E 516 32.84 -38.17 -20.88
CA TRP E 516 31.65 -37.36 -20.56
C TRP E 516 30.71 -37.29 -21.77
N VAL E 517 29.44 -37.54 -21.53
CA VAL E 517 28.35 -37.41 -22.52
C VAL E 517 27.36 -36.38 -21.97
N MET E 518 27.21 -35.25 -22.66
CA MET E 518 26.26 -34.21 -22.24
C MET E 518 24.85 -34.66 -22.58
N GLU E 519 23.95 -34.49 -21.63
CA GLU E 519 22.52 -34.74 -21.79
C GLU E 519 21.80 -33.43 -21.98
N ARG E 520 22.06 -32.45 -21.12
CA ARG E 520 21.45 -31.09 -21.28
C ARG E 520 22.27 -30.04 -20.54
N VAL E 521 21.95 -28.78 -20.80
CA VAL E 521 22.50 -27.62 -20.11
C VAL E 521 21.51 -27.12 -19.07
N TRP E 522 21.93 -27.01 -17.81
CA TRP E 522 21.08 -26.34 -16.82
C TRP E 522 21.32 -24.84 -16.98
N ASN E 523 20.26 -24.08 -17.08
CA ASN E 523 20.38 -22.61 -17.23
C ASN E 523 19.09 -21.95 -16.73
N GLY E 524 19.03 -20.65 -16.76
CA GLY E 524 17.77 -19.98 -16.37
C GLY E 524 17.40 -20.31 -14.93
N ASP E 525 16.13 -20.64 -14.72
CA ASP E 525 15.58 -20.98 -13.39
C ASP E 525 16.46 -22.01 -12.72
N GLN E 526 17.05 -22.93 -13.49
CA GLN E 526 17.79 -24.05 -12.88
C GLN E 526 19.14 -23.60 -12.37
N THR E 527 19.63 -22.42 -12.73
CA THR E 527 20.92 -21.93 -12.18
C THR E 527 20.77 -20.55 -11.50
N ASP E 528 19.64 -19.86 -11.59
CA ASP E 528 19.54 -18.53 -10.95
C ASP E 528 19.60 -18.62 -9.44
N TRP E 529 19.15 -19.74 -8.84
CA TRP E 529 18.91 -19.83 -7.38
C TRP E 529 19.76 -20.99 -6.86
N GLY E 530 21.06 -21.02 -7.21
CA GLY E 530 21.86 -22.22 -6.95
C GLY E 530 21.44 -23.43 -7.78
N LEU E 531 22.08 -24.54 -7.47
CA LEU E 531 21.86 -25.86 -8.15
C LEU E 531 21.07 -26.65 -7.16
N ASN E 532 19.80 -26.86 -7.50
CA ASN E 532 18.81 -27.45 -6.57
C ASN E 532 18.63 -28.93 -6.90
N PHE E 533 18.80 -29.77 -5.89
CA PHE E 533 18.66 -31.24 -6.04
C PHE E 533 17.53 -31.75 -5.15
N THR E 534 16.79 -32.74 -5.63
CA THR E 534 15.73 -33.40 -4.86
C THR E 534 16.23 -34.78 -4.48
N ASP E 535 15.42 -35.80 -4.73
CA ASP E 535 15.82 -37.17 -4.37
C ASP E 535 16.31 -37.88 -5.63
N ARG E 536 16.24 -37.27 -6.81
CA ARG E 536 16.63 -37.92 -8.07
C ARG E 536 18.08 -37.63 -8.42
N PRO E 537 18.78 -38.54 -9.14
CA PRO E 537 20.20 -38.40 -9.47
C PRO E 537 20.43 -37.47 -10.67
N HIS E 538 21.25 -36.45 -10.46
CA HIS E 538 21.75 -35.54 -11.53
C HIS E 538 23.24 -35.31 -11.34
N LEU E 539 24.04 -35.61 -12.35
CA LEU E 539 25.49 -35.36 -12.24
C LEU E 539 25.82 -34.15 -13.12
N LEU E 540 26.47 -33.15 -12.54
CA LEU E 540 26.73 -31.89 -13.25
C LEU E 540 28.21 -31.58 -13.36
N ARG E 541 28.61 -31.02 -14.52
CA ARG E 541 29.91 -30.34 -14.67
C ARG E 541 29.61 -28.83 -14.65
N VAL E 542 30.21 -28.17 -13.70
CA VAL E 542 30.00 -26.73 -13.44
C VAL E 542 31.30 -26.03 -13.79
N LYS E 543 31.21 -25.10 -14.74
CA LYS E 543 32.33 -24.23 -15.15
C LYS E 543 32.05 -22.81 -14.69
N MET E 544 32.94 -22.22 -13.91
CA MET E 544 32.80 -20.84 -13.38
C MET E 544 33.76 -19.90 -14.14
N ALA E 545 33.40 -18.64 -14.23
CA ALA E 545 34.28 -17.64 -14.88
C ALA E 545 34.24 -16.30 -14.19
N SER E 546 35.40 -15.71 -14.03
CA SER E 546 35.49 -14.29 -13.68
C SER E 546 35.63 -13.54 -15.00
N TYR E 547 35.12 -12.31 -15.10
CA TYR E 547 35.15 -11.56 -16.38
C TYR E 547 35.33 -10.08 -16.13
N SER E 548 36.04 -9.39 -17.02
CA SER E 548 36.24 -7.94 -16.88
C SER E 548 35.00 -7.15 -17.28
N VAL E 549 34.77 -6.04 -16.61
CA VAL E 549 33.75 -5.08 -17.04
C VAL E 549 34.36 -3.70 -17.20
N GLN E 550 35.70 -3.63 -17.43
CA GLN E 550 36.53 -2.39 -17.35
C GLN E 550 36.76 -1.79 -18.74
N ALA F 12 -48.58 -63.15 -26.55
CA ALA F 12 -48.54 -63.16 -25.04
C ALA F 12 -49.71 -62.32 -24.52
N PRO F 13 -50.25 -62.61 -23.30
CA PRO F 13 -51.36 -61.84 -22.74
C PRO F 13 -50.89 -60.39 -22.55
N LEU F 14 -51.80 -59.43 -22.72
CA LEU F 14 -51.48 -58.01 -22.46
C LEU F 14 -51.20 -57.89 -20.96
N PRO F 15 -50.26 -57.02 -20.51
CA PRO F 15 -50.18 -56.66 -19.09
C PRO F 15 -51.51 -56.10 -18.63
N GLU F 16 -51.92 -56.34 -17.40
CA GLU F 16 -53.17 -55.74 -16.90
C GLU F 16 -53.10 -55.60 -15.38
N LEU F 17 -53.64 -54.51 -14.90
CA LEU F 17 -53.73 -54.34 -13.44
C LEU F 17 -55.07 -54.95 -13.03
N LEU F 18 -54.98 -55.96 -12.17
CA LEU F 18 -56.16 -56.65 -11.61
C LEU F 18 -56.38 -56.13 -10.19
N SER F 19 -57.62 -56.13 -9.73
CA SER F 19 -58.01 -55.64 -8.40
C SER F 19 -59.15 -56.53 -7.92
N ASN F 20 -58.89 -57.33 -6.90
CA ASN F 20 -59.96 -58.20 -6.37
C ASN F 20 -59.72 -58.36 -4.88
N ASN F 21 -60.78 -58.25 -4.08
CA ASN F 21 -60.81 -58.44 -2.60
C ASN F 21 -59.91 -57.38 -1.94
N GLY F 22 -59.90 -56.16 -2.50
CA GLY F 22 -59.17 -54.99 -1.96
C GLY F 22 -57.69 -55.06 -2.26
N LYS F 23 -57.26 -56.11 -2.96
CA LYS F 23 -55.81 -56.38 -3.24
C LYS F 23 -55.62 -56.24 -4.75
N HIS F 24 -54.37 -56.16 -5.20
CA HIS F 24 -54.07 -55.80 -6.60
C HIS F 24 -52.85 -56.57 -7.07
N ALA F 25 -52.77 -56.75 -8.36
CA ALA F 25 -51.63 -57.38 -9.03
C ALA F 25 -51.42 -56.75 -10.39
N LEU F 26 -50.18 -56.44 -10.72
CA LEU F 26 -49.87 -56.13 -12.11
C LEU F 26 -49.58 -57.48 -12.76
N MET F 27 -50.36 -57.86 -13.75
CA MET F 27 -50.15 -59.11 -14.50
C MET F 27 -49.25 -58.80 -15.67
N VAL F 28 -48.14 -59.54 -15.78
CA VAL F 28 -47.18 -59.43 -16.89
C VAL F 28 -46.92 -60.86 -17.36
N ASP F 29 -47.16 -61.09 -18.65
CA ASP F 29 -47.02 -62.47 -19.22
C ASP F 29 -47.94 -63.43 -18.48
N GLY F 30 -49.09 -62.94 -18.02
CA GLY F 30 -50.17 -63.76 -17.44
C GLY F 30 -49.90 -64.26 -16.02
N ALA F 31 -49.05 -63.56 -15.27
CA ALA F 31 -48.91 -63.80 -13.82
C ALA F 31 -48.53 -62.53 -13.07
N PRO F 32 -48.84 -62.42 -11.75
CA PRO F 32 -48.46 -61.23 -10.99
C PRO F 32 -46.95 -60.96 -11.18
N TYR F 33 -46.56 -59.67 -11.16
CA TYR F 33 -45.18 -59.20 -11.42
C TYR F 33 -44.88 -58.04 -10.49
N ILE F 34 -43.64 -57.94 -10.00
CA ILE F 34 -43.22 -56.80 -9.17
C ILE F 34 -42.21 -56.00 -9.96
N ILE F 35 -42.47 -54.69 -10.12
CA ILE F 35 -41.50 -53.78 -10.76
C ILE F 35 -40.43 -53.52 -9.73
N LEU F 36 -39.24 -54.04 -9.96
CA LEU F 36 -38.07 -53.70 -9.18
C LEU F 36 -37.32 -52.71 -10.11
N GLY F 37 -37.65 -51.44 -9.99
CA GLY F 37 -37.41 -50.52 -11.12
C GLY F 37 -36.23 -49.58 -10.90
N SER F 38 -36.02 -48.75 -11.89
CA SER F 38 -35.06 -47.65 -11.91
C SER F 38 -35.61 -46.69 -12.92
N GLN F 39 -35.43 -45.41 -12.64
CA GLN F 39 -35.85 -44.38 -13.60
C GLN F 39 -34.64 -43.53 -13.94
N THR F 40 -34.55 -43.12 -15.19
CA THR F 40 -33.43 -42.29 -15.62
C THR F 40 -33.61 -40.88 -15.08
N ASN F 41 -32.56 -40.09 -15.17
CA ASN F 41 -32.71 -38.60 -15.11
C ASN F 41 -33.57 -38.11 -16.29
N ASN F 42 -34.07 -36.89 -16.18
CA ASN F 42 -35.05 -36.27 -17.11
C ASN F 42 -34.54 -35.99 -18.51
N SER F 43 -33.27 -36.10 -18.78
CA SER F 43 -32.65 -35.72 -20.06
C SER F 43 -31.91 -36.93 -20.67
N SER F 44 -32.30 -38.15 -20.30
CA SER F 44 -31.68 -39.41 -20.78
C SER F 44 -32.53 -40.04 -21.87
N ASN F 45 -33.52 -39.33 -22.40
CA ASN F 45 -34.48 -39.93 -23.36
C ASN F 45 -33.96 -39.83 -24.80
N TYR F 46 -32.69 -40.09 -25.06
CA TYR F 46 -32.08 -39.99 -26.42
C TYR F 46 -31.13 -41.15 -26.65
N PRO F 47 -31.07 -41.66 -27.89
CA PRO F 47 -30.23 -42.83 -28.20
C PRO F 47 -28.82 -42.79 -27.62
N ASP F 48 -28.20 -41.62 -27.69
CA ASP F 48 -26.82 -41.36 -27.24
C ASP F 48 -26.70 -41.47 -25.73
N ALA F 49 -27.79 -41.28 -25.01
CA ALA F 49 -27.70 -41.25 -23.53
C ALA F 49 -27.84 -42.67 -22.97
N LEU F 50 -28.35 -43.61 -23.74
CA LEU F 50 -28.72 -44.92 -23.17
C LEU F 50 -27.46 -45.61 -22.68
N LYS F 51 -26.31 -45.40 -23.30
CA LYS F 51 -25.08 -46.08 -22.81
C LYS F 51 -24.82 -45.71 -21.31
N ASP F 52 -25.30 -44.55 -20.88
CA ASP F 52 -25.04 -44.06 -19.51
C ASP F 52 -26.21 -44.51 -18.63
N VAL F 53 -27.18 -45.30 -19.15
CA VAL F 53 -28.34 -45.81 -18.38
C VAL F 53 -28.10 -47.31 -18.08
N TRP F 54 -27.83 -48.10 -19.11
CA TRP F 54 -27.83 -49.57 -18.95
C TRP F 54 -26.86 -50.01 -17.83
N PRO F 55 -25.61 -49.51 -17.70
CA PRO F 55 -24.69 -50.02 -16.66
C PRO F 55 -25.23 -49.90 -15.23
N SER F 56 -25.85 -48.77 -14.94
CA SER F 56 -26.54 -48.58 -13.65
C SER F 56 -27.63 -49.65 -13.46
N MET F 57 -28.38 -49.90 -14.52
CA MET F 57 -29.54 -50.79 -14.41
C MET F 57 -29.05 -52.20 -14.09
N GLU F 58 -27.93 -52.59 -14.73
CA GLU F 58 -27.28 -53.90 -14.53
C GLU F 58 -26.75 -54.04 -13.10
N LYS F 59 -26.05 -53.00 -12.63
CA LYS F 59 -25.48 -53.03 -11.26
C LYS F 59 -26.62 -53.12 -10.22
N MET F 60 -27.73 -52.53 -10.54
CA MET F 60 -28.89 -52.37 -9.59
C MET F 60 -29.61 -53.72 -9.53
N GLY F 61 -29.62 -54.47 -10.65
CA GLY F 61 -30.42 -55.68 -10.83
C GLY F 61 -31.87 -55.38 -11.01
N ALA F 62 -32.16 -54.20 -11.56
CA ALA F 62 -33.56 -53.80 -11.77
C ALA F 62 -34.19 -54.64 -12.93
N ASN F 63 -35.50 -54.88 -12.89
CA ASN F 63 -36.16 -55.71 -13.95
C ASN F 63 -36.91 -54.79 -14.89
N THR F 64 -37.08 -53.51 -14.55
CA THR F 64 -37.95 -52.60 -15.31
C THR F 64 -37.32 -51.21 -15.32
N LEU F 65 -37.24 -50.57 -16.47
CA LEU F 65 -36.72 -49.19 -16.60
C LEU F 65 -37.88 -48.24 -16.88
N SER F 66 -38.03 -47.19 -16.10
CA SER F 66 -38.94 -46.08 -16.43
C SER F 66 -38.11 -44.97 -17.10
N ILE F 67 -38.61 -44.52 -18.25
CA ILE F 67 -37.81 -43.52 -19.07
C ILE F 67 -38.80 -42.62 -19.83
N PRO F 68 -38.56 -41.30 -19.92
CA PRO F 68 -39.46 -40.40 -20.68
C PRO F 68 -39.56 -40.73 -22.15
N VAL F 69 -40.74 -40.51 -22.71
CA VAL F 69 -40.90 -40.30 -24.16
C VAL F 69 -41.61 -38.97 -24.30
N ALA F 70 -40.96 -37.98 -24.88
CA ALA F 70 -41.44 -36.57 -24.77
C ALA F 70 -42.27 -36.26 -26.00
N TRP F 71 -43.34 -35.51 -25.85
CA TRP F 71 -44.13 -35.00 -27.00
C TRP F 71 -43.22 -34.19 -27.94
N GLU F 72 -42.25 -33.48 -27.44
CA GLU F 72 -41.40 -32.62 -28.29
C GLU F 72 -40.55 -33.49 -29.21
N GLN F 73 -40.18 -34.70 -28.77
CA GLN F 73 -39.28 -35.56 -29.57
C GLN F 73 -40.07 -36.40 -30.57
N ILE F 74 -41.31 -36.81 -30.27
CA ILE F 74 -42.07 -37.62 -31.26
C ILE F 74 -42.80 -36.73 -32.24
N GLU F 75 -43.12 -35.48 -31.91
CA GLU F 75 -43.85 -34.59 -32.88
C GLU F 75 -43.19 -33.21 -32.94
N PRO F 76 -41.92 -33.11 -33.36
CA PRO F 76 -41.20 -31.86 -33.31
C PRO F 76 -41.83 -30.79 -34.22
N VAL F 77 -42.44 -31.27 -35.30
CA VAL F 77 -43.23 -30.40 -36.22
C VAL F 77 -44.61 -31.05 -36.31
N GLU F 78 -45.66 -30.27 -36.33
CA GLU F 78 -47.04 -30.82 -36.18
C GLU F 78 -47.33 -31.77 -37.36
N GLY F 79 -47.83 -32.97 -37.01
CA GLY F 79 -48.14 -34.06 -37.95
C GLY F 79 -46.90 -34.78 -38.42
N GLN F 80 -45.69 -34.43 -37.96
CA GLN F 80 -44.45 -35.05 -38.47
C GLN F 80 -43.84 -35.92 -37.36
N PHE F 81 -44.24 -37.20 -37.30
CA PHE F 81 -43.90 -38.09 -36.18
C PHE F 81 -42.50 -38.70 -36.34
N ASP F 82 -41.86 -38.89 -35.19
CA ASP F 82 -40.47 -39.40 -35.12
C ASP F 82 -40.37 -40.37 -33.94
N PHE F 83 -40.31 -41.66 -34.24
CA PHE F 83 -40.25 -42.73 -33.22
C PHE F 83 -38.86 -43.36 -33.15
N SER F 84 -37.85 -42.68 -33.66
CA SER F 84 -36.46 -43.19 -33.76
C SER F 84 -35.92 -43.49 -32.37
N PHE F 85 -36.29 -42.68 -31.38
CA PHE F 85 -35.82 -42.99 -30.00
C PHE F 85 -36.49 -44.27 -29.50
N VAL F 86 -37.79 -44.39 -29.71
CA VAL F 86 -38.53 -45.57 -29.19
C VAL F 86 -37.99 -46.85 -29.87
N ASP F 87 -37.66 -46.78 -31.15
CA ASP F 87 -37.10 -47.96 -31.87
C ASP F 87 -35.83 -48.43 -31.15
N VAL F 88 -34.90 -47.50 -30.87
CA VAL F 88 -33.57 -47.83 -30.23
C VAL F 88 -33.84 -48.35 -28.81
N LEU F 89 -34.70 -47.65 -28.09
CA LEU F 89 -34.98 -48.03 -26.70
C LEU F 89 -35.55 -49.47 -26.66
N LEU F 90 -36.61 -49.76 -27.42
CA LEU F 90 -37.18 -51.12 -27.40
C LEU F 90 -36.05 -52.12 -27.77
N LYS F 91 -35.29 -51.87 -28.85
CA LYS F 91 -34.29 -52.87 -29.25
C LYS F 91 -33.32 -53.12 -28.08
N GLU F 92 -32.85 -52.05 -27.41
CA GLU F 92 -31.74 -52.20 -26.43
C GLU F 92 -32.35 -52.86 -25.19
N ALA F 93 -33.60 -52.53 -24.82
CA ALA F 93 -34.24 -53.08 -23.61
C ALA F 93 -34.33 -54.59 -23.81
N ARG F 94 -34.77 -54.99 -25.01
CA ARG F 94 -35.00 -56.43 -25.30
C ARG F 94 -33.67 -57.20 -25.30
N GLN F 95 -32.59 -56.62 -25.85
CA GLN F 95 -31.21 -57.20 -25.75
C GLN F 95 -30.79 -57.45 -24.28
N ARG F 96 -31.24 -56.58 -23.36
CA ARG F 96 -30.91 -56.76 -21.92
C ARG F 96 -31.99 -57.49 -21.14
N LYS F 97 -32.97 -58.03 -21.86
CA LYS F 97 -34.10 -58.81 -21.29
C LYS F 97 -34.68 -58.04 -20.10
N VAL F 98 -34.95 -56.76 -20.29
CA VAL F 98 -35.67 -55.95 -19.25
C VAL F 98 -36.93 -55.34 -19.82
N ARG F 99 -37.86 -54.98 -18.94
CA ARG F 99 -39.13 -54.38 -19.36
C ARG F 99 -39.08 -52.86 -19.18
N LEU F 100 -40.08 -52.18 -19.75
CA LEU F 100 -40.10 -50.71 -19.78
C LEU F 100 -41.43 -50.15 -19.25
N VAL F 101 -41.32 -49.00 -18.56
CA VAL F 101 -42.48 -48.11 -18.32
C VAL F 101 -42.13 -46.77 -18.98
N LEU F 102 -42.85 -46.45 -20.06
CA LEU F 102 -42.69 -45.15 -20.74
C LEU F 102 -43.46 -44.06 -19.99
N LEU F 103 -42.81 -42.91 -19.91
CA LEU F 103 -43.34 -41.71 -19.19
C LEU F 103 -43.70 -40.66 -20.22
N TRP F 104 -45.02 -40.41 -20.41
CA TRP F 104 -45.49 -39.50 -21.47
C TRP F 104 -45.33 -38.08 -20.94
N PHE F 105 -44.28 -37.40 -21.38
CA PHE F 105 -44.01 -36.01 -20.98
C PHE F 105 -44.66 -35.11 -22.02
N ALA F 106 -45.76 -34.46 -21.68
CA ALA F 106 -46.60 -33.79 -22.69
C ALA F 106 -47.17 -32.46 -22.17
N THR F 107 -48.49 -32.41 -21.92
CA THR F 107 -49.22 -31.21 -21.47
C THR F 107 -48.65 -30.77 -20.13
N TRP F 108 -48.34 -31.73 -19.25
CA TRP F 108 -47.72 -31.42 -17.96
C TRP F 108 -46.45 -32.26 -17.78
N LYS F 109 -45.40 -31.60 -17.32
CA LYS F 109 -44.22 -32.25 -16.72
C LYS F 109 -43.85 -31.35 -15.54
N ASN F 110 -44.14 -31.79 -14.32
CA ASN F 110 -43.92 -30.99 -13.09
C ASN F 110 -44.66 -29.65 -13.28
N ASN F 111 -45.93 -29.72 -13.65
CA ASN F 111 -46.87 -28.58 -13.81
C ASN F 111 -46.69 -27.84 -15.13
N ALA F 112 -45.61 -28.04 -15.87
CA ALA F 112 -45.27 -27.13 -16.99
C ALA F 112 -45.24 -27.83 -18.37
N PRO F 113 -45.34 -27.08 -19.49
CA PRO F 113 -45.33 -27.63 -20.86
C PRO F 113 -43.97 -27.65 -21.52
N HIS F 114 -42.92 -27.75 -20.74
CA HIS F 114 -41.53 -27.67 -21.30
C HIS F 114 -41.26 -28.81 -22.29
N TYR F 115 -41.90 -29.97 -22.11
CA TYR F 115 -41.68 -31.14 -23.03
C TYR F 115 -42.69 -31.12 -24.16
N ALA F 116 -43.62 -30.16 -24.20
CA ALA F 116 -44.53 -30.01 -25.37
C ALA F 116 -43.70 -29.44 -26.50
N PRO F 117 -44.05 -29.74 -27.77
CA PRO F 117 -43.31 -29.22 -28.94
C PRO F 117 -43.24 -27.69 -28.89
N ALA F 118 -42.23 -27.07 -29.55
CA ALA F 118 -42.16 -25.59 -29.64
C ALA F 118 -43.49 -25.00 -30.18
N TRP F 119 -44.14 -25.70 -31.11
CA TRP F 119 -45.35 -25.19 -31.79
C TRP F 119 -46.52 -25.20 -30.82
N VAL F 120 -46.40 -25.97 -29.74
CA VAL F 120 -47.40 -26.06 -28.65
C VAL F 120 -47.05 -25.01 -27.59
N LYS F 121 -45.90 -25.17 -26.91
CA LYS F 121 -45.57 -24.33 -25.75
C LYS F 121 -45.33 -22.86 -26.11
N LEU F 122 -45.05 -22.53 -27.37
CA LEU F 122 -44.88 -21.11 -27.77
C LEU F 122 -46.15 -20.52 -28.40
N ASP F 123 -47.31 -21.20 -28.34
CA ASP F 123 -48.56 -20.71 -28.94
C ASP F 123 -49.67 -20.67 -27.90
N ASN F 124 -49.63 -19.67 -27.03
CA ASN F 124 -50.63 -19.53 -25.94
C ASN F 124 -52.03 -19.28 -26.49
N ALA F 125 -52.19 -18.61 -27.63
CA ALA F 125 -53.50 -18.34 -28.23
C ALA F 125 -54.21 -19.67 -28.47
N ARG F 126 -53.50 -20.65 -29.03
CA ARG F 126 -54.10 -21.96 -29.40
C ARG F 126 -54.19 -22.89 -28.19
N PHE F 127 -53.18 -22.85 -27.31
CA PHE F 127 -52.93 -23.78 -26.20
C PHE F 127 -52.77 -22.93 -24.93
N PRO F 128 -53.88 -22.48 -24.29
CA PRO F 128 -53.85 -21.43 -23.26
C PRO F 128 -53.34 -21.87 -21.89
N ARG F 129 -52.58 -20.99 -21.24
CA ARG F 129 -52.05 -21.20 -19.90
C ARG F 129 -53.10 -20.84 -18.86
N VAL F 130 -52.90 -21.33 -17.65
CA VAL F 130 -53.74 -20.94 -16.50
C VAL F 130 -53.53 -19.46 -16.22
N VAL F 131 -54.63 -18.76 -15.95
CA VAL F 131 -54.61 -17.34 -15.59
C VAL F 131 -54.96 -17.30 -14.12
N LYS F 132 -54.17 -16.57 -13.36
CA LYS F 132 -54.38 -16.36 -11.92
C LYS F 132 -55.63 -15.47 -11.73
N GLU F 133 -56.11 -15.33 -10.50
CA GLU F 133 -57.29 -14.48 -10.16
C GLU F 133 -56.92 -13.02 -10.38
N ASP F 134 -55.62 -12.69 -10.49
CA ASP F 134 -55.17 -11.28 -10.57
C ASP F 134 -54.84 -10.90 -12.02
N GLY F 135 -55.01 -11.81 -13.00
CA GLY F 135 -54.92 -11.48 -14.44
C GLY F 135 -53.61 -11.97 -15.02
N ASP F 136 -52.61 -12.22 -14.16
CA ASP F 136 -51.26 -12.69 -14.56
C ASP F 136 -51.37 -14.17 -14.97
N THR F 137 -50.41 -14.61 -15.75
CA THR F 137 -50.47 -15.94 -16.40
C THR F 137 -49.34 -16.80 -15.87
N LEU F 138 -49.64 -18.06 -15.59
CA LEU F 138 -48.61 -19.03 -15.12
C LEU F 138 -48.21 -19.97 -16.25
N ASN F 139 -46.98 -20.50 -16.20
CA ASN F 139 -46.49 -21.41 -17.25
C ASN F 139 -47.00 -22.82 -16.96
N SER F 140 -48.29 -22.98 -17.02
CA SER F 140 -48.99 -24.23 -16.68
C SER F 140 -50.19 -24.31 -17.62
N LEU F 141 -50.28 -25.29 -18.50
CA LEU F 141 -51.40 -25.32 -19.47
C LEU F 141 -52.75 -25.57 -18.80
N SER F 142 -53.76 -24.83 -19.20
CA SER F 142 -55.11 -25.02 -18.67
C SER F 142 -55.70 -26.36 -19.09
N PRO F 143 -56.37 -27.12 -18.20
CA PRO F 143 -57.02 -28.37 -18.58
C PRO F 143 -58.28 -28.13 -19.38
N LEU F 144 -58.69 -26.87 -19.50
CA LEU F 144 -59.90 -26.53 -20.26
C LEU F 144 -59.55 -26.04 -21.67
N GLY F 145 -58.28 -26.12 -22.07
CA GLY F 145 -57.91 -25.87 -23.46
C GLY F 145 -58.28 -27.07 -24.33
N GLN F 146 -59.28 -26.89 -25.19
CA GLN F 146 -59.79 -28.03 -25.99
C GLN F 146 -58.75 -28.36 -27.07
N ASN F 147 -58.06 -27.36 -27.64
CA ASN F 147 -57.04 -27.63 -28.69
C ASN F 147 -55.91 -28.44 -28.06
N THR F 148 -55.59 -28.16 -26.82
CA THR F 148 -54.42 -28.75 -26.13
C THR F 148 -54.72 -30.22 -25.95
N LEU F 149 -55.92 -30.51 -25.43
CA LEU F 149 -56.38 -31.89 -25.21
C LEU F 149 -56.41 -32.62 -26.55
N ALA F 150 -57.01 -32.06 -27.60
CA ALA F 150 -57.07 -32.77 -28.92
C ALA F 150 -55.63 -33.03 -29.42
N ALA F 151 -54.70 -32.09 -29.24
CA ALA F 151 -53.33 -32.24 -29.75
C ALA F 151 -52.52 -33.31 -28.97
N ASP F 152 -52.59 -33.29 -27.65
CA ASP F 152 -51.89 -34.27 -26.80
C ASP F 152 -52.47 -35.66 -27.12
N LYS F 153 -53.78 -35.86 -27.07
CA LYS F 153 -54.44 -37.15 -27.42
C LYS F 153 -53.97 -37.65 -28.80
N LYS F 154 -53.98 -36.79 -29.82
CA LYS F 154 -53.57 -37.17 -31.18
C LYS F 154 -52.15 -37.80 -31.08
N ALA F 155 -51.22 -37.11 -30.40
CA ALA F 155 -49.80 -37.54 -30.35
C ALA F 155 -49.67 -38.83 -29.49
N PHE F 156 -50.38 -38.90 -28.38
CA PHE F 156 -50.39 -40.11 -27.52
C PHE F 156 -50.93 -41.32 -28.30
N VAL F 157 -51.98 -41.12 -29.10
CA VAL F 157 -52.57 -42.19 -29.96
C VAL F 157 -51.49 -42.66 -30.93
N GLU F 158 -50.72 -41.76 -31.51
CA GLU F 158 -49.63 -42.16 -32.44
C GLU F 158 -48.63 -43.02 -31.68
N LEU F 159 -48.32 -42.65 -30.44
CA LEU F 159 -47.36 -43.46 -29.65
C LEU F 159 -47.95 -44.84 -29.43
N MET F 160 -49.20 -44.91 -28.98
CA MET F 160 -49.77 -46.25 -28.72
C MET F 160 -49.87 -47.02 -30.05
N LYS F 161 -50.18 -46.37 -31.16
CA LYS F 161 -50.18 -47.08 -32.47
C LYS F 161 -48.79 -47.68 -32.74
N TYR F 162 -47.71 -46.96 -32.45
CA TYR F 162 -46.32 -47.48 -32.65
C TYR F 162 -46.11 -48.72 -31.80
N LEU F 163 -46.52 -48.68 -30.52
CA LEU F 163 -46.42 -49.86 -29.62
C LEU F 163 -47.33 -51.01 -30.12
N ALA F 164 -48.57 -50.74 -30.51
CA ALA F 164 -49.50 -51.79 -31.01
C ALA F 164 -48.80 -52.56 -32.14
N LYS F 165 -48.12 -51.87 -33.05
CA LYS F 165 -47.58 -52.49 -34.30
C LYS F 165 -46.20 -53.06 -34.03
N ARG F 166 -45.42 -52.45 -33.14
CA ARG F 166 -43.97 -52.77 -33.04
C ARG F 166 -43.61 -53.32 -31.63
N ASP F 167 -44.57 -53.64 -30.76
CA ASP F 167 -44.26 -54.18 -29.40
C ASP F 167 -45.26 -55.29 -29.02
N LYS F 168 -45.44 -56.26 -29.93
CA LYS F 168 -46.48 -57.32 -29.75
C LYS F 168 -46.16 -58.26 -28.57
N ASP F 169 -44.92 -58.26 -28.06
CA ASP F 169 -44.50 -59.10 -26.88
C ASP F 169 -44.54 -58.25 -25.60
N HIS F 170 -44.89 -56.98 -25.72
CA HIS F 170 -45.18 -56.11 -24.55
C HIS F 170 -43.90 -55.82 -23.75
N THR F 171 -42.81 -55.50 -24.41
CA THR F 171 -41.61 -55.02 -23.71
C THR F 171 -42.05 -53.84 -22.83
N VAL F 172 -42.87 -52.96 -23.37
CA VAL F 172 -43.44 -51.86 -22.56
C VAL F 172 -44.67 -52.42 -21.82
N ILE F 173 -44.62 -52.44 -20.50
CA ILE F 173 -45.71 -53.06 -19.71
C ILE F 173 -46.73 -52.04 -19.17
N MET F 174 -46.39 -50.76 -19.20
CA MET F 174 -47.24 -49.75 -18.54
C MET F 174 -46.84 -48.40 -19.14
N VAL F 175 -47.77 -47.42 -19.08
CA VAL F 175 -47.43 -46.05 -19.51
C VAL F 175 -47.87 -45.08 -18.42
N GLN F 176 -47.02 -44.12 -18.10
CA GLN F 176 -47.39 -42.96 -17.24
C GLN F 176 -47.93 -41.88 -18.15
N VAL F 177 -49.16 -41.43 -17.91
CA VAL F 177 -49.82 -40.41 -18.76
C VAL F 177 -49.54 -39.05 -18.12
N GLN F 178 -48.67 -38.26 -18.77
CA GLN F 178 -48.19 -36.98 -18.20
C GLN F 178 -47.21 -37.25 -17.06
N ASN F 179 -46.69 -36.18 -16.42
CA ASN F 179 -45.71 -36.32 -15.31
C ASN F 179 -45.95 -35.23 -14.27
N GLU F 180 -46.46 -35.56 -13.11
CA GLU F 180 -46.73 -34.61 -12.00
C GLU F 180 -47.56 -33.43 -12.56
N VAL F 181 -48.81 -33.72 -12.81
CA VAL F 181 -49.81 -32.72 -13.31
C VAL F 181 -50.14 -31.74 -12.19
N GLY F 182 -50.67 -30.62 -12.62
CA GLY F 182 -51.18 -29.63 -11.65
C GLY F 182 -50.59 -28.29 -11.92
N THR F 183 -50.71 -27.38 -10.96
CA THR F 183 -50.26 -25.98 -11.09
C THR F 183 -49.62 -25.51 -9.81
N TYR F 184 -48.43 -24.97 -9.88
CA TYR F 184 -47.76 -24.20 -8.79
C TYR F 184 -48.08 -22.72 -8.98
N GLY F 185 -48.44 -22.05 -7.89
CA GLY F 185 -48.67 -20.60 -7.95
C GLY F 185 -50.13 -20.14 -8.02
N ALA F 186 -51.09 -21.03 -8.27
CA ALA F 186 -52.54 -20.74 -8.33
C ALA F 186 -53.29 -22.03 -8.02
N VAL F 187 -54.54 -21.93 -7.59
CA VAL F 187 -55.31 -23.14 -7.23
C VAL F 187 -55.93 -23.77 -8.48
N ARG F 188 -56.36 -22.94 -9.42
CA ARG F 188 -57.07 -23.38 -10.62
C ARG F 188 -56.88 -22.32 -11.71
N ASP F 189 -57.47 -22.56 -12.87
CA ASP F 189 -57.52 -21.55 -13.95
C ASP F 189 -58.67 -20.57 -13.66
N TYR F 190 -58.39 -19.26 -13.63
CA TYR F 190 -59.39 -18.19 -13.43
C TYR F 190 -59.62 -17.44 -14.75
N SER F 191 -59.19 -18.00 -15.87
CA SER F 191 -59.48 -17.40 -17.19
C SER F 191 -61.01 -17.31 -17.43
N PRO F 192 -61.48 -16.35 -18.22
CA PRO F 192 -62.90 -16.29 -18.55
C PRO F 192 -63.46 -17.65 -18.97
N MET F 193 -62.64 -18.38 -19.75
CA MET F 193 -63.05 -19.70 -20.27
C MET F 193 -63.29 -20.67 -19.10
N ALA F 194 -62.44 -20.68 -18.07
CA ALA F 194 -62.59 -21.62 -16.93
C ALA F 194 -63.72 -21.14 -16.00
N GLN F 195 -63.82 -19.82 -15.79
CA GLN F 195 -64.85 -19.24 -14.88
C GLN F 195 -66.27 -19.65 -15.33
N ALA F 196 -66.52 -19.71 -16.64
CA ALA F 196 -67.84 -20.02 -17.26
C ALA F 196 -68.21 -21.49 -16.99
N VAL F 197 -67.22 -22.38 -16.93
CA VAL F 197 -67.40 -23.82 -16.53
C VAL F 197 -67.57 -23.88 -15.00
N PHE F 198 -66.79 -23.12 -14.24
CA PHE F 198 -66.87 -23.07 -12.75
C PHE F 198 -68.22 -22.52 -12.25
N ASN F 199 -68.82 -21.58 -12.98
CA ASN F 199 -70.10 -20.95 -12.61
C ASN F 199 -71.27 -21.83 -13.05
N ALA F 200 -71.00 -22.88 -13.81
CA ALA F 200 -72.02 -23.79 -14.34
C ALA F 200 -72.19 -24.97 -13.37
N ALA F 201 -73.17 -25.85 -13.60
CA ALA F 201 -73.50 -26.95 -12.66
C ALA F 201 -72.33 -27.95 -12.65
N VAL F 202 -72.09 -28.58 -11.51
CA VAL F 202 -71.11 -29.71 -11.41
C VAL F 202 -71.71 -30.83 -12.26
N PRO F 203 -70.94 -31.49 -13.15
CA PRO F 203 -71.46 -32.58 -13.96
C PRO F 203 -72.12 -33.68 -13.10
N ASP F 204 -73.27 -34.18 -13.59
CA ASP F 204 -74.17 -35.12 -12.85
C ASP F 204 -73.41 -36.40 -12.49
N ASP F 205 -72.55 -36.93 -13.37
CA ASP F 205 -71.86 -38.21 -13.06
C ASP F 205 -71.00 -38.03 -11.78
N LEU F 206 -70.38 -36.86 -11.56
CA LEU F 206 -69.55 -36.62 -10.34
C LEU F 206 -70.48 -36.54 -9.12
N ILE F 207 -71.59 -35.79 -9.23
CA ILE F 207 -72.68 -35.66 -8.21
C ILE F 207 -73.22 -37.04 -7.79
N GLN F 208 -73.65 -37.90 -8.73
CA GLN F 208 -74.12 -39.29 -8.37
C GLN F 208 -72.99 -40.02 -7.63
N LYS F 209 -71.80 -40.07 -8.24
CA LYS F 209 -70.70 -40.88 -7.66
C LYS F 209 -70.39 -40.48 -6.21
N LEU F 210 -70.29 -39.18 -5.90
CA LEU F 210 -69.96 -38.68 -4.54
C LEU F 210 -71.20 -38.69 -3.62
N GLN F 211 -72.37 -39.11 -4.10
CA GLN F 211 -73.64 -39.05 -3.31
C GLN F 211 -73.81 -37.63 -2.75
N LEU F 212 -73.68 -36.59 -3.57
CA LEU F 212 -73.88 -35.19 -3.11
C LEU F 212 -75.16 -34.63 -3.75
N LYS F 213 -75.55 -33.42 -3.38
CA LYS F 213 -76.80 -32.77 -3.85
C LYS F 213 -76.42 -31.83 -4.99
N PRO F 214 -77.23 -31.75 -6.07
CA PRO F 214 -76.91 -30.94 -7.25
C PRO F 214 -76.62 -29.47 -6.94
N GLY F 215 -75.80 -28.84 -7.77
CA GLY F 215 -75.41 -27.42 -7.60
C GLY F 215 -74.27 -27.01 -8.53
N THR F 216 -73.90 -25.73 -8.48
CA THR F 216 -72.67 -25.19 -9.14
C THR F 216 -71.44 -25.56 -8.29
N TRP F 217 -70.27 -25.43 -8.88
CA TRP F 217 -69.01 -25.73 -8.16
C TRP F 217 -68.95 -25.07 -6.76
N SER F 218 -69.10 -23.75 -6.64
CA SER F 218 -69.04 -23.02 -5.34
C SER F 218 -70.11 -23.58 -4.39
N GLN F 219 -71.29 -23.91 -4.91
CA GLN F 219 -72.43 -24.38 -4.06
C GLN F 219 -72.12 -25.76 -3.48
N VAL F 220 -71.63 -26.69 -4.31
CA VAL F 220 -71.46 -28.12 -3.94
C VAL F 220 -70.23 -28.25 -3.01
N PHE F 221 -69.15 -27.54 -3.30
CA PHE F 221 -67.86 -27.83 -2.64
C PHE F 221 -67.37 -26.71 -1.70
N GLY F 222 -67.94 -25.51 -1.73
CA GLY F 222 -67.61 -24.46 -0.75
C GLY F 222 -66.15 -24.06 -0.83
N ARG F 223 -65.39 -24.13 0.26
CA ARG F 223 -64.00 -23.61 0.28
C ARG F 223 -63.08 -24.52 -0.54
N ASP F 224 -63.52 -25.75 -0.85
CA ASP F 224 -62.70 -26.70 -1.67
C ASP F 224 -63.00 -26.51 -3.15
N ALA F 225 -63.91 -25.58 -3.51
CA ALA F 225 -64.47 -25.53 -4.89
C ALA F 225 -63.32 -25.31 -5.89
N ASP F 226 -62.40 -24.37 -5.60
CA ASP F 226 -61.33 -24.01 -6.58
C ASP F 226 -60.46 -25.24 -6.82
N GLU F 227 -59.94 -25.83 -5.76
CA GLU F 227 -59.00 -26.98 -5.85
C GLU F 227 -59.71 -28.20 -6.47
N PHE F 228 -60.94 -28.51 -6.05
CA PHE F 228 -61.69 -29.69 -6.58
C PHE F 228 -62.03 -29.53 -8.06
N PHE F 229 -62.24 -28.28 -8.52
CA PHE F 229 -62.50 -27.98 -9.94
C PHE F 229 -61.23 -28.24 -10.74
N HIS F 230 -60.10 -27.74 -10.30
CA HIS F 230 -58.80 -28.01 -10.99
C HIS F 230 -58.49 -29.51 -11.02
N ALA F 231 -58.65 -30.21 -9.91
CA ALA F 231 -58.43 -31.67 -9.87
C ALA F 231 -59.38 -32.35 -10.87
N TYR F 232 -60.66 -31.98 -10.89
CA TYR F 232 -61.65 -32.64 -11.77
C TYR F 232 -61.24 -32.40 -13.22
N GLN F 233 -60.96 -31.15 -13.58
CA GLN F 233 -60.75 -30.84 -15.00
C GLN F 233 -59.46 -31.54 -15.46
N ILE F 234 -58.45 -31.62 -14.60
CA ILE F 234 -57.18 -32.29 -15.00
C ILE F 234 -57.40 -33.79 -15.09
N ALA F 235 -58.14 -34.36 -14.14
CA ALA F 235 -58.50 -35.79 -14.12
C ALA F 235 -59.25 -36.14 -15.40
N ARG F 236 -60.20 -35.30 -15.82
CA ARG F 236 -60.96 -35.58 -17.06
C ARG F 236 -59.99 -35.50 -18.26
N TYR F 237 -59.12 -34.50 -18.30
CA TYR F 237 -58.17 -34.37 -19.45
C TYR F 237 -57.38 -35.68 -19.52
N CYS F 238 -56.80 -36.08 -18.39
CA CYS F 238 -55.89 -37.26 -18.31
C CYS F 238 -56.67 -38.56 -18.64
N ASP F 239 -57.88 -38.68 -18.23
CA ASP F 239 -58.73 -39.86 -18.54
C ASP F 239 -58.97 -39.90 -20.05
N GLU F 240 -59.24 -38.75 -20.64
CA GLU F 240 -59.54 -38.69 -22.08
C GLU F 240 -58.30 -39.13 -22.87
N VAL F 241 -57.12 -38.60 -22.56
CA VAL F 241 -55.86 -39.04 -23.20
C VAL F 241 -55.72 -40.55 -22.97
N THR F 242 -55.92 -40.99 -21.74
CA THR F 242 -55.86 -42.42 -21.38
C THR F 242 -56.81 -43.26 -22.24
N VAL F 243 -58.12 -42.98 -22.26
CA VAL F 243 -59.02 -43.92 -22.99
C VAL F 243 -58.71 -43.85 -24.50
N ALA F 244 -58.24 -42.73 -25.04
CA ALA F 244 -57.85 -42.64 -26.48
C ALA F 244 -56.65 -43.56 -26.74
N GLY F 245 -55.70 -43.69 -25.84
CA GLY F 245 -54.53 -44.56 -26.11
C GLY F 245 -54.84 -46.03 -25.88
N LYS F 246 -55.66 -46.31 -24.89
CA LYS F 246 -56.19 -47.64 -24.53
C LYS F 246 -56.99 -48.24 -25.69
N ALA F 247 -57.74 -47.43 -26.46
CA ALA F 247 -58.48 -48.01 -27.62
C ALA F 247 -57.50 -48.50 -28.70
N ILE F 248 -56.26 -48.02 -28.70
CA ILE F 248 -55.21 -48.48 -29.63
C ILE F 248 -54.55 -49.72 -29.06
N LYS F 249 -54.01 -49.60 -27.85
CA LYS F 249 -53.46 -50.76 -27.11
C LYS F 249 -53.77 -50.59 -25.61
N ASN F 250 -54.52 -51.53 -25.04
CA ASN F 250 -55.11 -51.45 -23.68
C ASN F 250 -54.05 -51.74 -22.57
N LEU F 251 -52.92 -51.04 -22.54
CA LEU F 251 -51.88 -51.25 -21.49
C LEU F 251 -52.39 -50.59 -20.23
N PRO F 252 -51.88 -51.01 -19.06
CA PRO F 252 -52.05 -50.28 -17.80
C PRO F 252 -51.52 -48.88 -17.95
N MET F 253 -52.25 -47.90 -17.41
CA MET F 253 -51.78 -46.51 -17.48
C MET F 253 -52.00 -45.87 -16.10
N TYR F 254 -51.07 -45.01 -15.67
CA TYR F 254 -51.17 -44.39 -14.33
C TYR F 254 -50.72 -42.91 -14.42
N VAL F 255 -51.01 -42.21 -13.32
CA VAL F 255 -50.55 -40.81 -13.11
C VAL F 255 -49.70 -40.81 -11.85
N ASN F 256 -48.66 -40.00 -11.80
CA ASN F 256 -47.69 -39.87 -10.69
C ASN F 256 -47.92 -38.52 -10.01
N VAL F 257 -47.90 -38.53 -8.67
CA VAL F 257 -48.30 -37.35 -7.87
C VAL F 257 -47.13 -36.62 -7.28
N ALA F 258 -47.02 -35.32 -7.54
CA ALA F 258 -46.22 -34.36 -6.77
C ALA F 258 -46.93 -34.23 -5.43
N LEU F 259 -46.42 -34.92 -4.44
CA LEU F 259 -47.15 -35.10 -3.16
C LEU F 259 -47.17 -33.78 -2.39
N ARG F 260 -48.27 -33.56 -1.70
CA ARG F 260 -48.34 -32.59 -0.59
C ARG F 260 -47.91 -33.31 0.67
N ASN F 261 -47.25 -32.63 1.61
CA ASN F 261 -46.92 -33.28 2.89
C ASN F 261 -48.22 -33.75 3.51
N PRO F 262 -48.38 -35.05 3.87
CA PRO F 262 -49.66 -35.56 4.37
C PRO F 262 -50.08 -35.00 5.74
N PHE F 263 -49.11 -34.54 6.53
CA PHE F 263 -49.37 -34.04 7.91
C PHE F 263 -49.41 -32.51 7.99
N ASN F 264 -48.67 -31.82 7.13
CA ASN F 264 -48.47 -30.35 7.13
C ASN F 264 -48.42 -29.89 5.67
N PRO F 265 -49.52 -29.98 4.91
CA PRO F 265 -49.49 -29.77 3.45
C PRO F 265 -49.29 -28.31 3.03
N GLY F 266 -49.75 -27.36 3.83
CA GLY F 266 -49.79 -25.97 3.36
C GLY F 266 -50.97 -25.77 2.42
N LEU F 267 -50.91 -24.82 1.46
CA LEU F 267 -52.07 -24.51 0.59
C LEU F 267 -51.84 -25.00 -0.85
N PRO F 268 -52.92 -25.35 -1.58
CA PRO F 268 -52.83 -25.67 -3.00
C PRO F 268 -52.24 -24.47 -3.73
N GLY F 269 -51.30 -24.77 -4.64
CA GLY F 269 -50.49 -23.76 -5.31
C GLY F 269 -49.14 -23.63 -4.67
N GLN F 270 -49.02 -23.86 -3.37
CA GLN F 270 -47.71 -24.14 -2.71
C GLN F 270 -47.26 -25.55 -3.12
N TYR F 271 -48.13 -26.51 -2.86
CA TYR F 271 -48.03 -27.82 -3.53
C TYR F 271 -48.72 -27.69 -4.88
N SER F 272 -48.44 -28.67 -5.76
CA SER F 272 -49.00 -28.75 -7.13
C SER F 272 -50.51 -29.00 -7.06
N SER F 273 -51.30 -27.95 -7.19
CA SER F 273 -52.76 -28.03 -7.14
C SER F 273 -53.33 -28.84 -8.30
N GLY F 274 -54.29 -29.71 -8.03
CA GLY F 274 -55.06 -30.40 -9.05
C GLY F 274 -54.51 -31.78 -9.32
N GLY F 275 -53.29 -32.07 -8.91
CA GLY F 275 -52.81 -33.44 -9.06
C GLY F 275 -53.41 -34.35 -8.03
N GLY F 276 -53.06 -35.62 -8.07
CA GLY F 276 -53.68 -36.66 -7.23
C GLY F 276 -53.21 -36.60 -5.76
N THR F 277 -53.24 -35.41 -5.13
CA THR F 277 -52.94 -35.28 -3.69
C THR F 277 -53.99 -36.00 -2.82
N ASP F 278 -53.63 -36.25 -1.57
CA ASP F 278 -54.43 -37.20 -0.75
C ASP F 278 -55.87 -36.67 -0.62
N ASN F 279 -56.04 -35.35 -0.61
CA ASN F 279 -57.37 -34.73 -0.37
C ASN F 279 -58.29 -34.76 -1.60
N VAL F 280 -57.80 -35.14 -2.78
CA VAL F 280 -58.63 -35.08 -4.03
C VAL F 280 -58.61 -36.46 -4.67
N LEU F 281 -58.18 -37.50 -3.95
CA LEU F 281 -58.17 -38.85 -4.56
C LEU F 281 -59.61 -39.26 -4.89
N HIS F 282 -60.59 -38.87 -4.07
CA HIS F 282 -62.01 -39.20 -4.31
C HIS F 282 -62.52 -38.52 -5.59
N ILE F 283 -62.08 -37.28 -5.88
CA ILE F 283 -62.39 -36.57 -7.15
C ILE F 283 -61.74 -37.32 -8.32
N TRP F 284 -60.43 -37.58 -8.24
CA TRP F 284 -59.72 -38.30 -9.31
C TRP F 284 -60.33 -39.67 -9.59
N LYS F 285 -60.72 -40.43 -8.55
CA LYS F 285 -61.27 -41.77 -8.80
C LYS F 285 -62.65 -41.66 -9.47
N ALA F 286 -63.47 -40.69 -9.10
CA ALA F 286 -64.81 -40.45 -9.70
C ALA F 286 -64.70 -39.97 -11.15
N ALA F 287 -63.74 -39.09 -11.41
CA ALA F 287 -63.55 -38.39 -12.71
C ALA F 287 -62.77 -39.24 -13.74
N ALA F 288 -61.83 -40.10 -13.33
CA ALA F 288 -60.97 -40.82 -14.27
C ALA F 288 -61.06 -42.32 -14.05
N PRO F 289 -62.22 -42.95 -14.29
CA PRO F 289 -62.37 -44.38 -14.06
C PRO F 289 -61.46 -45.26 -14.93
N ASN F 290 -60.92 -44.70 -15.99
CA ASN F 290 -60.07 -45.42 -16.96
C ASN F 290 -58.59 -45.37 -16.56
N ILE F 291 -58.16 -44.51 -15.65
CA ILE F 291 -56.75 -44.48 -15.15
C ILE F 291 -56.59 -45.60 -14.10
N ASP F 292 -55.61 -46.50 -14.26
CA ASP F 292 -55.53 -47.74 -13.46
C ASP F 292 -55.13 -47.46 -12.01
N LEU F 293 -54.20 -46.54 -11.78
CA LEU F 293 -53.85 -46.23 -10.39
C LEU F 293 -53.21 -44.87 -10.33
N ILE F 294 -53.11 -44.33 -9.11
CA ILE F 294 -52.47 -43.02 -8.82
C ILE F 294 -51.24 -43.27 -7.95
N ALA F 295 -50.04 -42.95 -8.44
CA ALA F 295 -48.80 -43.37 -7.80
C ALA F 295 -48.13 -42.21 -7.05
N PRO F 296 -47.66 -42.37 -5.80
CA PRO F 296 -46.90 -41.32 -5.09
C PRO F 296 -45.44 -41.24 -5.55
N ASP F 297 -44.91 -40.02 -5.59
CA ASP F 297 -43.49 -39.69 -5.93
C ASP F 297 -42.83 -39.30 -4.62
N ILE F 298 -42.09 -40.18 -3.99
CA ILE F 298 -41.75 -40.00 -2.56
C ILE F 298 -40.32 -39.49 -2.37
N TYR F 299 -40.21 -38.30 -1.78
CA TYR F 299 -38.87 -37.73 -1.49
C TYR F 299 -38.76 -37.30 -0.03
N PHE F 300 -39.79 -37.59 0.75
CA PHE F 300 -39.74 -37.28 2.19
C PHE F 300 -38.74 -38.26 2.80
N ARG F 301 -37.82 -37.77 3.61
CA ARG F 301 -36.75 -38.66 4.16
C ARG F 301 -37.25 -39.47 5.34
N ASP F 302 -38.01 -38.81 6.20
CA ASP F 302 -38.36 -39.31 7.56
C ASP F 302 -39.39 -40.43 7.44
N TYR F 303 -39.17 -41.47 8.24
CA TYR F 303 -40.00 -42.70 8.28
C TYR F 303 -41.48 -42.41 8.52
N LYS F 304 -41.83 -41.57 9.51
CA LYS F 304 -43.29 -41.35 9.76
C LYS F 304 -43.99 -40.83 8.49
N THR F 305 -43.37 -39.86 7.83
CA THR F 305 -44.03 -39.22 6.67
C THR F 305 -44.12 -40.24 5.53
N VAL F 306 -43.02 -40.95 5.26
CA VAL F 306 -43.08 -41.96 4.14
C VAL F 306 -44.16 -43.00 4.44
N SER F 307 -44.22 -43.52 5.67
CA SER F 307 -45.22 -44.52 6.07
C SER F 307 -46.63 -43.96 5.84
N LYS F 308 -46.85 -42.68 6.19
CA LYS F 308 -48.19 -42.05 6.04
C LYS F 308 -48.57 -42.05 4.55
N VAL F 309 -47.60 -41.69 3.69
CA VAL F 309 -47.91 -41.69 2.22
C VAL F 309 -48.28 -43.11 1.76
N LEU F 310 -47.49 -44.09 2.14
CA LEU F 310 -47.78 -45.48 1.71
C LEU F 310 -49.19 -45.86 2.14
N GLU F 311 -49.57 -45.53 3.38
CA GLU F 311 -50.92 -45.76 3.94
C GLU F 311 -51.94 -45.08 3.04
N LEU F 312 -51.78 -43.78 2.77
CA LEU F 312 -52.83 -42.99 2.05
C LEU F 312 -53.05 -43.55 0.64
N TYR F 313 -51.96 -43.92 -0.07
CA TYR F 313 -52.07 -44.35 -1.49
C TYR F 313 -52.33 -45.86 -1.60
N THR F 314 -52.31 -46.61 -0.53
CA THR F 314 -52.72 -48.03 -0.64
C THR F 314 -54.21 -48.12 -0.27
N ARG F 315 -55.07 -48.43 -1.24
CA ARG F 315 -56.55 -48.35 -1.04
C ARG F 315 -57.19 -49.50 -1.79
N PRO F 316 -58.41 -49.92 -1.39
CA PRO F 316 -59.15 -50.97 -2.10
C PRO F 316 -59.33 -50.60 -3.57
N ASP F 317 -59.39 -49.30 -3.84
CA ASP F 317 -59.59 -48.75 -5.20
C ASP F 317 -58.26 -48.28 -5.79
N ASN F 318 -57.12 -48.49 -5.14
CA ASN F 318 -55.85 -47.95 -5.65
C ASN F 318 -54.70 -48.92 -5.34
N ALA F 319 -54.18 -49.64 -6.34
CA ALA F 319 -52.88 -50.36 -6.22
C ALA F 319 -51.73 -49.40 -5.89
N LEU F 320 -50.83 -49.85 -5.03
CA LEU F 320 -49.67 -49.04 -4.62
C LEU F 320 -48.50 -49.27 -5.56
N PHE F 321 -48.05 -48.19 -6.19
CA PHE F 321 -46.85 -48.21 -7.04
C PHE F 321 -45.99 -47.03 -6.66
N VAL F 322 -44.84 -47.27 -6.08
CA VAL F 322 -43.93 -46.15 -5.77
C VAL F 322 -43.23 -45.82 -7.09
N ALA F 323 -43.86 -44.90 -7.81
CA ALA F 323 -43.43 -44.56 -9.19
C ALA F 323 -42.13 -43.83 -9.18
N GLU F 324 -41.90 -43.00 -8.13
CA GLU F 324 -40.58 -42.38 -7.91
C GLU F 324 -40.25 -42.41 -6.45
N ILE F 325 -38.99 -42.64 -6.13
CA ILE F 325 -38.49 -42.40 -4.75
C ILE F 325 -37.07 -41.89 -4.81
N GLY F 326 -36.64 -41.07 -3.82
CA GLY F 326 -35.26 -40.57 -3.81
C GLY F 326 -34.24 -41.68 -3.90
N ASN F 327 -33.08 -41.38 -4.43
CA ASN F 327 -32.04 -42.42 -4.64
C ASN F 327 -30.97 -42.37 -3.56
N ASP F 328 -31.17 -41.55 -2.55
CA ASP F 328 -30.25 -41.57 -1.42
C ASP F 328 -30.42 -42.82 -0.55
N GLN F 329 -29.39 -43.16 0.22
CA GLN F 329 -29.34 -44.38 1.02
C GLN F 329 -30.60 -44.58 1.83
N PRO F 330 -31.15 -43.59 2.60
CA PRO F 330 -32.32 -43.82 3.49
C PRO F 330 -33.52 -44.45 2.81
N PHE F 331 -33.65 -44.22 1.51
CA PHE F 331 -34.86 -44.63 0.79
C PHE F 331 -34.91 -46.13 0.42
N ALA F 332 -33.76 -46.80 0.38
CA ALA F 332 -33.73 -48.21 -0.10
C ALA F 332 -34.68 -49.06 0.76
N ARG F 333 -34.67 -48.85 2.07
CA ARG F 333 -35.35 -49.76 3.00
C ARG F 333 -36.87 -49.65 2.81
N TYR F 334 -37.39 -48.62 2.16
CA TYR F 334 -38.86 -48.48 2.01
C TYR F 334 -39.38 -49.49 0.96
N LEU F 335 -38.50 -50.24 0.31
CA LEU F 335 -38.97 -51.34 -0.57
C LEU F 335 -39.80 -52.31 0.29
N PHE F 336 -39.39 -52.55 1.53
CA PHE F 336 -39.97 -53.61 2.37
C PHE F 336 -41.44 -53.30 2.70
N PRO F 337 -41.79 -52.10 3.29
CA PRO F 337 -43.20 -51.71 3.58
C PRO F 337 -43.99 -51.62 2.27
N THR F 338 -43.36 -51.15 1.22
CA THR F 338 -44.03 -51.02 -0.11
C THR F 338 -44.51 -52.42 -0.50
N LEU F 339 -43.65 -53.43 -0.49
CA LEU F 339 -44.11 -54.82 -0.85
C LEU F 339 -45.05 -55.35 0.22
N GLY F 340 -44.75 -55.12 1.48
CA GLY F 340 -45.62 -55.57 2.58
C GLY F 340 -47.07 -55.15 2.41
N LYS F 341 -47.35 -53.97 1.84
CA LYS F 341 -48.72 -53.40 1.65
C LYS F 341 -49.35 -53.99 0.39
N GLY F 342 -48.61 -54.82 -0.33
CA GLY F 342 -49.10 -55.44 -1.57
C GLY F 342 -48.78 -54.57 -2.76
N GLY F 343 -47.80 -53.68 -2.61
CA GLY F 343 -47.31 -52.82 -3.70
C GLY F 343 -46.85 -53.61 -4.90
N ILE F 344 -47.18 -53.10 -6.09
CA ILE F 344 -46.83 -53.78 -7.37
C ILE F 344 -45.43 -53.31 -7.86
N GLY F 345 -44.81 -52.32 -7.20
CA GLY F 345 -43.52 -51.84 -7.69
C GLY F 345 -42.94 -50.65 -6.96
N PHE F 346 -41.68 -50.40 -7.28
CA PHE F 346 -40.80 -49.48 -6.52
C PHE F 346 -39.70 -49.04 -7.48
N SER F 347 -39.62 -47.74 -7.74
CA SER F 347 -38.67 -47.19 -8.74
C SER F 347 -37.87 -45.94 -8.29
N PRO F 348 -36.62 -46.14 -7.83
CA PRO F 348 -35.73 -45.03 -7.46
C PRO F 348 -35.43 -44.13 -8.64
N PHE F 349 -35.40 -42.83 -8.42
CA PHE F 349 -35.26 -41.78 -9.43
C PHE F 349 -33.84 -41.36 -9.61
N GLY F 350 -33.43 -41.25 -10.87
CA GLY F 350 -32.11 -40.73 -11.24
C GLY F 350 -30.99 -41.74 -11.28
N MET F 351 -31.34 -42.98 -11.66
CA MET F 351 -30.33 -44.10 -11.67
C MET F 351 -29.60 -44.13 -13.04
N ASP F 352 -28.85 -43.11 -13.37
CA ASP F 352 -27.97 -43.11 -14.55
C ASP F 352 -26.76 -42.21 -14.37
N ASP F 353 -25.77 -42.36 -15.24
CA ASP F 353 -24.45 -41.73 -15.12
C ASP F 353 -24.39 -40.54 -16.06
N THR F 354 -25.48 -39.77 -16.16
CA THR F 354 -25.52 -38.61 -17.08
C THR F 354 -25.04 -37.33 -16.45
N ASP F 355 -24.27 -37.43 -15.38
CA ASP F 355 -23.63 -36.26 -14.73
C ASP F 355 -24.69 -35.29 -14.16
N TYR F 356 -25.65 -35.84 -13.47
CA TYR F 356 -26.68 -35.09 -12.75
C TYR F 356 -27.12 -35.82 -11.49
N THR F 357 -27.23 -35.06 -10.40
N THR F 357 -27.27 -35.06 -10.42
CA THR F 357 -27.83 -35.47 -9.10
CA THR F 357 -27.96 -35.55 -9.20
C THR F 357 -28.91 -34.45 -8.70
C THR F 357 -28.92 -34.47 -8.71
N ASN F 358 -30.05 -34.89 -8.20
CA ASN F 358 -31.14 -34.01 -7.79
C ASN F 358 -31.00 -33.78 -6.28
N TYR F 359 -29.83 -34.10 -5.70
CA TYR F 359 -29.48 -33.68 -4.33
C TYR F 359 -29.89 -32.20 -4.17
N PRO F 360 -30.66 -31.75 -3.13
CA PRO F 360 -30.84 -32.46 -1.87
C PRO F 360 -32.01 -33.47 -1.80
N LEU F 361 -32.65 -33.76 -2.94
CA LEU F 361 -33.71 -34.79 -3.00
C LEU F 361 -33.06 -36.16 -2.99
N GLY F 362 -32.03 -36.38 -3.79
CA GLY F 362 -31.39 -37.68 -3.84
C GLY F 362 -29.97 -37.68 -3.31
N ALA F 363 -29.16 -38.60 -3.81
CA ALA F 363 -27.78 -38.85 -3.32
C ALA F 363 -26.86 -37.68 -3.68
N LYS F 364 -25.99 -37.20 -2.76
CA LYS F 364 -25.05 -36.10 -3.02
C LYS F 364 -24.10 -36.51 -4.15
N VAL F 365 -23.62 -37.77 -4.13
CA VAL F 365 -22.67 -38.38 -5.12
C VAL F 365 -23.36 -39.58 -5.75
N TYR F 366 -23.43 -39.60 -7.07
CA TYR F 366 -23.91 -40.78 -7.77
C TYR F 366 -22.71 -41.67 -8.11
N ASN F 367 -22.61 -42.82 -7.46
CA ASN F 367 -21.49 -43.75 -7.73
C ASN F 367 -21.92 -45.19 -7.47
N ASP F 368 -20.99 -46.12 -7.57
CA ASP F 368 -21.34 -47.54 -7.43
C ASP F 368 -22.00 -47.73 -6.05
N GLU F 369 -21.50 -47.04 -5.02
CA GLU F 369 -22.08 -47.25 -3.65
C GLU F 369 -23.53 -46.75 -3.62
N THR F 370 -23.87 -45.66 -4.28
CA THR F 370 -25.29 -45.24 -4.35
C THR F 370 -26.17 -46.38 -4.88
N ILE F 371 -25.73 -47.00 -5.96
CA ILE F 371 -26.49 -48.07 -6.68
C ILE F 371 -26.56 -49.26 -5.73
N GLU F 372 -25.45 -49.58 -5.07
CA GLU F 372 -25.30 -50.81 -4.24
C GLU F 372 -26.37 -50.82 -3.14
N GLN F 373 -26.77 -49.66 -2.60
CA GLN F 373 -27.78 -49.62 -1.51
C GLN F 373 -29.08 -50.29 -2.00
N PHE F 374 -29.45 -50.03 -3.28
CA PHE F 374 -30.67 -50.59 -3.89
C PHE F 374 -30.38 -52.01 -4.33
N ALA F 375 -29.21 -52.27 -4.95
CA ALA F 375 -28.92 -53.65 -5.41
C ALA F 375 -29.05 -54.59 -4.23
N GLN F 376 -28.60 -54.21 -3.03
CA GLN F 376 -28.61 -55.21 -1.93
C GLN F 376 -30.05 -55.53 -1.53
N VAL F 377 -31.01 -54.59 -1.57
CA VAL F 377 -32.42 -54.95 -1.17
C VAL F 377 -33.07 -55.67 -2.37
N TYR F 378 -32.82 -55.28 -3.62
CA TYR F 378 -33.44 -56.01 -4.75
C TYR F 378 -32.97 -57.49 -4.77
N ARG F 379 -31.76 -57.77 -4.29
CA ARG F 379 -31.20 -59.18 -4.27
C ARG F 379 -32.07 -60.03 -3.38
N LEU F 380 -32.86 -59.45 -2.48
CA LEU F 380 -33.73 -60.26 -1.57
C LEU F 380 -35.02 -60.67 -2.28
N VAL F 381 -35.37 -59.93 -3.32
CA VAL F 381 -36.70 -60.11 -3.95
C VAL F 381 -36.56 -60.79 -5.33
N ASN F 382 -35.54 -60.42 -6.10
CA ASN F 382 -35.30 -60.96 -7.49
C ASN F 382 -35.37 -62.49 -7.46
N PRO F 383 -34.76 -63.22 -6.50
CA PRO F 383 -34.79 -64.70 -6.62
C PRO F 383 -36.17 -65.33 -6.46
N MET F 384 -37.14 -64.60 -5.90
CA MET F 384 -38.52 -65.05 -5.56
C MET F 384 -39.55 -64.12 -6.18
N MET F 385 -39.20 -63.40 -7.25
CA MET F 385 -40.09 -62.27 -7.61
C MET F 385 -41.49 -62.78 -7.99
N ARG F 386 -41.60 -63.82 -8.83
CA ARG F 386 -42.94 -64.24 -9.27
C ARG F 386 -43.69 -64.92 -8.13
N GLU F 387 -42.95 -65.69 -7.30
CA GLU F 387 -43.60 -66.31 -6.12
C GLU F 387 -44.17 -65.22 -5.19
N TRP F 388 -43.32 -64.26 -4.80
CA TRP F 388 -43.73 -63.15 -3.93
C TRP F 388 -44.94 -62.43 -4.57
N ALA F 389 -44.91 -62.16 -5.87
CA ALA F 389 -46.00 -61.43 -6.57
C ALA F 389 -47.36 -62.17 -6.40
N ARG F 390 -47.34 -63.50 -6.49
CA ARG F 390 -48.53 -64.37 -6.35
C ARG F 390 -49.01 -64.32 -4.89
N LEU F 391 -48.09 -64.44 -3.93
CA LEU F 391 -48.50 -64.42 -2.52
C LEU F 391 -49.10 -63.07 -2.13
N SER F 392 -48.52 -62.01 -2.68
CA SER F 392 -48.93 -60.64 -2.31
C SER F 392 -50.37 -60.41 -2.76
N TYR F 393 -50.74 -60.96 -3.91
CA TYR F 393 -52.06 -60.73 -4.53
C TYR F 393 -53.11 -61.63 -3.87
N GLN F 394 -52.82 -62.94 -3.74
CA GLN F 394 -53.89 -63.90 -3.34
C GLN F 394 -53.52 -64.60 -2.04
N GLY F 395 -52.62 -64.00 -1.26
CA GLY F 395 -52.35 -64.49 0.09
C GLY F 395 -52.02 -63.35 1.06
N GLN F 396 -51.29 -63.69 2.11
CA GLN F 396 -51.03 -62.71 3.19
C GLN F 396 -49.54 -62.43 3.16
N VAL F 397 -49.23 -61.14 3.07
CA VAL F 397 -47.80 -60.73 3.14
C VAL F 397 -47.67 -59.62 4.14
N TRP F 398 -46.45 -59.45 4.61
CA TRP F 398 -46.11 -58.36 5.57
C TRP F 398 -44.77 -57.78 5.19
N GLY F 399 -44.50 -56.51 5.56
CA GLY F 399 -43.16 -55.97 5.32
C GLY F 399 -42.94 -54.75 6.15
N VAL F 400 -41.73 -54.63 6.67
CA VAL F 400 -41.40 -53.50 7.60
C VAL F 400 -40.01 -52.94 7.30
N ALA F 401 -39.83 -51.66 7.59
CA ALA F 401 -38.49 -51.02 7.55
C ALA F 401 -38.08 -50.57 8.94
N GLU F 402 -36.80 -50.40 9.10
CA GLU F 402 -36.24 -49.84 10.37
C GLU F 402 -36.93 -48.50 10.65
N PRO F 403 -37.74 -48.37 11.74
CA PRO F 403 -38.64 -47.23 12.00
C PRO F 403 -38.03 -45.95 12.59
N LEU F 404 -36.74 -45.97 12.88
CA LEU F 404 -36.01 -44.77 13.36
C LEU F 404 -35.05 -44.36 12.26
N ASP F 405 -35.07 -43.09 11.93
CA ASP F 405 -34.11 -42.50 10.97
C ASP F 405 -32.73 -42.41 11.63
N SER F 406 -31.67 -42.22 10.84
CA SER F 406 -30.30 -42.13 11.36
C SER F 406 -30.25 -41.03 12.43
N THR F 407 -29.54 -41.29 13.52
CA THR F 407 -29.32 -40.25 14.56
C THR F 407 -28.57 -39.08 13.92
N THR F 408 -29.07 -37.84 14.08
CA THR F 408 -28.43 -36.63 13.49
C THR F 408 -27.27 -36.17 14.36
N GLU F 409 -26.41 -35.31 13.80
CA GLU F 409 -25.28 -34.66 14.51
C GLU F 409 -25.83 -33.99 15.76
N THR F 410 -26.91 -33.22 15.59
CA THR F 410 -27.51 -32.36 16.64
C THR F 410 -27.91 -33.27 17.83
N GLN F 411 -28.50 -34.45 17.59
CA GLN F 411 -28.91 -35.41 18.67
C GLN F 411 -27.69 -36.22 19.17
N LYS F 412 -26.60 -36.31 18.38
CA LYS F 412 -25.31 -36.89 18.85
C LYS F 412 -24.56 -35.81 19.65
N GLU F 421 -28.29 -42.28 34.13
CA GLU F 421 -29.72 -42.70 34.05
C GLU F 421 -30.33 -42.24 32.72
N GLU F 422 -30.05 -41.01 32.25
CA GLU F 422 -30.65 -40.44 31.01
C GLU F 422 -30.22 -41.27 29.79
N LYS F 423 -28.92 -41.56 29.70
CA LYS F 423 -28.35 -42.31 28.56
C LYS F 423 -28.96 -43.71 28.60
N GLU F 424 -29.16 -44.33 29.78
CA GLU F 424 -29.74 -45.70 29.89
C GLU F 424 -31.25 -45.65 29.55
N GLN F 425 -31.95 -44.56 29.88
CA GLN F 425 -33.42 -44.45 29.60
C GLN F 425 -33.58 -44.25 28.09
N HIS F 426 -32.65 -43.48 27.52
CA HIS F 426 -32.62 -43.23 26.05
C HIS F 426 -32.36 -44.52 25.28
N LYS F 427 -31.43 -45.37 25.72
CA LYS F 427 -31.10 -46.70 25.12
C LYS F 427 -32.35 -47.58 25.17
N LYS F 428 -33.05 -47.61 26.32
CA LYS F 428 -34.29 -48.44 26.53
C LYS F 428 -35.35 -47.94 25.55
N ASP F 429 -35.55 -46.63 25.46
CA ASP F 429 -36.65 -46.08 24.61
C ASP F 429 -36.33 -46.36 23.14
N ARG F 430 -35.08 -46.20 22.73
CA ARG F 430 -34.68 -46.49 21.34
C ARG F 430 -34.85 -47.99 21.05
N ALA F 431 -34.47 -48.85 22.00
CA ALA F 431 -34.67 -50.32 21.83
C ALA F 431 -36.15 -50.64 21.64
N SER F 432 -37.05 -50.02 22.42
CA SER F 432 -38.50 -50.35 22.27
C SER F 432 -38.95 -49.81 20.88
N ALA F 433 -38.42 -48.68 20.44
CA ALA F 433 -38.83 -48.11 19.13
C ALA F 433 -38.35 -48.95 17.96
N LEU F 434 -37.21 -49.59 18.14
CA LEU F 434 -36.58 -50.44 17.11
C LEU F 434 -37.10 -51.88 17.27
N THR F 435 -38.30 -52.08 17.84
CA THR F 435 -38.92 -53.42 17.96
C THR F 435 -40.30 -53.35 17.35
N GLN F 436 -40.56 -54.16 16.30
CA GLN F 436 -41.85 -54.13 15.63
C GLN F 436 -42.56 -55.46 15.80
N GLN F 437 -43.87 -55.44 16.02
CA GLN F 437 -44.69 -56.66 16.09
CA GLN F 437 -44.71 -56.64 16.11
C GLN F 437 -45.47 -56.86 14.80
N LEU F 438 -45.58 -58.11 14.38
CA LEU F 438 -46.45 -58.50 13.25
C LEU F 438 -47.30 -59.66 13.73
N ASP F 439 -48.60 -59.58 13.50
CA ASP F 439 -49.58 -60.63 13.87
C ASP F 439 -49.78 -61.52 12.64
N LEU F 440 -49.28 -62.73 12.65
CA LEU F 440 -49.34 -63.61 11.45
C LEU F 440 -50.36 -64.74 11.61
N GLY F 441 -51.43 -64.51 12.36
CA GLY F 441 -52.40 -65.57 12.56
C GLY F 441 -52.13 -66.30 13.87
N LEU F 442 -51.72 -67.56 13.81
CA LEU F 442 -51.42 -68.33 15.03
C LEU F 442 -50.07 -67.94 15.61
N TRP F 443 -49.24 -67.28 14.83
CA TRP F 443 -47.86 -66.91 15.21
C TRP F 443 -47.67 -65.42 15.00
N ASP F 444 -46.81 -64.81 15.80
CA ASP F 444 -46.41 -63.39 15.62
C ASP F 444 -44.92 -63.37 15.28
N ALA F 445 -44.44 -62.31 14.66
CA ALA F 445 -42.99 -62.12 14.46
C ALA F 445 -42.64 -60.81 15.14
N GLU F 446 -41.49 -60.78 15.79
CA GLU F 446 -40.92 -59.54 16.36
C GLU F 446 -39.70 -59.22 15.51
N VAL F 447 -39.63 -58.01 14.96
CA VAL F 447 -38.49 -57.61 14.09
C VAL F 447 -37.71 -56.59 14.88
N THR F 448 -36.41 -56.76 15.01
CA THR F 448 -35.53 -55.84 15.70
C THR F 448 -34.30 -55.52 14.89
N TYR F 449 -33.72 -54.34 15.14
CA TYR F 449 -32.69 -53.79 14.24
C TYR F 449 -31.39 -53.44 14.96
N GLY F 450 -30.27 -53.94 14.46
CA GLY F 450 -28.95 -53.50 14.92
C GLY F 450 -28.58 -54.15 16.22
N ARG F 451 -28.33 -55.44 16.16
CA ARG F 451 -27.84 -56.25 17.31
C ARG F 451 -26.97 -57.40 16.82
N PRO F 452 -26.18 -58.01 17.71
CA PRO F 452 -25.36 -59.19 17.42
C PRO F 452 -26.24 -60.34 16.94
N MET F 453 -25.61 -61.37 16.39
CA MET F 453 -26.34 -62.55 15.84
C MET F 453 -26.40 -63.64 16.90
N PHE F 454 -25.95 -63.32 18.11
CA PHE F 454 -25.87 -64.25 19.25
C PHE F 454 -26.27 -63.48 20.52
N TRP F 455 -27.00 -64.12 21.42
CA TRP F 455 -27.43 -63.56 22.74
C TRP F 455 -28.52 -62.51 22.53
N VAL F 456 -28.84 -61.74 23.58
CA VAL F 456 -30.08 -60.91 23.52
C VAL F 456 -29.84 -59.45 23.91
N THR F 457 -28.66 -58.93 23.76
CA THR F 457 -28.40 -57.47 23.98
C THR F 457 -29.42 -56.68 23.16
N PRO F 458 -30.10 -55.65 23.75
CA PRO F 458 -31.13 -54.89 23.05
C PRO F 458 -30.67 -54.24 21.76
N PRO F 459 -31.55 -54.11 20.75
CA PRO F 459 -31.19 -53.46 19.48
C PRO F 459 -30.78 -52.00 19.64
N GLU F 460 -29.83 -51.55 18.86
CA GLU F 460 -29.37 -50.17 18.91
C GLU F 460 -29.55 -49.50 17.55
N GLY F 461 -30.05 -50.24 16.53
CA GLY F 461 -30.33 -49.72 15.20
C GLY F 461 -29.07 -49.82 14.35
N ASN F 462 -29.22 -49.79 13.05
CA ASN F 462 -28.08 -49.79 12.10
C ASN F 462 -27.65 -48.34 11.90
N THR F 463 -26.39 -48.14 11.54
CA THR F 463 -25.83 -46.81 11.21
C THR F 463 -25.29 -46.89 9.79
N PRO F 464 -25.90 -46.21 8.79
CA PRO F 464 -27.22 -45.53 8.90
C PRO F 464 -28.41 -46.50 9.01
N ALA F 465 -29.62 -45.98 9.24
CA ALA F 465 -30.83 -46.81 9.31
C ALA F 465 -30.95 -47.51 7.96
N ALA F 466 -31.21 -48.80 7.93
CA ALA F 466 -31.13 -49.55 6.62
C ALA F 466 -31.96 -50.85 6.62
N GLY F 467 -32.42 -51.34 7.76
CA GLY F 467 -32.96 -52.70 7.82
C GLY F 467 -34.40 -52.81 7.40
N GLY F 468 -34.79 -54.08 7.27
CA GLY F 468 -36.19 -54.37 7.00
C GLY F 468 -36.43 -55.89 6.84
N ALA F 469 -37.68 -56.25 6.68
CA ALA F 469 -38.03 -57.70 6.59
C ALA F 469 -39.30 -57.85 5.75
N LEU F 470 -39.38 -59.01 5.06
CA LEU F 470 -40.56 -59.47 4.29
C LEU F 470 -41.01 -60.82 4.87
N ILE F 471 -42.31 -61.02 5.04
CA ILE F 471 -42.86 -62.32 5.45
C ILE F 471 -44.05 -62.61 4.58
N ALA F 472 -44.16 -63.84 4.13
CA ALA F 472 -45.38 -64.26 3.40
C ALA F 472 -45.91 -65.50 4.10
N GLN F 473 -47.23 -65.61 4.27
CA GLN F 473 -47.82 -66.81 4.89
C GLN F 473 -48.02 -67.92 3.83
N LEU F 474 -47.47 -69.13 4.09
CA LEU F 474 -47.64 -70.31 3.21
C LEU F 474 -48.77 -71.19 3.73
N ASP F 475 -48.87 -71.33 5.05
CA ASP F 475 -49.90 -72.16 5.69
C ASP F 475 -50.08 -71.66 7.13
N ASP F 476 -50.95 -72.31 7.89
CA ASP F 476 -51.27 -71.92 9.28
C ASP F 476 -49.99 -71.80 10.10
N ASN F 477 -49.01 -72.65 9.87
CA ASN F 477 -47.77 -72.64 10.69
C ASN F 477 -46.50 -72.46 9.89
N GLU F 478 -46.61 -72.03 8.63
N GLU F 478 -46.61 -72.02 8.64
CA GLU F 478 -45.40 -71.94 7.77
CA GLU F 478 -45.40 -71.95 7.78
C GLU F 478 -45.35 -70.59 7.06
C GLU F 478 -45.34 -70.60 7.05
N TYR F 479 -44.17 -69.99 7.10
CA TYR F 479 -43.94 -68.66 6.53
C TYR F 479 -42.71 -68.68 5.67
N LEU F 480 -42.72 -67.76 4.72
CA LEU F 480 -41.53 -67.43 3.91
C LEU F 480 -40.96 -66.14 4.52
N VAL F 481 -39.65 -66.06 4.69
CA VAL F 481 -39.02 -64.90 5.41
C VAL F 481 -37.71 -64.58 4.74
N THR F 482 -37.51 -63.31 4.45
CA THR F 482 -36.16 -62.80 4.11
C THR F 482 -36.02 -61.45 4.79
N ALA F 483 -34.86 -61.05 5.20
CA ALA F 483 -34.75 -59.74 5.89
C ALA F 483 -33.36 -59.22 5.67
N TYR F 484 -33.10 -58.05 6.25
CA TYR F 484 -31.89 -57.28 5.93
C TYR F 484 -31.53 -56.51 7.20
N LYS F 485 -30.35 -56.79 7.68
CA LYS F 485 -29.72 -56.02 8.78
C LYS F 485 -30.74 -55.99 9.92
N ALA F 486 -31.25 -57.17 10.27
CA ALA F 486 -32.39 -57.30 11.19
C ALA F 486 -32.40 -58.69 11.80
N ARG F 487 -33.08 -58.82 12.90
CA ARG F 487 -33.38 -60.10 13.52
C ARG F 487 -34.90 -60.26 13.50
N VAL F 488 -35.36 -61.46 13.13
CA VAL F 488 -36.81 -61.82 13.11
C VAL F 488 -37.03 -63.00 14.06
N GLU F 489 -37.92 -62.82 15.03
CA GLU F 489 -38.23 -63.90 16.00
C GLU F 489 -39.71 -64.26 15.98
N PHE F 490 -39.98 -65.54 15.94
CA PHE F 490 -41.36 -66.03 15.95
C PHE F 490 -41.77 -66.48 17.37
N LYS F 491 -43.03 -66.28 17.69
CA LYS F 491 -43.66 -66.68 18.99
C LYS F 491 -45.14 -66.88 18.77
N PRO F 492 -45.85 -67.61 19.66
CA PRO F 492 -47.30 -67.74 19.54
C PRO F 492 -48.04 -66.39 19.55
N SER F 493 -49.14 -66.29 18.81
CA SER F 493 -49.98 -65.08 18.71
C SER F 493 -50.97 -65.08 19.88
N GLN F 494 -51.23 -66.23 20.47
CA GLN F 494 -52.21 -66.36 21.59
C GLN F 494 -51.72 -67.38 22.61
N GLU F 495 -52.36 -67.38 23.77
CA GLU F 495 -51.99 -68.31 24.86
C GLU F 495 -52.20 -69.74 24.36
N LEU F 496 -51.29 -70.64 24.72
CA LEU F 496 -51.25 -72.01 24.15
C LEU F 496 -51.90 -73.02 25.06
N ALA F 497 -52.66 -72.55 26.03
CA ALA F 497 -53.48 -73.46 26.86
C ALA F 497 -52.70 -74.66 27.42
N GLY F 498 -51.44 -74.47 27.80
CA GLY F 498 -50.56 -75.46 28.43
C GLY F 498 -49.59 -76.17 27.49
N LYS F 499 -49.71 -76.00 26.17
CA LYS F 499 -48.72 -76.54 25.21
C LYS F 499 -47.48 -75.63 25.25
N LYS F 500 -46.36 -76.18 24.80
CA LYS F 500 -45.12 -75.41 24.54
C LYS F 500 -44.98 -75.17 23.03
N PHE F 501 -44.02 -74.36 22.62
CA PHE F 501 -43.86 -74.12 21.16
C PHE F 501 -42.38 -74.19 20.84
N MET F 502 -42.10 -74.52 19.59
CA MET F 502 -40.72 -74.35 19.09
C MET F 502 -40.75 -74.09 17.59
N ILE F 503 -39.60 -73.71 17.08
CA ILE F 503 -39.36 -73.85 15.63
C ILE F 503 -39.33 -75.34 15.28
N GLU F 504 -40.20 -75.79 14.39
CA GLU F 504 -40.08 -77.16 13.88
C GLU F 504 -38.90 -77.28 12.89
N ARG F 505 -38.78 -76.36 11.93
CA ARG F 505 -37.69 -76.42 10.93
C ARG F 505 -37.59 -75.08 10.20
N VAL F 506 -36.37 -74.65 10.00
CA VAL F 506 -36.07 -73.50 9.15
C VAL F 506 -35.19 -74.01 8.03
N GLU F 507 -35.63 -73.86 6.78
CA GLU F 507 -34.80 -74.20 5.60
C GLU F 507 -34.41 -72.91 4.87
N GLU F 508 -33.14 -72.79 4.45
CA GLU F 508 -32.71 -71.75 3.47
C GLU F 508 -32.74 -72.41 2.10
N GLY F 509 -33.18 -71.63 1.12
CA GLY F 509 -33.41 -72.24 -0.20
C GLY F 509 -33.82 -71.24 -1.22
N ARG F 510 -34.26 -71.79 -2.34
CA ARG F 510 -34.61 -70.99 -3.51
C ARG F 510 -35.66 -71.70 -4.33
N PHE F 511 -36.33 -70.93 -5.18
CA PHE F 511 -37.38 -71.48 -6.06
C PHE F 511 -36.71 -71.70 -7.41
N GLU F 512 -36.90 -72.88 -7.99
CA GLU F 512 -36.34 -73.21 -9.34
C GLU F 512 -37.44 -73.87 -10.14
N LYS F 513 -37.83 -73.24 -11.25
CA LYS F 513 -39.01 -73.63 -12.05
C LYS F 513 -40.26 -73.65 -11.14
N GLY F 514 -40.32 -72.76 -10.11
CA GLY F 514 -41.48 -72.52 -9.23
C GLY F 514 -41.62 -73.59 -8.14
N LYS F 515 -40.59 -74.41 -7.94
CA LYS F 515 -40.55 -75.45 -6.89
C LYS F 515 -39.49 -75.09 -5.88
N TRP F 516 -39.78 -75.25 -4.60
CA TRP F 516 -38.78 -75.01 -3.52
C TRP F 516 -37.64 -76.02 -3.52
N VAL F 517 -36.44 -75.52 -3.54
CA VAL F 517 -35.21 -76.33 -3.45
C VAL F 517 -34.54 -75.94 -2.11
N MET F 518 -34.29 -76.91 -1.24
CA MET F 518 -33.61 -76.66 0.03
C MET F 518 -32.10 -76.68 -0.23
N GLU F 519 -31.41 -75.70 0.32
CA GLU F 519 -29.93 -75.62 0.34
C GLU F 519 -29.35 -76.14 1.66
N ARG F 520 -29.94 -75.70 2.76
CA ARG F 520 -29.50 -76.12 4.12
C ARG F 520 -30.61 -75.88 5.10
N VAL F 521 -30.39 -76.41 6.29
CA VAL F 521 -31.28 -76.20 7.47
C VAL F 521 -30.58 -75.23 8.42
N TRP F 522 -31.26 -74.15 8.79
CA TRP F 522 -30.75 -73.28 9.88
C TRP F 522 -31.16 -73.96 11.17
N ASN F 523 -30.24 -74.09 12.09
CA ASN F 523 -30.51 -74.67 13.41
C ASN F 523 -29.44 -74.22 14.39
N GLY F 524 -29.53 -74.70 15.63
CA GLY F 524 -28.54 -74.33 16.63
C GLY F 524 -28.35 -72.82 16.74
N ASP F 525 -27.13 -72.34 16.78
CA ASP F 525 -26.85 -70.89 16.92
C ASP F 525 -27.69 -70.06 15.95
N GLN F 526 -27.98 -70.59 14.76
CA GLN F 526 -28.66 -69.75 13.75
C GLN F 526 -30.16 -69.64 14.01
N THR F 527 -30.73 -70.38 14.94
CA THR F 527 -32.15 -70.23 15.29
C THR F 527 -32.37 -70.00 16.80
N ASP F 528 -31.33 -70.01 17.63
CA ASP F 528 -31.44 -69.85 19.10
C ASP F 528 -31.79 -68.42 19.45
N TRP F 529 -31.31 -67.46 18.67
CA TRP F 529 -31.42 -66.03 18.97
C TRP F 529 -32.15 -65.33 17.83
N GLY F 530 -33.28 -65.87 17.45
CA GLY F 530 -34.01 -65.37 16.25
C GLY F 530 -33.31 -65.72 14.98
N LEU F 531 -33.83 -65.15 13.91
CA LEU F 531 -33.30 -65.34 12.57
C LEU F 531 -32.56 -64.04 12.21
N ASN F 532 -31.24 -64.10 12.26
CA ASN F 532 -30.38 -62.90 12.07
C ASN F 532 -29.90 -62.74 10.63
N PHE F 533 -30.16 -61.58 10.03
CA PHE F 533 -29.78 -61.27 8.63
C PHE F 533 -28.78 -60.13 8.61
N THR F 534 -27.75 -60.22 7.74
CA THR F 534 -26.79 -59.17 7.48
C THR F 534 -27.18 -58.48 6.17
N ASP F 535 -26.23 -58.19 5.31
CA ASP F 535 -26.49 -57.57 4.00
C ASP F 535 -26.63 -58.60 2.90
N ARG F 536 -26.45 -59.91 3.18
CA ARG F 536 -26.48 -60.96 2.15
C ARG F 536 -27.89 -61.53 2.09
N PRO F 537 -28.34 -62.00 0.90
CA PRO F 537 -29.67 -62.54 0.71
C PRO F 537 -29.74 -63.98 1.22
N HIS F 538 -30.70 -64.20 2.08
CA HIS F 538 -31.14 -65.53 2.49
C HIS F 538 -32.65 -65.59 2.49
N LEU F 539 -33.18 -66.59 1.80
CA LEU F 539 -34.63 -66.82 1.78
C LEU F 539 -34.96 -68.10 2.58
N LEU F 540 -35.80 -67.94 3.59
CA LEU F 540 -36.10 -69.01 4.56
C LEU F 540 -37.54 -69.46 4.53
N ARG F 541 -37.72 -70.75 4.72
CA ARG F 541 -39.07 -71.29 4.99
C ARG F 541 -39.05 -71.67 6.47
N VAL F 542 -39.97 -71.10 7.21
CA VAL F 542 -40.05 -71.24 8.69
C VAL F 542 -41.32 -72.00 9.04
N LYS F 543 -41.14 -73.15 9.71
CA LYS F 543 -42.27 -73.97 10.19
C LYS F 543 -42.27 -73.97 11.72
N MET F 544 -43.36 -73.51 12.32
CA MET F 544 -43.52 -73.41 13.78
C MET F 544 -44.39 -74.58 14.23
N ALA F 545 -44.25 -75.00 15.48
CA ALA F 545 -45.10 -76.04 16.05
C ALA F 545 -45.45 -75.74 17.49
N SER F 546 -46.67 -76.03 17.87
CA SER F 546 -47.03 -76.12 19.30
C SER F 546 -47.04 -77.60 19.62
N TYR F 547 -46.60 -78.00 20.81
CA TYR F 547 -46.53 -79.44 21.18
C TYR F 547 -46.96 -79.60 22.63
N SER F 548 -47.52 -80.76 22.93
CA SER F 548 -48.04 -81.09 24.27
C SER F 548 -46.90 -81.55 25.16
N VAL F 549 -46.93 -81.14 26.43
CA VAL F 549 -46.02 -81.73 27.43
C VAL F 549 -46.84 -82.43 28.52
N GLN F 550 -48.14 -82.66 28.34
CA GLN F 550 -48.88 -83.51 29.32
C GLN F 550 -48.88 -84.94 28.75
N ALA G 11 -3.88 -101.59 4.87
CA ALA G 11 -5.01 -101.41 5.85
C ALA G 11 -4.56 -100.55 7.03
N ALA G 12 -4.65 -99.22 6.90
CA ALA G 12 -4.36 -98.25 7.98
C ALA G 12 -5.00 -98.72 9.29
N PRO G 13 -4.25 -98.66 10.41
CA PRO G 13 -4.79 -99.01 11.72
C PRO G 13 -5.81 -97.97 12.14
N LEU G 14 -6.74 -98.39 12.98
CA LEU G 14 -7.81 -97.51 13.48
C LEU G 14 -7.14 -96.38 14.26
N PRO G 15 -7.69 -95.15 14.20
CA PRO G 15 -7.26 -94.13 15.12
C PRO G 15 -7.54 -94.62 16.53
N GLU G 16 -6.68 -94.28 17.48
CA GLU G 16 -6.94 -94.61 18.88
C GLU G 16 -6.38 -93.56 19.85
N LEU G 17 -7.06 -93.37 20.97
CA LEU G 17 -6.49 -92.59 22.06
C LEU G 17 -5.75 -93.53 23.04
N LEU G 18 -4.44 -93.33 23.18
CA LEU G 18 -3.52 -94.02 24.15
C LEU G 18 -3.32 -93.14 25.40
N SER G 19 -3.11 -93.77 26.55
CA SER G 19 -2.85 -93.11 27.84
C SER G 19 -1.82 -93.96 28.58
N ASN G 20 -0.64 -93.41 28.90
CA ASN G 20 0.48 -94.17 29.51
C ASN G 20 1.30 -93.21 30.39
N ASN G 21 1.60 -93.65 31.63
CA ASN G 21 2.28 -92.76 32.62
C ASN G 21 1.67 -91.35 32.72
N GLY G 22 0.34 -91.22 32.82
CA GLY G 22 -0.36 -89.92 32.91
C GLY G 22 -0.17 -89.01 31.70
N LYS G 23 0.28 -89.57 30.56
CA LYS G 23 0.43 -88.84 29.28
C LYS G 23 -0.52 -89.49 28.27
N HIS G 24 -0.74 -88.83 27.15
CA HIS G 24 -1.83 -89.25 26.24
C HIS G 24 -1.39 -89.02 24.82
N ALA G 25 -1.93 -89.81 23.89
CA ALA G 25 -1.67 -89.51 22.46
C ALA G 25 -2.86 -89.92 21.63
N LEU G 26 -3.19 -89.08 20.67
CA LEU G 26 -4.15 -89.52 19.64
C LEU G 26 -3.36 -90.15 18.51
N MET G 27 -3.52 -91.45 18.38
CA MET G 27 -2.80 -92.19 17.33
C MET G 27 -3.64 -92.08 16.05
N VAL G 28 -3.01 -91.68 14.97
CA VAL G 28 -3.69 -91.60 13.64
C VAL G 28 -2.70 -92.17 12.65
N ASP G 29 -3.13 -93.23 11.95
CA ASP G 29 -2.24 -93.86 10.95
C ASP G 29 -1.04 -94.43 11.73
N GLY G 30 -1.26 -94.91 12.95
CA GLY G 30 -0.31 -95.62 13.81
C GLY G 30 0.80 -94.78 14.39
N ALA G 31 0.65 -93.46 14.44
CA ALA G 31 1.59 -92.63 15.23
C ALA G 31 0.88 -91.40 15.80
N PRO G 32 1.44 -90.78 16.87
CA PRO G 32 0.84 -89.62 17.50
C PRO G 32 0.50 -88.52 16.47
N TYR G 33 -0.63 -87.85 16.72
CA TYR G 33 -1.15 -86.81 15.79
C TYR G 33 -1.68 -85.62 16.63
N ILE G 34 -1.48 -84.42 16.11
CA ILE G 34 -2.10 -83.19 16.69
C ILE G 34 -3.20 -82.70 15.76
N ILE G 35 -4.39 -82.52 16.30
CA ILE G 35 -5.50 -81.88 15.58
C ILE G 35 -5.27 -80.37 15.54
N LEU G 36 -4.91 -79.84 14.40
CA LEU G 36 -4.78 -78.39 14.19
C LEU G 36 -6.08 -78.06 13.47
N GLY G 37 -7.11 -77.85 14.26
CA GLY G 37 -8.49 -77.95 13.77
C GLY G 37 -9.20 -76.66 13.39
N SER G 38 -10.44 -76.86 13.01
CA SER G 38 -11.40 -75.78 12.77
C SER G 38 -12.78 -76.42 12.85
N GLN G 39 -13.75 -75.71 13.38
CA GLN G 39 -15.13 -76.20 13.41
C GLN G 39 -16.00 -75.23 12.62
N THR G 40 -16.91 -75.75 11.82
CA THR G 40 -17.91 -74.92 11.13
C THR G 40 -18.89 -74.27 12.11
N ASN G 41 -19.64 -73.32 11.60
CA ASN G 41 -20.91 -72.86 12.24
C ASN G 41 -21.91 -74.00 12.26
N ASN G 42 -22.97 -73.81 13.01
CA ASN G 42 -23.92 -74.87 13.32
C ASN G 42 -24.81 -75.29 12.16
N SER G 43 -24.89 -74.49 11.11
CA SER G 43 -25.83 -74.72 9.99
C SER G 43 -25.05 -74.95 8.69
N SER G 44 -23.84 -75.49 8.75
CA SER G 44 -22.99 -75.70 7.55
C SER G 44 -22.93 -77.21 7.21
N ASN G 45 -23.74 -78.03 7.86
CA ASN G 45 -23.74 -79.51 7.75
C ASN G 45 -24.58 -79.94 6.55
N TYR G 46 -24.44 -79.27 5.42
CA TYR G 46 -25.23 -79.55 4.18
C TYR G 46 -24.28 -79.46 2.97
N PRO G 47 -24.45 -80.29 1.92
CA PRO G 47 -23.57 -80.25 0.75
C PRO G 47 -23.40 -78.85 0.17
N ASP G 48 -24.48 -78.06 0.10
CA ASP G 48 -24.43 -76.73 -0.55
C ASP G 48 -23.55 -75.81 0.28
N ALA G 49 -23.43 -76.07 1.60
CA ALA G 49 -22.72 -75.09 2.47
C ALA G 49 -21.22 -75.33 2.45
N LEU G 50 -20.77 -76.51 2.00
CA LEU G 50 -19.32 -76.88 2.08
C LEU G 50 -18.45 -75.92 1.30
N LYS G 51 -18.95 -75.32 0.23
CA LYS G 51 -18.13 -74.42 -0.61
C LYS G 51 -17.70 -73.20 0.22
N ASP G 52 -18.43 -72.93 1.30
CA ASP G 52 -18.18 -71.80 2.20
C ASP G 52 -17.32 -72.22 3.40
N VAL G 53 -16.99 -73.49 3.51
CA VAL G 53 -16.16 -74.07 4.60
C VAL G 53 -14.72 -74.27 4.10
N TRP G 54 -14.55 -74.88 2.94
CA TRP G 54 -13.19 -75.32 2.54
C TRP G 54 -12.21 -74.15 2.43
N PRO G 55 -12.56 -72.99 1.83
CA PRO G 55 -11.57 -71.93 1.63
C PRO G 55 -10.93 -71.56 2.98
N SER G 56 -11.74 -71.41 4.02
CA SER G 56 -11.24 -71.05 5.37
C SER G 56 -10.29 -72.14 5.83
N MET G 57 -10.65 -73.40 5.63
CA MET G 57 -9.77 -74.46 6.12
C MET G 57 -8.40 -74.33 5.47
N GLU G 58 -8.34 -74.10 4.16
CA GLU G 58 -7.04 -73.95 3.46
C GLU G 58 -6.29 -72.72 4.00
N LYS G 59 -6.96 -71.59 4.12
CA LYS G 59 -6.32 -70.32 4.59
C LYS G 59 -5.75 -70.53 5.98
N MET G 60 -6.45 -71.30 6.78
CA MET G 60 -6.04 -71.49 8.20
C MET G 60 -4.87 -72.49 8.25
N GLY G 61 -4.76 -73.39 7.29
CA GLY G 61 -3.72 -74.44 7.38
C GLY G 61 -4.14 -75.54 8.33
N ALA G 62 -5.41 -75.72 8.62
CA ALA G 62 -5.96 -76.75 9.52
C ALA G 62 -5.78 -78.14 8.89
N ASN G 63 -5.56 -79.14 9.72
CA ASN G 63 -5.44 -80.54 9.25
C ASN G 63 -6.70 -81.34 9.48
N THR G 64 -7.66 -80.80 10.22
CA THR G 64 -8.82 -81.57 10.63
C THR G 64 -10.00 -80.63 10.75
N LEU G 65 -11.15 -81.01 10.17
CA LEU G 65 -12.38 -80.20 10.23
C LEU G 65 -13.34 -80.90 11.17
N SER G 66 -13.90 -80.13 12.12
CA SER G 66 -15.03 -80.59 12.96
C SER G 66 -16.32 -80.04 12.39
N ILE G 67 -17.32 -80.89 12.18
CA ILE G 67 -18.59 -80.47 11.49
C ILE G 67 -19.71 -81.39 11.99
N PRO G 68 -20.93 -80.88 12.20
CA PRO G 68 -22.08 -81.64 12.72
C PRO G 68 -22.55 -82.69 11.69
N VAL G 69 -23.07 -83.80 12.22
CA VAL G 69 -23.92 -84.75 11.49
C VAL G 69 -25.15 -84.85 12.37
N ALA G 70 -26.25 -84.37 11.90
CA ALA G 70 -27.47 -84.23 12.69
C ALA G 70 -28.33 -85.46 12.56
N TRP G 71 -28.91 -85.88 13.68
CA TRP G 71 -29.90 -86.97 13.72
C TRP G 71 -31.04 -86.60 12.77
N GLU G 72 -31.44 -85.33 12.76
CA GLU G 72 -32.61 -84.92 11.94
C GLU G 72 -32.30 -85.14 10.47
N GLN G 73 -31.05 -85.00 10.03
CA GLN G 73 -30.76 -85.14 8.58
C GLN G 73 -30.53 -86.60 8.20
N ILE G 74 -30.01 -87.43 9.10
CA ILE G 74 -29.77 -88.87 8.75
C ILE G 74 -31.01 -89.72 8.95
N GLU G 75 -31.97 -89.31 9.77
CA GLU G 75 -33.20 -90.11 10.03
C GLU G 75 -34.43 -89.21 10.04
N PRO G 76 -34.74 -88.52 8.92
CA PRO G 76 -35.79 -87.52 8.91
C PRO G 76 -37.19 -88.09 9.22
N VAL G 77 -37.37 -89.34 8.80
CA VAL G 77 -38.57 -90.19 8.99
C VAL G 77 -38.07 -91.46 9.67
N GLU G 78 -38.79 -91.97 10.68
CA GLU G 78 -38.22 -93.08 11.47
C GLU G 78 -37.94 -94.30 10.56
N GLY G 79 -36.75 -94.84 10.68
CA GLY G 79 -36.28 -96.04 9.96
C GLY G 79 -35.83 -95.73 8.55
N GLN G 80 -35.91 -94.47 8.11
CA GLN G 80 -35.61 -94.06 6.70
C GLN G 80 -34.34 -93.22 6.69
N PHE G 81 -33.20 -93.88 6.56
CA PHE G 81 -31.87 -93.28 6.69
C PHE G 81 -31.39 -92.63 5.41
N ASP G 82 -30.70 -91.51 5.62
CA ASP G 82 -30.18 -90.61 4.58
C ASP G 82 -28.73 -90.23 4.90
N PHE G 83 -27.75 -90.79 4.18
CA PHE G 83 -26.34 -90.45 4.44
C PHE G 83 -25.73 -89.63 3.29
N SER G 84 -26.60 -89.02 2.50
CA SER G 84 -26.19 -88.21 1.33
C SER G 84 -25.23 -87.08 1.73
N PHE G 85 -25.41 -86.44 2.86
CA PHE G 85 -24.40 -85.40 3.26
C PHE G 85 -23.03 -86.02 3.62
N VAL G 86 -23.05 -87.12 4.39
CA VAL G 86 -21.81 -87.78 4.84
C VAL G 86 -21.05 -88.20 3.57
N ASP G 87 -21.74 -88.79 2.62
CA ASP G 87 -21.07 -89.22 1.37
C ASP G 87 -20.26 -88.05 0.77
N VAL G 88 -20.92 -86.91 0.56
CA VAL G 88 -20.27 -85.72 -0.08
C VAL G 88 -19.12 -85.27 0.84
N LEU G 89 -19.41 -85.12 2.12
CA LEU G 89 -18.42 -84.63 3.08
C LEU G 89 -17.17 -85.49 3.03
N LEU G 90 -17.28 -86.82 3.04
CA LEU G 90 -16.07 -87.66 3.08
C LEU G 90 -15.31 -87.42 1.78
N LYS G 91 -16.04 -87.41 0.64
CA LYS G 91 -15.37 -87.27 -0.69
C LYS G 91 -14.63 -85.93 -0.72
N GLU G 92 -15.28 -84.86 -0.31
CA GLU G 92 -14.65 -83.53 -0.41
C GLU G 92 -13.53 -83.39 0.61
N ALA G 93 -13.63 -83.97 1.81
CA ALA G 93 -12.53 -83.93 2.78
C ALA G 93 -11.31 -84.64 2.17
N ARG G 94 -11.54 -85.80 1.59
CA ARG G 94 -10.37 -86.55 1.06
C ARG G 94 -9.64 -85.82 -0.05
N GLN G 95 -10.35 -85.12 -0.90
CA GLN G 95 -9.68 -84.50 -2.07
C GLN G 95 -8.97 -83.24 -1.58
N ARG G 96 -9.37 -82.66 -0.43
CA ARG G 96 -8.65 -81.50 0.17
C ARG G 96 -7.57 -81.94 1.15
N LYS G 97 -7.35 -83.25 1.32
CA LYS G 97 -6.28 -83.79 2.17
C LYS G 97 -6.47 -83.29 3.62
N VAL G 98 -7.68 -83.47 4.13
CA VAL G 98 -7.91 -83.19 5.56
C VAL G 98 -8.70 -84.31 6.21
N ARG G 99 -8.56 -84.39 7.53
CA ARG G 99 -9.26 -85.43 8.32
C ARG G 99 -10.52 -84.80 8.90
N LEU G 100 -11.42 -85.61 9.47
CA LEU G 100 -12.70 -85.10 10.02
C LEU G 100 -12.89 -85.55 11.47
N VAL G 101 -13.64 -84.73 12.22
CA VAL G 101 -14.24 -85.08 13.51
C VAL G 101 -15.72 -84.83 13.33
N LEU G 102 -16.55 -85.87 13.32
CA LEU G 102 -18.03 -85.68 13.14
C LEU G 102 -18.64 -85.40 14.51
N LEU G 103 -19.56 -84.44 14.58
CA LEU G 103 -20.24 -84.06 15.84
C LEU G 103 -21.69 -84.53 15.79
N TRP G 104 -22.00 -85.58 16.56
CA TRP G 104 -23.32 -86.20 16.56
C TRP G 104 -24.29 -85.31 17.33
N PHE G 105 -25.02 -84.51 16.58
CA PHE G 105 -26.03 -83.60 17.16
C PHE G 105 -27.34 -84.39 17.29
N ALA G 106 -27.76 -84.73 18.51
CA ALA G 106 -28.83 -85.69 18.69
C ALA G 106 -29.75 -85.39 19.86
N THR G 107 -29.75 -86.25 20.87
CA THR G 107 -30.55 -85.98 22.08
C THR G 107 -30.24 -84.61 22.67
N TRP G 108 -28.97 -84.25 22.78
CA TRP G 108 -28.59 -82.86 23.26
C TRP G 108 -27.73 -82.14 22.27
N LYS G 109 -28.13 -80.93 21.95
CA LYS G 109 -27.26 -79.94 21.30
C LYS G 109 -27.48 -78.69 22.17
N ASN G 110 -26.44 -78.32 22.90
CA ASN G 110 -26.57 -77.16 23.83
C ASN G 110 -27.84 -77.32 24.67
N ASN G 111 -27.91 -78.47 25.31
CA ASN G 111 -28.99 -78.87 26.26
C ASN G 111 -30.31 -79.23 25.60
N ALA G 112 -30.51 -79.03 24.29
CA ALA G 112 -31.86 -79.09 23.70
C ALA G 112 -31.94 -80.13 22.58
N PRO G 113 -33.18 -80.50 22.18
CA PRO G 113 -33.41 -81.52 21.16
C PRO G 113 -33.65 -81.00 19.75
N HIS G 114 -33.17 -79.79 19.47
CA HIS G 114 -33.50 -79.13 18.20
C HIS G 114 -32.96 -79.89 17.00
N TYR G 115 -31.90 -80.66 17.15
CA TYR G 115 -31.37 -81.43 16.02
C TYR G 115 -31.87 -82.88 16.00
N ALA G 116 -32.74 -83.27 16.92
CA ALA G 116 -33.41 -84.58 16.80
C ALA G 116 -34.50 -84.42 15.73
N PRO G 117 -34.92 -85.51 15.04
CA PRO G 117 -35.94 -85.44 13.99
C PRO G 117 -37.25 -84.85 14.54
N ALA G 118 -38.11 -84.30 13.71
CA ALA G 118 -39.44 -83.82 14.21
C ALA G 118 -40.21 -84.93 14.94
N TRP G 119 -40.14 -86.19 14.46
CA TRP G 119 -40.88 -87.30 15.07
C TRP G 119 -40.32 -87.64 16.47
N VAL G 120 -39.20 -87.05 16.89
CA VAL G 120 -38.59 -87.21 18.23
C VAL G 120 -38.97 -85.93 19.01
N LYS G 121 -38.55 -84.75 18.55
CA LYS G 121 -38.61 -83.53 19.41
C LYS G 121 -40.07 -83.01 19.53
N LEU G 122 -40.99 -83.50 18.70
CA LEU G 122 -42.43 -83.10 18.87
C LEU G 122 -43.25 -84.15 19.64
N ASP G 123 -42.68 -85.27 20.08
CA ASP G 123 -43.50 -86.35 20.70
C ASP G 123 -43.00 -86.53 22.14
N ASN G 124 -43.43 -85.62 23.01
CA ASN G 124 -42.95 -85.62 24.42
C ASN G 124 -43.41 -86.91 25.16
N ALA G 125 -44.62 -87.44 24.90
CA ALA G 125 -45.05 -88.65 25.63
C ALA G 125 -44.04 -89.78 25.42
N ARG G 126 -43.52 -89.91 24.21
CA ARG G 126 -42.61 -91.03 23.80
C ARG G 126 -41.18 -90.70 24.25
N PHE G 127 -40.80 -89.42 24.13
CA PHE G 127 -39.45 -88.94 24.29
C PHE G 127 -39.49 -87.77 25.26
N PRO G 128 -39.53 -88.04 26.59
CA PRO G 128 -39.91 -87.02 27.60
C PRO G 128 -38.81 -86.05 28.04
N ARG G 129 -39.26 -84.80 28.22
CA ARG G 129 -38.42 -83.68 28.68
C ARG G 129 -38.29 -83.67 30.17
N VAL G 130 -37.20 -83.08 30.64
CA VAL G 130 -36.98 -82.69 32.05
C VAL G 130 -38.19 -81.91 32.57
N VAL G 131 -38.65 -82.32 33.74
CA VAL G 131 -39.75 -81.59 34.44
C VAL G 131 -39.10 -80.92 35.64
N LYS G 132 -39.45 -79.68 35.89
CA LYS G 132 -38.82 -78.94 37.00
C LYS G 132 -39.52 -79.34 38.31
N GLU G 133 -38.94 -78.94 39.45
CA GLU G 133 -39.53 -79.21 40.80
C GLU G 133 -40.94 -78.62 40.80
N ASP G 134 -41.17 -77.51 40.12
CA ASP G 134 -42.46 -76.75 40.16
C ASP G 134 -43.45 -77.33 39.15
N GLY G 135 -43.03 -78.38 38.44
CA GLY G 135 -43.92 -79.13 37.54
C GLY G 135 -43.94 -78.60 36.12
N ASP G 136 -43.29 -77.46 35.86
CA ASP G 136 -43.15 -76.87 34.51
C ASP G 136 -42.15 -77.75 33.74
N THR G 137 -42.22 -77.74 32.41
CA THR G 137 -41.33 -78.56 31.54
C THR G 137 -40.28 -77.67 30.87
N LEU G 138 -39.04 -78.13 30.82
CA LEU G 138 -37.95 -77.50 30.02
C LEU G 138 -37.75 -78.26 28.71
N ASN G 139 -37.28 -77.53 27.70
CA ASN G 139 -36.99 -78.12 26.37
C ASN G 139 -35.62 -78.79 26.46
N SER G 140 -35.51 -79.88 27.22
CA SER G 140 -34.26 -80.61 27.44
C SER G 140 -34.63 -82.07 27.63
N LEU G 141 -34.20 -83.01 26.80
CA LEU G 141 -34.73 -84.38 26.96
C LEU G 141 -34.14 -85.01 28.21
N SER G 142 -34.96 -85.77 28.91
CA SER G 142 -34.51 -86.44 30.15
C SER G 142 -33.59 -87.60 29.83
N PRO G 143 -32.47 -87.82 30.53
CA PRO G 143 -31.58 -88.96 30.25
C PRO G 143 -32.18 -90.29 30.75
N LEU G 144 -33.34 -90.24 31.43
CA LEU G 144 -34.02 -91.44 31.93
C LEU G 144 -35.09 -91.86 30.91
N GLY G 145 -35.22 -91.14 29.80
CA GLY G 145 -36.17 -91.55 28.76
C GLY G 145 -35.66 -92.79 28.06
N GLN G 146 -36.24 -93.96 28.29
CA GLN G 146 -35.62 -95.19 27.72
C GLN G 146 -35.87 -95.23 26.19
N ASN G 147 -36.99 -94.73 25.67
CA ASN G 147 -37.27 -94.76 24.21
C ASN G 147 -36.26 -93.85 23.50
N THR G 148 -35.97 -92.72 24.12
CA THR G 148 -35.02 -91.73 23.59
C THR G 148 -33.67 -92.40 23.43
N LEU G 149 -33.20 -93.06 24.50
CA LEU G 149 -31.84 -93.67 24.46
C LEU G 149 -31.83 -94.69 23.32
N ALA G 150 -32.86 -95.54 23.25
CA ALA G 150 -32.92 -96.60 22.22
C ALA G 150 -32.89 -95.99 20.81
N ALA G 151 -33.59 -94.89 20.63
CA ALA G 151 -33.73 -94.24 19.30
C ALA G 151 -32.41 -93.56 18.90
N ASP G 152 -31.79 -92.85 19.85
CA ASP G 152 -30.47 -92.21 19.61
C ASP G 152 -29.43 -93.27 19.25
N LYS G 153 -29.28 -94.28 20.12
CA LYS G 153 -28.43 -95.46 19.87
C LYS G 153 -28.68 -96.02 18.46
N LYS G 154 -29.91 -96.29 18.06
CA LYS G 154 -30.20 -96.96 16.76
C LYS G 154 -29.59 -96.09 15.64
N ALA G 155 -29.85 -94.79 15.68
CA ALA G 155 -29.45 -93.92 14.57
C ALA G 155 -27.92 -93.78 14.55
N PHE G 156 -27.32 -93.68 15.75
CA PHE G 156 -25.84 -93.59 15.90
C PHE G 156 -25.20 -94.87 15.31
N VAL G 157 -25.80 -96.04 15.55
CA VAL G 157 -25.31 -97.34 15.01
C VAL G 157 -25.29 -97.32 13.48
N GLU G 158 -26.37 -96.80 12.85
CA GLU G 158 -26.44 -96.67 11.38
C GLU G 158 -25.34 -95.74 10.89
N LEU G 159 -25.11 -94.60 11.58
CA LEU G 159 -24.03 -93.69 11.12
C LEU G 159 -22.70 -94.43 11.24
N MET G 160 -22.43 -95.19 12.32
CA MET G 160 -21.09 -95.86 12.43
CA MET G 160 -21.10 -95.87 12.45
C MET G 160 -21.02 -97.01 11.40
N LYS G 161 -22.13 -97.67 11.12
CA LYS G 161 -22.22 -98.66 10.00
C LYS G 161 -21.80 -97.99 8.68
N TYR G 162 -22.29 -96.75 8.38
CA TYR G 162 -21.90 -96.06 7.15
C TYR G 162 -20.39 -95.88 7.18
N LEU G 163 -19.81 -95.48 8.31
CA LEU G 163 -18.36 -95.23 8.33
C LEU G 163 -17.63 -96.59 8.17
N ALA G 164 -18.18 -97.68 8.70
CA ALA G 164 -17.45 -98.97 8.64
C ALA G 164 -17.36 -99.40 7.16
N LYS G 165 -18.40 -99.16 6.36
CA LYS G 165 -18.44 -99.62 4.94
C LYS G 165 -17.90 -98.55 3.98
N ARG G 166 -17.86 -97.29 4.38
CA ARG G 166 -17.53 -96.20 3.43
C ARG G 166 -16.27 -95.41 3.84
N ASP G 167 -15.60 -95.76 4.94
CA ASP G 167 -14.47 -94.93 5.40
C ASP G 167 -13.31 -95.83 5.85
N LYS G 168 -12.87 -96.75 5.01
CA LYS G 168 -11.87 -97.74 5.41
C LYS G 168 -10.49 -97.14 5.72
N ASP G 169 -10.19 -95.93 5.24
CA ASP G 169 -8.88 -95.26 5.44
C ASP G 169 -9.04 -94.27 6.61
N HIS G 170 -10.19 -94.25 7.25
CA HIS G 170 -10.40 -93.48 8.51
C HIS G 170 -10.24 -91.96 8.23
N THR G 171 -10.85 -91.45 7.18
CA THR G 171 -10.88 -89.97 7.00
C THR G 171 -11.51 -89.35 8.28
N VAL G 172 -12.56 -89.98 8.77
CA VAL G 172 -13.09 -89.65 10.12
C VAL G 172 -12.17 -90.25 11.17
N ILE G 173 -11.57 -89.42 12.02
CA ILE G 173 -10.59 -89.88 13.04
C ILE G 173 -11.19 -89.94 14.44
N MET G 174 -12.28 -89.26 14.69
CA MET G 174 -12.90 -89.15 16.05
C MET G 174 -14.38 -88.75 15.86
N VAL G 175 -15.21 -89.06 16.83
CA VAL G 175 -16.65 -88.71 16.83
C VAL G 175 -17.03 -88.08 18.16
N GLN G 176 -17.63 -86.92 18.10
CA GLN G 176 -18.17 -86.25 19.31
C GLN G 176 -19.58 -86.80 19.54
N VAL G 177 -19.85 -87.33 20.73
CA VAL G 177 -21.15 -87.98 21.01
C VAL G 177 -22.00 -86.92 21.71
N GLN G 178 -23.05 -86.42 21.04
CA GLN G 178 -23.90 -85.29 21.50
C GLN G 178 -23.10 -84.00 21.41
N ASN G 179 -23.71 -82.89 21.84
CA ASN G 179 -22.98 -81.60 21.82
C ASN G 179 -23.43 -80.77 23.01
N GLU G 180 -22.56 -80.56 23.97
CA GLU G 180 -22.88 -79.75 25.16
C GLU G 180 -24.15 -80.26 25.83
N VAL G 181 -24.05 -81.43 26.44
CA VAL G 181 -25.19 -82.07 27.11
C VAL G 181 -25.49 -81.31 28.41
N GLY G 182 -26.68 -81.55 28.90
CA GLY G 182 -27.11 -81.00 30.20
C GLY G 182 -28.42 -80.27 30.15
N THR G 183 -28.69 -79.51 31.18
CA THR G 183 -29.95 -78.75 31.26
C THR G 183 -29.69 -77.35 31.83
N TYR G 184 -30.22 -76.35 31.15
CA TYR G 184 -30.33 -74.97 31.67
C TYR G 184 -31.72 -74.86 32.30
N GLY G 185 -31.84 -74.18 33.45
CA GLY G 185 -33.16 -73.90 34.06
C GLY G 185 -33.53 -74.84 35.20
N ALA G 186 -32.81 -75.95 35.36
CA ALA G 186 -33.02 -76.92 36.47
C ALA G 186 -31.75 -77.73 36.68
N VAL G 187 -31.65 -78.39 37.81
CA VAL G 187 -30.42 -79.11 38.20
C VAL G 187 -30.56 -80.53 37.59
N ARG G 188 -31.78 -81.09 37.55
CA ARG G 188 -32.00 -82.49 37.11
C ARG G 188 -33.46 -82.65 36.66
N ASP G 189 -33.83 -83.87 36.25
CA ASP G 189 -35.25 -84.22 35.96
C ASP G 189 -35.93 -84.57 37.30
N TYR G 190 -37.05 -83.89 37.63
CA TYR G 190 -37.84 -84.15 38.85
C TYR G 190 -39.16 -84.84 38.48
N SER G 191 -39.31 -85.34 37.24
CA SER G 191 -40.46 -86.18 36.85
C SER G 191 -40.58 -87.35 37.80
N PRO G 192 -41.81 -87.88 38.02
CA PRO G 192 -42.02 -89.10 38.78
C PRO G 192 -41.06 -90.22 38.36
N MET G 193 -40.89 -90.38 37.05
CA MET G 193 -40.03 -91.45 36.48
C MET G 193 -38.61 -91.20 36.99
N ALA G 194 -38.13 -89.96 36.97
CA ALA G 194 -36.78 -89.59 37.46
C ALA G 194 -36.68 -89.70 38.99
N GLN G 195 -37.67 -89.18 39.71
CA GLN G 195 -37.64 -89.15 41.18
C GLN G 195 -37.65 -90.60 41.68
N ALA G 196 -38.36 -91.52 41.01
CA ALA G 196 -38.37 -92.95 41.44
C ALA G 196 -36.93 -93.49 41.46
N VAL G 197 -36.09 -93.06 40.49
CA VAL G 197 -34.66 -93.47 40.38
C VAL G 197 -33.81 -92.73 41.43
N PHE G 198 -34.05 -91.42 41.66
CA PHE G 198 -33.30 -90.58 42.64
C PHE G 198 -33.50 -91.17 44.05
N ASN G 199 -34.71 -91.63 44.34
CA ASN G 199 -35.06 -92.20 45.67
C ASN G 199 -34.54 -93.62 45.83
N ALA G 200 -34.05 -94.23 44.76
CA ALA G 200 -33.43 -95.57 44.77
C ALA G 200 -31.97 -95.49 45.18
N ALA G 201 -31.36 -96.66 45.41
CA ALA G 201 -29.95 -96.82 45.82
C ALA G 201 -29.08 -96.27 44.69
N VAL G 202 -27.98 -95.62 45.04
CA VAL G 202 -26.93 -95.33 44.04
C VAL G 202 -26.39 -96.65 43.46
N PRO G 203 -26.23 -96.79 42.13
CA PRO G 203 -25.61 -98.00 41.57
C PRO G 203 -24.31 -98.44 42.27
N ASP G 204 -24.15 -99.75 42.50
CA ASP G 204 -23.03 -100.31 43.31
C ASP G 204 -21.70 -99.92 42.66
N ASP G 205 -21.61 -99.93 41.34
CA ASP G 205 -20.33 -99.68 40.61
C ASP G 205 -19.84 -98.24 40.85
N LEU G 206 -20.75 -97.26 40.97
CA LEU G 206 -20.36 -95.85 41.25
C LEU G 206 -19.83 -95.77 42.69
N ILE G 207 -20.50 -96.44 43.62
CA ILE G 207 -20.11 -96.52 45.05
C ILE G 207 -18.67 -97.07 45.15
N GLN G 208 -18.41 -98.22 44.53
CA GLN G 208 -17.11 -98.94 44.50
C GLN G 208 -16.01 -98.02 43.97
N LYS G 209 -16.25 -97.43 42.79
CA LYS G 209 -15.22 -96.64 42.06
C LYS G 209 -14.79 -95.42 42.89
N LEU G 210 -15.71 -94.78 43.60
CA LEU G 210 -15.41 -93.55 44.39
C LEU G 210 -15.14 -93.88 45.86
N GLN G 211 -15.18 -95.18 46.25
CA GLN G 211 -14.99 -95.71 47.63
C GLN G 211 -15.84 -94.90 48.60
N LEU G 212 -17.16 -94.98 48.41
CA LEU G 212 -18.16 -94.28 49.23
C LEU G 212 -19.02 -95.29 50.00
N LYS G 213 -19.74 -94.76 50.99
CA LYS G 213 -20.65 -95.55 51.87
C LYS G 213 -21.94 -95.75 51.09
N PRO G 214 -22.42 -97.00 50.89
CA PRO G 214 -23.72 -97.28 50.28
C PRO G 214 -24.95 -96.44 50.70
N GLY G 215 -25.88 -96.24 49.78
CA GLY G 215 -27.18 -95.60 50.07
C GLY G 215 -27.86 -94.99 48.85
N THR G 216 -28.88 -94.16 49.09
CA THR G 216 -29.60 -93.43 48.00
C THR G 216 -28.84 -92.15 47.65
N TRP G 217 -29.22 -91.54 46.54
CA TRP G 217 -28.51 -90.36 46.03
C TRP G 217 -28.37 -89.31 47.14
N SER G 218 -29.44 -89.00 47.84
CA SER G 218 -29.47 -87.92 48.85
C SER G 218 -28.58 -88.28 50.03
N GLN G 219 -28.51 -89.54 50.38
CA GLN G 219 -27.70 -90.02 51.54
C GLN G 219 -26.20 -89.89 51.27
N VAL G 220 -25.78 -90.33 50.08
CA VAL G 220 -24.35 -90.45 49.68
C VAL G 220 -23.79 -89.05 49.42
N PHE G 221 -24.49 -88.24 48.63
CA PHE G 221 -23.94 -86.98 48.08
C PHE G 221 -24.55 -85.72 48.73
N GLY G 222 -25.61 -85.79 49.53
CA GLY G 222 -26.13 -84.61 50.26
C GLY G 222 -26.36 -83.42 49.33
N ARG G 223 -25.59 -82.34 49.52
CA ARG G 223 -25.88 -81.07 48.81
C ARG G 223 -25.63 -81.22 47.32
N ASP G 224 -24.94 -82.28 46.89
CA ASP G 224 -24.56 -82.45 45.45
C ASP G 224 -25.46 -83.51 44.80
N ALA G 225 -26.45 -84.06 45.50
CA ALA G 225 -27.21 -85.22 45.00
C ALA G 225 -27.90 -84.83 43.68
N ASP G 226 -28.53 -83.66 43.61
CA ASP G 226 -29.37 -83.31 42.43
C ASP G 226 -28.46 -83.24 41.21
N GLU G 227 -27.32 -82.58 41.32
CA GLU G 227 -26.39 -82.35 40.19
C GLU G 227 -25.64 -83.63 39.83
N PHE G 228 -25.16 -84.39 40.82
CA PHE G 228 -24.36 -85.60 40.53
C PHE G 228 -25.28 -86.65 39.90
N PHE G 229 -26.54 -86.68 40.35
CA PHE G 229 -27.58 -87.53 39.72
C PHE G 229 -27.65 -87.21 38.22
N HIS G 230 -27.89 -85.95 37.90
CA HIS G 230 -28.11 -85.55 36.48
C HIS G 230 -26.86 -85.95 35.71
N ALA G 231 -25.71 -85.59 36.28
CA ALA G 231 -24.41 -85.88 35.59
C ALA G 231 -24.30 -87.39 35.35
N TYR G 232 -24.52 -88.18 36.39
CA TYR G 232 -24.39 -89.63 36.30
C TYR G 232 -25.34 -90.17 35.22
N GLN G 233 -26.58 -89.68 35.23
CA GLN G 233 -27.61 -90.25 34.31
C GLN G 233 -27.19 -89.89 32.89
N ILE G 234 -26.74 -88.63 32.67
CA ILE G 234 -26.38 -88.24 31.28
C ILE G 234 -25.10 -88.98 30.83
N ALA G 235 -24.17 -89.18 31.76
CA ALA G 235 -22.92 -89.90 31.45
C ALA G 235 -23.31 -91.33 31.01
N ARG G 236 -24.23 -91.98 31.73
CA ARG G 236 -24.69 -93.36 31.42
C ARG G 236 -25.28 -93.42 30.02
N TYR G 237 -26.11 -92.46 29.69
CA TYR G 237 -26.76 -92.39 28.37
C TYR G 237 -25.70 -92.26 27.30
N CYS G 238 -24.77 -91.32 27.46
CA CYS G 238 -23.74 -91.05 26.44
C CYS G 238 -22.82 -92.28 26.32
N ASP G 239 -22.53 -92.95 27.46
CA ASP G 239 -21.64 -94.13 27.48
C ASP G 239 -22.30 -95.24 26.65
N GLU G 240 -23.62 -95.47 26.82
CA GLU G 240 -24.31 -96.58 26.15
C GLU G 240 -24.36 -96.30 24.66
N VAL G 241 -24.62 -95.05 24.26
CA VAL G 241 -24.58 -94.67 22.84
C VAL G 241 -23.17 -94.91 22.28
N THR G 242 -22.14 -94.52 22.99
CA THR G 242 -20.72 -94.66 22.61
C THR G 242 -20.40 -96.16 22.40
N VAL G 243 -20.81 -96.99 23.36
CA VAL G 243 -20.43 -98.42 23.31
C VAL G 243 -21.11 -99.05 22.09
N ALA G 244 -22.41 -98.74 21.85
CA ALA G 244 -23.18 -99.21 20.67
C ALA G 244 -22.46 -98.81 19.37
N GLY G 245 -21.97 -97.58 19.26
CA GLY G 245 -21.30 -97.15 18.02
C GLY G 245 -19.91 -97.77 17.93
N LYS G 246 -19.17 -97.88 19.03
CA LYS G 246 -17.78 -98.45 18.97
C LYS G 246 -17.82 -99.96 18.59
N ALA G 247 -18.96 -100.64 18.85
CA ALA G 247 -19.17 -102.08 18.56
C ALA G 247 -19.07 -102.23 17.04
N ILE G 248 -19.51 -101.18 16.32
CA ILE G 248 -19.55 -101.20 14.84
C ILE G 248 -18.17 -100.79 14.34
N LYS G 249 -17.67 -99.63 14.78
CA LYS G 249 -16.31 -99.19 14.41
C LYS G 249 -15.75 -98.47 15.62
N ASN G 250 -14.61 -98.97 16.10
CA ASN G 250 -14.04 -98.56 17.40
C ASN G 250 -13.18 -97.30 17.21
N LEU G 251 -13.77 -96.20 16.78
CA LEU G 251 -13.12 -94.84 16.71
C LEU G 251 -13.04 -94.21 18.10
N PRO G 252 -12.09 -93.33 18.40
CA PRO G 252 -12.12 -92.51 19.60
C PRO G 252 -13.41 -91.69 19.59
N MET G 253 -14.00 -91.53 20.76
CA MET G 253 -15.26 -90.79 20.93
C MET G 253 -15.14 -89.95 22.17
N TYR G 254 -15.70 -88.74 22.11
CA TYR G 254 -15.54 -87.82 23.26
C TYR G 254 -16.81 -86.99 23.45
N VAL G 255 -16.88 -86.30 24.60
CA VAL G 255 -17.97 -85.32 24.88
C VAL G 255 -17.36 -83.96 25.06
N ASN G 256 -18.10 -82.91 24.69
CA ASN G 256 -17.61 -81.51 24.79
C ASN G 256 -18.41 -80.73 25.84
N VAL G 257 -17.77 -79.92 26.68
CA VAL G 257 -18.48 -79.36 27.85
C VAL G 257 -18.79 -77.89 27.70
N ALA G 258 -20.04 -77.58 27.99
CA ALA G 258 -20.50 -76.20 28.23
C ALA G 258 -19.93 -75.84 29.59
N LEU G 259 -18.77 -75.17 29.61
CA LEU G 259 -18.04 -74.92 30.86
C LEU G 259 -18.82 -74.01 31.81
N ARG G 260 -18.65 -74.27 33.09
CA ARG G 260 -18.95 -73.27 34.14
C ARG G 260 -17.67 -72.46 34.41
N ASN G 261 -17.83 -71.22 34.84
CA ASN G 261 -16.63 -70.49 35.23
C ASN G 261 -15.92 -71.23 36.37
N PRO G 262 -14.63 -71.59 36.23
CA PRO G 262 -13.91 -72.30 37.27
C PRO G 262 -13.70 -71.55 38.60
N PHE G 263 -13.79 -70.22 38.62
CA PHE G 263 -13.56 -69.42 39.83
C PHE G 263 -14.87 -68.98 40.49
N ASN G 264 -15.92 -68.72 39.71
CA ASN G 264 -17.21 -68.20 40.21
C ASN G 264 -18.33 -68.81 39.35
N PRO G 265 -18.53 -70.14 39.41
CA PRO G 265 -19.43 -70.84 38.47
C PRO G 265 -20.93 -70.51 38.53
N GLY G 266 -21.41 -70.06 39.68
CA GLY G 266 -22.86 -69.97 39.93
C GLY G 266 -23.48 -71.33 40.18
N LEU G 267 -24.79 -71.43 39.98
CA LEU G 267 -25.60 -72.62 40.32
C LEU G 267 -25.78 -73.54 39.12
N PRO G 268 -25.81 -74.86 39.34
CA PRO G 268 -26.25 -75.76 38.29
C PRO G 268 -27.64 -75.34 37.83
N GLY G 269 -27.83 -75.24 36.52
CA GLY G 269 -29.05 -74.69 35.94
C GLY G 269 -28.79 -73.34 35.36
N GLN G 270 -28.01 -72.50 36.04
CA GLN G 270 -27.50 -71.23 35.48
C GLN G 270 -26.42 -71.63 34.45
N TYR G 271 -25.43 -72.41 34.86
CA TYR G 271 -24.58 -73.18 33.89
C TYR G 271 -25.33 -74.49 33.54
N SER G 272 -24.87 -75.18 32.49
CA SER G 272 -25.52 -76.41 31.96
C SER G 272 -25.31 -77.55 32.96
N SER G 273 -26.31 -77.82 33.80
CA SER G 273 -26.20 -78.90 34.81
C SER G 273 -26.06 -80.28 34.17
N GLY G 274 -25.11 -81.10 34.66
CA GLY G 274 -25.08 -82.51 34.24
C GLY G 274 -23.97 -82.80 33.22
N GLY G 275 -23.57 -81.78 32.47
CA GLY G 275 -22.40 -81.86 31.60
C GLY G 275 -21.13 -82.08 32.38
N GLY G 276 -20.02 -82.30 31.71
CA GLY G 276 -18.75 -82.65 32.34
C GLY G 276 -18.04 -81.43 32.94
N THR G 277 -18.74 -80.64 33.76
CA THR G 277 -18.13 -79.50 34.48
C THR G 277 -17.11 -79.95 35.52
N ASP G 278 -16.20 -79.08 35.91
CA ASP G 278 -14.98 -79.45 36.66
C ASP G 278 -15.37 -80.18 37.96
N ASN G 279 -16.55 -79.92 38.51
CA ASN G 279 -17.00 -80.45 39.82
C ASN G 279 -17.53 -81.88 39.65
N VAL G 280 -17.79 -82.31 38.43
CA VAL G 280 -18.44 -83.61 38.22
C VAL G 280 -17.55 -84.47 37.31
N LEU G 281 -16.30 -84.11 37.10
CA LEU G 281 -15.41 -84.93 36.22
C LEU G 281 -15.28 -86.33 36.83
N HIS G 282 -15.19 -86.41 38.16
CA HIS G 282 -15.00 -87.70 38.86
C HIS G 282 -16.24 -88.58 38.64
N ILE G 283 -17.44 -87.98 38.56
CA ILE G 283 -18.71 -88.73 38.32
C ILE G 283 -18.66 -89.28 36.88
N TRP G 284 -18.38 -88.39 35.92
CA TRP G 284 -18.35 -88.77 34.48
C TRP G 284 -17.35 -89.91 34.26
N LYS G 285 -16.14 -89.78 34.80
CA LYS G 285 -15.06 -90.81 34.60
C LYS G 285 -15.47 -92.17 35.18
N ALA G 286 -16.17 -92.17 36.31
CA ALA G 286 -16.66 -93.43 36.93
C ALA G 286 -17.81 -94.02 36.09
N ALA G 287 -18.70 -93.16 35.56
CA ALA G 287 -19.98 -93.58 34.96
C ALA G 287 -19.79 -93.99 33.48
N ALA G 288 -18.81 -93.42 32.81
CA ALA G 288 -18.64 -93.53 31.34
C ALA G 288 -17.22 -93.97 30.99
N PRO G 289 -16.80 -95.19 31.38
CA PRO G 289 -15.47 -95.74 31.12
C PRO G 289 -15.14 -95.83 29.62
N ASN G 290 -16.15 -95.84 28.78
CA ASN G 290 -15.96 -96.06 27.33
C ASN G 290 -15.83 -94.75 26.54
N ILE G 291 -16.13 -93.62 27.20
CA ILE G 291 -15.88 -92.30 26.57
C ILE G 291 -14.41 -91.99 26.72
N ASP G 292 -13.72 -91.60 25.62
CA ASP G 292 -12.22 -91.55 25.67
C ASP G 292 -11.74 -90.30 26.42
N LEU G 293 -12.43 -89.17 26.28
CA LEU G 293 -12.01 -87.95 27.01
C LEU G 293 -13.20 -86.98 27.06
N ILE G 294 -13.05 -86.01 27.94
CA ILE G 294 -14.01 -84.92 28.22
C ILE G 294 -13.30 -83.63 27.82
N ALA G 295 -13.88 -82.91 26.85
CA ALA G 295 -13.20 -81.78 26.18
C ALA G 295 -13.82 -80.44 26.59
N PRO G 296 -13.02 -79.44 26.97
CA PRO G 296 -13.59 -78.12 27.25
C PRO G 296 -13.87 -77.20 26.03
N ASP G 297 -15.01 -76.48 26.08
CA ASP G 297 -15.38 -75.55 25.00
C ASP G 297 -15.04 -74.16 25.54
N ILE G 298 -13.96 -73.57 25.10
CA ILE G 298 -13.40 -72.36 25.80
C ILE G 298 -13.80 -71.05 25.10
N TYR G 299 -14.54 -70.21 25.83
CA TYR G 299 -14.85 -68.87 25.31
C TYR G 299 -14.50 -67.75 26.32
N PHE G 300 -13.91 -68.09 27.46
CA PHE G 300 -13.32 -67.12 28.39
C PHE G 300 -12.09 -66.52 27.64
N ARG G 301 -11.94 -65.21 27.57
CA ARG G 301 -10.82 -64.58 26.80
C ARG G 301 -9.59 -64.40 27.68
N ASP G 302 -9.80 -64.22 28.98
CA ASP G 302 -8.73 -63.75 29.88
C ASP G 302 -7.83 -64.93 30.25
N TYR G 303 -6.54 -64.67 30.25
CA TYR G 303 -5.50 -65.68 30.43
C TYR G 303 -5.73 -66.46 31.72
N LYS G 304 -5.99 -65.77 32.86
CA LYS G 304 -6.07 -66.54 34.13
C LYS G 304 -7.14 -67.63 34.02
N THR G 305 -8.33 -67.28 33.52
CA THR G 305 -9.46 -68.23 33.51
C THR G 305 -9.20 -69.32 32.45
N VAL G 306 -8.61 -68.96 31.30
CA VAL G 306 -8.34 -69.99 30.24
C VAL G 306 -7.31 -70.96 30.83
N SER G 307 -6.25 -70.43 31.45
CA SER G 307 -5.16 -71.29 32.01
C SER G 307 -5.75 -72.27 33.04
N LYS G 308 -6.66 -71.79 33.86
CA LYS G 308 -7.30 -72.61 34.91
C LYS G 308 -8.16 -73.72 34.31
N VAL G 309 -8.77 -73.41 33.18
CA VAL G 309 -9.56 -74.48 32.50
C VAL G 309 -8.57 -75.53 31.95
N LEU G 310 -7.51 -75.10 31.29
CA LEU G 310 -6.53 -76.09 30.75
C LEU G 310 -6.00 -76.95 31.90
N GLU G 311 -5.75 -76.36 33.08
CA GLU G 311 -5.23 -77.11 34.23
C GLU G 311 -6.28 -78.13 34.67
N LEU G 312 -7.54 -77.73 34.74
CA LEU G 312 -8.56 -78.64 35.31
C LEU G 312 -8.82 -79.81 34.36
N TYR G 313 -8.77 -79.58 33.05
CA TYR G 313 -9.17 -80.62 32.11
C TYR G 313 -7.97 -81.52 31.71
N THR G 314 -6.76 -81.19 32.12
CA THR G 314 -5.55 -81.99 31.79
C THR G 314 -5.26 -82.85 33.02
N ARG G 315 -5.55 -84.13 32.91
CA ARG G 315 -5.49 -85.03 34.09
C ARG G 315 -4.81 -86.33 33.64
N PRO G 316 -4.27 -87.10 34.62
CA PRO G 316 -3.79 -88.47 34.38
C PRO G 316 -4.85 -89.27 33.62
N ASP G 317 -6.15 -89.11 33.99
CA ASP G 317 -7.27 -89.85 33.35
C ASP G 317 -7.96 -89.06 32.22
N ASN G 318 -7.45 -87.92 31.81
CA ASN G 318 -8.18 -87.11 30.78
C ASN G 318 -7.18 -86.43 29.84
N ALA G 319 -7.06 -86.93 28.61
CA ALA G 319 -6.35 -86.19 27.57
C ALA G 319 -6.94 -84.82 27.33
N LEU G 320 -6.08 -83.87 27.03
CA LEU G 320 -6.59 -82.51 26.76
C LEU G 320 -6.90 -82.33 25.26
N PHE G 321 -8.12 -81.97 24.96
CA PHE G 321 -8.56 -81.65 23.58
C PHE G 321 -9.43 -80.39 23.65
N VAL G 322 -8.90 -79.25 23.19
CA VAL G 322 -9.69 -78.01 23.19
C VAL G 322 -10.67 -78.15 21.99
N ALA G 323 -11.82 -78.75 22.22
CA ALA G 323 -12.75 -79.12 21.12
C ALA G 323 -13.39 -77.90 20.49
N GLU G 324 -13.52 -76.83 21.27
CA GLU G 324 -14.00 -75.53 20.81
C GLU G 324 -13.26 -74.43 21.54
N ILE G 325 -12.97 -73.41 20.78
CA ILE G 325 -12.39 -72.19 21.38
C ILE G 325 -12.83 -71.03 20.50
N GLY G 326 -13.10 -69.89 21.13
CA GLY G 326 -13.50 -68.72 20.34
C GLY G 326 -12.53 -68.41 19.20
N ASN G 327 -13.05 -67.77 18.15
CA ASN G 327 -12.24 -67.45 16.92
C ASN G 327 -11.79 -65.99 16.90
N ASP G 328 -11.93 -65.25 18.00
CA ASP G 328 -11.40 -63.89 18.02
C ASP G 328 -9.88 -63.93 18.24
N GLN G 329 -9.17 -62.84 17.99
CA GLN G 329 -7.70 -62.81 18.01
C GLN G 329 -7.11 -63.30 19.34
N PRO G 330 -7.63 -62.92 20.54
CA PRO G 330 -6.96 -63.27 21.80
C PRO G 330 -6.77 -64.78 22.03
N PHE G 331 -7.59 -65.58 21.32
CA PHE G 331 -7.66 -67.01 21.60
C PHE G 331 -6.57 -67.77 20.84
N ALA G 332 -5.96 -67.21 19.82
CA ALA G 332 -4.96 -67.95 18.98
C ALA G 332 -3.78 -68.41 19.88
N ARG G 333 -3.31 -67.56 20.77
CA ARG G 333 -2.06 -67.81 21.53
C ARG G 333 -2.30 -69.02 22.46
N TYR G 334 -3.54 -69.36 22.83
CA TYR G 334 -3.78 -70.51 23.73
C TYR G 334 -3.37 -71.83 23.09
N LEU G 335 -3.04 -71.85 21.80
CA LEU G 335 -2.56 -73.11 21.18
C LEU G 335 -1.33 -73.56 22.00
N PHE G 336 -0.49 -72.59 22.35
CA PHE G 336 0.85 -72.90 22.93
C PHE G 336 0.78 -73.62 24.27
N PRO G 337 0.03 -73.11 25.30
CA PRO G 337 -0.14 -73.86 26.54
C PRO G 337 -0.95 -75.16 26.33
N THR G 338 -1.85 -75.24 25.35
CA THR G 338 -2.64 -76.46 25.11
C THR G 338 -1.65 -77.56 24.69
N LEU G 339 -0.82 -77.28 23.67
CA LEU G 339 0.23 -78.25 23.25
C LEU G 339 1.23 -78.47 24.40
N GLY G 340 1.58 -77.46 25.16
CA GLY G 340 2.57 -77.61 26.22
C GLY G 340 2.11 -78.61 27.23
N LYS G 341 0.80 -78.69 27.47
CA LYS G 341 0.22 -79.54 28.52
C LYS G 341 0.11 -80.97 27.99
N GLY G 342 0.48 -81.20 26.75
CA GLY G 342 0.36 -82.50 26.09
C GLY G 342 -0.95 -82.65 25.35
N GLY G 343 -1.63 -81.53 25.07
CA GLY G 343 -2.88 -81.57 24.35
C GLY G 343 -2.81 -82.28 23.00
N ILE G 344 -3.90 -82.92 22.59
CA ILE G 344 -3.94 -83.67 21.29
C ILE G 344 -4.58 -82.80 20.22
N GLY G 345 -5.09 -81.63 20.57
CA GLY G 345 -5.71 -80.81 19.55
C GLY G 345 -6.39 -79.55 20.04
N PHE G 346 -6.81 -78.75 19.10
CA PHE G 346 -7.25 -77.34 19.30
C PHE G 346 -8.13 -76.97 18.10
N SER G 347 -9.33 -76.50 18.32
CA SER G 347 -10.27 -76.28 17.20
C SER G 347 -11.12 -75.02 17.44
N PRO G 348 -10.67 -73.89 16.86
CA PRO G 348 -11.46 -72.67 16.81
C PRO G 348 -12.82 -72.84 16.15
N PHE G 349 -13.85 -72.28 16.77
CA PHE G 349 -15.26 -72.43 16.36
C PHE G 349 -15.65 -71.34 15.37
N GLY G 350 -16.47 -71.69 14.37
CA GLY G 350 -17.11 -70.70 13.48
C GLY G 350 -16.21 -70.30 12.30
N MET G 351 -15.34 -71.22 11.87
CA MET G 351 -14.38 -70.96 10.79
C MET G 351 -15.01 -71.24 9.41
N ASP G 352 -16.05 -70.50 9.04
CA ASP G 352 -16.63 -70.58 7.69
C ASP G 352 -17.30 -69.28 7.30
N ASP G 353 -17.60 -69.15 6.03
CA ASP G 353 -18.12 -67.88 5.45
C ASP G 353 -19.60 -68.05 5.15
N THR G 354 -20.33 -68.69 6.05
CA THR G 354 -21.81 -68.86 5.93
C THR G 354 -22.60 -67.68 6.51
N ASP G 355 -21.96 -66.56 6.73
CA ASP G 355 -22.68 -65.30 7.06
C ASP G 355 -23.28 -65.41 8.44
N TYR G 356 -22.41 -65.85 9.35
CA TYR G 356 -22.73 -65.83 10.76
C TYR G 356 -21.46 -65.63 11.61
N THR G 357 -21.63 -64.82 12.68
CA THR G 357 -20.58 -64.73 13.72
C THR G 357 -21.23 -64.84 15.08
N ASN G 358 -20.59 -65.58 15.99
CA ASN G 358 -21.14 -65.77 17.34
C ASN G 358 -20.63 -64.66 18.27
N TYR G 359 -20.08 -63.58 17.74
CA TYR G 359 -19.75 -62.37 18.54
C TYR G 359 -20.95 -62.05 19.43
N PRO G 360 -20.80 -61.79 20.74
CA PRO G 360 -19.52 -61.43 21.39
C PRO G 360 -18.62 -62.59 21.84
N LEU G 361 -19.00 -63.80 21.53
CA LEU G 361 -18.17 -64.97 21.85
C LEU G 361 -16.93 -64.96 20.98
N GLY G 362 -17.13 -64.83 19.68
CA GLY G 362 -16.03 -64.84 18.72
C GLY G 362 -15.81 -63.49 18.07
N ALA G 363 -15.22 -63.49 16.90
CA ALA G 363 -14.77 -62.31 16.17
C ALA G 363 -15.98 -61.50 15.73
N LYS G 364 -15.93 -60.18 15.94
CA LYS G 364 -16.97 -59.24 15.45
C LYS G 364 -17.15 -59.45 13.92
N VAL G 365 -16.02 -59.44 13.19
CA VAL G 365 -15.99 -59.63 11.70
C VAL G 365 -15.21 -60.91 11.35
N TYR G 366 -15.80 -61.70 10.49
CA TYR G 366 -15.12 -62.88 9.90
C TYR G 366 -14.59 -62.52 8.52
N ASN G 367 -13.28 -62.41 8.45
CA ASN G 367 -12.59 -62.16 7.21
C ASN G 367 -11.23 -62.84 7.21
N ASP G 368 -10.39 -62.52 6.23
CA ASP G 368 -9.10 -63.24 6.08
C ASP G 368 -8.24 -62.96 7.33
N GLU G 369 -8.34 -61.75 7.90
CA GLU G 369 -7.49 -61.38 9.07
C GLU G 369 -7.88 -62.23 10.27
N THR G 370 -9.17 -62.51 10.39
CA THR G 370 -9.65 -63.41 11.47
C THR G 370 -8.94 -64.74 11.34
N ILE G 371 -8.88 -65.25 10.12
CA ILE G 371 -8.28 -66.61 9.90
C ILE G 371 -6.75 -66.55 10.10
N GLU G 372 -6.11 -65.48 9.66
CA GLU G 372 -4.62 -65.36 9.65
C GLU G 372 -4.09 -65.42 11.07
N GLN G 373 -4.86 -64.99 12.06
CA GLN G 373 -4.32 -65.07 13.44
C GLN G 373 -4.09 -66.53 13.80
N PHE G 374 -4.96 -67.44 13.38
CA PHE G 374 -4.78 -68.86 13.72
C PHE G 374 -3.78 -69.46 12.72
N ALA G 375 -3.86 -69.02 11.46
CA ALA G 375 -2.88 -69.57 10.48
C ALA G 375 -1.44 -69.29 10.94
N GLN G 376 -1.15 -68.12 11.51
CA GLN G 376 0.24 -67.76 11.90
C GLN G 376 0.70 -68.72 13.01
N VAL G 377 -0.14 -69.12 13.94
CA VAL G 377 0.34 -70.04 15.00
C VAL G 377 0.35 -71.48 14.50
N TYR G 378 -0.57 -71.86 13.61
CA TYR G 378 -0.55 -73.24 13.04
C TYR G 378 0.76 -73.43 12.24
N ARG G 379 1.26 -72.40 11.59
CA ARG G 379 2.48 -72.55 10.75
C ARG G 379 3.70 -72.97 11.57
N LEU G 380 3.68 -72.70 12.88
CA LEU G 380 4.75 -73.08 13.81
C LEU G 380 4.77 -74.58 14.05
N VAL G 381 3.58 -75.17 14.01
CA VAL G 381 3.41 -76.59 14.42
C VAL G 381 3.34 -77.54 13.22
N ASN G 382 2.61 -77.18 12.16
CA ASN G 382 2.45 -78.02 10.95
C ASN G 382 3.81 -78.60 10.51
N PRO G 383 4.91 -77.82 10.33
CA PRO G 383 6.17 -78.35 9.77
C PRO G 383 6.79 -79.46 10.64
N MET G 384 6.35 -79.61 11.88
CA MET G 384 6.86 -80.62 12.81
C MET G 384 5.70 -81.39 13.48
N MET G 385 4.55 -81.52 12.87
CA MET G 385 3.36 -81.98 13.65
C MET G 385 3.56 -83.39 14.21
N ARG G 386 4.15 -84.29 13.40
CA ARG G 386 4.30 -85.69 13.87
C ARG G 386 5.41 -85.76 14.91
N GLU G 387 6.50 -85.03 14.69
CA GLU G 387 7.62 -85.08 15.66
C GLU G 387 7.16 -84.53 17.02
N TRP G 388 6.46 -83.36 16.99
CA TRP G 388 5.98 -82.77 18.25
C TRP G 388 5.06 -83.77 18.94
N ALA G 389 4.16 -84.37 18.16
CA ALA G 389 3.18 -85.31 18.76
C ALA G 389 3.91 -86.44 19.47
N ARG G 390 5.00 -86.91 18.86
CA ARG G 390 5.78 -88.01 19.48
C ARG G 390 6.42 -87.50 20.74
N LEU G 391 7.09 -86.36 20.66
CA LEU G 391 7.84 -85.90 21.85
C LEU G 391 6.85 -85.59 23.00
N SER G 392 5.67 -85.07 22.67
CA SER G 392 4.66 -84.73 23.71
C SER G 392 4.16 -86.04 24.42
N TYR G 393 3.92 -87.12 23.66
CA TYR G 393 3.47 -88.39 24.25
C TYR G 393 4.57 -89.04 25.10
N GLN G 394 5.78 -89.10 24.53
CA GLN G 394 6.86 -90.01 25.04
C GLN G 394 7.95 -89.22 25.79
N GLY G 395 7.96 -87.91 25.70
CA GLY G 395 9.03 -87.11 26.34
C GLY G 395 8.48 -85.91 27.07
N GLN G 396 9.32 -84.88 27.22
CA GLN G 396 9.00 -83.65 27.94
C GLN G 396 8.79 -82.55 26.91
N VAL G 397 7.65 -81.90 27.03
CA VAL G 397 7.34 -80.67 26.27
C VAL G 397 6.81 -79.62 27.26
N TRP G 398 6.89 -78.40 26.79
CA TRP G 398 6.47 -77.19 27.50
C TRP G 398 5.86 -76.24 26.48
N GLY G 399 4.99 -75.37 26.96
CA GLY G 399 4.39 -74.35 26.11
C GLY G 399 3.80 -73.25 26.96
N VAL G 400 3.90 -72.01 26.52
CA VAL G 400 3.40 -70.84 27.27
C VAL G 400 2.76 -69.85 26.30
N ALA G 401 1.76 -69.12 26.78
CA ALA G 401 1.21 -67.94 26.07
C ALA G 401 1.49 -66.66 26.86
N GLU G 402 1.46 -65.54 26.16
CA GLU G 402 1.59 -64.18 26.79
C GLU G 402 0.58 -64.01 27.90
N PRO G 403 1.00 -63.82 29.20
CA PRO G 403 0.13 -63.95 30.35
C PRO G 403 -0.64 -62.69 30.76
N LEU G 404 -0.41 -61.62 30.05
CA LEU G 404 -1.23 -60.40 30.24
C LEU G 404 -2.13 -60.28 29.03
N ASP G 405 -3.40 -60.00 29.27
CA ASP G 405 -4.37 -59.69 28.21
C ASP G 405 -4.09 -58.29 27.65
N SER G 406 -4.72 -57.95 26.55
CA SER G 406 -4.52 -56.63 25.89
C SER G 406 -4.97 -55.56 26.90
N THR G 407 -4.26 -54.44 26.99
CA THR G 407 -4.56 -53.35 27.95
C THR G 407 -5.91 -52.74 27.53
N THR G 408 -6.88 -52.62 28.47
CA THR G 408 -8.27 -52.11 28.23
C THR G 408 -8.23 -50.60 27.93
N GLU G 409 -9.30 -50.07 27.31
CA GLU G 409 -9.63 -48.60 27.23
C GLU G 409 -9.28 -47.95 28.58
N THR G 410 -9.76 -48.55 29.68
CA THR G 410 -9.79 -48.04 31.08
C THR G 410 -8.37 -47.97 31.68
N GLN G 411 -7.65 -49.10 31.64
CA GLN G 411 -6.21 -49.27 32.04
C GLN G 411 -5.39 -48.13 31.42
N LYS G 412 -5.71 -47.80 30.15
CA LYS G 412 -5.12 -46.70 29.35
C LYS G 412 -5.26 -45.38 30.11
N ILE G 413 -6.49 -45.10 30.55
CA ILE G 413 -6.93 -43.94 31.37
C ILE G 413 -6.17 -43.94 32.71
N TRP G 414 -6.18 -45.07 33.43
CA TRP G 414 -5.39 -45.31 34.68
C TRP G 414 -3.94 -44.88 34.46
N LYS G 423 3.66 -44.37 36.71
CA LYS G 423 3.94 -45.11 35.44
C LYS G 423 5.18 -46.02 35.59
N GLU G 424 6.25 -45.58 36.27
CA GLU G 424 7.54 -46.32 36.35
C GLU G 424 7.37 -47.69 37.05
N GLN G 425 6.60 -47.81 38.15
CA GLN G 425 6.40 -49.10 38.87
C GLN G 425 5.47 -49.99 38.04
N HIS G 426 4.53 -49.36 37.32
CA HIS G 426 3.60 -50.09 36.41
C HIS G 426 4.41 -50.82 35.34
N LYS G 427 5.35 -50.12 34.72
CA LYS G 427 6.24 -50.67 33.67
C LYS G 427 7.04 -51.84 34.25
N LYS G 428 7.61 -51.64 35.44
CA LYS G 428 8.40 -52.68 36.15
C LYS G 428 7.50 -53.88 36.46
N ASP G 429 6.27 -53.67 36.94
CA ASP G 429 5.42 -54.82 37.32
C ASP G 429 4.95 -55.54 36.05
N ARG G 430 4.60 -54.81 34.98
CA ARG G 430 4.18 -55.45 33.70
C ARG G 430 5.35 -56.30 33.15
N ALA G 431 6.57 -55.81 33.23
CA ALA G 431 7.75 -56.54 32.73
C ALA G 431 7.91 -57.85 33.51
N SER G 432 7.86 -57.82 34.85
CA SER G 432 7.88 -59.01 35.74
C SER G 432 6.80 -60.01 35.26
N ALA G 433 5.54 -59.55 35.11
CA ALA G 433 4.41 -60.46 34.77
C ALA G 433 4.64 -61.01 33.37
N LEU G 434 5.37 -60.31 32.49
CA LEU G 434 5.56 -60.77 31.07
C LEU G 434 6.86 -61.58 30.96
N THR G 435 7.35 -62.13 32.08
CA THR G 435 8.59 -62.95 32.13
C THR G 435 8.22 -64.31 32.73
N GLN G 436 8.31 -65.39 31.96
CA GLN G 436 7.92 -66.74 32.44
C GLN G 436 9.14 -67.64 32.53
N GLN G 437 9.19 -68.46 33.56
CA GLN G 437 10.33 -69.36 33.80
C GLN G 437 9.86 -70.76 33.44
N LEU G 438 10.75 -71.50 32.79
CA LEU G 438 10.47 -72.94 32.57
C LEU G 438 11.69 -73.73 33.04
N ASP G 439 11.43 -74.80 33.78
CA ASP G 439 12.46 -75.71 34.32
C ASP G 439 12.62 -76.88 33.35
N LEU G 440 13.70 -76.90 32.58
CA LEU G 440 13.88 -77.90 31.52
C LEU G 440 14.91 -78.94 31.95
N GLY G 441 15.14 -79.13 33.25
CA GLY G 441 16.13 -80.15 33.65
C GLY G 441 17.42 -79.52 34.10
N LEU G 442 18.49 -79.68 33.35
CA LEU G 442 19.79 -79.03 33.62
C LEU G 442 19.79 -77.58 33.20
N TRP G 443 18.87 -77.23 32.33
CA TRP G 443 18.74 -75.87 31.78
C TRP G 443 17.34 -75.34 32.06
N ASP G 444 17.22 -74.04 32.18
CA ASP G 444 15.90 -73.37 32.22
C ASP G 444 15.79 -72.44 31.00
N ALA G 445 14.57 -72.11 30.64
CA ALA G 445 14.29 -71.04 29.65
C ALA G 445 13.48 -69.92 30.33
N GLU G 446 13.77 -68.69 29.95
CA GLU G 446 13.04 -67.44 30.33
C GLU G 446 12.34 -66.98 29.06
N VAL G 447 11.01 -66.88 29.08
CA VAL G 447 10.26 -66.43 27.90
C VAL G 447 9.76 -65.00 28.24
N THR G 448 9.97 -64.08 27.35
CA THR G 448 9.55 -62.69 27.54
C THR G 448 8.84 -62.16 26.29
N TYR G 449 8.03 -61.11 26.47
CA TYR G 449 7.09 -60.70 25.40
C TYR G 449 7.18 -59.21 25.12
N GLY G 450 7.35 -58.85 23.88
CA GLY G 450 7.19 -57.48 23.38
C GLY G 450 8.42 -56.67 23.77
N ARG G 451 9.52 -56.95 23.08
CA ARG G 451 10.81 -56.27 23.23
C ARG G 451 11.60 -56.32 21.93
N PRO G 452 12.64 -55.46 21.76
CA PRO G 452 13.46 -55.51 20.56
C PRO G 452 14.25 -56.82 20.43
N MET G 453 14.91 -57.01 19.31
CA MET G 453 15.64 -58.29 19.03
C MET G 453 17.08 -58.14 19.42
N PHE G 454 17.41 -57.00 20.00
CA PHE G 454 18.78 -56.58 20.33
C PHE G 454 18.75 -55.84 21.69
N TRP G 455 19.76 -56.03 22.52
CA TRP G 455 19.91 -55.39 23.85
C TRP G 455 18.86 -55.92 24.82
N VAL G 456 18.78 -55.32 25.99
CA VAL G 456 18.05 -56.00 27.07
C VAL G 456 16.98 -55.06 27.68
N THR G 457 16.44 -54.13 26.90
N THR G 457 16.43 -54.13 26.89
CA THR G 457 15.41 -53.23 27.49
CA THR G 457 15.35 -53.23 27.36
C THR G 457 14.21 -54.12 27.81
C THR G 457 14.20 -54.12 27.80
N PRO G 458 13.60 -53.95 29.00
CA PRO G 458 12.54 -54.82 29.46
C PRO G 458 11.29 -55.02 28.59
N PRO G 459 10.65 -56.19 28.72
CA PRO G 459 9.46 -56.54 27.94
C PRO G 459 8.26 -55.66 28.29
N GLU G 460 7.55 -55.18 27.28
CA GLU G 460 6.36 -54.31 27.46
C GLU G 460 5.11 -54.96 26.92
N GLY G 461 5.22 -56.17 26.36
CA GLY G 461 4.08 -56.91 25.83
C GLY G 461 3.78 -56.55 24.39
N ASN G 462 3.11 -57.47 23.70
CA ASN G 462 2.64 -57.24 22.31
C ASN G 462 1.27 -56.54 22.40
N THR G 463 0.94 -55.75 21.39
CA THR G 463 -0.38 -55.09 21.23
CA THR G 463 -0.41 -55.16 21.27
C THR G 463 -1.00 -55.53 19.90
N PRO G 464 -2.06 -56.38 19.91
CA PRO G 464 -2.66 -57.02 21.09
C PRO G 464 -1.83 -58.18 21.67
N ALA G 465 -2.21 -58.69 22.81
CA ALA G 465 -1.50 -59.84 23.41
C ALA G 465 -1.57 -60.98 22.39
N ALA G 466 -0.46 -61.68 22.17
CA ALA G 466 -0.43 -62.66 21.07
C ALA G 466 0.73 -63.66 21.17
N GLY G 467 1.68 -63.47 22.06
CA GLY G 467 2.90 -64.29 21.95
C GLY G 467 2.81 -65.67 22.57
N GLY G 468 3.80 -66.51 22.28
CA GLY G 468 3.85 -67.81 22.95
C GLY G 468 5.12 -68.54 22.54
N ALA G 469 5.33 -69.71 23.14
CA ALA G 469 6.55 -70.49 22.87
C ALA G 469 6.23 -71.96 23.11
N LEU G 470 6.95 -72.80 22.34
CA LEU G 470 6.89 -74.28 22.50
C LEU G 470 8.34 -74.75 22.64
N ILE G 471 8.57 -75.64 23.60
CA ILE G 471 9.91 -76.26 23.80
C ILE G 471 9.72 -77.77 23.96
N ALA G 472 10.55 -78.56 23.31
CA ALA G 472 10.54 -80.03 23.56
C ALA G 472 11.99 -80.45 23.89
N GLN G 473 12.18 -81.33 24.86
CA GLN G 473 13.53 -81.80 25.23
C GLN G 473 13.95 -82.95 24.31
N LEU G 474 15.14 -82.87 23.70
CA LEU G 474 15.67 -83.96 22.83
C LEU G 474 16.66 -84.83 23.58
N ASP G 475 17.36 -84.24 24.53
CA ASP G 475 18.44 -84.88 25.33
C ASP G 475 18.78 -83.95 26.47
N ASP G 476 19.72 -84.34 27.30
CA ASP G 476 20.06 -83.56 28.51
C ASP G 476 20.33 -82.09 28.17
N ASN G 477 20.99 -81.80 27.07
CA ASN G 477 21.43 -80.43 26.80
C ASN G 477 20.87 -79.96 25.48
N GLU G 478 19.87 -80.64 24.93
CA GLU G 478 19.36 -80.25 23.60
C GLU G 478 17.84 -80.16 23.57
N TYR G 479 17.35 -79.09 22.95
CA TYR G 479 15.90 -78.78 22.90
C TYR G 479 15.51 -78.33 21.49
N LEU G 480 14.27 -78.58 21.16
CA LEU G 480 13.57 -78.09 19.99
C LEU G 480 12.76 -76.87 20.46
N VAL G 481 12.82 -75.78 19.74
CA VAL G 481 12.23 -74.50 20.18
C VAL G 481 11.59 -73.79 18.97
N THR G 482 10.36 -73.32 19.18
CA THR G 482 9.73 -72.39 18.21
C THR G 482 8.86 -71.45 19.04
N ALA G 483 8.84 -70.20 18.65
CA ALA G 483 8.06 -69.23 19.44
C ALA G 483 7.52 -68.15 18.52
N TYR G 484 6.75 -67.26 19.09
CA TYR G 484 5.92 -66.32 18.32
C TYR G 484 5.87 -65.01 19.09
N LYS G 485 6.35 -63.94 18.49
CA LYS G 485 6.33 -62.59 19.12
C LYS G 485 6.85 -62.70 20.54
N ALA G 486 8.04 -63.27 20.69
CA ALA G 486 8.64 -63.54 22.02
C ALA G 486 10.13 -63.67 21.90
N ARG G 487 10.75 -63.64 23.07
CA ARG G 487 12.19 -63.93 23.27
C ARG G 487 12.31 -65.13 24.20
N VAL G 488 13.14 -66.07 23.83
CA VAL G 488 13.39 -67.26 24.66
C VAL G 488 14.87 -67.28 24.96
N GLU G 489 15.21 -67.30 26.26
CA GLU G 489 16.63 -67.29 26.69
CA GLU G 489 16.64 -67.33 26.64
C GLU G 489 16.93 -68.50 27.58
N PHE G 490 18.03 -69.20 27.28
CA PHE G 490 18.45 -70.38 28.07
C PHE G 490 19.50 -69.97 29.11
N LYS G 491 19.48 -70.69 30.22
CA LYS G 491 20.43 -70.49 31.34
C LYS G 491 20.55 -71.78 32.12
N PRO G 492 21.59 -71.98 32.97
CA PRO G 492 21.65 -73.17 33.83
C PRO G 492 20.48 -73.23 34.81
N SER G 493 20.00 -74.42 35.12
CA SER G 493 18.87 -74.66 36.06
C SER G 493 19.41 -74.73 37.49
N GLN G 494 20.69 -74.96 37.62
CA GLN G 494 21.32 -75.07 38.94
C GLN G 494 22.72 -74.48 38.87
N GLU G 495 23.32 -74.17 40.02
CA GLU G 495 24.68 -73.62 40.08
C GLU G 495 25.65 -74.63 39.46
N LEU G 496 26.68 -74.12 38.78
CA LEU G 496 27.58 -74.96 37.95
C LEU G 496 28.92 -75.22 38.63
N ALA G 497 29.00 -74.97 39.95
CA ALA G 497 30.14 -75.35 40.80
C ALA G 497 31.47 -74.94 40.14
N GLY G 498 31.56 -73.73 39.61
CA GLY G 498 32.80 -73.17 39.07
C GLY G 498 32.94 -73.30 37.56
N LYS G 499 32.05 -74.04 36.87
CA LYS G 499 31.99 -74.02 35.38
C LYS G 499 31.35 -72.72 34.87
N LYS G 500 31.59 -72.44 33.59
CA LYS G 500 30.80 -71.42 32.83
C LYS G 500 29.81 -72.13 31.89
N PHE G 501 28.95 -71.38 31.23
CA PHE G 501 28.04 -72.02 30.27
C PHE G 501 27.95 -71.14 29.02
N MET G 502 27.60 -71.77 27.90
CA MET G 502 27.32 -71.04 26.65
C MET G 502 26.30 -71.84 25.86
N ILE G 503 25.68 -71.16 24.91
CA ILE G 503 25.06 -71.86 23.76
C ILE G 503 26.18 -72.61 23.05
N GLU G 504 26.05 -73.91 22.87
CA GLU G 504 27.04 -74.57 21.99
C GLU G 504 26.65 -74.36 20.53
N ARG G 505 25.39 -74.60 20.18
N ARG G 505 25.41 -74.63 20.18
CA ARG G 505 24.93 -74.43 18.78
CA ARG G 505 24.92 -74.43 18.79
C ARG G 505 23.41 -74.28 18.72
C ARG G 505 23.41 -74.28 18.72
N VAL G 506 22.95 -73.37 17.88
CA VAL G 506 21.53 -73.21 17.53
C VAL G 506 21.46 -73.41 16.00
N GLU G 507 20.64 -74.35 15.56
CA GLU G 507 20.39 -74.59 14.13
C GLU G 507 18.94 -74.29 13.85
N GLU G 508 18.68 -73.55 12.78
CA GLU G 508 17.34 -73.48 12.21
C GLU G 508 17.18 -74.56 11.14
N GLY G 509 16.04 -75.23 11.15
CA GLY G 509 15.89 -76.32 10.16
C GLY G 509 14.48 -76.84 10.13
N ARG G 510 14.34 -78.07 9.68
CA ARG G 510 13.01 -78.66 9.45
C ARG G 510 13.22 -80.17 9.44
N PHE G 511 12.15 -80.93 9.52
CA PHE G 511 12.21 -82.40 9.40
C PHE G 511 11.76 -82.82 8.01
N GLU G 512 12.53 -83.71 7.39
CA GLU G 512 12.16 -84.23 6.07
C GLU G 512 12.20 -85.75 6.21
N LYS G 513 11.07 -86.41 5.96
CA LYS G 513 10.85 -87.86 6.22
C LYS G 513 11.36 -88.22 7.61
N GLY G 514 11.14 -87.35 8.61
CA GLY G 514 11.51 -87.64 10.01
C GLY G 514 12.95 -87.27 10.35
N LYS G 515 13.76 -86.85 9.36
CA LYS G 515 15.20 -86.56 9.57
C LYS G 515 15.35 -85.04 9.69
N TRP G 516 16.11 -84.56 10.67
CA TRP G 516 16.43 -83.11 10.75
C TRP G 516 17.30 -82.69 9.56
N VAL G 517 16.92 -81.63 8.88
CA VAL G 517 17.69 -80.94 7.82
C VAL G 517 18.04 -79.54 8.33
N MET G 518 19.31 -79.23 8.46
CA MET G 518 19.79 -77.89 8.87
C MET G 518 19.70 -76.95 7.69
N GLU G 519 19.14 -75.76 7.94
CA GLU G 519 19.07 -74.64 6.98
C GLU G 519 20.18 -73.64 7.28
N ARG G 520 20.32 -73.27 8.54
CA ARG G 520 21.39 -72.32 8.90
C ARG G 520 21.67 -72.37 10.40
N VAL G 521 22.81 -71.83 10.78
CA VAL G 521 23.19 -71.68 12.22
C VAL G 521 22.88 -70.26 12.69
N TRP G 522 22.05 -70.12 13.72
CA TRP G 522 21.86 -68.81 14.40
C TRP G 522 23.08 -68.59 15.26
N ASN G 523 23.66 -67.46 15.15
CA ASN G 523 24.81 -67.12 15.99
C ASN G 523 24.95 -65.58 16.09
N GLY G 524 25.92 -65.11 16.85
CA GLY G 524 26.18 -63.67 16.84
C GLY G 524 24.96 -62.91 17.36
N ASP G 525 24.54 -61.81 16.72
CA ASP G 525 23.38 -61.02 17.18
C ASP G 525 22.16 -61.89 17.40
N GLN G 526 22.00 -62.98 16.60
CA GLN G 526 20.77 -63.78 16.71
C GLN G 526 20.76 -64.64 17.99
N THR G 527 21.87 -64.82 18.69
CA THR G 527 21.86 -65.58 19.96
C THR G 527 22.40 -64.78 21.14
N ASP G 528 22.94 -63.58 20.91
CA ASP G 528 23.51 -62.78 21.99
C ASP G 528 22.44 -62.27 22.95
N TRP G 529 21.22 -62.13 22.48
CA TRP G 529 20.13 -61.44 23.19
C TRP G 529 18.90 -62.33 23.28
N GLY G 530 19.15 -63.57 23.66
CA GLY G 530 18.13 -64.60 23.63
C GLY G 530 17.76 -64.96 22.19
N LEU G 531 16.76 -65.79 22.01
CA LEU G 531 16.31 -66.19 20.66
C LEU G 531 15.00 -65.43 20.45
N ASN G 532 14.97 -64.57 19.44
CA ASN G 532 13.90 -63.58 19.27
C ASN G 532 13.09 -64.00 18.05
N PHE G 533 11.78 -64.13 18.27
CA PHE G 533 10.85 -64.55 17.22
C PHE G 533 9.87 -63.42 16.92
N THR G 534 9.41 -63.32 15.68
CA THR G 534 8.37 -62.36 15.27
C THR G 534 7.14 -63.19 14.91
N ASP G 535 6.51 -62.90 13.75
CA ASP G 535 5.27 -63.61 13.37
C ASP G 535 5.61 -64.75 12.43
N ARG G 536 6.89 -64.84 12.02
CA ARG G 536 7.33 -65.85 11.05
C ARG G 536 7.78 -67.14 11.72
N PRO G 537 7.51 -68.33 11.10
CA PRO G 537 7.92 -69.63 11.63
C PRO G 537 9.44 -69.86 11.53
N HIS G 538 10.05 -70.24 12.65
CA HIS G 538 11.45 -70.74 12.72
C HIS G 538 11.48 -71.86 13.72
N LEU G 539 11.97 -73.02 13.31
CA LEU G 539 12.13 -74.18 14.23
C LEU G 539 13.62 -74.34 14.48
N LEU G 540 13.99 -74.26 15.77
CA LEU G 540 15.39 -74.29 16.19
C LEU G 540 15.70 -75.56 17.02
N ARG G 541 16.90 -76.07 16.84
CA ARG G 541 17.56 -77.08 17.65
C ARG G 541 18.64 -76.33 18.43
N VAL G 542 18.47 -76.30 19.75
CA VAL G 542 19.35 -75.56 20.68
C VAL G 542 20.16 -76.56 21.49
N LYS G 543 21.48 -76.51 21.37
CA LYS G 543 22.38 -77.32 22.20
C LYS G 543 23.07 -76.33 23.16
N MET G 544 23.01 -76.64 24.44
CA MET G 544 23.66 -75.83 25.49
C MET G 544 24.89 -76.59 26.00
N ALA G 545 25.85 -75.91 26.60
CA ALA G 545 27.05 -76.57 27.18
C ALA G 545 27.50 -75.85 28.44
N SER G 546 27.88 -76.65 29.44
CA SER G 546 28.72 -76.15 30.57
C SER G 546 30.18 -76.48 30.22
N TYR G 547 31.13 -75.65 30.63
CA TYR G 547 32.54 -75.88 30.24
C TYR G 547 33.46 -75.40 31.35
N SER G 548 34.52 -76.17 31.57
CA SER G 548 35.58 -75.85 32.54
C SER G 548 36.37 -74.62 32.14
N VAL G 549 36.73 -73.81 33.15
CA VAL G 549 37.74 -72.73 33.01
C VAL G 549 38.85 -72.90 34.06
N GLN G 550 38.81 -73.98 34.84
CA GLN G 550 39.91 -74.35 35.72
C GLN G 550 40.99 -74.97 34.82
N ALA H 12 -36.32 31.16 -26.66
CA ALA H 12 -36.41 30.64 -25.26
C ALA H 12 -37.72 31.14 -24.63
N PRO H 13 -38.22 30.60 -23.50
CA PRO H 13 -39.41 31.20 -22.85
C PRO H 13 -39.14 32.61 -22.31
N LEU H 14 -40.09 33.52 -22.47
CA LEU H 14 -39.96 34.90 -21.92
C LEU H 14 -39.65 34.78 -20.43
N PRO H 15 -38.80 35.68 -19.86
CA PRO H 15 -38.73 35.90 -18.42
C PRO H 15 -40.13 36.26 -17.90
N GLU H 16 -40.46 35.84 -16.68
CA GLU H 16 -41.76 36.17 -16.07
C GLU H 16 -41.64 36.14 -14.56
N LEU H 17 -42.27 37.12 -13.96
CA LEU H 17 -42.34 37.15 -12.48
C LEU H 17 -43.56 36.34 -12.04
N LEU H 18 -43.31 35.31 -11.26
CA LEU H 18 -44.39 34.41 -10.76
C LEU H 18 -44.58 34.71 -9.29
N SER H 19 -45.85 34.67 -8.85
CA SER H 19 -46.30 34.89 -7.46
C SER H 19 -47.31 33.81 -7.11
N ASN H 20 -47.01 33.02 -6.09
CA ASN H 20 -47.88 31.93 -5.62
C ASN H 20 -47.66 31.73 -4.13
N ASN H 21 -48.73 31.59 -3.34
CA ASN H 21 -48.64 31.25 -1.91
C ASN H 21 -47.73 32.25 -1.17
N GLY H 22 -47.79 33.52 -1.57
CA GLY H 22 -47.13 34.66 -0.91
C GLY H 22 -45.65 34.64 -1.17
N LYS H 23 -45.17 33.77 -2.06
CA LYS H 23 -43.75 33.68 -2.48
C LYS H 23 -43.63 34.05 -3.96
N HIS H 24 -42.41 34.36 -4.40
CA HIS H 24 -42.22 34.96 -5.74
C HIS H 24 -40.97 34.38 -6.38
N ALA H 25 -40.95 34.35 -7.71
CA ALA H 25 -39.74 33.97 -8.47
C ALA H 25 -39.64 34.79 -9.76
N LEU H 26 -38.42 35.17 -10.13
CA LEU H 26 -38.09 35.62 -11.48
C LEU H 26 -37.69 34.41 -12.29
N MET H 27 -38.59 34.01 -13.18
CA MET H 27 -38.26 32.95 -14.12
C MET H 27 -37.40 33.60 -15.20
N VAL H 28 -36.33 32.92 -15.61
CA VAL H 28 -35.47 33.31 -16.73
C VAL H 28 -35.09 31.99 -17.37
N ASP H 29 -35.44 31.85 -18.65
CA ASP H 29 -35.13 30.61 -19.41
C ASP H 29 -35.84 29.43 -18.78
N GLY H 30 -37.05 29.67 -18.23
CA GLY H 30 -37.93 28.62 -17.70
C GLY H 30 -37.59 28.07 -16.33
N ALA H 31 -36.71 28.73 -15.56
CA ALA H 31 -36.47 28.42 -14.14
C ALA H 31 -36.21 29.67 -13.31
N PRO H 32 -36.44 29.60 -11.98
CA PRO H 32 -36.11 30.69 -11.08
C PRO H 32 -34.66 31.16 -11.24
N TYR H 33 -34.46 32.47 -11.04
CA TYR H 33 -33.18 33.16 -11.31
C TYR H 33 -33.02 34.16 -10.19
N ILE H 34 -31.76 34.39 -9.80
CA ILE H 34 -31.39 35.51 -8.87
C ILE H 34 -30.53 36.47 -9.68
N ILE H 35 -30.89 37.74 -9.67
CA ILE H 35 -30.03 38.83 -10.16
C ILE H 35 -28.96 39.07 -9.11
N LEU H 36 -27.72 38.69 -9.43
CA LEU H 36 -26.55 39.09 -8.69
C LEU H 36 -26.01 40.26 -9.52
N GLY H 37 -26.49 41.46 -9.22
CA GLY H 37 -26.45 42.57 -10.19
C GLY H 37 -25.31 43.54 -9.95
N SER H 38 -25.18 44.44 -10.87
CA SER H 38 -24.40 45.69 -10.81
C SER H 38 -25.10 46.75 -11.63
N GLN H 39 -25.15 47.98 -11.16
CA GLN H 39 -25.66 49.09 -11.97
C GLN H 39 -24.52 50.05 -12.29
N THR H 40 -24.56 50.62 -13.46
CA THR H 40 -23.52 51.57 -13.87
C THR H 40 -23.79 52.89 -13.19
N ASN H 41 -22.85 53.80 -13.36
CA ASN H 41 -23.14 55.24 -13.09
C ASN H 41 -24.12 55.78 -14.16
N ASN H 42 -24.71 56.93 -13.90
CA ASN H 42 -25.82 57.51 -14.67
C ASN H 42 -25.42 57.94 -16.09
N SER H 43 -24.15 58.07 -16.37
CA SER H 43 -23.60 58.61 -17.64
C SER H 43 -22.72 57.57 -18.36
N SER H 44 -23.06 56.29 -18.22
CA SER H 44 -22.26 55.18 -18.80
C SER H 44 -23.02 54.52 -19.96
N ASN H 45 -24.14 55.09 -20.34
CA ASN H 45 -25.09 54.57 -21.33
C ASN H 45 -24.68 54.88 -22.78
N TYR H 46 -23.42 54.77 -23.10
CA TYR H 46 -22.87 55.05 -24.44
C TYR H 46 -21.83 54.00 -24.81
N PRO H 47 -21.77 53.63 -26.12
CA PRO H 47 -20.79 52.66 -26.60
C PRO H 47 -19.37 52.90 -26.03
N ASP H 48 -18.90 54.15 -26.04
CA ASP H 48 -17.53 54.48 -25.57
C ASP H 48 -17.29 54.21 -24.07
N ALA H 49 -18.34 54.25 -23.23
CA ALA H 49 -18.22 54.06 -21.76
C ALA H 49 -18.18 52.58 -21.40
N LEU H 50 -18.62 51.70 -22.31
CA LEU H 50 -18.77 50.28 -21.93
C LEU H 50 -17.45 49.64 -21.57
N LYS H 51 -16.36 50.00 -22.23
CA LYS H 51 -15.02 49.53 -21.79
C LYS H 51 -14.74 49.80 -20.31
N ASP H 52 -15.42 50.81 -19.74
CA ASP H 52 -15.16 51.16 -18.33
C ASP H 52 -16.17 50.48 -17.42
N VAL H 53 -17.05 49.63 -17.98
CA VAL H 53 -18.10 48.91 -17.21
C VAL H 53 -17.69 47.44 -17.13
N TRP H 54 -17.34 46.83 -18.27
CA TRP H 54 -17.22 45.35 -18.25
C TRP H 54 -16.15 44.90 -17.26
N PRO H 55 -14.95 45.54 -17.08
CA PRO H 55 -13.94 45.00 -16.16
C PRO H 55 -14.49 44.90 -14.73
N SER H 56 -15.22 45.90 -14.25
CA SER H 56 -15.82 45.85 -12.89
C SER H 56 -16.81 44.69 -12.84
N MET H 57 -17.62 44.53 -13.90
CA MET H 57 -18.63 43.46 -13.89
C MET H 57 -17.93 42.11 -13.70
N GLU H 58 -16.80 41.91 -14.39
CA GLU H 58 -16.04 40.63 -14.38
C GLU H 58 -15.44 40.41 -12.99
N LYS H 59 -14.88 41.46 -12.38
CA LYS H 59 -14.25 41.35 -11.04
C LYS H 59 -15.30 41.03 -9.99
N MET H 60 -16.48 41.62 -10.17
CA MET H 60 -17.58 41.48 -9.22
C MET H 60 -18.18 40.08 -9.35
N GLY H 61 -18.07 39.44 -10.53
CA GLY H 61 -18.76 38.15 -10.76
C GLY H 61 -20.28 38.29 -10.85
N ALA H 62 -20.80 39.45 -11.29
CA ALA H 62 -22.22 39.78 -11.39
C ALA H 62 -22.75 38.99 -12.60
N ASN H 63 -24.00 38.56 -12.54
CA ASN H 63 -24.64 37.79 -13.66
C ASN H 63 -25.51 38.70 -14.50
N THR H 64 -25.76 39.96 -14.05
CA THR H 64 -26.75 40.84 -14.64
C THR H 64 -26.31 42.30 -14.47
N LEU H 65 -26.32 43.07 -15.54
CA LEU H 65 -25.99 44.50 -15.55
C LEU H 65 -27.27 45.33 -15.70
N SER H 66 -27.49 46.32 -14.82
CA SER H 66 -28.51 47.37 -14.96
C SER H 66 -27.83 48.61 -15.53
N ILE H 67 -28.38 49.12 -16.62
CA ILE H 67 -27.78 50.28 -17.31
C ILE H 67 -28.90 51.11 -17.92
N PRO H 68 -28.79 52.45 -17.93
CA PRO H 68 -29.89 53.31 -18.45
C PRO H 68 -29.97 53.14 -19.99
N VAL H 69 -31.17 53.35 -20.51
CA VAL H 69 -31.44 53.62 -21.94
C VAL H 69 -32.26 54.88 -21.90
N ALA H 70 -31.71 56.00 -22.36
CA ALA H 70 -32.35 57.31 -22.17
C ALA H 70 -33.23 57.66 -23.38
N TRP H 71 -34.43 58.14 -23.11
CA TRP H 71 -35.34 58.75 -24.12
C TRP H 71 -34.51 59.70 -25.00
N GLU H 72 -33.70 60.57 -24.43
CA GLU H 72 -32.96 61.57 -25.23
C GLU H 72 -32.04 60.88 -26.22
N GLN H 73 -31.56 59.69 -25.93
CA GLN H 73 -30.59 59.02 -26.83
C GLN H 73 -31.35 58.26 -27.90
N ILE H 74 -32.52 57.73 -27.58
CA ILE H 74 -33.22 56.86 -28.59
C ILE H 74 -34.07 57.75 -29.50
N GLU H 75 -34.46 58.95 -29.08
CA GLU H 75 -35.35 59.84 -29.90
C GLU H 75 -34.84 61.27 -29.80
N PRO H 76 -33.60 61.53 -30.25
CA PRO H 76 -32.97 62.84 -30.07
C PRO H 76 -33.81 63.90 -30.78
N VAL H 77 -34.42 63.50 -31.89
CA VAL H 77 -35.30 64.32 -32.75
C VAL H 77 -36.61 63.52 -32.83
N GLU H 78 -37.75 64.18 -32.64
CA GLU H 78 -39.06 63.54 -32.54
C GLU H 78 -39.28 62.77 -33.85
N GLY H 79 -39.48 61.46 -33.72
CA GLY H 79 -39.77 60.55 -34.84
C GLY H 79 -38.51 59.88 -35.36
N GLN H 80 -37.34 60.30 -34.90
CA GLN H 80 -36.04 59.91 -35.51
C GLN H 80 -35.33 59.03 -34.48
N PHE H 81 -35.58 57.73 -34.54
CA PHE H 81 -35.08 56.75 -33.55
C PHE H 81 -33.64 56.26 -33.85
N ASP H 82 -32.92 55.99 -32.74
CA ASP H 82 -31.49 55.58 -32.74
C ASP H 82 -31.29 54.50 -31.68
N PHE H 83 -31.10 53.27 -32.10
CA PHE H 83 -30.87 52.12 -31.21
C PHE H 83 -29.42 51.66 -31.31
N SER H 84 -28.50 52.53 -31.78
CA SER H 84 -27.08 52.16 -31.95
C SER H 84 -26.46 51.72 -30.61
N PHE H 85 -26.81 52.40 -29.51
CA PHE H 85 -26.27 51.98 -28.22
C PHE H 85 -26.82 50.62 -27.76
N VAL H 86 -28.13 50.39 -27.90
CA VAL H 86 -28.79 49.10 -27.54
C VAL H 86 -28.11 48.00 -28.38
N ASP H 87 -27.79 48.26 -29.66
CA ASP H 87 -27.20 47.23 -30.56
C ASP H 87 -25.86 46.79 -29.95
N VAL H 88 -24.98 47.76 -29.69
CA VAL H 88 -23.63 47.48 -29.11
C VAL H 88 -23.79 46.80 -27.76
N LEU H 89 -24.71 47.28 -26.92
CA LEU H 89 -24.89 46.78 -25.54
C LEU H 89 -25.25 45.30 -25.57
N LEU H 90 -26.24 44.94 -26.38
CA LEU H 90 -26.73 43.54 -26.51
C LEU H 90 -25.56 42.65 -26.93
N LYS H 91 -24.79 43.07 -27.95
CA LYS H 91 -23.70 42.20 -28.49
C LYS H 91 -22.60 42.04 -27.43
N GLU H 92 -22.23 43.13 -26.77
CA GLU H 92 -21.13 43.03 -25.78
C GLU H 92 -21.62 42.23 -24.55
N ALA H 93 -22.88 42.38 -24.13
CA ALA H 93 -23.42 41.61 -22.99
C ALA H 93 -23.36 40.10 -23.25
N ARG H 94 -23.65 39.70 -24.50
CA ARG H 94 -23.71 38.30 -24.96
C ARG H 94 -22.30 37.71 -24.96
N GLN H 95 -21.35 38.45 -25.52
CA GLN H 95 -19.91 38.04 -25.55
C GLN H 95 -19.45 37.68 -24.11
N ARG H 96 -19.96 38.35 -23.06
CA ARG H 96 -19.53 38.20 -21.65
C ARG H 96 -20.51 37.28 -20.94
N LYS H 97 -21.51 36.73 -21.66
CA LYS H 97 -22.51 35.77 -21.10
C LYS H 97 -23.14 36.38 -19.82
N VAL H 98 -23.62 37.61 -19.91
CA VAL H 98 -24.34 38.26 -18.78
C VAL H 98 -25.72 38.69 -19.30
N ARG H 99 -26.68 38.91 -18.39
CA ARG H 99 -28.02 39.38 -18.80
C ARG H 99 -28.11 40.88 -18.50
N LEU H 100 -29.17 41.53 -18.95
CA LEU H 100 -29.34 43.01 -18.83
C LEU H 100 -30.68 43.31 -18.18
N VAL H 101 -30.67 44.41 -17.44
CA VAL H 101 -31.91 45.07 -17.00
C VAL H 101 -31.83 46.47 -17.53
N LEU H 102 -32.68 46.85 -18.50
CA LEU H 102 -32.61 48.18 -19.08
C LEU H 102 -33.37 49.15 -18.16
N LEU H 103 -32.88 50.38 -17.95
CA LEU H 103 -33.53 51.40 -17.09
C LEU H 103 -34.03 52.53 -17.98
N TRP H 104 -35.34 52.60 -18.15
CA TRP H 104 -35.97 53.58 -19.07
C TRP H 104 -35.93 54.95 -18.38
N PHE H 105 -34.95 55.78 -18.74
CA PHE H 105 -34.84 57.13 -18.18
C PHE H 105 -35.63 58.05 -19.09
N ALA H 106 -36.82 58.51 -18.67
CA ALA H 106 -37.77 59.17 -19.59
C ALA H 106 -38.44 60.34 -18.89
N THR H 107 -39.72 60.22 -18.63
CA THR H 107 -40.50 61.31 -17.99
C THR H 107 -39.89 61.69 -16.63
N TRP H 108 -39.55 60.69 -15.81
CA TRP H 108 -38.91 60.92 -14.50
C TRP H 108 -37.57 60.20 -14.42
N LYS H 109 -36.54 60.93 -14.02
CA LYS H 109 -35.28 60.40 -13.48
C LYS H 109 -35.02 61.25 -12.24
N ASN H 110 -35.09 60.66 -11.07
CA ASN H 110 -34.90 61.39 -9.80
C ASN H 110 -35.81 62.63 -9.78
N ASN H 111 -37.10 62.45 -10.11
CA ASN H 111 -38.20 63.45 -10.06
C ASN H 111 -38.20 64.34 -11.31
N ALA H 112 -37.14 64.34 -12.13
CA ALA H 112 -37.00 65.41 -13.16
C ALA H 112 -36.97 64.84 -14.58
N PRO H 113 -37.09 65.71 -15.60
CA PRO H 113 -37.06 65.33 -17.01
C PRO H 113 -35.71 65.46 -17.73
N HIS H 114 -34.60 65.45 -17.01
CA HIS H 114 -33.28 65.76 -17.62
C HIS H 114 -32.95 64.80 -18.77
N TYR H 115 -33.48 63.56 -18.70
CA TYR H 115 -33.19 62.50 -19.71
C TYR H 115 -34.25 62.50 -20.81
N ALA H 116 -35.30 63.28 -20.66
CA ALA H 116 -36.24 63.52 -21.79
C ALA H 116 -35.53 64.31 -22.89
N PRO H 117 -35.90 64.12 -24.18
CA PRO H 117 -35.27 64.84 -25.28
C PRO H 117 -35.38 66.36 -25.11
N ALA H 118 -34.53 67.16 -25.76
CA ALA H 118 -34.57 68.64 -25.68
C ALA H 118 -35.94 69.16 -26.13
N TRP H 119 -36.51 68.50 -27.15
CA TRP H 119 -37.86 68.85 -27.68
C TRP H 119 -38.97 68.53 -26.68
N VAL H 120 -38.70 67.75 -25.65
CA VAL H 120 -39.68 67.44 -24.56
C VAL H 120 -39.38 68.37 -23.37
N LYS H 121 -38.19 68.28 -22.79
CA LYS H 121 -37.98 69.01 -21.50
C LYS H 121 -37.89 70.52 -21.71
N LEU H 122 -37.84 71.02 -22.94
CA LEU H 122 -37.75 72.49 -23.10
C LEU H 122 -39.08 73.10 -23.57
N ASP H 123 -40.13 72.29 -23.60
CA ASP H 123 -41.46 72.67 -24.15
C ASP H 123 -42.55 72.45 -23.09
N ASN H 124 -42.56 73.33 -22.11
CA ASN H 124 -43.52 73.27 -20.96
C ASN H 124 -44.96 73.35 -21.46
N ALA H 125 -45.24 74.06 -22.54
CA ALA H 125 -46.63 74.24 -23.01
C ALA H 125 -47.16 72.86 -23.42
N ARG H 126 -46.36 72.07 -24.10
CA ARG H 126 -46.83 70.78 -24.62
C ARG H 126 -46.72 69.72 -23.51
N PHE H 127 -45.72 69.89 -22.63
CA PHE H 127 -45.28 68.85 -21.66
C PHE H 127 -45.11 69.52 -20.30
N PRO H 128 -46.24 69.80 -19.61
CA PRO H 128 -46.31 70.69 -18.46
C PRO H 128 -45.69 70.16 -17.16
N ARG H 129 -45.05 71.06 -16.42
CA ARG H 129 -44.46 70.79 -15.10
C ARG H 129 -45.49 70.89 -14.00
N VAL H 130 -45.19 70.26 -12.89
CA VAL H 130 -45.95 70.43 -11.63
C VAL H 130 -45.95 71.88 -11.22
N VAL H 131 -47.11 72.37 -10.80
CA VAL H 131 -47.21 73.74 -10.26
C VAL H 131 -47.52 73.62 -8.78
N LYS H 132 -46.79 74.35 -7.96
CA LYS H 132 -46.98 74.34 -6.49
C LYS H 132 -48.28 75.06 -6.14
N GLU H 133 -48.81 74.83 -4.94
CA GLU H 133 -49.99 75.59 -4.44
C GLU H 133 -49.72 77.10 -4.56
N ASP H 134 -48.46 77.55 -4.56
CA ASP H 134 -48.13 79.01 -4.53
C ASP H 134 -47.98 79.58 -5.96
N GLY H 135 -48.24 78.77 -6.98
CA GLY H 135 -48.18 79.14 -8.41
C GLY H 135 -46.80 78.97 -9.04
N ASP H 136 -45.74 78.82 -8.23
CA ASP H 136 -44.32 78.65 -8.68
C ASP H 136 -44.20 77.27 -9.33
N THR H 137 -43.27 77.08 -10.28
CA THR H 137 -43.14 75.82 -11.07
C THR H 137 -41.89 75.06 -10.62
N LEU H 138 -42.02 73.75 -10.50
CA LEU H 138 -40.92 72.82 -10.16
C LEU H 138 -40.47 72.03 -11.40
N ASN H 139 -39.17 71.67 -11.48
CA ASN H 139 -38.68 70.96 -12.69
C ASN H 139 -39.06 69.47 -12.55
N SER H 140 -40.35 69.17 -12.59
CA SER H 140 -40.91 67.81 -12.38
C SER H 140 -42.17 67.70 -13.26
N LEU H 141 -42.20 66.75 -14.21
CA LEU H 141 -43.34 66.78 -15.17
C LEU H 141 -44.60 66.27 -14.47
N SER H 142 -45.74 66.88 -14.77
CA SER H 142 -47.03 66.47 -14.17
C SER H 142 -47.45 65.14 -14.76
N PRO H 143 -47.90 64.14 -13.97
CA PRO H 143 -48.47 62.90 -14.50
C PRO H 143 -49.85 63.08 -15.17
N LEU H 144 -50.38 64.29 -15.10
CA LEU H 144 -51.63 64.61 -15.82
C LEU H 144 -51.32 65.18 -17.21
N GLY H 145 -50.04 65.26 -17.62
CA GLY H 145 -49.66 65.74 -18.96
C GLY H 145 -50.03 64.66 -19.97
N GLN H 146 -51.10 64.86 -20.75
CA GLN H 146 -51.57 63.83 -21.67
C GLN H 146 -50.62 63.71 -22.85
N ASN H 147 -49.99 64.81 -23.30
CA ASN H 147 -49.07 64.73 -24.44
C ASN H 147 -47.79 64.04 -23.95
N THR H 148 -47.41 64.25 -22.69
CA THR H 148 -46.16 63.69 -22.12
C THR H 148 -46.31 62.15 -22.10
N LEU H 149 -47.45 61.64 -21.65
CA LEU H 149 -47.71 60.19 -21.59
C LEU H 149 -47.67 59.58 -22.99
N ALA H 150 -48.48 60.11 -23.90
CA ALA H 150 -48.48 59.65 -25.28
C ALA H 150 -47.04 59.62 -25.80
N ALA H 151 -46.24 60.69 -25.59
CA ALA H 151 -44.86 60.75 -26.17
C ALA H 151 -43.96 59.69 -25.53
N ASP H 152 -44.03 59.52 -24.22
CA ASP H 152 -43.13 58.55 -23.52
C ASP H 152 -43.52 57.15 -24.01
N LYS H 153 -44.82 56.87 -24.02
CA LYS H 153 -45.40 55.59 -24.45
C LYS H 153 -44.87 55.24 -25.85
N LYS H 154 -44.89 56.22 -26.74
CA LYS H 154 -44.56 56.06 -28.18
C LYS H 154 -43.10 55.61 -28.24
N ALA H 155 -42.25 56.30 -27.45
CA ALA H 155 -40.80 56.03 -27.49
C ALA H 155 -40.52 54.68 -26.79
N PHE H 156 -41.26 54.35 -25.74
CA PHE H 156 -41.05 53.12 -24.98
C PHE H 156 -41.45 51.96 -25.88
N VAL H 157 -42.50 52.14 -26.67
CA VAL H 157 -42.96 51.06 -27.59
C VAL H 157 -41.86 50.79 -28.63
N GLU H 158 -41.23 51.82 -29.22
CA GLU H 158 -40.10 51.65 -30.17
C GLU H 158 -38.93 50.87 -29.56
N LEU H 159 -38.55 51.15 -28.30
CA LEU H 159 -37.49 50.36 -27.62
C LEU H 159 -37.94 48.89 -27.54
N MET H 160 -39.16 48.63 -27.13
CA MET H 160 -39.61 47.24 -26.92
C MET H 160 -39.69 46.58 -28.30
N LYS H 161 -39.95 47.37 -29.35
CA LYS H 161 -40.01 46.79 -30.73
C LYS H 161 -38.60 46.36 -31.14
N TYR H 162 -37.58 47.13 -30.77
CA TYR H 162 -36.17 46.76 -31.06
C TYR H 162 -35.86 45.44 -30.38
N LEU H 163 -36.21 45.29 -29.10
CA LEU H 163 -35.90 44.03 -28.39
C LEU H 163 -36.62 42.83 -29.04
N ALA H 164 -37.90 42.99 -29.38
CA ALA H 164 -38.72 41.92 -30.01
C ALA H 164 -38.00 41.44 -31.27
N LYS H 165 -37.45 42.35 -32.07
CA LYS H 165 -36.80 42.07 -33.37
C LYS H 165 -35.36 41.56 -33.22
N ARG H 166 -34.58 42.09 -32.24
CA ARG H 166 -33.12 41.85 -32.19
C ARG H 166 -32.69 41.20 -30.87
N ASP H 167 -33.63 40.73 -30.01
CA ASP H 167 -33.22 40.08 -28.73
C ASP H 167 -34.07 38.83 -28.47
N LYS H 168 -34.06 37.90 -29.43
CA LYS H 168 -34.92 36.69 -29.45
C LYS H 168 -34.55 35.78 -28.28
N ASP H 169 -33.33 35.87 -27.75
CA ASP H 169 -32.69 35.05 -26.67
CA ASP H 169 -32.92 34.95 -26.64
C ASP H 169 -32.95 35.67 -25.27
N HIS H 170 -33.57 36.84 -25.25
CA HIS H 170 -33.91 37.63 -24.04
C HIS H 170 -32.65 37.93 -23.24
N THR H 171 -31.60 38.41 -23.87
CA THR H 171 -30.45 38.98 -23.14
C THR H 171 -30.98 39.98 -22.08
N VAL H 172 -31.91 40.84 -22.49
CA VAL H 172 -32.65 41.80 -21.59
C VAL H 172 -33.76 41.00 -20.93
N ILE H 173 -33.68 40.87 -19.60
CA ILE H 173 -34.65 40.05 -18.84
C ILE H 173 -35.75 40.89 -18.19
N MET H 174 -35.53 42.19 -17.98
CA MET H 174 -36.47 43.03 -17.20
C MET H 174 -36.21 44.47 -17.58
N VAL H 175 -37.22 45.30 -17.46
CA VAL H 175 -37.07 46.75 -17.79
C VAL H 175 -37.62 47.55 -16.62
N GLN H 176 -36.84 48.50 -16.18
CA GLN H 176 -37.32 49.47 -15.19
C GLN H 176 -38.01 50.61 -15.89
N VAL H 177 -39.27 50.89 -15.55
CA VAL H 177 -40.05 51.97 -16.23
C VAL H 177 -39.93 53.25 -15.42
N GLN H 178 -39.25 54.25 -15.98
CA GLN H 178 -38.89 55.50 -15.29
C GLN H 178 -37.78 55.22 -14.25
N ASN H 179 -37.39 56.26 -13.52
CA ASN H 179 -36.34 56.11 -12.48
C ASN H 179 -36.64 57.02 -11.32
N GLU H 180 -37.08 56.47 -10.19
CA GLU H 180 -37.31 57.31 -8.99
C GLU H 180 -38.31 58.43 -9.34
N VAL H 181 -39.53 58.02 -9.70
CA VAL H 181 -40.63 58.98 -10.00
C VAL H 181 -41.01 59.73 -8.72
N GLY H 182 -41.71 60.82 -8.95
CA GLY H 182 -42.24 61.64 -7.86
C GLY H 182 -41.85 63.07 -8.01
N THR H 183 -41.98 63.82 -6.93
CA THR H 183 -41.71 65.26 -6.95
C THR H 183 -41.04 65.71 -5.69
N TYR H 184 -39.94 66.42 -5.82
CA TYR H 184 -39.32 67.14 -4.67
C TYR H 184 -39.83 68.57 -4.61
N GLY H 185 -40.12 69.08 -3.41
CA GLY H 185 -40.54 70.48 -3.24
C GLY H 185 -42.05 70.72 -3.29
N ALA H 186 -42.87 69.69 -3.55
CA ALA H 186 -44.35 69.75 -3.53
C ALA H 186 -44.94 68.35 -3.35
N VAL H 187 -46.15 68.29 -2.78
CA VAL H 187 -46.83 66.97 -2.53
C VAL H 187 -47.46 66.48 -3.83
N ARG H 188 -48.03 67.39 -4.65
CA ARG H 188 -48.64 67.02 -5.95
C ARG H 188 -48.57 68.19 -6.92
N ASP H 189 -49.18 67.99 -8.11
CA ASP H 189 -49.45 69.09 -9.06
C ASP H 189 -50.70 69.85 -8.57
N TYR H 190 -50.57 71.16 -8.47
CA TYR H 190 -51.64 72.09 -8.04
C TYR H 190 -52.08 72.97 -9.22
N SER H 191 -51.77 72.55 -10.44
CA SER H 191 -52.16 73.27 -11.67
C SER H 191 -53.69 73.24 -11.73
N PRO H 192 -54.37 74.23 -12.39
CA PRO H 192 -55.82 74.15 -12.62
C PRO H 192 -56.24 72.78 -13.20
N MET H 193 -55.41 72.27 -14.09
CA MET H 193 -55.59 70.96 -14.75
C MET H 193 -55.66 69.90 -13.62
N ALA H 194 -54.70 69.87 -12.70
CA ALA H 194 -54.67 68.80 -11.66
C ALA H 194 -55.83 69.02 -10.70
N GLN H 195 -56.08 70.26 -10.29
CA GLN H 195 -57.21 70.57 -9.40
C GLN H 195 -58.52 70.04 -9.99
N ALA H 196 -58.75 70.12 -11.31
CA ALA H 196 -60.00 69.69 -11.96
C ALA H 196 -60.20 68.20 -11.74
N VAL H 197 -59.11 67.42 -11.73
CA VAL H 197 -59.23 65.95 -11.44
C VAL H 197 -59.33 65.74 -9.91
N PHE H 198 -58.56 66.50 -9.12
CA PHE H 198 -58.51 66.34 -7.65
C PHE H 198 -59.91 66.58 -7.07
N ASN H 199 -60.62 67.54 -7.68
CA ASN H 199 -61.97 67.94 -7.27
C ASN H 199 -63.01 66.87 -7.64
N ALA H 200 -62.73 65.95 -8.57
CA ALA H 200 -63.73 65.00 -9.12
C ALA H 200 -63.72 63.71 -8.30
N ALA H 201 -64.66 62.80 -8.56
CA ALA H 201 -64.77 61.47 -7.90
C ALA H 201 -63.42 60.73 -8.00
N VAL H 202 -63.03 59.99 -6.98
CA VAL H 202 -61.95 58.97 -7.16
C VAL H 202 -62.47 57.97 -8.19
N PRO H 203 -61.64 57.60 -9.20
CA PRO H 203 -61.99 56.53 -10.15
C PRO H 203 -62.55 55.24 -9.52
N ASP H 204 -63.65 54.71 -10.08
CA ASP H 204 -64.39 53.52 -9.60
C ASP H 204 -63.41 52.37 -9.37
N ASP H 205 -62.52 52.11 -10.32
CA ASP H 205 -61.60 50.95 -10.20
C ASP H 205 -60.83 51.05 -8.88
N LEU H 206 -60.34 52.24 -8.52
CA LEU H 206 -59.47 52.42 -7.31
C LEU H 206 -60.34 52.20 -6.07
N ILE H 207 -61.55 52.78 -6.07
CA ILE H 207 -62.51 52.60 -4.94
C ILE H 207 -62.83 51.10 -4.81
N GLN H 208 -63.15 50.45 -5.92
CA GLN H 208 -63.52 49.01 -5.94
C GLN H 208 -62.36 48.12 -5.43
N LYS H 209 -61.12 48.35 -5.87
CA LYS H 209 -59.99 47.49 -5.42
C LYS H 209 -59.69 47.74 -3.95
N LEU H 210 -59.84 48.97 -3.47
CA LEU H 210 -59.44 49.33 -2.09
C LEU H 210 -60.57 49.03 -1.11
N GLN H 211 -61.76 48.66 -1.59
CA GLN H 211 -62.94 48.41 -0.73
C GLN H 211 -63.21 49.65 0.13
N LEU H 212 -63.41 50.76 -0.54
CA LEU H 212 -63.59 52.11 0.05
C LEU H 212 -64.96 52.65 -0.37
N LYS H 213 -65.55 53.50 0.48
CA LYS H 213 -66.81 54.21 0.15
C LYS H 213 -66.47 55.27 -0.90
N PRO H 214 -67.21 55.31 -2.03
CA PRO H 214 -67.04 56.35 -3.05
C PRO H 214 -67.01 57.79 -2.51
N GLY H 215 -66.29 58.66 -3.21
CA GLY H 215 -66.19 60.08 -2.84
C GLY H 215 -65.17 60.76 -3.72
N THR H 216 -64.96 62.07 -3.50
CA THR H 216 -63.85 62.80 -4.13
C THR H 216 -62.58 62.46 -3.37
N TRP H 217 -61.46 62.70 -4.03
CA TRP H 217 -60.12 62.57 -3.40
C TRP H 217 -60.16 63.06 -1.95
N SER H 218 -60.53 64.31 -1.70
CA SER H 218 -60.53 64.91 -0.34
C SER H 218 -61.41 64.09 0.61
N GLN H 219 -62.65 63.74 0.29
CA GLN H 219 -63.47 63.11 1.35
C GLN H 219 -63.08 61.64 1.54
N VAL H 220 -62.55 60.99 0.51
CA VAL H 220 -62.11 59.55 0.64
C VAL H 220 -60.81 59.45 1.45
N PHE H 221 -59.84 60.36 1.30
CA PHE H 221 -58.44 60.18 1.79
C PHE H 221 -58.06 61.28 2.80
N GLY H 222 -58.82 62.38 2.85
CA GLY H 222 -58.65 63.44 3.87
C GLY H 222 -57.22 63.97 3.90
N ARG H 223 -56.52 63.87 5.04
CA ARG H 223 -55.13 64.38 5.26
C ARG H 223 -54.17 63.78 4.20
N ASP H 224 -54.43 62.58 3.68
CA ASP H 224 -53.55 61.88 2.70
C ASP H 224 -53.97 62.19 1.26
N ALA H 225 -55.05 62.96 1.06
CA ALA H 225 -55.62 63.28 -0.28
C ALA H 225 -54.54 63.74 -1.28
N ASP H 226 -53.75 64.75 -0.95
CA ASP H 226 -52.73 65.32 -1.89
C ASP H 226 -51.71 64.25 -2.30
N GLU H 227 -51.11 63.54 -1.34
CA GLU H 227 -50.02 62.58 -1.65
C GLU H 227 -50.62 61.35 -2.33
N PHE H 228 -51.78 60.87 -1.91
CA PHE H 228 -52.33 59.64 -2.53
C PHE H 228 -52.72 59.93 -3.99
N PHE H 229 -53.22 61.12 -4.22
CA PHE H 229 -53.58 61.58 -5.59
C PHE H 229 -52.35 61.59 -6.50
N HIS H 230 -51.24 62.18 -6.07
CA HIS H 230 -49.98 62.18 -6.88
C HIS H 230 -49.55 60.73 -7.13
N ALA H 231 -49.50 59.89 -6.08
CA ALA H 231 -49.09 58.50 -6.22
C ALA H 231 -49.97 57.82 -7.28
N TYR H 232 -51.30 58.01 -7.16
CA TYR H 232 -52.26 57.36 -8.08
C TYR H 232 -51.97 57.82 -9.53
N GLN H 233 -51.88 59.11 -9.73
CA GLN H 233 -51.71 59.65 -11.10
C GLN H 233 -50.38 59.19 -11.70
N ILE H 234 -49.31 59.16 -10.90
CA ILE H 234 -47.99 58.67 -11.40
C ILE H 234 -48.10 57.18 -11.64
N ALA H 235 -48.71 56.44 -10.73
CA ALA H 235 -48.85 54.97 -10.88
C ALA H 235 -49.62 54.70 -12.20
N ARG H 236 -50.66 55.48 -12.49
CA ARG H 236 -51.53 55.26 -13.70
C ARG H 236 -50.69 55.49 -14.96
N TYR H 237 -49.87 56.53 -14.90
CA TYR H 237 -48.96 56.92 -16.00
C TYR H 237 -47.97 55.81 -16.28
N CYS H 238 -47.28 55.38 -15.22
CA CYS H 238 -46.31 54.27 -15.36
C CYS H 238 -47.02 52.98 -15.84
N ASP H 239 -48.26 52.70 -15.42
CA ASP H 239 -48.94 51.43 -15.82
C ASP H 239 -49.31 51.51 -17.30
N GLU H 240 -49.76 52.66 -17.77
CA GLU H 240 -50.10 52.84 -19.21
C GLU H 240 -48.81 52.67 -20.04
N VAL H 241 -47.69 53.22 -19.60
CA VAL H 241 -46.43 53.02 -20.38
C VAL H 241 -46.11 51.50 -20.37
N THR H 242 -46.11 50.85 -19.20
CA THR H 242 -45.79 49.40 -19.04
C THR H 242 -46.66 48.57 -20.00
N VAL H 243 -47.96 48.80 -19.99
CA VAL H 243 -48.93 48.01 -20.80
C VAL H 243 -48.60 48.18 -22.28
N ALA H 244 -48.34 49.40 -22.75
CA ALA H 244 -47.92 49.70 -24.15
C ALA H 244 -46.67 48.89 -24.51
N GLY H 245 -45.62 48.98 -23.70
CA GLY H 245 -44.44 48.15 -24.02
C GLY H 245 -44.68 46.63 -23.98
N LYS H 246 -45.40 46.12 -22.95
CA LYS H 246 -45.64 44.67 -22.77
C LYS H 246 -46.46 44.12 -23.95
N ALA H 247 -47.27 44.96 -24.59
CA ALA H 247 -48.09 44.58 -25.75
C ALA H 247 -47.17 44.27 -26.94
N ILE H 248 -45.95 44.82 -26.94
CA ILE H 248 -44.87 44.52 -27.90
C ILE H 248 -44.04 43.31 -27.47
N LYS H 249 -43.42 43.35 -26.29
CA LYS H 249 -42.74 42.16 -25.75
C LYS H 249 -43.00 42.09 -24.27
N ASN H 250 -43.61 41.00 -23.81
CA ASN H 250 -44.19 40.88 -22.45
C ASN H 250 -43.12 40.55 -21.39
N LEU H 251 -42.06 41.36 -21.32
CA LEU H 251 -41.00 41.21 -20.30
C LEU H 251 -41.51 41.74 -18.96
N PRO H 252 -40.95 41.22 -17.87
CA PRO H 252 -41.17 41.78 -16.53
C PRO H 252 -40.79 43.26 -16.50
N MET H 253 -41.53 44.08 -15.76
CA MET H 253 -41.24 45.53 -15.68
C MET H 253 -41.47 46.00 -14.24
N TYR H 254 -40.66 46.91 -13.74
CA TYR H 254 -40.78 47.39 -12.34
C TYR H 254 -40.51 48.88 -12.23
N VAL H 255 -40.85 49.42 -11.06
CA VAL H 255 -40.43 50.80 -10.67
C VAL H 255 -39.54 50.76 -9.44
N ASN H 256 -38.59 51.66 -9.39
CA ASN H 256 -37.61 51.81 -8.25
C ASN H 256 -37.94 53.05 -7.44
N VAL H 257 -37.87 52.96 -6.12
CA VAL H 257 -38.39 54.00 -5.20
C VAL H 257 -37.26 54.77 -4.51
N ALA H 258 -37.34 56.10 -4.57
CA ALA H 258 -36.59 57.06 -3.73
C ALA H 258 -37.23 57.03 -2.36
N LEU H 259 -36.63 56.22 -1.48
CA LEU H 259 -37.28 55.83 -0.23
C LEU H 259 -37.47 57.05 0.68
N ARG H 260 -38.52 57.04 1.51
CA ARG H 260 -38.58 57.88 2.72
C ARG H 260 -38.00 57.05 3.85
N ASN H 261 -37.39 57.67 4.82
CA ASN H 261 -37.00 56.89 6.05
C ASN H 261 -38.28 56.34 6.70
N PRO H 262 -38.42 55.01 6.91
CA PRO H 262 -39.69 54.43 7.36
C PRO H 262 -40.01 54.82 8.80
N PHE H 263 -38.99 55.13 9.58
CA PHE H 263 -39.14 55.45 11.04
C PHE H 263 -39.32 56.97 11.30
N ASN H 264 -38.94 57.78 10.36
CA ASN H 264 -38.85 59.26 10.48
C ASN H 264 -38.83 59.85 9.07
N PRO H 265 -39.94 59.73 8.30
CA PRO H 265 -39.95 60.06 6.87
C PRO H 265 -39.78 61.54 6.52
N GLY H 266 -40.19 62.40 7.45
CA GLY H 266 -40.41 63.83 7.14
C GLY H 266 -41.65 63.97 6.27
N LEU H 267 -41.74 65.08 5.53
CA LEU H 267 -42.96 65.42 4.76
C LEU H 267 -42.87 64.98 3.30
N PRO H 268 -43.98 64.60 2.63
CA PRO H 268 -43.97 64.35 1.19
C PRO H 268 -43.54 65.65 0.50
N GLY H 269 -42.57 65.59 -0.42
CA GLY H 269 -41.95 66.79 -1.00
C GLY H 269 -40.60 67.08 -0.38
N GLN H 270 -40.35 66.72 0.90
CA GLN H 270 -38.93 66.69 1.36
C GLN H 270 -38.41 65.31 0.92
N TYR H 271 -39.19 64.22 1.10
CA TYR H 271 -38.95 63.00 0.30
C TYR H 271 -39.67 63.13 -1.06
N SER H 272 -39.36 62.26 -2.02
CA SER H 272 -39.93 62.27 -3.40
C SER H 272 -41.41 61.87 -3.37
N SER H 273 -42.31 62.84 -3.35
CA SER H 273 -43.76 62.57 -3.18
C SER H 273 -44.33 61.84 -4.41
N GLY H 274 -45.12 60.79 -4.25
CA GLY H 274 -45.80 60.19 -5.40
C GLY H 274 -45.14 58.92 -5.82
N GLY H 275 -43.90 58.66 -5.39
CA GLY H 275 -43.24 57.39 -5.73
C GLY H 275 -43.78 56.31 -4.81
N GLY H 276 -43.35 55.06 -5.01
CA GLY H 276 -43.81 53.88 -4.26
C GLY H 276 -43.29 53.83 -2.83
N THR H 277 -43.41 54.94 -2.07
CA THR H 277 -43.00 54.94 -0.64
C THR H 277 -43.91 54.00 0.15
N ASP H 278 -43.49 53.66 1.37
CA ASP H 278 -44.14 52.53 2.09
C ASP H 278 -45.62 52.86 2.40
N ASN H 279 -45.94 54.15 2.50
CA ASN H 279 -47.31 54.58 2.90
C ASN H 279 -48.26 54.58 1.69
N VAL H 280 -47.72 54.42 0.46
CA VAL H 280 -48.58 54.48 -0.75
C VAL H 280 -48.47 53.19 -1.57
N LEU H 281 -47.88 52.11 -1.06
CA LEU H 281 -47.82 50.85 -1.84
C LEU H 281 -49.24 50.32 -2.16
N HIS H 282 -50.19 50.46 -1.23
CA HIS H 282 -51.60 50.02 -1.43
C HIS H 282 -52.20 50.85 -2.58
N ILE H 283 -51.83 52.13 -2.75
CA ILE H 283 -52.29 52.94 -3.91
C ILE H 283 -51.65 52.38 -5.17
N TRP H 284 -50.31 52.32 -5.21
CA TRP H 284 -49.58 51.77 -6.38
C TRP H 284 -50.09 50.39 -6.80
N LYS H 285 -50.39 49.46 -5.88
CA LYS H 285 -50.74 48.06 -6.25
C LYS H 285 -52.15 48.06 -6.86
N ALA H 286 -53.02 48.93 -6.40
CA ALA H 286 -54.41 49.02 -6.91
C ALA H 286 -54.38 49.75 -8.26
N ALA H 287 -53.59 50.80 -8.36
CA ALA H 287 -53.57 51.66 -9.57
C ALA H 287 -52.79 51.01 -10.73
N ALA H 288 -51.69 50.26 -10.52
CA ALA H 288 -50.79 49.75 -11.58
C ALA H 288 -50.70 48.24 -11.52
N PRO H 289 -51.78 47.52 -11.92
CA PRO H 289 -51.76 46.06 -11.88
C PRO H 289 -50.82 45.40 -12.88
N ASN H 290 -50.28 46.19 -13.81
CA ASN H 290 -49.45 45.67 -14.92
C ASN H 290 -47.97 45.86 -14.53
N ILE H 291 -47.68 46.60 -13.46
CA ILE H 291 -46.27 46.74 -12.98
C ILE H 291 -45.93 45.56 -12.08
N ASP H 292 -44.89 44.78 -12.39
CA ASP H 292 -44.67 43.47 -11.73
C ASP H 292 -44.25 43.64 -10.25
N LEU H 293 -43.40 44.63 -9.93
CA LEU H 293 -42.99 44.81 -8.51
C LEU H 293 -42.54 46.23 -8.31
N ILE H 294 -42.45 46.62 -7.04
CA ILE H 294 -41.98 47.95 -6.64
C ILE H 294 -40.70 47.78 -5.82
N ALA H 295 -39.57 48.29 -6.32
CA ALA H 295 -38.20 47.99 -5.85
C ALA H 295 -37.60 49.13 -5.01
N PRO H 296 -37.11 48.85 -3.78
CA PRO H 296 -36.45 49.88 -2.97
C PRO H 296 -35.02 50.20 -3.40
N ASP H 297 -34.63 51.49 -3.32
CA ASP H 297 -33.26 51.99 -3.63
C ASP H 297 -32.67 52.36 -2.29
N ILE H 298 -31.83 51.52 -1.74
CA ILE H 298 -31.39 51.53 -0.32
C ILE H 298 -30.04 52.18 -0.13
N TYR H 299 -30.04 53.32 0.60
CA TYR H 299 -28.77 54.02 0.87
C TYR H 299 -28.64 54.28 2.36
N PHE H 300 -29.63 53.85 3.14
CA PHE H 300 -29.54 53.99 4.61
C PHE H 300 -28.41 53.08 5.05
N ARG H 301 -27.47 53.55 5.83
CA ARG H 301 -26.37 52.64 6.24
C ARG H 301 -26.80 51.73 7.40
N ASP H 302 -27.60 52.25 8.33
CA ASP H 302 -27.78 51.52 9.62
C ASP H 302 -28.65 50.27 9.45
N TYR H 303 -28.22 49.17 10.03
CA TYR H 303 -28.85 47.84 9.96
C TYR H 303 -30.34 47.97 10.23
N LYS H 304 -30.71 48.67 11.30
CA LYS H 304 -32.10 48.66 11.78
C LYS H 304 -33.02 49.25 10.69
N THR H 305 -32.59 50.35 10.08
CA THR H 305 -33.38 51.05 9.05
C THR H 305 -33.38 50.21 7.77
N VAL H 306 -32.22 49.70 7.33
CA VAL H 306 -32.26 48.81 6.12
C VAL H 306 -33.23 47.64 6.35
N SER H 307 -33.09 46.98 7.48
CA SER H 307 -33.90 45.82 7.83
C SER H 307 -35.38 46.19 7.72
N LYS H 308 -35.75 47.40 8.14
CA LYS H 308 -37.18 47.82 8.11
C LYS H 308 -37.59 47.98 6.64
N VAL H 309 -36.71 48.55 5.84
CA VAL H 309 -37.04 48.69 4.38
C VAL H 309 -37.28 47.30 3.76
N LEU H 310 -36.37 46.37 4.00
CA LEU H 310 -36.57 45.00 3.43
C LEU H 310 -37.91 44.39 3.87
N GLU H 311 -38.25 44.49 5.16
CA GLU H 311 -39.54 44.00 5.70
C GLU H 311 -40.74 44.65 4.99
N LEU H 312 -40.74 45.96 4.85
CA LEU H 312 -41.88 46.72 4.28
C LEU H 312 -42.04 46.42 2.80
N TYR H 313 -40.97 46.16 2.06
CA TYR H 313 -41.08 45.93 0.61
C TYR H 313 -41.19 44.44 0.26
N THR H 314 -41.14 43.54 1.24
CA THR H 314 -41.40 42.11 0.95
C THR H 314 -42.84 41.79 1.36
N ARG H 315 -43.74 41.61 0.40
CA ARG H 315 -45.19 41.42 0.69
C ARG H 315 -45.74 40.28 -0.16
N PRO H 316 -46.88 39.66 0.20
CA PRO H 316 -47.43 38.59 -0.62
C PRO H 316 -47.72 39.08 -2.04
N ASP H 317 -47.99 40.36 -2.15
CA ASP H 317 -48.22 41.03 -3.46
C ASP H 317 -46.96 41.71 -4.03
N ASN H 318 -45.80 41.60 -3.41
CA ASN H 318 -44.61 42.37 -3.89
C ASN H 318 -43.34 41.55 -3.67
N ALA H 319 -42.82 41.01 -4.75
CA ALA H 319 -41.47 40.41 -4.78
C ALA H 319 -40.44 41.44 -4.34
N LEU H 320 -39.46 41.00 -3.60
CA LEU H 320 -38.38 41.88 -3.18
C LEU H 320 -37.24 41.93 -4.20
N PHE H 321 -36.96 43.11 -4.71
CA PHE H 321 -35.82 43.31 -5.62
C PHE H 321 -35.11 44.56 -5.11
N VAL H 322 -33.89 44.38 -4.63
CA VAL H 322 -33.09 45.54 -4.18
C VAL H 322 -32.47 46.12 -5.47
N ALA H 323 -33.22 46.99 -6.16
CA ALA H 323 -32.84 47.48 -7.51
C ALA H 323 -31.64 48.43 -7.45
N GLU H 324 -31.39 49.05 -6.28
CA GLU H 324 -30.17 49.86 -6.03
C GLU H 324 -29.80 49.71 -4.57
N ILE H 325 -28.50 49.66 -4.34
CA ILE H 325 -28.00 49.79 -2.94
C ILE H 325 -26.68 50.50 -3.01
N GLY H 326 -26.30 51.23 -1.95
CA GLY H 326 -24.97 51.87 -1.94
C GLY H 326 -23.82 50.87 -2.23
N ASN H 327 -22.74 51.33 -2.84
CA ASN H 327 -21.57 50.47 -3.17
C ASN H 327 -20.48 50.53 -2.10
N ASP H 328 -20.74 51.16 -0.97
CA ASP H 328 -19.74 51.12 0.12
C ASP H 328 -19.76 49.78 0.84
N GLN H 329 -18.73 49.47 1.63
CA GLN H 329 -18.51 48.16 2.25
C GLN H 329 -19.68 47.72 3.11
N PRO H 330 -20.30 48.60 3.95
CA PRO H 330 -21.35 48.16 4.88
C PRO H 330 -22.55 47.49 4.19
N PHE H 331 -22.79 47.86 2.94
CA PHE H 331 -23.97 47.40 2.16
C PHE H 331 -23.88 45.94 1.67
N ALA H 332 -22.70 45.40 1.47
CA ALA H 332 -22.52 44.08 0.86
C ALA H 332 -23.24 42.99 1.63
N ARG H 333 -23.24 43.12 2.95
CA ARG H 333 -23.78 42.05 3.80
C ARG H 333 -25.31 41.97 3.69
N TYR H 334 -25.98 43.05 3.23
CA TYR H 334 -27.46 42.99 3.08
C TYR H 334 -27.88 41.99 1.97
N LEU H 335 -26.95 41.51 1.13
CA LEU H 335 -27.29 40.42 0.16
C LEU H 335 -27.94 39.27 0.93
N PHE H 336 -27.50 39.00 2.15
CA PHE H 336 -27.97 37.80 2.89
C PHE H 336 -29.45 37.92 3.31
N PRO H 337 -29.89 38.97 4.08
CA PRO H 337 -31.30 39.16 4.42
C PRO H 337 -32.19 39.29 3.17
N THR H 338 -31.72 39.99 2.15
CA THR H 338 -32.49 40.14 0.89
C THR H 338 -32.80 38.75 0.32
N LEU H 339 -31.80 37.86 0.15
CA LEU H 339 -32.08 36.51 -0.38
C LEU H 339 -32.89 35.70 0.64
N GLY H 340 -32.60 35.88 1.94
CA GLY H 340 -33.38 35.27 3.03
C GLY H 340 -34.87 35.61 3.05
N LYS H 341 -35.24 36.79 2.60
CA LYS H 341 -36.68 37.16 2.51
C LYS H 341 -37.30 36.58 1.26
N GLY H 342 -36.50 35.92 0.41
CA GLY H 342 -36.97 35.37 -0.88
C GLY H 342 -36.86 36.42 -1.96
N GLY H 343 -35.92 37.36 -1.81
CA GLY H 343 -35.62 38.40 -2.80
C GLY H 343 -35.20 37.79 -4.12
N ILE H 344 -35.55 38.43 -5.22
CA ILE H 344 -35.20 37.91 -6.56
C ILE H 344 -33.89 38.55 -7.07
N GLY H 345 -33.30 39.50 -6.34
CA GLY H 345 -32.12 40.20 -6.87
C GLY H 345 -31.62 41.32 -5.99
N PHE H 346 -30.40 41.79 -6.31
CA PHE H 346 -29.60 42.74 -5.52
C PHE H 346 -28.63 43.46 -6.44
N SER H 347 -28.62 44.79 -6.52
CA SER H 347 -27.83 45.52 -7.54
C SER H 347 -27.15 46.77 -6.96
N PRO H 348 -25.89 46.62 -6.51
CA PRO H 348 -25.08 47.74 -6.01
C PRO H 348 -24.94 48.80 -7.11
N PHE H 349 -25.07 50.08 -6.75
CA PHE H 349 -25.14 51.21 -7.69
C PHE H 349 -23.73 51.76 -7.92
N GLY H 350 -23.35 52.10 -9.14
CA GLY H 350 -22.10 52.84 -9.43
C GLY H 350 -20.92 51.94 -9.66
N MET H 351 -21.14 50.76 -10.17
CA MET H 351 -20.04 49.77 -10.35
C MET H 351 -19.37 49.95 -11.72
N ASP H 352 -18.67 51.07 -11.92
CA ASP H 352 -17.88 51.27 -13.15
C ASP H 352 -16.73 52.23 -12.85
N ASP H 353 -15.80 52.29 -13.78
CA ASP H 353 -14.57 53.12 -13.60
C ASP H 353 -14.67 54.39 -14.45
N THR H 354 -15.84 55.05 -14.48
CA THR H 354 -16.06 56.27 -15.27
C THR H 354 -15.76 57.52 -14.47
N ASP H 355 -14.94 57.38 -13.45
CA ASP H 355 -14.36 58.50 -12.68
C ASP H 355 -15.52 59.24 -12.03
N TYR H 356 -16.29 58.53 -11.22
CA TYR H 356 -17.41 59.12 -10.45
C TYR H 356 -17.72 58.25 -9.23
N THR H 357 -17.87 58.90 -8.08
N THR H 357 -17.85 58.88 -8.08
CA THR H 357 -18.40 58.29 -6.83
CA THR H 357 -18.49 58.23 -6.90
C THR H 357 -19.57 59.14 -6.31
C THR H 357 -19.58 59.13 -6.33
N ASN H 358 -20.66 58.51 -5.92
CA ASN H 358 -21.80 59.20 -5.27
C ASN H 358 -21.57 59.32 -3.75
N TYR H 359 -20.37 59.05 -3.26
CA TYR H 359 -20.01 59.28 -1.84
C TYR H 359 -20.53 60.67 -1.46
N PRO H 360 -21.21 60.95 -0.32
CA PRO H 360 -21.35 60.05 0.83
C PRO H 360 -22.38 58.90 0.76
N LEU H 361 -23.12 58.75 -0.35
CA LEU H 361 -24.01 57.57 -0.54
C LEU H 361 -23.19 56.27 -0.70
N GLY H 362 -22.19 56.25 -1.56
CA GLY H 362 -21.34 55.06 -1.79
C GLY H 362 -19.93 55.22 -1.31
N ALA H 363 -19.06 54.41 -1.90
CA ALA H 363 -17.65 54.28 -1.48
C ALA H 363 -16.93 55.60 -1.73
N LYS H 364 -16.04 56.03 -0.82
CA LYS H 364 -15.27 57.27 -1.04
C LYS H 364 -14.33 57.04 -2.25
N VAL H 365 -13.76 55.85 -2.35
CA VAL H 365 -12.77 55.47 -3.41
C VAL H 365 -13.31 54.29 -4.20
N TYR H 366 -13.46 54.44 -5.50
CA TYR H 366 -13.85 53.28 -6.32
C TYR H 366 -12.59 52.58 -6.87
N ASN H 367 -12.29 51.40 -6.31
CA ASN H 367 -11.13 50.60 -6.77
C ASN H 367 -11.44 49.10 -6.60
N ASP H 368 -10.42 48.28 -6.76
CA ASP H 368 -10.58 46.83 -6.80
C ASP H 368 -11.12 46.37 -5.45
N GLU H 369 -10.72 47.03 -4.33
CA GLU H 369 -11.16 46.56 -3.01
C GLU H 369 -12.65 46.92 -2.83
N THR H 370 -13.09 48.03 -3.38
CA THR H 370 -14.56 48.35 -3.39
C THR H 370 -15.34 47.17 -4.01
N ILE H 371 -14.91 46.73 -5.18
CA ILE H 371 -15.63 45.67 -5.95
C ILE H 371 -15.52 44.33 -5.19
N GLU H 372 -14.39 44.07 -4.55
CA GLU H 372 -14.11 42.79 -3.88
C GLU H 372 -15.14 42.55 -2.76
N GLN H 373 -15.63 43.62 -2.10
CA GLN H 373 -16.54 43.45 -0.95
C GLN H 373 -17.80 42.74 -1.47
N PHE H 374 -18.24 43.10 -2.67
CA PHE H 374 -19.44 42.46 -3.28
C PHE H 374 -18.97 41.13 -3.88
N ALA H 375 -17.81 41.07 -4.56
CA ALA H 375 -17.38 39.80 -5.21
C ALA H 375 -17.35 38.67 -4.19
N GLN H 376 -16.88 38.97 -2.99
CA GLN H 376 -16.74 37.95 -1.96
C GLN H 376 -18.10 37.38 -1.60
N VAL H 377 -19.16 38.18 -1.56
CA VAL H 377 -20.49 37.61 -1.14
C VAL H 377 -21.19 36.98 -2.34
N TYR H 378 -21.00 37.52 -3.53
CA TYR H 378 -21.58 36.92 -4.75
C TYR H 378 -20.99 35.52 -4.95
N ARG H 379 -19.75 35.33 -4.49
CA ARG H 379 -19.10 33.98 -4.74
C ARG H 379 -19.80 32.88 -3.93
N LEU H 380 -20.59 33.25 -2.91
CA LEU H 380 -21.32 32.26 -2.08
C LEU H 380 -22.56 31.76 -2.80
N VAL H 381 -23.12 32.62 -3.63
CA VAL H 381 -24.42 32.35 -4.29
C VAL H 381 -24.24 31.86 -5.73
N ASN H 382 -23.33 32.51 -6.47
CA ASN H 382 -23.09 32.17 -7.91
C ASN H 382 -23.05 30.65 -8.12
N PRO H 383 -22.26 29.86 -7.36
CA PRO H 383 -22.13 28.41 -7.60
C PRO H 383 -23.43 27.61 -7.42
N MET H 384 -24.43 28.16 -6.73
CA MET H 384 -25.71 27.51 -6.45
C MET H 384 -26.86 28.42 -6.90
N MET H 385 -26.66 29.30 -7.87
CA MET H 385 -27.67 30.34 -8.17
C MET H 385 -29.02 29.71 -8.56
N ARG H 386 -29.03 28.68 -9.42
CA ARG H 386 -30.31 28.11 -9.87
C ARG H 386 -30.95 27.28 -8.76
N GLU H 387 -30.15 26.55 -8.00
CA GLU H 387 -30.66 25.71 -6.90
C GLU H 387 -31.25 26.64 -5.82
N TRP H 388 -30.48 27.66 -5.43
CA TRP H 388 -31.02 28.63 -4.43
C TRP H 388 -32.33 29.25 -4.95
N ALA H 389 -32.34 29.71 -6.19
CA ALA H 389 -33.54 30.31 -6.80
C ALA H 389 -34.73 29.37 -6.66
N ARG H 390 -34.53 28.08 -6.98
CA ARG H 390 -35.63 27.07 -6.94
C ARG H 390 -36.06 26.95 -5.47
N LEU H 391 -35.12 26.77 -4.54
CA LEU H 391 -35.45 26.60 -3.10
C LEU H 391 -36.24 27.78 -2.51
N SER H 392 -35.86 29.00 -2.85
CA SER H 392 -36.45 30.21 -2.24
C SER H 392 -37.92 30.35 -2.64
N TYR H 393 -38.26 29.94 -3.86
CA TYR H 393 -39.64 30.03 -4.41
C TYR H 393 -40.53 28.92 -3.86
N GLN H 394 -40.04 27.69 -3.98
CA GLN H 394 -40.80 26.44 -3.75
C GLN H 394 -40.70 26.03 -2.27
N GLY H 395 -39.76 26.57 -1.50
CA GLY H 395 -39.42 26.05 -0.17
C GLY H 395 -39.23 27.12 0.88
N GLN H 396 -38.49 26.76 1.94
CA GLN H 396 -38.20 27.60 3.13
C GLN H 396 -36.73 28.01 3.08
N VAL H 397 -36.45 29.30 3.02
CA VAL H 397 -35.07 29.83 3.13
C VAL H 397 -35.04 30.86 4.27
N TRP H 398 -33.82 31.18 4.69
CA TRP H 398 -33.53 32.19 5.73
C TRP H 398 -32.24 32.91 5.33
N GLY H 399 -32.03 34.10 5.86
CA GLY H 399 -30.81 34.86 5.59
C GLY H 399 -30.70 35.94 6.64
N VAL H 400 -29.50 36.20 7.13
CA VAL H 400 -29.28 37.25 8.18
C VAL H 400 -27.99 37.96 7.83
N ALA H 401 -27.86 39.21 8.28
CA ALA H 401 -26.58 39.94 8.25
C ALA H 401 -26.21 40.36 9.67
N GLU H 402 -24.93 40.59 9.84
CA GLU H 402 -24.31 41.06 11.11
C GLU H 402 -25.11 42.29 11.56
N PRO H 403 -25.79 42.23 12.75
CA PRO H 403 -26.78 43.24 13.13
C PRO H 403 -26.29 44.48 13.85
N LEU H 404 -25.01 44.59 14.14
CA LEU H 404 -24.46 45.84 14.71
C LEU H 404 -23.64 46.47 13.62
N ASP H 405 -23.76 47.78 13.45
CA ASP H 405 -22.92 48.51 12.49
C ASP H 405 -21.50 48.63 13.07
N SER H 406 -20.53 48.97 12.25
CA SER H 406 -19.13 49.18 12.70
C SER H 406 -19.12 50.23 13.82
N THR H 407 -18.31 50.01 14.83
CA THR H 407 -18.07 50.97 15.94
C THR H 407 -17.79 52.36 15.39
N THR H 408 -18.61 53.34 15.79
CA THR H 408 -18.55 54.77 15.39
C THR H 408 -17.88 55.62 16.48
N GLN H 425 -19.43 44.83 30.82
CA GLN H 425 -20.90 44.80 30.56
C GLN H 425 -21.21 45.09 29.08
N HIS H 426 -20.59 46.13 28.47
CA HIS H 426 -20.74 46.48 27.03
C HIS H 426 -20.41 45.26 26.17
N LYS H 427 -19.41 44.47 26.60
CA LYS H 427 -18.94 43.25 25.90
C LYS H 427 -20.06 42.20 25.90
N LYS H 428 -20.80 42.10 27.01
CA LYS H 428 -21.91 41.13 27.17
C LYS H 428 -23.05 41.58 26.24
N ASP H 429 -23.52 42.82 26.41
CA ASP H 429 -24.58 43.46 25.56
C ASP H 429 -24.26 43.25 24.09
N ARG H 430 -22.99 43.45 23.66
CA ARG H 430 -22.62 43.32 22.22
C ARG H 430 -22.65 41.85 21.80
N ALA H 431 -22.16 40.91 22.62
CA ALA H 431 -22.25 39.47 22.27
C ALA H 431 -23.71 39.03 22.11
N SER H 432 -24.61 39.52 22.98
CA SER H 432 -26.05 39.23 22.92
C SER H 432 -26.60 39.76 21.58
N ALA H 433 -26.20 40.97 21.18
CA ALA H 433 -26.69 41.61 19.95
C ALA H 433 -26.10 40.93 18.69
N LEU H 434 -24.91 40.34 18.81
CA LEU H 434 -24.22 39.63 17.70
C LEU H 434 -24.59 38.15 17.71
N THR H 435 -25.74 37.78 18.32
CA THR H 435 -26.26 36.40 18.38
C THR H 435 -27.67 36.39 17.79
N GLN H 436 -27.86 35.73 16.65
CA GLN H 436 -29.20 35.67 16.01
C GLN H 436 -29.74 34.25 16.10
N GLN H 437 -31.03 34.13 16.37
CA GLN H 437 -31.70 32.79 16.37
C GLN H 437 -32.56 32.68 15.11
N LEU H 438 -32.58 31.49 14.49
CA LEU H 438 -33.50 31.19 13.38
C LEU H 438 -34.25 29.90 13.69
N ASP H 439 -35.57 29.91 13.55
CA ASP H 439 -36.39 28.73 13.86
C ASP H 439 -36.57 27.94 12.56
N LEU H 440 -35.93 26.76 12.42
CA LEU H 440 -36.00 26.05 11.12
C LEU H 440 -36.91 24.82 11.18
N GLY H 441 -37.90 24.82 12.08
CA GLY H 441 -38.83 23.69 12.23
C GLY H 441 -38.38 22.83 13.38
N LEU H 442 -37.75 21.70 13.10
CA LEU H 442 -37.36 20.73 14.16
C LEU H 442 -36.04 21.17 14.80
N TRP H 443 -35.39 22.14 14.16
CA TRP H 443 -34.03 22.60 14.47
C TRP H 443 -34.00 24.12 14.37
N ASP H 444 -33.17 24.71 15.22
CA ASP H 444 -32.84 26.14 15.23
C ASP H 444 -31.40 26.28 14.81
N ALA H 445 -31.03 27.44 14.33
CA ALA H 445 -29.63 27.79 14.13
C ALA H 445 -29.38 29.07 14.86
N GLU H 446 -28.19 29.12 15.43
CA GLU H 446 -27.69 30.31 16.11
C GLU H 446 -26.56 30.87 15.25
N VAL H 447 -26.69 32.10 14.75
CA VAL H 447 -25.59 32.73 13.98
C VAL H 447 -24.93 33.76 14.89
N THR H 448 -23.61 33.70 15.00
CA THR H 448 -22.77 34.65 15.75
C THR H 448 -21.66 35.21 14.87
N TYR H 449 -21.17 36.40 15.22
CA TYR H 449 -20.22 37.13 14.38
C TYR H 449 -18.97 37.56 15.14
N GLY H 450 -17.81 37.31 14.55
CA GLY H 450 -16.52 37.82 15.04
C GLY H 450 -16.01 37.02 16.22
N ARG H 451 -15.51 35.83 15.95
CA ARG H 451 -15.05 34.87 16.98
C ARG H 451 -14.14 33.86 16.30
N PRO H 452 -13.23 33.23 17.06
CA PRO H 452 -12.36 32.19 16.53
C PRO H 452 -13.15 30.99 15.97
N MET H 453 -12.44 30.11 15.28
CA MET H 453 -13.08 28.90 14.67
C MET H 453 -13.02 27.74 15.66
N PHE H 454 -12.52 28.00 16.86
CA PHE H 454 -12.30 26.96 17.90
C PHE H 454 -12.71 27.54 19.26
N TRP H 455 -13.32 26.73 20.14
CA TRP H 455 -13.79 27.09 21.50
C TRP H 455 -14.99 28.06 21.40
N VAL H 456 -15.45 28.65 22.52
CA VAL H 456 -16.77 29.35 22.61
C VAL H 456 -16.62 30.76 23.22
N THR H 457 -15.48 31.42 23.10
N THR H 457 -15.47 31.41 23.08
CA THR H 457 -15.30 32.81 23.57
CA THR H 457 -15.26 32.84 23.42
C THR H 457 -16.32 33.67 22.84
C THR H 457 -16.40 33.63 22.81
N PRO H 458 -17.08 34.51 23.58
CA PRO H 458 -18.19 35.27 22.99
C PRO H 458 -17.85 36.05 21.72
N PRO H 459 -18.82 36.19 20.76
CA PRO H 459 -18.66 36.98 19.54
C PRO H 459 -18.37 38.44 19.91
N GLU H 460 -17.50 39.14 19.18
CA GLU H 460 -17.15 40.59 19.36
C GLU H 460 -17.36 41.37 18.05
N GLY H 461 -17.89 40.69 17.02
CA GLY H 461 -18.25 41.29 15.73
C GLY H 461 -17.04 41.39 14.84
N ASN H 462 -17.28 41.54 13.55
CA ASN H 462 -16.19 41.76 12.56
C ASN H 462 -15.91 43.24 12.49
N THR H 463 -14.69 43.60 12.07
CA THR H 463 -14.24 45.00 11.94
C THR H 463 -13.75 45.18 10.51
N PRO H 464 -14.50 45.84 9.60
CA PRO H 464 -15.84 46.40 9.83
C PRO H 464 -16.91 45.31 9.89
N ALA H 465 -18.16 45.65 10.26
CA ALA H 465 -19.30 44.72 10.25
C ALA H 465 -19.45 44.19 8.82
N ALA H 466 -19.54 42.88 8.64
CA ALA H 466 -19.54 42.29 7.28
C ALA H 466 -20.19 40.91 7.18
N GLY H 467 -20.55 40.26 8.26
CA GLY H 467 -20.95 38.83 8.21
C GLY H 467 -22.38 38.60 7.80
N GLY H 468 -22.67 37.38 7.47
CA GLY H 468 -24.05 36.94 7.18
C GLY H 468 -24.11 35.45 6.87
N ALA H 469 -25.32 34.96 6.72
CA ALA H 469 -25.53 33.52 6.56
C ALA H 469 -26.77 33.32 5.72
N LEU H 470 -26.78 32.24 4.96
CA LEU H 470 -27.96 31.77 4.19
C LEU H 470 -28.24 30.33 4.59
N ILE H 471 -29.55 30.01 4.79
CA ILE H 471 -29.95 28.61 5.05
C ILE H 471 -31.15 28.29 4.19
N ALA H 472 -31.16 27.12 3.55
CA ALA H 472 -32.38 26.61 2.87
C ALA H 472 -32.69 25.23 3.40
N GLN H 473 -33.96 24.97 3.67
CA GLN H 473 -34.39 23.65 4.22
C GLN H 473 -34.54 22.64 3.06
N LEU H 474 -33.82 21.52 3.11
CA LEU H 474 -33.86 20.50 2.02
C LEU H 474 -34.81 19.39 2.43
N ASP H 475 -34.89 19.14 3.73
CA ASP H 475 -35.93 18.24 4.31
CA ASP H 475 -35.77 18.10 4.34
C ASP H 475 -35.99 18.43 5.84
N ASP H 476 -36.74 17.59 6.57
CA ASP H 476 -37.16 17.89 7.96
C ASP H 476 -35.91 18.11 8.80
N ASN H 477 -34.85 17.39 8.48
CA ASN H 477 -33.63 17.45 9.33
C ASN H 477 -32.39 17.73 8.49
N GLU H 478 -32.54 18.29 7.30
CA GLU H 478 -31.39 18.57 6.40
C GLU H 478 -31.50 19.99 5.84
N TYR H 479 -30.40 20.71 5.89
CA TYR H 479 -30.30 22.12 5.48
C TYR H 479 -29.11 22.32 4.57
N LEU H 480 -29.26 23.29 3.68
CA LEU H 480 -28.18 23.81 2.82
C LEU H 480 -27.65 25.08 3.50
N VAL H 481 -26.35 25.20 3.69
CA VAL H 481 -25.82 26.31 4.53
C VAL H 481 -24.61 26.94 3.86
N THR H 482 -24.56 28.25 3.74
CA THR H 482 -23.27 28.93 3.42
C THR H 482 -23.28 30.22 4.24
N ALA H 483 -22.12 30.74 4.59
CA ALA H 483 -22.10 31.91 5.50
C ALA H 483 -20.77 32.58 5.35
N TYR H 484 -20.61 33.72 6.02
CA TYR H 484 -19.54 34.67 5.66
C TYR H 484 -19.14 35.37 6.95
N LYS H 485 -17.91 35.11 7.39
CA LYS H 485 -17.33 35.79 8.59
C LYS H 485 -18.33 35.62 9.74
N ALA H 486 -18.71 34.38 10.00
CA ALA H 486 -19.77 34.02 10.94
C ALA H 486 -19.61 32.57 11.39
N ARG H 487 -20.22 32.26 12.48
CA ARG H 487 -20.36 30.88 12.98
C ARG H 487 -21.83 30.53 12.91
N VAL H 488 -22.15 29.36 12.37
CA VAL H 488 -23.56 28.85 12.39
C VAL H 488 -23.64 27.59 13.27
N GLU H 489 -24.51 27.56 14.29
CA GLU H 489 -24.63 26.35 15.11
C GLU H 489 -26.08 25.84 15.12
N PHE H 490 -26.24 24.51 14.94
CA PHE H 490 -27.57 23.88 15.02
C PHE H 490 -27.83 23.36 16.43
N LYS H 491 -29.11 23.35 16.77
CA LYS H 491 -29.60 22.77 18.02
C LYS H 491 -31.07 22.40 17.82
N PRO H 492 -31.62 21.55 18.71
CA PRO H 492 -33.03 21.18 18.68
C PRO H 492 -33.93 22.40 18.82
N SER H 493 -35.05 22.45 18.11
CA SER H 493 -35.98 23.61 18.17
C SER H 493 -36.85 23.57 19.43
N GLN H 494 -37.12 22.38 19.95
CA GLN H 494 -37.88 22.14 21.21
C GLN H 494 -37.20 21.05 22.01
N GLU H 495 -37.49 20.99 23.32
CA GLU H 495 -37.04 19.95 24.30
C GLU H 495 -37.22 18.56 23.66
N LEU H 496 -36.15 17.75 23.64
CA LEU H 496 -36.19 16.34 23.16
C LEU H 496 -36.61 15.44 24.32
N ALA H 497 -37.59 14.57 24.12
CA ALA H 497 -38.23 13.79 25.21
C ALA H 497 -37.30 12.65 25.62
N GLY H 498 -36.16 12.96 26.24
CA GLY H 498 -35.17 11.98 26.74
C GLY H 498 -34.12 11.64 25.69
N LYS H 499 -34.38 12.03 24.44
CA LYS H 499 -33.43 11.88 23.31
C LYS H 499 -32.29 12.87 23.46
N LYS H 500 -31.20 12.57 22.76
CA LYS H 500 -30.04 13.46 22.60
C LYS H 500 -30.00 13.91 21.14
N PHE H 501 -29.09 14.83 20.81
CA PHE H 501 -28.95 15.24 19.40
C PHE H 501 -27.47 15.38 19.04
N MET H 502 -27.24 15.28 17.73
CA MET H 502 -25.90 15.58 17.18
C MET H 502 -26.08 15.96 15.72
N ILE H 503 -25.00 16.41 15.15
CA ILE H 503 -24.86 16.47 13.67
C ILE H 503 -24.72 15.04 13.18
N GLU H 504 -25.49 14.64 12.20
CA GLU H 504 -25.32 13.30 11.60
C GLU H 504 -24.22 13.39 10.54
N ARG H 505 -24.26 14.43 9.69
CA ARG H 505 -23.24 14.56 8.62
C ARG H 505 -23.22 15.98 8.08
N VAL H 506 -22.03 16.54 7.86
CA VAL H 506 -21.85 17.82 7.15
C VAL H 506 -21.02 17.51 5.91
N GLU H 507 -21.55 17.80 4.72
CA GLU H 507 -20.79 17.63 3.45
C GLU H 507 -20.52 19.01 2.86
N GLU H 508 -19.30 19.28 2.46
CA GLU H 508 -19.04 20.45 1.60
C GLU H 508 -19.11 19.99 0.14
N GLY H 509 -19.64 20.80 -0.75
CA GLY H 509 -19.81 20.31 -2.13
C GLY H 509 -20.40 21.34 -3.04
N ARG H 510 -20.94 20.89 -4.16
CA ARG H 510 -21.46 21.82 -5.18
C ARG H 510 -22.54 21.15 -6.01
N PHE H 511 -23.30 21.95 -6.74
CA PHE H 511 -24.30 21.45 -7.72
C PHE H 511 -23.65 21.47 -9.09
N GLU H 512 -23.63 20.30 -9.77
CA GLU H 512 -23.26 20.09 -11.19
C GLU H 512 -24.52 19.56 -11.92
N LYS H 513 -25.09 20.30 -12.88
CA LYS H 513 -26.34 19.90 -13.60
C LYS H 513 -27.50 19.70 -12.61
N GLY H 514 -27.57 20.53 -11.55
CA GLY H 514 -28.58 20.45 -10.47
C GLY H 514 -28.40 19.24 -9.56
N LYS H 515 -27.34 18.45 -9.76
CA LYS H 515 -26.98 17.29 -8.89
C LYS H 515 -25.94 17.74 -7.86
N TRP H 516 -26.06 17.25 -6.63
CA TRP H 516 -25.05 17.45 -5.55
C TRP H 516 -23.79 16.59 -5.78
N VAL H 517 -22.60 17.20 -5.83
CA VAL H 517 -21.28 16.52 -5.86
C VAL H 517 -20.60 16.75 -4.49
N MET H 518 -20.39 15.73 -3.69
CA MET H 518 -19.67 15.91 -2.41
C MET H 518 -18.18 16.12 -2.69
N GLU H 519 -17.52 17.06 -2.00
CA GLU H 519 -16.05 17.26 -2.06
C GLU H 519 -15.40 16.66 -0.80
N ARG H 520 -15.97 16.96 0.37
CA ARG H 520 -15.43 16.46 1.63
C ARG H 520 -16.51 16.50 2.73
N VAL H 521 -16.23 15.82 3.82
CA VAL H 521 -17.08 15.80 5.02
C VAL H 521 -16.40 16.72 6.02
N TRP H 522 -17.15 17.72 6.53
CA TRP H 522 -16.74 18.50 7.71
C TRP H 522 -16.96 17.65 8.92
N ASN H 523 -15.96 17.54 9.77
CA ASN H 523 -16.14 16.78 11.01
C ASN H 523 -15.06 17.22 12.01
N GLY H 524 -15.08 16.64 13.21
CA GLY H 524 -14.11 16.95 14.25
C GLY H 524 -14.02 18.45 14.49
N ASP H 525 -12.83 19.04 14.44
CA ASP H 525 -12.68 20.46 14.76
C ASP H 525 -13.63 21.30 13.93
N GLN H 526 -13.90 20.87 12.69
CA GLN H 526 -14.69 21.74 11.81
C GLN H 526 -16.18 21.76 12.16
N THR H 527 -16.64 20.88 13.07
CA THR H 527 -18.06 20.88 13.48
C THR H 527 -18.23 20.86 15.00
N ASP H 528 -17.15 20.81 15.78
CA ASP H 528 -17.27 20.84 17.27
C ASP H 528 -17.76 22.19 17.77
N TRP H 529 -17.40 23.25 17.07
CA TRP H 529 -17.55 24.61 17.57
C TRP H 529 -18.45 25.38 16.60
N GLY H 530 -19.59 24.76 16.24
CA GLY H 530 -20.41 25.28 15.13
C GLY H 530 -19.72 25.17 13.78
N LEU H 531 -20.32 25.80 12.79
CA LEU H 531 -19.79 25.80 11.40
C LEU H 531 -19.19 27.20 11.19
N ASN H 532 -17.87 27.28 11.11
CA ASN H 532 -17.15 28.57 11.06
C ASN H 532 -16.75 28.92 9.63
N PHE H 533 -17.14 30.11 9.21
CA PHE H 533 -16.87 30.62 7.84
C PHE H 533 -16.06 31.90 7.91
N THR H 534 -15.12 32.02 7.01
CA THR H 534 -14.28 33.21 6.88
C THR H 534 -14.73 34.01 5.66
N ASP H 535 -13.82 34.36 4.75
CA ASP H 535 -14.18 35.11 3.53
CA ASP H 535 -14.18 35.11 3.53
C ASP H 535 -14.34 34.21 2.30
N ARG H 536 -14.05 32.92 2.45
CA ARG H 536 -13.94 32.01 1.30
C ARG H 536 -15.26 31.28 1.19
N PRO H 537 -15.71 30.89 -0.03
CA PRO H 537 -16.99 30.21 -0.21
C PRO H 537 -16.91 28.73 0.15
N HIS H 538 -17.88 28.28 0.94
CA HIS H 538 -18.15 26.86 1.24
C HIS H 538 -19.64 26.62 1.33
N LEU H 539 -20.15 25.69 0.53
CA LEU H 539 -21.59 25.36 0.48
C LEU H 539 -21.77 24.02 1.17
N LEU H 540 -22.52 23.97 2.28
CA LEU H 540 -22.67 22.76 3.11
C LEU H 540 -24.08 22.18 3.03
N ARG H 541 -24.17 20.85 3.10
CA ARG H 541 -25.42 20.12 3.38
C ARG H 541 -25.30 19.60 4.81
N VAL H 542 -26.14 20.08 5.71
CA VAL H 542 -26.04 19.73 7.14
C VAL H 542 -27.21 18.81 7.47
N LYS H 543 -26.95 17.60 7.97
CA LYS H 543 -28.02 16.66 8.40
C LYS H 543 -27.92 16.51 9.91
N MET H 544 -29.05 16.76 10.60
CA MET H 544 -29.15 16.76 12.08
C MET H 544 -29.96 15.51 12.49
N ALA H 545 -29.70 14.96 13.68
CA ALA H 545 -30.38 13.74 14.17
C ALA H 545 -30.58 13.85 15.66
N SER H 546 -31.77 13.51 16.10
CA SER H 546 -32.01 13.14 17.51
C SER H 546 -31.86 11.62 17.65
N TYR H 547 -31.43 11.18 18.81
CA TYR H 547 -31.15 9.74 19.03
C TYR H 547 -31.45 9.40 20.49
N SER H 548 -31.91 8.17 20.70
CA SER H 548 -32.31 7.67 22.04
C SER H 548 -31.05 7.25 22.83
N VAL H 549 -31.06 7.46 24.14
CA VAL H 549 -29.99 6.97 25.08
C VAL H 549 -30.60 6.06 26.16
N GLN H 550 -31.89 5.70 26.08
CA GLN H 550 -32.60 4.72 26.95
C GLN H 550 -31.69 3.50 27.14
#